data_7WUH
#
_entry.id   7WUH
#
_cell.length_a   1.00
_cell.length_b   1.00
_cell.length_c   1.00
_cell.angle_alpha   90.00
_cell.angle_beta   90.00
_cell.angle_gamma   90.00
#
_symmetry.space_group_name_H-M   'P 1'
#
loop_
_entity.id
_entity.type
_entity.pdbx_description
1 polymer 'Spike glycoprotein'
2 polymer 'm31A7 Fab heavy chain'
3 polymer 'm31A7 Fab light chain'
4 branched 2-acetamido-2-deoxy-beta-D-glucopyranose-(1-4)-[alpha-L-fucopyranose-(1-6)]2-acetamido-2-deoxy-beta-D-glucopyranose
5 branched 2-acetamido-2-deoxy-beta-D-glucopyranose-(1-4)-2-acetamido-2-deoxy-beta-D-glucopyranose
6 branched alpha-D-mannopyranose-(1-6)-beta-D-mannopyranose-(1-4)-2-acetamido-2-deoxy-beta-D-glucopyranose-(1-4)-2-acetamido-2-deoxy-beta-D-glucopyranose
7 branched beta-D-mannopyranose-(1-4)-2-acetamido-2-deoxy-beta-D-glucopyranose-(1-4)-2-acetamido-2-deoxy-beta-D-glucopyranose
8 branched alpha-D-mannopyranose-(1-3)-[alpha-D-mannopyranose-(1-6)]beta-D-mannopyranose-(1-4)-2-acetamido-2-deoxy-beta-D-glucopyranose-(1-4)-2-acetamido-2-deoxy-beta-D-glucopyranose
9 branched alpha-D-mannopyranose-(1-6)-alpha-D-mannopyranose-(1-6)-beta-D-mannopyranose-(1-4)-2-acetamido-2-deoxy-beta-D-glucopyranose-(1-4)-2-acetamido-2-deoxy-beta-D-glucopyranose
10 branched beta-D-mannopyranose-(1-4)-2-acetamido-2-deoxy-beta-D-glucopyranose-(1-4)-[alpha-L-fucopyranose-(1-6)]2-acetamido-2-deoxy-beta-D-glucopyranose
11 branched alpha-L-fucopyranose-(1-6)-2-acetamido-2-deoxy-beta-D-glucopyranose
12 branched 2-acetamido-2-deoxy-beta-D-glucopyranose-(1-2)-[alpha-D-mannopyranose-(1-6)]alpha-D-mannopyranose-(1-3)-beta-D-mannopyranose-(1-4)-2-acetamido-2-deoxy-beta-D-glucopyranose-(1-4)-2-acetamido-2-deoxy-beta-D-glucopyranose
13 branched alpha-D-mannopyranose-(1-3)-[alpha-D-mannopyranose-(1-6)]alpha-D-mannopyranose-(1-3)-beta-D-mannopyranose-(1-4)-2-acetamido-2-deoxy-beta-D-glucopyranose-(1-4)-2-acetamido-2-deoxy-beta-D-glucopyranose
14 non-polymer 2-acetamido-2-deoxy-beta-D-glucopyranose
#
loop_
_entity_poly.entity_id
_entity_poly.type
_entity_poly.pdbx_seq_one_letter_code
_entity_poly.pdbx_strand_id
1 'polypeptide(L)'
;QCVNLTTRTQLPPAYTNSFTRGVYYPDKVFRSSVLHSTQDLFLPFFSNVTWFHAIHVSGTNGTKRFDNPVLPFNDGVYFA
STEKSNIIRGWIFGTTLDSKTQSLLIVNNATNVVIKVCEFQFCNDPFLGVYYHKNNKSWMESEFRVYSSANNCTFEYVSQ
PFLMDLEGKQGNFKNLREFVFKNIDGYFKIYSKHTPINLVRDLPQGFSALEPLVDLPIGINITRFQTLLALHRSYLTPGD
SSSGWTAGAAAYYVGYLQPRTFLLKYNENGTITDAVDCALDPLSETKCTLKSFTVEKGIYQTSNFRVQPTESIVRFPNIT
NLCPFGEVFNATRFASVYAWNRKRISNCVADYSVLYNSASFSTFKCYGVSPTKLNDLCFTNVYADSFVIRGDEVRQIAPG
QTGKIADYNYKLPDDFTGCVIAWNSNNLDSKVGGNYNYLYRLFRKSNLKPFERDISTEIYQAGSTPCNGVEGFNCYFPLQ
SYGFQPTNGVGYQPYRVVVLSFELLHAPATVCGPKKSTNLVKNKCVNFNFNGLTGTGVLTESNKKFLPFQQFGRDIADTT
DAVRDPQTLEILDITPCSFGGVSVITPGTNTSNQVAVLYQGVNCTEVPVAIHADQLTPTWRVYSTGSNVFQTRAGCLIGA
EHVNNSYECDIPIGAGICASYQTQTNSPGSAGSVASQSIIAYTMSLGAENSVAYSNNSIAIPTNFTISVTTEILPVSMTK
TSVDCTMYICGDSTECSNLLLQYGSFCTQLNRALTGIAVEQDKNTQEVFAQVKQIYKTPPIKDFGGFNFSQILPDPSKPS
KRSFIEDLLFNKVTLADAGFIKQYGDCLGDIAARDLICAQKFNGLTVLPPLLTDEMIAQYTSALLAGTITSGWTFGAGAA
LQIPFAMQMAYRFNGIGVTQNVLYENQKLIANQFNSAIGKIQDSLSSTASALGKLQDVVNQNAQALNTLVKQLSSNFGAI
SSVLNDILSRLDPPEAEVQIDRLITGRLQSLQTYVTQQLIRAAEIRASANLAATKMSECVLGQSKRVDFCGKGYHLMSFP
QSAPHGVVFLHVTYVPAQEKNFTTAPAICHDGKAHFPREGVFVSNGTHWFVTQRNFYEPQIITTDNTFVSGNCDVVIGIV
NNTVYDPLQPELDSFKEELDKYFKNHTSPDVDLGDISGINASVVNIQKEIDRLNEVAKNLNESLIDLQELGKYEQDIRSL
VPRGSPGSGYIPEAPRDGQAYVRKDGEWVLLSTFLGHHHHHH
;
A,C,E
2 'polypeptide(L)'
;MGWSLILLFLVAVATRVEVQLQQSGPEMVKPGASVKISCKTSGYTFTEYTIYWVKQSHGKSLEWLGGINPNIGDTTYNQK
FKGKATLTVDTSSSTAYMELRSLTSEDSAVYYCAREVYNYSFAYWGQGTLVTVSAASTTKGPSVFPLAPSSKSTSGGTAA
LGCLVKDYFPEPVTVSWNSGALTSGVHTFPAVLQSSGLYSLSSVVTVPSSSLGTQTYICNVNHKPSNTKVDKKAEPKSC
;
D,H,K
3 'polypeptide(L)'
;MRVPAQLLGLLLLWLPGARCDIVMSQSPSSLAVSVGEKVTMSCKSSQSLLYSSNQKNYLAWYQQKLGQTPKLLIYWASSR
ESGVPDRFTGSGSGTDFTLTISSVRAEDLAVYYCQQYYRYPLTFGVGTKLELKRTVAAPSVFIFPPSDEQLKSGTASVVC
LLNNFYPREAKVQWKVDNALQSGNSQESVTEQDSKDSTYSLSSTLTLSKADYEKHKVYACEVTHQGLSSPVTKSFNRGEC
;
F,I,L
#
loop_
_chem_comp.id
_chem_comp.type
_chem_comp.name
_chem_comp.formula
BMA D-saccharide, beta linking beta-D-mannopyranose 'C6 H12 O6'
FUC L-saccharide, alpha linking alpha-L-fucopyranose 'C6 H12 O5'
MAN D-saccharide, alpha linking alpha-D-mannopyranose 'C6 H12 O6'
NAG D-saccharide, beta linking 2-acetamido-2-deoxy-beta-D-glucopyranose 'C8 H15 N O6'
#
# COMPACT_ATOMS: atom_id res chain seq x y z
N PRO A 13 -36.79 -18.00 -50.70
CA PRO A 13 -36.16 -17.53 -49.46
C PRO A 13 -34.65 -17.36 -49.60
N ALA A 14 -34.19 -17.02 -50.79
CA ALA A 14 -32.76 -16.93 -51.05
C ALA A 14 -32.16 -15.71 -50.38
N TYR A 15 -30.85 -15.78 -50.12
CA TYR A 15 -30.12 -14.69 -49.50
C TYR A 15 -29.65 -13.71 -50.55
N THR A 16 -29.00 -12.62 -50.10
CA THR A 16 -28.68 -11.51 -50.97
C THR A 16 -27.28 -11.01 -50.64
N ASN A 17 -26.93 -9.82 -51.14
CA ASN A 17 -25.61 -9.24 -50.97
C ASN A 17 -25.73 -7.77 -50.64
N SER A 18 -24.65 -7.23 -50.07
CA SER A 18 -24.55 -5.81 -49.74
C SER A 18 -23.24 -5.28 -50.31
N PHE A 19 -23.26 -4.03 -50.80
CA PHE A 19 -22.06 -3.53 -51.45
C PHE A 19 -21.15 -2.72 -50.52
N THR A 20 -21.60 -1.53 -50.09
CA THR A 20 -20.79 -0.69 -49.22
C THR A 20 -21.58 0.10 -48.20
N ARG A 21 -22.90 -0.06 -48.13
CA ARG A 21 -23.75 0.90 -47.45
C ARG A 21 -23.87 0.60 -45.96
N GLY A 22 -24.04 1.66 -45.18
CA GLY A 22 -24.23 1.52 -43.74
C GLY A 22 -23.15 2.17 -42.89
N VAL A 23 -22.57 3.27 -43.38
CA VAL A 23 -21.50 3.96 -42.69
C VAL A 23 -22.10 5.08 -41.85
N TYR A 24 -21.71 5.14 -40.59
CA TYR A 24 -22.17 6.14 -39.65
C TYR A 24 -21.07 7.17 -39.38
N TYR A 25 -21.34 8.09 -38.47
CA TYR A 25 -20.36 9.07 -38.01
C TYR A 25 -19.87 8.72 -36.61
N PRO A 26 -18.56 8.87 -36.35
CA PRO A 26 -18.02 8.47 -35.04
C PRO A 26 -18.57 9.30 -33.89
N ASP A 27 -18.42 10.61 -33.97
CA ASP A 27 -18.89 11.52 -32.93
C ASP A 27 -18.95 12.91 -33.54
N LYS A 28 -19.29 13.90 -32.71
CA LYS A 28 -19.53 15.24 -33.20
C LYS A 28 -18.26 15.96 -33.65
N VAL A 29 -17.12 15.27 -33.71
CA VAL A 29 -15.89 15.93 -34.11
C VAL A 29 -15.94 16.29 -35.59
N PHE A 30 -15.45 17.48 -35.92
CA PHE A 30 -15.48 18.02 -37.27
C PHE A 30 -14.08 17.96 -37.85
N ARG A 31 -13.96 17.40 -39.05
CA ARG A 31 -12.69 17.25 -39.72
C ARG A 31 -12.76 17.96 -41.06
N SER A 32 -11.64 18.01 -41.77
CA SER A 32 -11.60 18.78 -43.02
C SER A 32 -10.58 18.15 -43.96
N SER A 33 -11.07 17.42 -44.95
CA SER A 33 -10.24 16.86 -46.02
C SER A 33 -9.10 16.04 -45.44
N VAL A 34 -9.42 15.25 -44.42
CA VAL A 34 -8.42 14.40 -43.79
C VAL A 34 -8.86 12.96 -43.89
N LEU A 35 -8.01 12.04 -43.44
CA LEU A 35 -8.25 10.61 -43.56
C LEU A 35 -8.04 9.98 -42.18
N HIS A 36 -9.14 9.72 -41.48
CA HIS A 36 -9.08 9.14 -40.15
C HIS A 36 -9.55 7.70 -40.17
N SER A 37 -9.11 6.94 -39.16
CA SER A 37 -9.48 5.55 -39.02
C SER A 37 -9.83 5.21 -37.58
N THR A 38 -10.43 6.15 -36.86
CA THR A 38 -10.76 5.93 -35.46
C THR A 38 -11.65 4.70 -35.31
N GLN A 39 -11.32 3.86 -34.33
CA GLN A 39 -11.93 2.55 -34.21
C GLN A 39 -13.10 2.58 -33.24
N ASP A 40 -14.25 2.08 -33.69
CA ASP A 40 -15.41 1.87 -32.85
C ASP A 40 -16.30 0.85 -33.55
N LEU A 41 -17.54 0.72 -33.10
CA LEU A 41 -18.46 -0.23 -33.71
C LEU A 41 -18.64 0.07 -35.19
N PHE A 42 -18.47 -0.96 -36.02
CA PHE A 42 -18.41 -0.80 -37.46
C PHE A 42 -19.27 -1.87 -38.14
N LEU A 43 -19.65 -1.60 -39.38
CA LEU A 43 -20.48 -2.51 -40.16
C LEU A 43 -19.66 -3.14 -41.26
N PRO A 44 -19.48 -4.46 -41.26
CA PRO A 44 -18.77 -5.09 -42.38
C PRO A 44 -19.62 -5.03 -43.63
N PHE A 45 -19.04 -4.49 -44.68
CA PHE A 45 -19.71 -4.52 -45.97
C PHE A 45 -19.37 -5.81 -46.69
N PHE A 46 -20.01 -6.01 -47.85
CA PHE A 46 -19.96 -7.28 -48.57
C PHE A 46 -20.42 -8.43 -47.68
N SER A 47 -21.17 -8.05 -46.63
CA SER A 47 -21.67 -9.03 -45.64
C SER A 47 -23.07 -9.52 -46.04
N ASN A 48 -23.36 -10.77 -45.70
CA ASN A 48 -24.64 -11.43 -46.03
C ASN A 48 -25.81 -10.60 -45.49
N VAL A 49 -26.80 -10.35 -46.34
CA VAL A 49 -28.04 -9.64 -45.92
C VAL A 49 -29.23 -10.46 -46.39
N THR A 50 -30.47 -10.00 -46.18
CA THR A 50 -31.68 -10.72 -46.57
C THR A 50 -32.67 -9.77 -47.19
N TRP A 51 -33.29 -10.20 -48.28
CA TRP A 51 -34.38 -9.48 -48.93
C TRP A 51 -35.71 -10.10 -48.52
N PHE A 52 -36.58 -9.31 -47.90
CA PHE A 52 -37.85 -9.82 -47.41
C PHE A 52 -38.94 -9.63 -48.47
N HIS A 53 -40.19 -9.83 -48.06
CA HIS A 53 -41.35 -9.73 -48.95
C HIS A 53 -42.23 -8.57 -48.48
N ALA A 54 -42.89 -7.93 -49.44
CA ALA A 54 -43.84 -6.87 -49.15
C ALA A 54 -45.23 -7.33 -49.56
N ILE A 55 -46.24 -6.82 -48.84
CA ILE A 55 -47.61 -7.25 -49.06
C ILE A 55 -48.02 -6.99 -50.50
N HIS A 56 -48.61 -8.00 -51.13
CA HIS A 56 -49.02 -7.89 -52.53
C HIS A 56 -50.53 -7.97 -52.68
N LYS A 64 -49.81 -14.65 -47.23
CA LYS A 64 -49.84 -13.46 -46.38
C LYS A 64 -48.93 -13.64 -45.17
N ARG A 65 -47.63 -13.57 -45.43
CA ARG A 65 -46.61 -13.86 -44.44
C ARG A 65 -46.51 -12.75 -43.40
N PHE A 66 -46.16 -13.14 -42.17
CA PHE A 66 -46.18 -12.23 -41.04
C PHE A 66 -45.09 -11.17 -41.13
N ASP A 67 -43.88 -11.57 -41.53
CA ASP A 67 -42.72 -10.67 -41.62
C ASP A 67 -42.42 -10.03 -40.25
N ASN A 68 -41.98 -10.89 -39.33
CA ASN A 68 -41.52 -10.43 -38.04
C ASN A 68 -40.06 -10.83 -37.83
N PRO A 69 -39.12 -10.17 -38.51
CA PRO A 69 -37.70 -10.52 -38.34
C PRO A 69 -37.19 -10.01 -36.99
N VAL A 70 -37.02 -10.94 -36.06
CA VAL A 70 -36.65 -10.61 -34.69
C VAL A 70 -35.32 -11.28 -34.40
N LEU A 71 -34.24 -10.50 -34.45
CA LEU A 71 -32.88 -10.96 -34.26
C LEU A 71 -32.28 -10.29 -33.03
N PRO A 72 -31.10 -10.73 -32.60
CA PRO A 72 -30.39 -10.00 -31.55
C PRO A 72 -29.74 -8.72 -32.05
N PHE A 73 -29.43 -7.85 -31.09
CA PHE A 73 -28.76 -6.58 -31.33
C PHE A 73 -27.24 -6.69 -31.23
N ASN A 74 -26.69 -7.88 -31.51
CA ASN A 74 -25.27 -8.13 -31.31
C ASN A 74 -24.40 -7.04 -31.93
N ASP A 75 -23.69 -6.31 -31.07
CA ASP A 75 -22.78 -5.24 -31.50
C ASP A 75 -23.51 -4.20 -32.35
N GLY A 76 -24.83 -4.16 -32.27
CA GLY A 76 -25.60 -3.23 -33.06
C GLY A 76 -26.39 -3.96 -34.11
N VAL A 77 -27.18 -3.19 -34.86
CA VAL A 77 -27.95 -3.71 -35.98
C VAL A 77 -27.86 -2.73 -37.14
N TYR A 78 -27.61 -3.24 -38.34
CA TYR A 78 -27.71 -2.45 -39.54
C TYR A 78 -29.11 -2.63 -40.14
N PHE A 79 -29.77 -1.52 -40.45
CA PHE A 79 -31.12 -1.58 -40.98
C PHE A 79 -31.30 -0.60 -42.12
N ALA A 80 -32.19 -0.97 -43.05
CA ALA A 80 -32.64 -0.09 -44.11
C ALA A 80 -34.00 -0.60 -44.58
N SER A 81 -34.82 0.31 -45.09
CA SER A 81 -36.12 -0.08 -45.60
C SER A 81 -36.67 0.99 -46.52
N THR A 82 -37.67 0.59 -47.30
CA THR A 82 -38.52 1.51 -48.06
C THR A 82 -39.95 1.33 -47.57
N GLU A 83 -40.55 2.42 -47.10
CA GLU A 83 -41.95 2.37 -46.70
C GLU A 83 -42.84 2.15 -47.93
N LYS A 84 -43.95 1.46 -47.71
CA LYS A 84 -44.93 1.22 -48.76
C LYS A 84 -46.25 1.92 -48.49
N SER A 85 -46.86 1.67 -47.33
CA SER A 85 -48.10 2.33 -46.93
C SER A 85 -48.03 2.73 -45.47
N ASN A 86 -46.87 3.22 -45.03
CA ASN A 86 -46.61 3.54 -43.63
C ASN A 86 -46.95 2.34 -42.75
N ILE A 87 -46.27 1.22 -43.05
CA ILE A 87 -46.62 -0.08 -42.49
C ILE A 87 -45.80 -0.38 -41.23
N ILE A 88 -44.47 -0.34 -41.35
CA ILE A 88 -43.60 -0.72 -40.25
C ILE A 88 -43.38 0.52 -39.38
N ARG A 89 -43.75 0.42 -38.11
CA ARG A 89 -43.38 1.39 -37.10
C ARG A 89 -42.95 0.77 -35.79
N GLY A 90 -43.18 -0.53 -35.58
CA GLY A 90 -43.01 -1.14 -34.29
C GLY A 90 -41.64 -1.78 -34.12
N TRP A 91 -40.89 -1.29 -33.14
CA TRP A 91 -39.62 -1.85 -32.74
C TRP A 91 -39.59 -2.07 -31.24
N ILE A 92 -38.92 -3.13 -30.83
CA ILE A 92 -38.77 -3.48 -29.42
C ILE A 92 -37.28 -3.80 -29.22
N PHE A 93 -36.51 -2.79 -28.85
CA PHE A 93 -35.07 -2.94 -28.64
C PHE A 93 -34.83 -3.21 -27.15
N GLY A 94 -34.21 -4.34 -26.83
CA GLY A 94 -34.01 -4.68 -25.44
C GLY A 94 -32.89 -5.66 -25.23
N THR A 95 -32.73 -6.07 -23.97
CA THR A 95 -31.77 -7.11 -23.61
C THR A 95 -32.36 -8.49 -23.83
N THR A 96 -33.42 -8.82 -23.09
CA THR A 96 -34.08 -10.11 -23.24
C THR A 96 -35.60 -10.01 -23.25
N LEU A 97 -36.19 -8.96 -22.67
CA LEU A 97 -37.65 -8.77 -22.60
C LEU A 97 -38.32 -9.84 -21.74
N ASP A 98 -37.81 -10.01 -20.53
CA ASP A 98 -38.42 -10.88 -19.52
C ASP A 98 -39.25 -10.06 -18.54
N SER A 99 -39.92 -9.03 -19.05
CA SER A 99 -40.63 -8.05 -18.24
C SER A 99 -39.67 -7.31 -17.30
N LYS A 100 -38.40 -7.24 -17.71
CA LYS A 100 -37.34 -6.63 -16.92
C LYS A 100 -36.56 -5.56 -17.67
N THR A 101 -36.38 -5.71 -18.98
CA THR A 101 -35.64 -4.74 -19.77
C THR A 101 -36.58 -3.88 -20.60
N GLN A 102 -36.09 -2.70 -20.96
CA GLN A 102 -36.91 -1.69 -21.62
C GLN A 102 -37.13 -2.05 -23.08
N SER A 103 -37.82 -1.16 -23.79
CA SER A 103 -38.11 -1.34 -25.21
C SER A 103 -38.42 0.02 -25.82
N LEU A 104 -37.95 0.22 -27.04
CA LEU A 104 -37.99 1.53 -27.70
C LEU A 104 -39.19 1.60 -28.65
N LEU A 105 -40.30 2.16 -28.17
CA LEU A 105 -41.47 2.36 -29.01
C LEU A 105 -41.19 3.43 -30.06
N ILE A 106 -41.66 3.18 -31.29
CA ILE A 106 -41.36 4.04 -32.43
C ILE A 106 -42.65 4.42 -33.13
N VAL A 107 -42.72 5.68 -33.56
CA VAL A 107 -43.85 6.20 -34.32
C VAL A 107 -43.30 6.88 -35.57
N ASN A 108 -44.07 6.82 -36.66
CA ASN A 108 -43.62 7.38 -37.93
C ASN A 108 -44.79 7.97 -38.70
N ASN A 109 -44.79 9.29 -38.87
CA ASN A 109 -45.68 9.96 -39.80
C ASN A 109 -44.97 10.09 -41.15
N ALA A 110 -45.50 10.94 -42.03
CA ALA A 110 -44.88 11.15 -43.34
C ALA A 110 -43.55 11.89 -43.18
N THR A 111 -42.45 11.16 -43.39
CA THR A 111 -41.09 11.71 -43.40
C THR A 111 -40.75 12.42 -42.08
N ASN A 112 -40.69 11.59 -41.04
CA ASN A 112 -40.29 12.07 -39.72
C ASN A 112 -39.86 10.87 -38.90
N VAL A 113 -39.23 11.16 -37.75
CA VAL A 113 -38.83 10.13 -36.80
C VAL A 113 -39.19 10.59 -35.38
N VAL A 114 -39.38 9.62 -34.49
CA VAL A 114 -39.60 9.88 -33.07
C VAL A 114 -39.40 8.58 -32.28
N ILE A 115 -38.80 8.68 -31.10
CA ILE A 115 -38.41 7.51 -30.31
C ILE A 115 -38.97 7.66 -28.90
N LYS A 116 -39.61 6.61 -28.40
CA LYS A 116 -40.01 6.54 -27.00
C LYS A 116 -39.62 5.16 -26.47
N VAL A 117 -39.13 5.08 -25.24
CA VAL A 117 -38.62 3.82 -24.74
C VAL A 117 -39.33 3.41 -23.46
N CYS A 118 -40.08 2.31 -23.52
CA CYS A 118 -40.54 1.58 -22.33
C CYS A 118 -41.19 0.26 -22.77
N GLU A 119 -41.73 -0.47 -21.80
CA GLU A 119 -41.79 -1.92 -21.75
C GLU A 119 -42.63 -2.51 -22.87
N PHE A 120 -42.63 -3.85 -22.92
CA PHE A 120 -43.24 -4.62 -24.00
C PHE A 120 -43.59 -5.99 -23.43
N GLN A 121 -44.88 -6.34 -23.44
CA GLN A 121 -45.33 -7.64 -22.89
C GLN A 121 -46.46 -8.18 -23.76
N PHE A 122 -46.11 -8.99 -24.75
CA PHE A 122 -47.06 -9.65 -25.63
C PHE A 122 -46.50 -10.99 -26.07
N CYS A 123 -47.41 -11.88 -26.46
CA CYS A 123 -47.06 -13.25 -26.85
C CYS A 123 -47.34 -13.46 -28.34
N ASN A 124 -46.96 -14.65 -28.82
CA ASN A 124 -47.10 -15.05 -30.22
C ASN A 124 -46.60 -13.99 -31.18
N ASP A 125 -47.51 -13.34 -31.90
CA ASP A 125 -47.15 -12.41 -32.96
C ASP A 125 -47.61 -11.00 -32.62
N PRO A 126 -46.71 -10.13 -32.13
CA PRO A 126 -47.06 -8.72 -31.99
C PRO A 126 -46.91 -8.01 -33.33
N PHE A 127 -47.95 -7.29 -33.73
CA PHE A 127 -47.99 -6.57 -34.99
C PHE A 127 -49.28 -5.75 -35.03
N LEU A 128 -49.41 -4.93 -36.07
CA LEU A 128 -50.61 -4.16 -36.33
C LEU A 128 -51.25 -4.67 -37.62
N GLY A 129 -52.34 -4.02 -38.04
CA GLY A 129 -53.03 -4.44 -39.25
C GLY A 129 -53.80 -3.38 -39.99
N VAL A 130 -53.55 -3.27 -41.30
CA VAL A 130 -54.32 -2.40 -42.18
C VAL A 130 -55.21 -3.29 -43.04
N TYR A 131 -56.51 -3.09 -42.96
CA TYR A 131 -57.45 -3.98 -43.61
C TYR A 131 -57.47 -3.75 -45.11
N TYR A 132 -57.83 -4.79 -45.85
CA TYR A 132 -57.85 -4.67 -47.30
C TYR A 132 -59.07 -3.91 -47.80
N HIS A 133 -60.26 -4.47 -47.61
CA HIS A 133 -61.48 -3.91 -48.19
C HIS A 133 -62.10 -2.86 -47.29
N LYS A 134 -61.32 -1.85 -46.92
CA LYS A 134 -61.84 -0.73 -46.13
C LYS A 134 -62.73 0.14 -47.02
N ASN A 135 -63.96 0.41 -46.56
CA ASN A 135 -64.92 1.12 -47.39
C ASN A 135 -64.42 2.52 -47.73
N ASN A 136 -64.06 3.30 -46.72
CA ASN A 136 -63.49 4.62 -46.95
C ASN A 136 -62.08 4.74 -46.38
N LYS A 137 -61.89 4.46 -45.09
CA LYS A 137 -60.61 4.61 -44.42
C LYS A 137 -60.50 3.54 -43.34
N SER A 138 -59.55 3.73 -42.43
CA SER A 138 -59.33 2.83 -41.30
C SER A 138 -58.47 3.57 -40.28
N TRP A 139 -58.09 2.88 -39.20
CA TRP A 139 -57.18 3.46 -38.21
C TRP A 139 -56.09 2.52 -37.72
N MET A 140 -56.25 1.20 -37.82
CA MET A 140 -55.19 0.23 -37.53
C MET A 140 -54.71 0.34 -36.09
N GLU A 141 -55.66 0.22 -35.14
CA GLU A 141 -55.31 0.20 -33.73
C GLU A 141 -56.17 -0.79 -32.96
N SER A 142 -56.71 -1.80 -33.63
CA SER A 142 -57.58 -2.75 -32.97
C SER A 142 -56.78 -3.81 -32.20
N GLU A 143 -55.97 -4.60 -32.91
CA GLU A 143 -55.08 -5.53 -32.24
C GLU A 143 -54.07 -4.78 -31.38
N PHE A 144 -53.20 -4.00 -32.03
CA PHE A 144 -52.33 -3.02 -31.39
C PHE A 144 -51.65 -3.59 -30.14
N ARG A 145 -50.99 -4.72 -30.31
CA ARG A 145 -50.22 -5.30 -29.21
C ARG A 145 -48.96 -4.48 -29.00
N VAL A 146 -49.13 -3.26 -28.47
CA VAL A 146 -48.08 -2.26 -28.41
C VAL A 146 -47.68 -1.93 -26.99
N TYR A 147 -48.65 -1.64 -26.13
CA TYR A 147 -48.37 -1.24 -24.76
C TYR A 147 -49.26 -2.00 -23.80
N SER A 148 -48.71 -2.40 -22.66
CA SER A 148 -49.48 -3.01 -21.58
C SER A 148 -49.37 -2.23 -20.28
N SER A 149 -48.15 -1.88 -19.85
CA SER A 149 -47.95 -1.05 -18.67
C SER A 149 -46.68 -0.24 -18.90
N ALA A 150 -46.83 0.96 -19.45
CA ALA A 150 -45.71 1.83 -19.78
C ALA A 150 -45.24 2.50 -18.49
N ASN A 151 -44.57 1.72 -17.66
CA ASN A 151 -44.23 2.13 -16.30
C ASN A 151 -42.78 2.56 -16.14
N ASN A 152 -41.97 2.55 -17.21
CA ASN A 152 -40.63 3.12 -17.13
C ASN A 152 -40.26 3.68 -18.49
N CYS A 153 -40.58 4.95 -18.73
CA CYS A 153 -40.46 5.56 -20.06
C CYS A 153 -39.58 6.80 -19.99
N THR A 154 -38.40 6.66 -19.40
CA THR A 154 -37.53 7.82 -19.15
C THR A 154 -37.24 8.59 -20.43
N PHE A 155 -36.59 7.95 -21.41
CA PHE A 155 -36.23 8.62 -22.65
C PHE A 155 -37.46 8.66 -23.57
N GLU A 156 -38.40 9.52 -23.19
CA GLU A 156 -39.63 9.75 -23.93
C GLU A 156 -39.43 11.07 -24.69
N TYR A 157 -38.72 11.00 -25.82
CA TYR A 157 -38.32 12.16 -26.60
C TYR A 157 -39.21 12.25 -27.84
N VAL A 158 -40.03 13.29 -27.91
CA VAL A 158 -40.97 13.50 -29.01
C VAL A 158 -40.69 14.86 -29.63
N SER A 159 -40.49 14.87 -30.96
CA SER A 159 -40.18 16.09 -31.69
C SER A 159 -40.12 15.81 -33.18
N GLN A 160 -39.89 16.87 -33.96
CA GLN A 160 -39.61 16.79 -35.39
C GLN A 160 -40.81 16.28 -36.19
N GLY A 171 -47.83 4.47 -59.91
CA GLY A 171 -47.26 4.43 -58.57
C GLY A 171 -46.23 3.35 -58.41
N ASN A 172 -45.00 3.65 -58.81
CA ASN A 172 -43.90 2.70 -58.72
C ASN A 172 -43.12 2.94 -57.42
N PHE A 173 -41.90 2.38 -57.34
CA PHE A 173 -41.07 2.36 -56.14
C PHE A 173 -40.87 3.75 -55.52
N LYS A 174 -40.52 3.77 -54.24
CA LYS A 174 -40.39 4.97 -53.42
C LYS A 174 -38.94 5.18 -52.99
N ASN A 175 -38.75 6.09 -52.04
CA ASN A 175 -37.43 6.45 -51.54
C ASN A 175 -36.88 5.31 -50.68
N LEU A 176 -35.78 5.57 -49.98
CA LEU A 176 -35.16 4.57 -49.12
C LEU A 176 -34.90 5.15 -47.74
N ARG A 177 -35.05 4.32 -46.71
CA ARG A 177 -34.69 4.67 -45.35
C ARG A 177 -33.52 3.80 -44.93
N GLU A 178 -32.82 4.22 -43.88
CA GLU A 178 -31.64 3.48 -43.43
C GLU A 178 -31.28 3.92 -42.02
N PHE A 179 -31.26 2.97 -41.08
CA PHE A 179 -30.92 3.24 -39.69
C PHE A 179 -29.77 2.32 -39.25
N VAL A 180 -28.76 2.91 -38.62
CA VAL A 180 -27.66 2.16 -38.01
C VAL A 180 -27.48 2.72 -36.60
N PHE A 181 -26.92 1.89 -35.71
CA PHE A 181 -26.74 2.29 -34.33
C PHE A 181 -25.43 1.70 -33.82
N LYS A 182 -25.18 1.84 -32.51
CA LYS A 182 -24.05 1.24 -31.83
C LYS A 182 -24.31 1.31 -30.33
N ASN A 183 -23.79 0.32 -29.62
CA ASN A 183 -24.04 0.17 -28.18
C ASN A 183 -22.84 0.73 -27.42
N ILE A 184 -22.96 1.98 -26.96
CA ILE A 184 -21.91 2.64 -26.18
C ILE A 184 -22.56 3.18 -24.93
N ASP A 185 -22.58 2.39 -23.86
CA ASP A 185 -23.07 2.81 -22.54
C ASP A 185 -24.48 3.38 -22.64
N GLY A 186 -25.33 2.72 -23.43
CA GLY A 186 -26.69 3.16 -23.63
C GLY A 186 -26.89 4.16 -24.73
N TYR A 187 -25.82 4.67 -25.33
CA TYR A 187 -25.98 5.62 -26.43
C TYR A 187 -26.47 4.93 -27.69
N PHE A 188 -27.78 4.67 -27.75
CA PHE A 188 -28.41 4.09 -28.93
C PHE A 188 -28.56 5.13 -30.03
N LYS A 189 -27.43 5.67 -30.47
CA LYS A 189 -27.43 6.82 -31.37
C LYS A 189 -28.01 6.44 -32.73
N ILE A 190 -28.93 7.26 -33.20
CA ILE A 190 -29.62 7.01 -34.45
C ILE A 190 -28.92 7.78 -35.56
N TYR A 191 -29.00 7.24 -36.77
CA TYR A 191 -28.46 7.86 -37.96
C TYR A 191 -29.47 7.66 -39.09
N SER A 192 -29.76 8.74 -39.82
CA SER A 192 -30.83 8.69 -40.81
C SER A 192 -30.43 9.52 -42.04
N LYS A 193 -31.11 9.24 -43.15
CA LYS A 193 -30.90 9.98 -44.39
C LYS A 193 -32.22 10.05 -45.14
N HIS A 194 -32.37 11.13 -45.93
CA HIS A 194 -33.61 11.41 -46.66
C HIS A 194 -33.26 11.67 -48.13
N THR A 195 -33.21 10.60 -48.92
CA THR A 195 -33.00 10.70 -50.36
C THR A 195 -33.54 9.46 -51.03
N PRO A 196 -34.17 9.57 -52.19
CA PRO A 196 -34.68 8.39 -52.88
C PRO A 196 -33.58 7.63 -53.60
N ILE A 197 -33.93 6.38 -53.98
CA ILE A 197 -33.04 5.50 -54.72
C ILE A 197 -33.78 4.97 -55.93
N ASN A 198 -33.01 4.50 -56.93
CA ASN A 198 -33.56 4.06 -58.20
C ASN A 198 -33.35 2.56 -58.43
N LEU A 199 -33.45 1.76 -57.37
CA LEU A 199 -33.41 0.31 -57.48
C LEU A 199 -34.64 -0.26 -56.78
N VAL A 200 -35.44 -1.03 -57.52
CA VAL A 200 -36.70 -1.56 -57.00
C VAL A 200 -36.56 -3.00 -56.51
N ARG A 201 -35.53 -3.73 -56.92
CA ARG A 201 -35.38 -5.13 -56.55
C ARG A 201 -34.74 -5.30 -55.18
N ASP A 202 -33.60 -4.66 -54.96
CA ASP A 202 -32.77 -4.91 -53.79
C ASP A 202 -32.08 -3.59 -53.42
N LEU A 203 -31.00 -3.69 -52.66
CA LEU A 203 -30.30 -2.50 -52.18
C LEU A 203 -29.86 -1.65 -53.37
N PRO A 204 -29.84 -0.33 -53.22
CA PRO A 204 -29.44 0.53 -54.34
C PRO A 204 -27.97 0.35 -54.68
N GLN A 205 -27.64 0.74 -55.91
CA GLN A 205 -26.25 0.80 -56.34
C GLN A 205 -25.68 2.20 -56.07
N GLY A 206 -25.85 2.64 -54.82
CA GLY A 206 -25.37 3.94 -54.41
C GLY A 206 -24.59 3.83 -53.12
N PHE A 207 -23.93 4.93 -52.77
CA PHE A 207 -23.11 4.97 -51.56
C PHE A 207 -23.28 6.33 -50.90
N SER A 208 -23.40 6.33 -49.59
CA SER A 208 -23.53 7.57 -48.82
C SER A 208 -23.32 7.24 -47.36
N ALA A 209 -23.14 8.28 -46.56
CA ALA A 209 -23.01 8.14 -45.12
C ALA A 209 -24.39 7.96 -44.51
N LEU A 210 -24.46 8.07 -43.19
CA LEU A 210 -25.74 8.08 -42.48
C LEU A 210 -25.50 8.92 -41.24
N GLU A 211 -25.89 10.19 -41.30
CA GLU A 211 -25.55 11.18 -40.29
C GLU A 211 -26.36 10.96 -39.02
N PRO A 212 -25.79 11.26 -37.85
CA PRO A 212 -26.54 11.10 -36.60
C PRO A 212 -27.62 12.15 -36.46
N LEU A 213 -28.75 11.73 -35.89
CA LEU A 213 -29.87 12.64 -35.65
C LEU A 213 -29.95 13.03 -34.17
N VAL A 214 -30.13 12.06 -33.28
CA VAL A 214 -30.17 12.29 -31.84
C VAL A 214 -29.58 11.09 -31.14
N ASP A 215 -28.90 11.34 -30.03
CA ASP A 215 -28.33 10.28 -29.18
C ASP A 215 -29.02 10.33 -27.82
N LEU A 216 -30.08 9.55 -27.66
CA LEU A 216 -30.69 9.42 -26.35
C LEU A 216 -29.74 8.70 -25.40
N PRO A 217 -29.71 9.07 -24.13
CA PRO A 217 -28.80 8.41 -23.19
C PRO A 217 -29.35 7.13 -22.59
N ILE A 218 -30.69 7.04 -22.53
CA ILE A 218 -31.43 6.00 -21.80
C ILE A 218 -30.68 5.58 -20.53
N GLY A 219 -30.11 4.37 -20.54
CA GLY A 219 -29.42 3.86 -19.37
C GLY A 219 -29.67 2.38 -19.10
N ILE A 220 -30.38 1.73 -20.02
CA ILE A 220 -30.56 0.28 -19.99
C ILE A 220 -30.19 -0.27 -21.36
N ASN A 221 -29.29 -1.25 -21.39
CA ASN A 221 -28.66 -1.67 -22.63
C ASN A 221 -29.63 -2.47 -23.50
N ILE A 222 -29.18 -2.74 -24.73
CA ILE A 222 -29.97 -3.46 -25.72
C ILE A 222 -29.11 -4.58 -26.28
N THR A 223 -29.67 -5.80 -26.33
CA THR A 223 -28.98 -6.91 -26.97
C THR A 223 -29.93 -7.68 -27.88
N ARG A 224 -31.23 -7.48 -27.71
CA ARG A 224 -32.24 -8.14 -28.53
C ARG A 224 -33.23 -7.12 -29.05
N PHE A 225 -33.45 -7.13 -30.36
CA PHE A 225 -34.38 -6.20 -30.99
C PHE A 225 -35.51 -6.99 -31.65
N GLN A 226 -36.74 -6.60 -31.35
CA GLN A 226 -37.95 -7.24 -31.85
C GLN A 226 -38.79 -6.19 -32.56
N THR A 227 -39.34 -6.54 -33.71
CA THR A 227 -40.06 -5.57 -34.52
C THR A 227 -41.47 -6.06 -34.84
N LEU A 228 -42.37 -5.10 -35.05
CA LEU A 228 -43.74 -5.37 -35.45
C LEU A 228 -44.15 -4.36 -36.50
N LEU A 229 -45.23 -4.67 -37.22
CA LEU A 229 -45.64 -3.84 -38.34
C LEU A 229 -47.14 -4.04 -38.59
N ALA A 230 -47.67 -3.23 -39.50
CA ALA A 230 -49.11 -3.16 -39.77
C ALA A 230 -49.43 -4.01 -41.00
N LEU A 231 -49.86 -5.25 -40.77
CA LEU A 231 -50.23 -6.13 -41.86
C LEU A 231 -51.58 -6.77 -41.55
N HIS A 232 -52.34 -7.05 -42.61
CA HIS A 232 -53.71 -7.50 -42.44
C HIS A 232 -53.79 -8.80 -41.65
N ARG A 233 -52.91 -9.75 -41.94
CA ARG A 233 -52.87 -11.00 -41.19
C ARG A 233 -51.42 -11.44 -41.02
N SER A 234 -51.00 -11.59 -39.77
CA SER A 234 -49.64 -12.03 -39.47
C SER A 234 -49.56 -13.54 -39.30
N TYR A 252 -36.63 -4.55 -46.01
CA TYR A 252 -36.54 -4.77 -44.57
C TYR A 252 -35.29 -5.58 -44.27
N TYR A 253 -34.15 -5.00 -44.58
CA TYR A 253 -32.87 -5.69 -44.52
C TYR A 253 -32.40 -5.81 -43.07
N VAL A 254 -31.70 -6.90 -42.78
CA VAL A 254 -31.11 -7.15 -41.47
C VAL A 254 -29.63 -7.44 -41.66
N GLY A 255 -28.77 -6.65 -41.02
CA GLY A 255 -27.34 -6.88 -41.06
C GLY A 255 -26.77 -7.01 -39.66
N TYR A 256 -25.46 -7.10 -39.53
CA TYR A 256 -24.84 -7.20 -38.23
C TYR A 256 -23.53 -6.42 -38.19
N LEU A 257 -23.15 -5.98 -36.99
CA LEU A 257 -21.94 -5.22 -36.79
C LEU A 257 -20.93 -6.03 -35.98
N GLN A 258 -19.68 -5.63 -36.07
CA GLN A 258 -18.58 -6.26 -35.34
C GLN A 258 -17.49 -5.22 -35.12
N PRO A 259 -16.51 -5.48 -34.25
CA PRO A 259 -15.37 -4.56 -34.15
C PRO A 259 -14.52 -4.59 -35.40
N ARG A 260 -15.11 -4.13 -36.51
CA ARG A 260 -14.44 -4.07 -37.79
C ARG A 260 -13.51 -2.85 -37.80
N THR A 261 -12.98 -2.50 -38.96
CA THR A 261 -12.09 -1.36 -39.09
C THR A 261 -12.48 -0.57 -40.34
N PHE A 262 -12.12 0.71 -40.36
CA PHE A 262 -12.46 1.57 -41.49
C PHE A 262 -11.40 2.66 -41.68
N LEU A 263 -11.38 3.20 -42.89
CA LEU A 263 -10.52 4.32 -43.29
C LEU A 263 -11.42 5.34 -44.01
N LEU A 264 -11.84 6.38 -43.29
CA LEU A 264 -12.75 7.34 -43.87
C LEU A 264 -11.99 8.32 -44.76
N LYS A 265 -12.74 8.96 -45.67
CA LYS A 265 -12.20 9.99 -46.55
C LYS A 265 -13.27 11.06 -46.69
N TYR A 266 -13.09 12.18 -45.99
CA TYR A 266 -14.09 13.23 -45.95
C TYR A 266 -13.89 14.16 -47.14
N ASN A 267 -14.58 15.30 -47.14
CA ASN A 267 -14.53 16.24 -48.24
C ASN A 267 -14.27 17.63 -47.70
N GLU A 268 -13.94 18.56 -48.61
CA GLU A 268 -13.72 19.95 -48.24
C GLU A 268 -14.95 20.58 -47.61
N ASN A 269 -16.12 19.97 -47.79
CA ASN A 269 -17.31 20.35 -47.06
C ASN A 269 -17.44 19.57 -45.75
N GLY A 270 -16.43 18.81 -45.38
CA GLY A 270 -16.45 18.07 -44.12
C GLY A 270 -17.53 17.02 -44.10
N THR A 271 -17.67 16.26 -45.19
CA THR A 271 -18.70 15.24 -45.31
C THR A 271 -18.07 13.92 -45.72
N ILE A 272 -18.70 12.83 -45.26
CA ILE A 272 -18.24 11.49 -45.60
C ILE A 272 -18.43 11.26 -47.09
N THR A 273 -17.43 10.67 -47.74
CA THR A 273 -17.53 10.31 -49.14
C THR A 273 -17.59 8.81 -49.36
N ASP A 274 -16.68 8.05 -48.78
CA ASP A 274 -16.64 6.61 -48.95
C ASP A 274 -16.17 5.98 -47.64
N ALA A 275 -15.92 4.68 -47.67
CA ALA A 275 -15.43 3.95 -46.51
C ALA A 275 -14.92 2.59 -46.97
N VAL A 276 -13.87 2.11 -46.30
CA VAL A 276 -13.27 0.82 -46.61
C VAL A 276 -12.83 0.16 -45.31
N ASP A 277 -12.99 -1.16 -45.24
CA ASP A 277 -12.44 -1.95 -44.15
C ASP A 277 -10.94 -2.12 -44.40
N CYS A 278 -10.28 -3.03 -43.68
CA CYS A 278 -8.89 -3.34 -43.92
C CYS A 278 -8.70 -4.78 -44.40
N ALA A 279 -9.12 -5.76 -43.62
CA ALA A 279 -8.81 -7.15 -43.93
C ALA A 279 -9.81 -7.79 -44.87
N LEU A 280 -10.93 -7.12 -45.17
CA LEU A 280 -11.95 -7.74 -46.00
C LEU A 280 -11.42 -8.07 -47.38
N ASP A 281 -10.67 -7.15 -47.98
CA ASP A 281 -9.85 -7.48 -49.13
C ASP A 281 -8.49 -6.81 -48.96
N PRO A 282 -7.42 -7.61 -48.86
CA PRO A 282 -6.11 -7.09 -48.41
C PRO A 282 -5.62 -5.79 -49.03
N LEU A 283 -6.15 -5.41 -50.21
CA LEU A 283 -5.90 -4.06 -50.68
C LEU A 283 -6.42 -3.04 -49.69
N SER A 284 -7.56 -3.34 -49.06
CA SER A 284 -8.07 -2.49 -48.00
C SER A 284 -7.13 -2.48 -46.80
N GLU A 285 -6.47 -3.60 -46.51
CA GLU A 285 -5.44 -3.61 -45.47
C GLU A 285 -4.32 -2.65 -45.82
N THR A 286 -3.89 -2.69 -47.09
CA THR A 286 -2.86 -1.76 -47.54
C THR A 286 -3.30 -0.32 -47.37
N LYS A 287 -4.54 -0.03 -47.75
CA LYS A 287 -5.06 1.34 -47.62
C LYS A 287 -5.12 1.75 -46.15
N CYS A 288 -5.52 0.84 -45.26
CA CYS A 288 -5.58 1.15 -43.84
C CYS A 288 -4.20 1.46 -43.29
N THR A 289 -3.22 0.62 -43.59
CA THR A 289 -1.88 0.84 -43.04
C THR A 289 -1.18 2.01 -43.71
N LEU A 290 -1.64 2.46 -44.87
CA LEU A 290 -1.04 3.60 -45.53
C LEU A 290 -1.92 4.84 -45.52
N LYS A 291 -3.18 4.72 -45.12
CA LYS A 291 -4.09 5.86 -44.96
C LYS A 291 -4.19 6.67 -46.25
N SER A 292 -4.69 6.02 -47.30
CA SER A 292 -4.87 6.65 -48.60
C SER A 292 -5.74 5.76 -49.46
N PHE A 293 -6.61 6.37 -50.26
CA PHE A 293 -7.46 5.64 -51.18
C PHE A 293 -6.82 5.45 -52.55
N THR A 294 -5.67 6.07 -52.79
CA THR A 294 -4.93 5.94 -54.05
C THR A 294 -3.54 5.46 -53.66
N VAL A 295 -3.37 4.14 -53.56
CA VAL A 295 -2.16 3.53 -53.05
C VAL A 295 -1.30 3.05 -54.22
N GLU A 296 -0.02 3.38 -54.19
CA GLU A 296 0.90 2.79 -55.13
C GLU A 296 1.11 1.31 -54.79
N LYS A 297 1.54 0.54 -55.78
CA LYS A 297 1.72 -0.89 -55.57
C LYS A 297 2.95 -1.16 -54.71
N GLY A 298 2.81 -2.08 -53.76
CA GLY A 298 3.92 -2.48 -52.91
C GLY A 298 3.43 -3.41 -51.82
N ILE A 299 4.37 -4.14 -51.24
CA ILE A 299 4.04 -4.97 -50.09
C ILE A 299 4.07 -4.11 -48.84
N TYR A 300 3.01 -4.18 -48.06
CA TYR A 300 2.87 -3.39 -46.85
C TYR A 300 2.56 -4.34 -45.70
N GLN A 301 3.38 -4.27 -44.66
CA GLN A 301 3.22 -5.20 -43.55
C GLN A 301 1.83 -5.09 -42.96
N THR A 302 1.14 -6.23 -42.87
CA THR A 302 -0.25 -6.24 -42.40
C THR A 302 -0.34 -6.64 -40.94
N SER A 303 0.12 -7.85 -40.61
CA SER A 303 0.09 -8.36 -39.25
C SER A 303 0.77 -9.73 -39.25
N ASN A 304 0.98 -10.25 -38.04
CA ASN A 304 1.44 -11.61 -37.85
C ASN A 304 0.23 -12.53 -37.77
N PHE A 305 0.46 -13.80 -37.46
CA PHE A 305 -0.64 -14.72 -37.16
C PHE A 305 -0.17 -15.73 -36.12
N ARG A 306 -0.73 -15.61 -34.91
CA ARG A 306 -0.32 -16.39 -33.76
C ARG A 306 -1.13 -17.69 -33.73
N VAL A 307 -0.80 -18.57 -34.67
CA VAL A 307 -1.55 -19.83 -34.79
C VAL A 307 -1.21 -20.76 -33.63
N GLN A 308 -2.13 -21.67 -33.37
CA GLN A 308 -1.97 -22.61 -32.26
C GLN A 308 -2.87 -23.83 -32.45
N PRO A 309 -2.62 -24.66 -33.45
CA PRO A 309 -3.51 -25.80 -33.70
C PRO A 309 -3.50 -26.77 -32.53
N THR A 310 -4.67 -27.36 -32.26
CA THR A 310 -4.94 -28.28 -31.15
C THR A 310 -4.16 -27.90 -29.90
N GLU A 311 -4.22 -26.60 -29.57
CA GLU A 311 -3.61 -26.00 -28.38
C GLU A 311 -2.26 -26.59 -28.01
N SER A 312 -2.24 -27.35 -26.91
CA SER A 312 -1.00 -27.93 -26.40
C SER A 312 -1.35 -29.20 -25.62
N ILE A 313 -0.33 -30.04 -25.40
CA ILE A 313 -0.49 -31.31 -24.73
C ILE A 313 0.22 -31.27 -23.38
N VAL A 314 -0.47 -31.72 -22.34
CA VAL A 314 0.10 -31.78 -20.99
C VAL A 314 0.52 -33.22 -20.71
N ARG A 315 1.77 -33.40 -20.30
CA ARG A 315 2.32 -34.73 -20.13
C ARG A 315 3.11 -34.84 -18.84
N PHE A 316 2.81 -35.88 -18.07
CA PHE A 316 3.52 -36.29 -16.86
C PHE A 316 3.99 -37.73 -17.02
N PRO A 317 4.95 -38.17 -16.20
CA PRO A 317 5.48 -39.53 -16.35
C PRO A 317 4.44 -40.61 -16.13
N ASN A 318 4.89 -41.86 -16.32
CA ASN A 318 4.05 -43.03 -16.17
C ASN A 318 3.55 -43.13 -14.73
N ILE A 319 2.59 -44.03 -14.52
CA ILE A 319 1.83 -44.11 -13.27
C ILE A 319 2.74 -44.32 -12.08
N THR A 320 2.21 -44.03 -10.89
CA THR A 320 2.95 -44.02 -9.64
C THR A 320 3.69 -45.33 -9.40
N ASN A 321 4.75 -45.24 -8.59
CA ASN A 321 5.59 -46.38 -8.29
C ASN A 321 6.04 -46.30 -6.84
N LEU A 322 5.66 -47.32 -6.06
CA LEU A 322 5.80 -47.35 -4.60
C LEU A 322 4.78 -46.44 -3.92
N CYS A 323 3.57 -46.40 -4.49
CA CYS A 323 2.41 -45.83 -3.81
C CYS A 323 1.33 -46.88 -3.52
N PRO A 324 1.59 -47.90 -2.67
CA PRO A 324 0.51 -48.83 -2.33
C PRO A 324 -0.46 -48.26 -1.31
N PHE A 325 -1.40 -47.42 -1.77
CA PHE A 325 -2.35 -46.81 -0.84
C PHE A 325 -3.32 -47.80 -0.23
N GLY A 326 -3.57 -48.93 -0.89
CA GLY A 326 -4.56 -49.86 -0.37
C GLY A 326 -4.18 -50.45 0.97
N GLU A 327 -2.93 -50.92 1.11
CA GLU A 327 -2.50 -51.54 2.34
C GLU A 327 -2.37 -50.54 3.49
N VAL A 328 -2.36 -49.25 3.18
CA VAL A 328 -2.40 -48.24 4.24
C VAL A 328 -3.83 -47.86 4.58
N PHE A 329 -4.73 -47.89 3.59
CA PHE A 329 -6.11 -47.43 3.77
C PHE A 329 -7.11 -48.57 3.92
N ASN A 330 -6.85 -49.72 3.30
CA ASN A 330 -7.60 -50.94 3.55
C ASN A 330 -6.86 -51.86 4.50
N ALA A 331 -6.08 -51.29 5.42
CA ALA A 331 -5.21 -52.08 6.28
C ALA A 331 -6.01 -52.88 7.29
N THR A 332 -5.49 -54.07 7.62
CA THR A 332 -5.97 -54.78 8.80
C THR A 332 -5.51 -54.07 10.07
N ARG A 333 -4.35 -53.43 10.00
CA ARG A 333 -3.75 -52.79 11.17
C ARG A 333 -3.94 -51.28 11.08
N PHE A 334 -4.83 -50.76 11.92
CA PHE A 334 -5.01 -49.32 12.08
C PHE A 334 -4.39 -48.85 13.38
N ALA A 335 -4.66 -47.60 13.73
CA ALA A 335 -4.09 -46.98 14.92
C ALA A 335 -5.18 -46.50 15.86
N SER A 336 -4.77 -46.24 17.11
CA SER A 336 -5.62 -45.59 18.09
C SER A 336 -5.65 -44.10 17.82
N VAL A 337 -6.63 -43.40 18.40
CA VAL A 337 -6.73 -41.97 18.16
C VAL A 337 -5.61 -41.21 18.83
N TYR A 338 -5.27 -41.54 20.08
CA TYR A 338 -4.14 -40.90 20.72
C TYR A 338 -2.84 -41.50 20.23
N ALA A 339 -2.90 -42.70 19.65
CA ALA A 339 -1.75 -43.39 19.08
C ALA A 339 -1.80 -43.41 17.55
N TRP A 340 -2.28 -42.34 16.93
CA TRP A 340 -2.40 -42.28 15.48
C TRP A 340 -1.05 -42.52 14.82
N ASN A 341 -1.05 -43.39 13.81
CA ASN A 341 0.18 -43.71 13.12
C ASN A 341 0.61 -42.54 12.23
N ARG A 342 1.87 -42.58 11.79
CA ARG A 342 2.41 -41.57 10.90
C ARG A 342 3.39 -42.23 9.95
N LYS A 343 2.99 -42.37 8.69
CA LYS A 343 3.83 -42.95 7.64
C LYS A 343 3.75 -42.10 6.40
N ARG A 344 4.89 -41.93 5.74
CA ARG A 344 4.99 -41.05 4.59
C ARG A 344 4.72 -41.78 3.28
N ILE A 345 4.35 -41.02 2.26
CA ILE A 345 4.39 -41.47 0.88
C ILE A 345 5.27 -40.46 0.14
N SER A 346 6.18 -40.96 -0.69
CA SER A 346 7.14 -40.07 -1.32
C SER A 346 7.61 -40.68 -2.63
N ASN A 347 8.11 -39.81 -3.51
CA ASN A 347 8.71 -40.20 -4.78
C ASN A 347 7.78 -41.07 -5.61
N CYS A 348 6.47 -40.88 -5.44
CA CYS A 348 5.48 -41.55 -6.26
C CYS A 348 4.21 -40.70 -6.25
N VAL A 349 3.57 -40.62 -7.40
CA VAL A 349 2.53 -39.63 -7.65
C VAL A 349 1.21 -40.17 -7.15
N ALA A 350 0.22 -39.29 -7.01
CA ALA A 350 -1.09 -39.67 -6.52
C ALA A 350 -2.15 -38.80 -7.17
N ASP A 351 -2.91 -39.41 -8.08
CA ASP A 351 -4.09 -38.79 -8.67
C ASP A 351 -5.18 -38.87 -7.60
N TYR A 352 -5.44 -37.76 -6.93
CA TYR A 352 -6.41 -37.74 -5.85
C TYR A 352 -7.81 -38.05 -6.33
N SER A 353 -8.01 -38.21 -7.64
CA SER A 353 -9.31 -38.59 -8.17
C SER A 353 -9.44 -40.09 -8.34
N VAL A 354 -8.33 -40.83 -8.48
CA VAL A 354 -8.47 -42.27 -8.61
C VAL A 354 -8.93 -42.89 -7.30
N LEU A 355 -8.44 -42.37 -6.17
CA LEU A 355 -8.96 -42.81 -4.89
C LEU A 355 -10.41 -42.37 -4.70
N TYR A 356 -10.77 -41.23 -5.29
CA TYR A 356 -12.16 -40.80 -5.26
C TYR A 356 -13.06 -41.80 -5.99
N ASN A 357 -12.61 -42.26 -7.15
CA ASN A 357 -13.37 -43.24 -7.92
C ASN A 357 -12.91 -44.68 -7.66
N SER A 358 -12.01 -44.88 -6.70
CA SER A 358 -11.65 -46.25 -6.32
C SER A 358 -12.81 -46.97 -5.66
N ALA A 359 -13.85 -46.23 -5.28
CA ALA A 359 -15.04 -46.80 -4.65
C ALA A 359 -14.71 -47.57 -3.39
N SER A 360 -14.06 -46.90 -2.43
CA SER A 360 -13.65 -47.53 -1.18
C SER A 360 -13.83 -46.63 0.03
N PHE A 361 -14.57 -45.53 -0.08
CA PHE A 361 -14.79 -44.63 1.06
C PHE A 361 -16.27 -44.29 1.18
N SER A 362 -16.61 -43.57 2.25
CA SER A 362 -17.94 -42.99 2.39
C SER A 362 -17.90 -41.48 2.64
N THR A 363 -16.72 -40.88 2.67
CA THR A 363 -16.58 -39.45 2.96
C THR A 363 -15.44 -38.90 2.13
N PHE A 364 -15.64 -37.71 1.54
CA PHE A 364 -14.62 -37.04 0.73
C PHE A 364 -14.67 -35.54 1.03
N LYS A 365 -13.84 -35.10 1.97
CA LYS A 365 -13.75 -33.69 2.33
C LYS A 365 -12.32 -33.20 2.16
N CYS A 366 -12.14 -32.21 1.30
CA CYS A 366 -10.80 -31.65 1.09
C CYS A 366 -10.88 -30.13 1.06
N TYR A 367 -9.89 -29.50 1.71
CA TYR A 367 -9.93 -28.07 1.98
C TYR A 367 -8.74 -27.39 1.30
N GLY A 368 -8.86 -26.07 1.12
CA GLY A 368 -7.78 -25.26 0.63
C GLY A 368 -7.64 -25.22 -0.88
N VAL A 369 -7.08 -26.28 -1.44
CA VAL A 369 -6.91 -26.39 -2.89
C VAL A 369 -7.97 -27.34 -3.45
N SER A 370 -8.25 -27.24 -4.75
CA SER A 370 -9.31 -28.03 -5.35
C SER A 370 -8.92 -29.49 -5.40
N PRO A 371 -9.70 -30.37 -4.77
CA PRO A 371 -9.38 -31.81 -4.84
C PRO A 371 -9.58 -32.38 -6.23
N THR A 372 -10.62 -31.97 -6.93
CA THR A 372 -10.87 -32.47 -8.28
C THR A 372 -9.75 -32.04 -9.21
N LYS A 373 -9.17 -33.02 -9.91
CA LYS A 373 -7.99 -32.79 -10.75
C LYS A 373 -6.94 -32.02 -9.98
N LEU A 374 -6.56 -32.53 -8.80
CA LEU A 374 -5.52 -31.89 -8.00
C LEU A 374 -4.16 -32.43 -8.42
N ASN A 375 -4.18 -33.47 -9.26
CA ASN A 375 -2.95 -34.08 -9.74
C ASN A 375 -2.08 -33.10 -10.49
N ASP A 376 -2.68 -32.13 -11.20
CA ASP A 376 -1.91 -31.16 -11.96
C ASP A 376 -1.07 -30.25 -11.09
N LEU A 377 -1.34 -30.22 -9.78
CA LEU A 377 -0.54 -29.49 -8.82
C LEU A 377 0.45 -30.47 -8.18
N CYS A 378 1.68 -29.99 -7.99
CA CYS A 378 2.77 -30.84 -7.53
C CYS A 378 3.21 -30.38 -6.16
N PHE A 379 3.43 -31.34 -5.26
CA PHE A 379 3.55 -31.05 -3.85
C PHE A 379 4.86 -31.61 -3.31
N THR A 380 5.26 -31.10 -2.13
CA THR A 380 6.49 -31.58 -1.50
C THR A 380 6.38 -33.04 -1.06
N ASN A 381 5.47 -33.33 -0.14
CA ASN A 381 5.27 -34.68 0.38
C ASN A 381 3.94 -34.75 1.13
N VAL A 382 3.46 -35.97 1.33
CA VAL A 382 2.17 -36.25 1.94
C VAL A 382 2.34 -37.36 2.97
N TYR A 383 1.67 -37.23 4.11
CA TYR A 383 1.53 -38.31 5.08
C TYR A 383 0.18 -38.96 4.89
N ALA A 384 0.16 -40.29 4.82
CA ALA A 384 -1.06 -41.06 4.68
C ALA A 384 -1.21 -41.95 5.91
N ASP A 385 -2.01 -41.49 6.87
CA ASP A 385 -2.15 -42.16 8.16
C ASP A 385 -3.57 -42.70 8.30
N SER A 386 -3.73 -43.81 9.00
CA SER A 386 -5.03 -44.41 9.24
C SER A 386 -5.19 -44.78 10.71
N PHE A 387 -6.36 -44.46 11.26
CA PHE A 387 -6.72 -44.79 12.63
C PHE A 387 -8.24 -44.79 12.73
N VAL A 388 -8.75 -45.00 13.94
CA VAL A 388 -10.18 -45.24 14.16
C VAL A 388 -10.69 -44.31 15.25
N ILE A 389 -11.85 -43.70 15.01
CA ILE A 389 -12.54 -42.87 15.99
C ILE A 389 -14.03 -43.20 15.98
N ARG A 390 -14.82 -42.44 16.72
CA ARG A 390 -16.27 -42.63 16.76
C ARG A 390 -16.87 -42.20 15.43
N GLY A 391 -17.98 -42.84 15.07
CA GLY A 391 -18.58 -42.60 13.77
C GLY A 391 -19.14 -41.20 13.60
N ASP A 392 -19.67 -40.63 14.67
CA ASP A 392 -20.30 -39.32 14.58
C ASP A 392 -19.28 -38.20 14.40
N GLU A 393 -18.00 -38.53 14.51
CA GLU A 393 -16.93 -37.54 14.66
C GLU A 393 -16.33 -37.07 13.35
N VAL A 394 -16.94 -37.41 12.20
CA VAL A 394 -16.43 -36.94 10.92
C VAL A 394 -16.46 -35.41 10.88
N ARG A 395 -17.51 -34.81 11.44
CA ARG A 395 -17.63 -33.37 11.55
C ARG A 395 -16.45 -32.81 12.34
N GLN A 396 -16.10 -33.49 13.44
CA GLN A 396 -15.04 -33.02 14.32
C GLN A 396 -13.66 -33.12 13.69
N ILE A 397 -13.51 -33.85 12.59
CA ILE A 397 -12.22 -33.95 11.91
C ILE A 397 -12.13 -32.87 10.84
N ALA A 398 -11.70 -31.68 11.26
CA ALA A 398 -11.59 -30.51 10.39
C ALA A 398 -10.85 -29.43 11.15
N PRO A 399 -10.28 -28.45 10.46
CA PRO A 399 -9.60 -27.34 11.15
C PRO A 399 -10.54 -26.59 12.08
N GLY A 400 -10.20 -26.58 13.37
CA GLY A 400 -10.92 -25.80 14.35
C GLY A 400 -12.04 -26.52 15.08
N GLN A 401 -12.44 -27.71 14.62
CA GLN A 401 -13.50 -28.43 15.30
C GLN A 401 -12.99 -29.03 16.62
N THR A 402 -13.93 -29.45 17.46
CA THR A 402 -13.63 -29.84 18.83
C THR A 402 -14.22 -31.20 19.14
N GLY A 403 -13.98 -31.64 20.37
CA GLY A 403 -14.42 -32.93 20.84
C GLY A 403 -13.39 -33.51 21.79
N LYS A 404 -13.73 -34.68 22.35
CA LYS A 404 -12.77 -35.38 23.20
C LYS A 404 -11.51 -35.72 22.42
N ILE A 405 -11.65 -35.91 21.11
CA ILE A 405 -10.50 -36.22 20.26
C ILE A 405 -9.49 -35.06 20.32
N ALA A 406 -9.98 -33.84 20.13
CA ALA A 406 -9.11 -32.68 20.22
C ALA A 406 -8.70 -32.40 21.66
N ASP A 407 -9.58 -32.71 22.62
CA ASP A 407 -9.26 -32.42 24.01
C ASP A 407 -8.06 -33.18 24.51
N TYR A 408 -8.03 -34.51 24.36
CA TYR A 408 -6.98 -35.33 24.94
C TYR A 408 -6.34 -36.33 23.98
N ASN A 409 -6.86 -36.49 22.76
CA ASN A 409 -6.41 -37.58 21.90
C ASN A 409 -5.72 -37.11 20.62
N TYR A 410 -6.28 -36.16 19.88
CA TYR A 410 -5.76 -35.82 18.55
C TYR A 410 -6.23 -34.41 18.17
N LYS A 411 -5.27 -33.51 17.99
CA LYS A 411 -5.54 -32.13 17.62
C LYS A 411 -5.23 -31.91 16.15
N LEU A 412 -6.03 -31.08 15.50
CA LEU A 412 -5.84 -30.73 14.10
C LEU A 412 -5.47 -29.26 13.96
N PRO A 413 -4.59 -28.91 13.03
CA PRO A 413 -4.21 -27.50 12.88
C PRO A 413 -5.37 -26.67 12.37
N ASP A 414 -5.39 -25.40 12.81
CA ASP A 414 -6.38 -24.46 12.30
C ASP A 414 -6.18 -24.18 10.82
N ASP A 415 -4.93 -24.02 10.38
CA ASP A 415 -4.61 -23.87 8.96
C ASP A 415 -4.11 -25.19 8.38
N PHE A 416 -4.99 -26.19 8.35
CA PHE A 416 -4.66 -27.50 7.81
C PHE A 416 -4.45 -27.38 6.30
N THR A 417 -3.42 -28.06 5.80
CA THR A 417 -3.14 -28.12 4.37
C THR A 417 -3.23 -29.59 3.95
N GLY A 418 -4.44 -30.05 3.66
CA GLY A 418 -4.62 -31.43 3.27
C GLY A 418 -6.07 -31.74 2.99
N CYS A 419 -6.32 -33.02 2.70
CA CYS A 419 -7.66 -33.54 2.46
C CYS A 419 -7.97 -34.52 3.58
N VAL A 420 -9.26 -34.70 3.87
CA VAL A 420 -9.69 -35.63 4.92
C VAL A 420 -10.75 -36.57 4.35
N ILE A 421 -10.60 -37.86 4.61
CA ILE A 421 -11.46 -38.90 4.06
C ILE A 421 -11.84 -39.88 5.16
N ALA A 422 -13.11 -40.27 5.19
CA ALA A 422 -13.56 -41.35 6.04
C ALA A 422 -14.15 -42.44 5.17
N TRP A 423 -13.97 -43.70 5.60
CA TRP A 423 -14.39 -44.80 4.76
C TRP A 423 -15.03 -45.86 5.63
N ASN A 424 -16.08 -46.49 5.09
CA ASN A 424 -16.88 -47.39 5.89
C ASN A 424 -16.62 -48.85 5.56
N SER A 425 -16.47 -49.65 6.62
CA SER A 425 -16.54 -51.11 6.54
C SER A 425 -17.42 -51.66 7.64
N ASN A 426 -18.66 -51.17 7.76
CA ASN A 426 -19.53 -51.44 8.89
C ASN A 426 -19.72 -52.93 9.14
N ASN A 427 -19.65 -53.72 8.08
CA ASN A 427 -19.71 -55.18 8.21
C ASN A 427 -18.35 -55.80 8.52
N LEU A 428 -17.31 -54.99 8.63
CA LEU A 428 -15.96 -55.47 8.95
C LEU A 428 -15.32 -54.69 10.08
N ASP A 429 -15.99 -53.67 10.62
CA ASP A 429 -15.42 -52.79 11.63
C ASP A 429 -15.33 -53.42 13.01
N SER A 430 -15.97 -54.58 13.21
CA SER A 430 -15.94 -55.27 14.49
C SER A 430 -15.36 -56.66 14.30
N LYS A 431 -14.76 -57.18 15.37
CA LYS A 431 -14.11 -58.48 15.32
C LYS A 431 -14.66 -59.34 16.46
N VAL A 432 -14.79 -60.64 16.21
CA VAL A 432 -15.23 -61.55 17.26
C VAL A 432 -14.31 -61.42 18.47
N GLY A 433 -14.92 -61.32 19.64
CA GLY A 433 -14.19 -60.88 20.81
C GLY A 433 -14.15 -59.38 20.98
N GLY A 434 -14.80 -58.65 20.07
CA GLY A 434 -14.89 -57.20 20.18
C GLY A 434 -13.66 -56.48 19.70
N ASN A 435 -13.83 -55.48 18.84
CA ASN A 435 -12.73 -54.66 18.37
C ASN A 435 -12.53 -53.51 19.34
N TYR A 436 -11.97 -53.81 20.50
CA TYR A 436 -11.53 -52.79 21.45
C TYR A 436 -10.02 -52.67 21.50
N ASN A 437 -9.31 -53.18 20.49
CA ASN A 437 -7.86 -53.15 20.43
C ASN A 437 -7.31 -51.73 20.50
N TYR A 438 -7.99 -50.77 19.88
CA TYR A 438 -7.49 -49.40 19.74
C TYR A 438 -8.12 -48.55 20.82
N LEU A 439 -7.30 -47.88 21.63
CA LEU A 439 -7.76 -47.18 22.82
C LEU A 439 -7.92 -45.69 22.55
N TYR A 440 -8.56 -45.02 23.50
CA TYR A 440 -8.71 -43.58 23.45
C TYR A 440 -8.39 -43.01 24.83
N ARG A 441 -8.00 -41.75 24.86
CA ARG A 441 -7.58 -41.14 26.12
C ARG A 441 -8.74 -40.43 26.81
N LEU A 442 -8.81 -40.58 28.12
CA LEU A 442 -9.85 -39.93 28.92
C LEU A 442 -9.31 -38.84 29.82
N PHE A 443 -8.01 -38.85 30.10
CA PHE A 443 -7.39 -37.89 31.00
C PHE A 443 -6.14 -37.30 30.35
N ARG A 444 -6.02 -35.98 30.37
CA ARG A 444 -4.83 -35.29 29.92
C ARG A 444 -4.87 -33.86 30.47
N LYS A 445 -3.77 -33.45 31.10
CA LYS A 445 -3.73 -32.12 31.68
C LYS A 445 -3.60 -31.01 30.64
N SER A 446 -2.96 -31.29 29.50
CA SER A 446 -2.69 -30.24 28.53
C SER A 446 -3.33 -30.60 27.21
N ASN A 447 -3.75 -29.57 26.48
CA ASN A 447 -4.27 -29.75 25.14
C ASN A 447 -3.13 -29.94 24.14
N LEU A 448 -3.34 -30.82 23.19
CA LEU A 448 -2.31 -31.20 22.25
C LEU A 448 -1.93 -30.02 21.36
N LYS A 449 -0.65 -29.94 21.03
CA LYS A 449 -0.20 -29.00 20.01
C LYS A 449 -0.60 -29.53 18.64
N PRO A 450 -0.59 -28.70 17.59
CA PRO A 450 -0.99 -29.18 16.26
C PRO A 450 -0.28 -30.47 15.87
N PHE A 451 -1.09 -31.51 15.67
CA PHE A 451 -0.64 -32.85 15.29
C PHE A 451 0.37 -33.43 16.28
N GLU A 452 0.19 -33.14 17.56
CA GLU A 452 1.00 -33.75 18.63
C GLU A 452 0.37 -35.08 19.03
N ARG A 453 1.23 -36.07 19.23
CA ARG A 453 0.78 -37.42 19.58
C ARG A 453 1.16 -37.73 21.03
N ASP A 454 0.17 -38.16 21.82
CA ASP A 454 0.39 -38.54 23.21
C ASP A 454 0.25 -40.05 23.32
N ILE A 455 1.35 -40.70 23.65
CA ILE A 455 1.38 -42.15 23.91
C ILE A 455 1.71 -42.45 25.36
N SER A 456 2.31 -41.50 26.08
CA SER A 456 2.75 -41.74 27.44
C SER A 456 1.60 -42.19 28.32
N THR A 457 1.82 -43.27 29.06
CA THR A 457 0.82 -43.88 29.94
C THR A 457 1.35 -43.99 31.36
N GLU A 458 1.99 -42.94 31.84
CA GLU A 458 2.58 -42.95 33.17
C GLU A 458 1.51 -42.87 34.25
N ILE A 459 1.95 -42.91 35.49
CA ILE A 459 1.03 -42.76 36.62
C ILE A 459 0.39 -41.38 36.55
N TYR A 460 -0.90 -41.34 36.27
CA TYR A 460 -1.57 -40.06 36.07
C TYR A 460 -1.94 -39.43 37.41
N GLN A 461 -1.75 -38.11 37.49
CA GLN A 461 -1.97 -37.33 38.70
C GLN A 461 -2.95 -36.22 38.35
N ALA A 462 -4.02 -36.11 39.15
CA ALA A 462 -5.02 -35.07 38.94
C ALA A 462 -4.97 -33.97 39.99
N GLY A 463 -5.05 -34.32 41.27
CA GLY A 463 -4.98 -33.33 42.33
C GLY A 463 -3.59 -33.21 42.91
N SER A 464 -3.52 -32.64 44.12
CA SER A 464 -2.25 -32.47 44.82
C SER A 464 -1.98 -33.59 45.83
N THR A 465 -2.86 -34.58 45.93
CA THR A 465 -2.54 -35.76 46.74
C THR A 465 -2.04 -36.87 45.84
N PRO A 466 -0.81 -37.31 45.99
CA PRO A 466 -0.20 -38.23 45.01
C PRO A 466 -0.70 -39.66 45.11
N CYS A 467 -0.07 -40.54 44.35
CA CYS A 467 -0.45 -41.94 44.22
C CYS A 467 0.63 -42.92 44.65
N ASN A 468 1.89 -42.51 44.66
CA ASN A 468 3.05 -43.35 44.94
C ASN A 468 3.15 -44.53 43.97
N GLY A 469 2.72 -44.36 42.72
CA GLY A 469 2.84 -45.41 41.74
C GLY A 469 1.62 -46.32 41.68
N VAL A 470 0.76 -46.21 42.70
CA VAL A 470 -0.44 -47.03 42.74
C VAL A 470 -1.67 -46.14 42.59
N GLU A 471 -2.52 -46.48 41.63
CA GLU A 471 -3.71 -45.70 41.31
C GLU A 471 -4.85 -46.08 42.24
N GLY A 472 -5.91 -45.26 42.20
CA GLY A 472 -7.07 -45.51 43.04
C GLY A 472 -7.99 -44.30 43.10
N PHE A 473 -8.34 -43.89 44.31
CA PHE A 473 -9.20 -42.72 44.47
C PHE A 473 -8.38 -41.44 44.27
N ASN A 474 -8.85 -40.58 43.36
CA ASN A 474 -8.11 -39.41 42.92
C ASN A 474 -6.78 -39.78 42.27
N CYS A 475 -6.73 -40.93 41.62
CA CYS A 475 -5.58 -41.34 40.81
C CYS A 475 -6.16 -42.03 39.58
N TYR A 476 -6.28 -41.29 38.49
CA TYR A 476 -7.15 -41.66 37.39
C TYR A 476 -6.41 -42.40 36.28
N PHE A 477 -6.97 -43.54 35.90
CA PHE A 477 -6.49 -44.35 34.80
C PHE A 477 -6.68 -43.61 33.48
N PRO A 478 -5.64 -43.52 32.64
CA PRO A 478 -5.73 -42.64 31.46
C PRO A 478 -6.11 -43.34 30.16
N LEU A 479 -6.45 -44.62 30.17
CA LEU A 479 -6.75 -45.35 28.94
C LEU A 479 -8.10 -46.05 29.03
N GLN A 480 -8.91 -45.89 27.97
CA GLN A 480 -10.12 -46.66 27.72
C GLN A 480 -10.16 -47.09 26.26
N SER A 481 -10.83 -48.21 26.01
CA SER A 481 -10.87 -48.85 24.69
C SER A 481 -12.16 -48.50 23.95
N TYR A 482 -12.12 -48.71 22.64
CA TYR A 482 -13.27 -48.44 21.78
C TYR A 482 -14.44 -49.37 22.02
N GLY A 483 -14.21 -50.69 22.04
CA GLY A 483 -15.28 -51.65 22.24
C GLY A 483 -16.29 -51.72 21.11
N PHE A 484 -15.88 -52.26 19.96
CA PHE A 484 -16.77 -52.36 18.81
C PHE A 484 -17.52 -53.68 18.86
N GLN A 485 -18.84 -53.61 18.93
CA GLN A 485 -19.68 -54.79 19.02
C GLN A 485 -20.44 -54.96 17.71
N PRO A 486 -20.77 -56.20 17.32
CA PRO A 486 -21.54 -56.37 16.07
C PRO A 486 -22.90 -55.70 16.10
N THR A 487 -23.51 -55.60 17.27
CA THR A 487 -24.85 -55.04 17.40
C THR A 487 -24.84 -53.64 18.00
N ASN A 488 -23.86 -52.81 17.66
CA ASN A 488 -23.78 -51.45 18.19
C ASN A 488 -24.50 -50.47 17.27
N GLY A 489 -24.88 -49.33 17.87
CA GLY A 489 -25.65 -48.31 17.16
C GLY A 489 -24.83 -47.46 16.23
N VAL A 490 -25.52 -46.69 15.36
CA VAL A 490 -24.86 -45.92 14.33
C VAL A 490 -23.85 -44.92 14.89
N GLY A 491 -24.14 -44.35 16.07
CA GLY A 491 -23.21 -43.39 16.66
C GLY A 491 -21.86 -43.98 16.94
N TYR A 492 -21.82 -45.17 17.55
CA TYR A 492 -20.58 -45.93 17.69
C TYR A 492 -20.32 -46.82 16.48
N GLN A 493 -21.24 -46.84 15.51
CA GLN A 493 -20.88 -47.60 14.32
C GLN A 493 -19.84 -46.81 13.51
N PRO A 494 -18.66 -47.38 13.32
CA PRO A 494 -17.48 -46.57 12.98
C PRO A 494 -17.64 -45.83 11.67
N TYR A 495 -17.15 -44.59 11.67
CA TYR A 495 -16.83 -43.85 10.47
C TYR A 495 -15.31 -43.75 10.43
N ARG A 496 -14.67 -44.76 9.90
CA ARG A 496 -13.23 -44.87 10.03
C ARG A 496 -12.55 -43.88 9.08
N VAL A 497 -11.85 -42.92 9.67
CA VAL A 497 -11.33 -41.75 8.96
C VAL A 497 -9.86 -41.98 8.66
N VAL A 498 -9.41 -41.47 7.51
CA VAL A 498 -8.00 -41.45 7.14
C VAL A 498 -7.63 -40.01 6.81
N VAL A 499 -6.46 -39.57 7.28
CA VAL A 499 -6.02 -38.19 7.14
C VAL A 499 -4.90 -38.13 6.12
N LEU A 500 -5.07 -37.29 5.10
CA LEU A 500 -4.03 -37.01 4.12
C LEU A 500 -3.57 -35.57 4.30
N SER A 501 -2.34 -35.39 4.76
CA SER A 501 -1.77 -34.08 5.03
C SER A 501 -0.67 -33.79 4.02
N PHE A 502 -0.83 -32.69 3.28
CA PHE A 502 0.20 -32.25 2.33
C PHE A 502 1.16 -31.31 3.06
N GLU A 503 2.35 -31.83 3.34
CA GLU A 503 3.35 -31.06 4.06
C GLU A 503 4.19 -30.24 3.09
N LEU A 504 3.70 -29.06 2.74
CA LEU A 504 4.40 -28.14 1.83
C LEU A 504 5.25 -27.18 2.65
N LEU A 505 6.41 -27.66 3.10
CA LEU A 505 7.43 -26.77 3.65
C LEU A 505 8.24 -26.17 2.53
N HIS A 506 9.37 -25.55 2.86
CA HIS A 506 10.28 -25.01 1.86
C HIS A 506 10.91 -26.13 1.04
N ALA A 507 10.74 -27.37 1.49
CA ALA A 507 11.32 -28.52 0.82
C ALA A 507 10.73 -28.68 -0.58
N PRO A 508 11.52 -29.21 -1.53
CA PRO A 508 11.09 -29.26 -2.94
C PRO A 508 9.79 -30.03 -3.16
N ALA A 509 9.02 -29.56 -4.14
CA ALA A 509 7.74 -30.17 -4.48
C ALA A 509 7.90 -31.07 -5.70
N THR A 510 8.01 -32.37 -5.46
CA THR A 510 8.13 -33.35 -6.54
C THR A 510 7.19 -34.53 -6.30
N VAL A 511 6.60 -34.61 -5.12
CA VAL A 511 5.61 -35.63 -4.80
C VAL A 511 4.26 -35.06 -5.22
N CYS A 512 3.75 -35.53 -6.35
CA CYS A 512 2.80 -34.76 -7.13
C CYS A 512 1.70 -35.67 -7.64
N GLY A 513 0.92 -35.22 -8.61
CA GLY A 513 -0.11 -36.05 -9.19
C GLY A 513 0.00 -36.17 -10.69
N PRO A 514 -0.43 -37.31 -11.22
CA PRO A 514 -0.43 -37.50 -12.69
C PRO A 514 -1.58 -36.72 -13.31
N LYS A 515 -1.26 -35.66 -14.03
CA LYS A 515 -2.29 -34.71 -14.47
C LYS A 515 -3.03 -35.19 -15.71
N LYS A 516 -2.34 -35.26 -16.85
CA LYS A 516 -3.04 -35.52 -18.09
C LYS A 516 -2.22 -36.31 -19.10
N SER A 517 -1.38 -37.24 -18.65
CA SER A 517 -0.53 -37.98 -19.57
C SER A 517 -1.37 -38.72 -20.61
N THR A 518 -1.32 -38.25 -21.86
CA THR A 518 -2.14 -38.76 -22.95
C THR A 518 -1.26 -39.11 -24.14
N ASN A 519 -1.91 -39.43 -25.26
CA ASN A 519 -1.19 -39.79 -26.47
C ASN A 519 -0.33 -38.63 -26.95
N LEU A 520 0.91 -38.93 -27.32
CA LEU A 520 1.85 -37.93 -27.78
C LEU A 520 1.34 -37.29 -29.06
N VAL A 521 1.36 -35.96 -29.10
CA VAL A 521 0.88 -35.23 -30.27
C VAL A 521 2.02 -35.09 -31.26
N LYS A 522 2.00 -35.87 -32.32
CA LYS A 522 3.07 -35.86 -33.32
C LYS A 522 2.71 -34.92 -34.46
N ASN A 523 3.67 -34.08 -34.86
CA ASN A 523 3.56 -33.27 -36.07
C ASN A 523 2.33 -32.37 -36.06
N LYS A 524 2.00 -31.85 -34.89
CA LYS A 524 0.98 -30.81 -34.75
C LYS A 524 1.55 -29.72 -33.86
N CYS A 525 1.74 -28.52 -34.41
CA CYS A 525 2.42 -27.45 -33.70
C CYS A 525 1.66 -27.11 -32.42
N VAL A 526 2.24 -27.48 -31.28
CA VAL A 526 1.59 -27.30 -29.98
C VAL A 526 2.66 -26.93 -28.97
N ASN A 527 2.23 -26.32 -27.87
CA ASN A 527 3.08 -26.17 -26.71
C ASN A 527 3.08 -27.49 -25.94
N PHE A 528 3.82 -27.52 -24.82
CA PHE A 528 3.85 -28.71 -23.99
C PHE A 528 3.99 -28.32 -22.54
N ASN A 529 3.66 -29.26 -21.66
CA ASN A 529 3.81 -29.09 -20.21
C ASN A 529 4.54 -30.33 -19.68
N PHE A 530 5.87 -30.32 -19.77
CA PHE A 530 6.69 -31.36 -19.16
C PHE A 530 7.09 -30.90 -17.77
N ASN A 531 6.17 -31.07 -16.83
CA ASN A 531 6.38 -30.84 -15.41
C ASN A 531 6.71 -29.40 -15.07
N GLY A 532 6.58 -28.47 -16.02
CA GLY A 532 6.88 -27.08 -15.75
C GLY A 532 7.52 -26.30 -16.88
N LEU A 533 7.88 -26.96 -17.99
CA LEU A 533 8.50 -26.32 -19.13
C LEU A 533 7.54 -26.34 -20.32
N THR A 534 7.53 -25.24 -21.07
CA THR A 534 6.60 -25.07 -22.19
C THR A 534 7.33 -24.56 -23.42
N GLY A 535 6.64 -24.64 -24.56
CA GLY A 535 7.17 -24.16 -25.82
C GLY A 535 6.49 -24.79 -27.02
N THR A 536 6.27 -24.01 -28.08
CA THR A 536 5.64 -24.52 -29.29
C THR A 536 6.58 -25.52 -29.96
N GLY A 537 6.27 -26.80 -29.85
CA GLY A 537 7.18 -27.84 -30.27
C GLY A 537 6.63 -28.69 -31.41
N VAL A 538 7.52 -29.11 -32.30
CA VAL A 538 7.21 -30.16 -33.28
C VAL A 538 7.62 -31.47 -32.62
N LEU A 539 6.75 -31.98 -31.75
CA LEU A 539 7.08 -33.09 -30.89
C LEU A 539 6.89 -34.39 -31.66
N THR A 540 7.99 -34.96 -32.15
CA THR A 540 8.00 -36.26 -32.79
C THR A 540 9.28 -36.97 -32.37
N GLU A 541 9.48 -38.19 -32.85
CA GLU A 541 10.72 -38.90 -32.58
C GLU A 541 11.90 -38.10 -33.14
N SER A 542 12.92 -37.90 -32.31
CA SER A 542 14.03 -37.02 -32.66
C SER A 542 15.32 -37.81 -32.83
N ASN A 543 16.15 -37.36 -33.77
CA ASN A 543 17.35 -38.09 -34.20
C ASN A 543 18.59 -37.59 -33.47
N LYS A 544 18.71 -38.03 -32.21
CA LYS A 544 19.88 -37.68 -31.43
C LYS A 544 20.07 -38.72 -30.33
N LYS A 545 21.27 -38.76 -29.78
CA LYS A 545 21.57 -39.63 -28.65
C LYS A 545 21.28 -38.90 -27.34
N PHE A 546 20.86 -39.66 -26.35
CA PHE A 546 20.41 -39.13 -25.07
C PHE A 546 21.08 -39.90 -23.94
N LEU A 547 21.19 -39.24 -22.79
CA LEU A 547 21.96 -39.77 -21.66
C LEU A 547 21.15 -39.60 -20.38
N PRO A 548 21.47 -40.36 -19.34
CA PRO A 548 20.70 -40.24 -18.09
C PRO A 548 20.71 -38.86 -17.49
N PHE A 549 21.77 -38.08 -17.71
CA PHE A 549 21.77 -36.69 -17.23
C PHE A 549 20.83 -35.80 -18.02
N GLN A 550 20.30 -36.30 -19.13
CA GLN A 550 19.56 -35.47 -20.06
C GLN A 550 18.07 -35.50 -19.73
N GLN A 551 17.51 -34.34 -19.38
CA GLN A 551 16.07 -34.21 -19.15
C GLN A 551 15.51 -33.03 -19.95
N PHE A 552 16.28 -31.96 -20.03
CA PHE A 552 15.87 -30.79 -20.81
C PHE A 552 17.10 -30.19 -21.47
N GLY A 553 16.89 -29.59 -22.64
CA GLY A 553 18.02 -29.12 -23.42
C GLY A 553 17.78 -27.76 -24.03
N ARG A 554 18.87 -27.03 -24.22
CA ARG A 554 18.86 -25.69 -24.77
C ARG A 554 19.63 -25.69 -26.09
N ASP A 555 19.63 -24.55 -26.76
CA ASP A 555 20.50 -24.31 -27.89
C ASP A 555 21.60 -23.33 -27.46
N ILE A 556 22.44 -22.95 -28.42
CA ILE A 556 23.47 -21.95 -28.15
C ILE A 556 22.82 -20.64 -27.73
N ALA A 557 21.60 -20.38 -28.20
CA ALA A 557 20.86 -19.18 -27.86
C ALA A 557 19.95 -19.37 -26.65
N ASP A 558 20.10 -20.49 -25.93
CA ASP A 558 19.34 -20.79 -24.72
C ASP A 558 17.83 -20.79 -25.01
N THR A 559 17.45 -21.75 -25.86
CA THR A 559 16.04 -21.98 -26.15
C THR A 559 15.79 -23.48 -26.22
N THR A 560 14.58 -23.88 -25.86
CA THR A 560 14.22 -25.29 -25.86
C THR A 560 14.24 -25.83 -27.29
N ASP A 561 15.16 -26.75 -27.57
CA ASP A 561 15.22 -27.40 -28.88
C ASP A 561 14.97 -28.90 -28.84
N ALA A 562 15.05 -29.52 -27.67
CA ALA A 562 14.76 -30.95 -27.53
C ALA A 562 14.18 -31.20 -26.15
N VAL A 563 13.16 -32.06 -26.09
CA VAL A 563 12.55 -32.48 -24.84
C VAL A 563 12.43 -34.00 -24.83
N ARG A 564 12.15 -34.54 -23.65
CA ARG A 564 12.26 -35.97 -23.42
C ARG A 564 11.00 -36.48 -22.76
N ASP A 565 10.59 -37.67 -23.16
CA ASP A 565 9.35 -38.24 -22.63
C ASP A 565 9.57 -38.67 -21.19
N PRO A 566 8.82 -38.12 -20.23
CA PRO A 566 9.02 -38.52 -18.84
C PRO A 566 8.38 -39.85 -18.49
N GLN A 567 7.43 -40.33 -19.28
CA GLN A 567 6.75 -41.57 -18.91
C GLN A 567 7.48 -42.82 -19.38
N THR A 568 8.33 -42.71 -20.41
CA THR A 568 9.14 -43.85 -20.83
C THR A 568 10.30 -43.31 -21.66
N LEU A 569 11.18 -44.22 -22.08
CA LEU A 569 12.41 -43.87 -22.77
C LEU A 569 12.10 -43.44 -24.20
N GLU A 570 11.65 -42.20 -24.34
CA GLU A 570 11.40 -41.64 -25.65
C GLU A 570 11.95 -40.22 -25.71
N ILE A 571 12.19 -39.74 -26.93
CA ILE A 571 12.95 -38.52 -27.18
C ILE A 571 12.17 -37.65 -28.15
N LEU A 572 12.33 -36.34 -28.03
CA LEU A 572 11.60 -35.38 -28.85
C LEU A 572 12.46 -34.18 -29.20
N ASP A 573 12.08 -33.50 -30.29
CA ASP A 573 12.72 -32.28 -30.74
C ASP A 573 11.69 -31.16 -30.84
N ILE A 574 12.17 -29.93 -31.00
CA ILE A 574 11.33 -28.76 -31.18
C ILE A 574 11.88 -27.92 -32.33
N THR A 575 10.98 -27.50 -33.22
CA THR A 575 11.29 -26.57 -34.30
C THR A 575 10.23 -25.47 -34.30
N PRO A 576 10.64 -24.20 -34.42
CA PRO A 576 9.65 -23.13 -34.56
C PRO A 576 8.74 -23.38 -35.75
N CYS A 577 7.47 -23.60 -35.47
CA CYS A 577 6.58 -24.18 -36.48
C CYS A 577 6.16 -23.14 -37.52
N SER A 578 5.46 -22.10 -37.09
CA SER A 578 4.84 -21.18 -38.05
C SER A 578 5.44 -19.79 -38.01
N PHE A 579 5.35 -19.09 -36.87
CA PHE A 579 5.59 -17.65 -36.75
C PHE A 579 5.27 -16.88 -38.03
N GLY A 580 6.03 -15.81 -38.29
CA GLY A 580 5.93 -15.12 -39.56
C GLY A 580 4.79 -14.13 -39.65
N GLY A 581 5.09 -12.92 -40.12
CA GLY A 581 4.07 -11.93 -40.37
C GLY A 581 3.55 -11.99 -41.79
N VAL A 582 2.63 -11.07 -42.10
CA VAL A 582 2.02 -11.00 -43.41
C VAL A 582 2.18 -9.58 -43.94
N SER A 583 2.75 -9.46 -45.15
CA SER A 583 2.77 -8.23 -45.91
C SER A 583 2.20 -8.54 -47.30
N VAL A 584 1.06 -7.94 -47.61
CA VAL A 584 0.30 -8.33 -48.80
C VAL A 584 0.94 -7.75 -50.05
N ILE A 585 1.19 -8.61 -51.03
CA ILE A 585 1.62 -8.17 -52.35
C ILE A 585 0.37 -7.94 -53.19
N THR A 586 -0.12 -6.72 -53.17
CA THR A 586 -1.21 -6.34 -54.06
C THR A 586 -0.92 -4.97 -54.66
N PRO A 587 -1.38 -4.73 -55.87
CA PRO A 587 -1.32 -3.37 -56.41
C PRO A 587 -2.37 -2.49 -55.77
N GLY A 588 -2.46 -1.24 -56.22
CA GLY A 588 -3.30 -0.24 -55.59
C GLY A 588 -4.71 -0.17 -56.16
N THR A 589 -5.46 0.79 -55.63
CA THR A 589 -6.85 0.96 -56.02
C THR A 589 -6.99 1.37 -57.47
N ASN A 590 -5.93 1.92 -58.06
CA ASN A 590 -5.95 2.24 -59.48
C ASN A 590 -6.14 0.98 -60.31
N THR A 591 -5.42 -0.08 -59.96
CA THR A 591 -5.56 -1.36 -60.66
C THR A 591 -6.63 -2.17 -59.92
N SER A 592 -6.73 -3.46 -60.22
CA SER A 592 -7.79 -4.31 -59.69
C SER A 592 -7.76 -4.40 -58.17
N ASN A 593 -8.79 -5.02 -57.59
CA ASN A 593 -8.86 -5.27 -56.17
C ASN A 593 -8.51 -6.71 -55.82
N GLN A 594 -8.01 -7.49 -56.78
CA GLN A 594 -7.65 -8.88 -56.53
C GLN A 594 -6.23 -8.92 -55.97
N VAL A 595 -6.13 -9.26 -54.69
CA VAL A 595 -4.88 -9.21 -53.94
C VAL A 595 -4.06 -10.47 -54.15
N ALA A 596 -2.82 -10.46 -53.69
CA ALA A 596 -2.04 -11.67 -53.47
C ALA A 596 -1.41 -11.57 -52.08
N VAL A 597 -1.48 -12.66 -51.33
CA VAL A 597 -1.07 -12.67 -49.93
C VAL A 597 0.12 -13.63 -49.76
N LEU A 598 1.11 -13.19 -48.99
CA LEU A 598 2.32 -13.95 -48.74
C LEU A 598 2.43 -14.28 -47.26
N TYR A 599 3.00 -15.44 -46.95
CA TYR A 599 3.23 -15.87 -45.59
C TYR A 599 4.72 -16.08 -45.37
N GLN A 600 5.23 -15.59 -44.24
CA GLN A 600 6.67 -15.43 -44.03
C GLN A 600 7.23 -16.65 -43.31
N GLY A 601 7.88 -17.53 -44.08
CA GLY A 601 8.61 -18.64 -43.50
C GLY A 601 7.75 -19.56 -42.66
N VAL A 602 6.53 -19.81 -43.11
CA VAL A 602 5.64 -20.65 -42.26
C VAL A 602 5.21 -21.92 -43.03
N ASN A 603 5.48 -23.09 -42.45
CA ASN A 603 5.15 -24.41 -43.06
C ASN A 603 3.66 -24.47 -43.39
N CYS A 604 3.33 -24.63 -44.69
CA CYS A 604 1.96 -24.71 -45.28
C CYS A 604 1.05 -25.60 -44.42
N THR A 605 0.57 -25.06 -43.29
CA THR A 605 -0.31 -25.67 -42.30
C THR A 605 -1.36 -24.68 -41.80
N GLU A 606 -1.89 -23.84 -42.69
CA GLU A 606 -2.92 -22.88 -42.29
C GLU A 606 -3.74 -22.51 -43.52
N VAL A 607 -4.93 -23.09 -43.64
CA VAL A 607 -5.95 -22.67 -44.61
C VAL A 607 -5.39 -22.58 -46.02
N PRO A 608 -5.20 -23.71 -46.71
CA PRO A 608 -4.77 -23.66 -48.12
C PRO A 608 -5.77 -22.91 -49.00
N VAL A 609 -5.43 -22.74 -50.29
CA VAL A 609 -6.19 -21.84 -51.15
C VAL A 609 -7.66 -22.23 -51.18
N ALA A 610 -8.52 -21.25 -50.88
CA ALA A 610 -9.96 -21.43 -50.84
C ALA A 610 -10.62 -20.08 -50.65
N ILE A 611 -11.95 -20.06 -50.57
CA ILE A 611 -12.68 -18.84 -50.21
C ILE A 611 -12.45 -18.60 -48.72
N HIS A 612 -11.55 -17.68 -48.39
CA HIS A 612 -11.21 -17.43 -47.00
C HIS A 612 -10.61 -16.04 -46.82
N ASN A 628 -2.92 -19.56 -57.25
CA ASN A 628 -3.35 -20.18 -56.01
C ASN A 628 -2.19 -20.25 -55.02
N VAL A 629 -1.80 -21.47 -54.65
CA VAL A 629 -0.68 -21.71 -53.73
C VAL A 629 0.55 -22.07 -54.54
N PHE A 630 1.64 -21.33 -54.32
CA PHE A 630 2.92 -21.66 -54.91
C PHE A 630 3.99 -21.48 -53.83
N GLN A 631 4.43 -22.59 -53.25
CA GLN A 631 5.34 -22.55 -52.12
C GLN A 631 6.69 -21.97 -52.52
N THR A 632 7.30 -21.22 -51.60
CA THR A 632 8.60 -20.62 -51.82
C THR A 632 9.42 -20.75 -50.56
N ARG A 633 10.69 -20.35 -50.67
CA ARG A 633 11.54 -20.31 -49.48
C ARG A 633 11.03 -19.32 -48.45
N ALA A 634 10.40 -18.23 -48.91
CA ALA A 634 9.82 -17.27 -47.98
C ALA A 634 8.60 -17.84 -47.26
N GLY A 635 8.06 -18.96 -47.72
CA GLY A 635 6.92 -19.58 -47.07
C GLY A 635 5.84 -20.03 -48.04
N CYS A 636 4.59 -20.05 -47.58
CA CYS A 636 3.45 -20.45 -48.40
C CYS A 636 2.85 -19.22 -49.05
N LEU A 637 2.95 -19.13 -50.37
CA LEU A 637 2.42 -18.02 -51.13
C LEU A 637 1.03 -18.38 -51.64
N ILE A 638 0.09 -17.44 -51.50
CA ILE A 638 -1.29 -17.65 -51.90
C ILE A 638 -1.73 -16.47 -52.75
N GLY A 639 -2.82 -16.67 -53.47
CA GLY A 639 -3.43 -15.57 -54.21
C GLY A 639 -2.61 -15.13 -55.39
N ALA A 640 -1.64 -15.96 -55.78
CA ALA A 640 -0.80 -15.65 -56.94
C ALA A 640 -0.27 -16.97 -57.49
N GLU A 641 -0.75 -17.35 -58.67
CA GLU A 641 -0.26 -18.55 -59.32
C GLU A 641 1.18 -18.34 -59.78
N HIS A 642 1.94 -19.43 -59.84
CA HIS A 642 3.33 -19.37 -60.23
C HIS A 642 3.49 -19.07 -61.72
N VAL A 643 4.64 -18.49 -62.06
CA VAL A 643 5.04 -18.28 -63.45
C VAL A 643 6.47 -18.79 -63.62
N ASN A 644 6.67 -19.61 -64.66
CA ASN A 644 8.00 -20.13 -64.94
C ASN A 644 8.99 -19.01 -65.19
N ASN A 645 8.66 -18.12 -66.13
CA ASN A 645 9.55 -17.03 -66.46
C ASN A 645 9.71 -16.09 -65.27
N SER A 646 10.93 -15.61 -65.08
CA SER A 646 11.23 -14.62 -64.04
C SER A 646 11.43 -13.28 -64.71
N TYR A 647 10.39 -12.46 -64.65
CA TYR A 647 10.42 -11.15 -65.27
C TYR A 647 11.36 -10.22 -64.51
N GLU A 648 11.47 -8.98 -64.97
CA GLU A 648 12.15 -7.97 -64.19
C GLU A 648 11.32 -7.66 -62.95
N CYS A 649 11.98 -7.56 -61.81
CA CYS A 649 11.25 -7.42 -60.55
C CYS A 649 10.48 -6.11 -60.51
N ASP A 650 9.37 -6.13 -59.78
CA ASP A 650 8.65 -4.93 -59.43
C ASP A 650 8.54 -4.72 -57.93
N ILE A 651 8.17 -5.75 -57.19
CA ILE A 651 7.96 -5.60 -55.75
C ILE A 651 8.51 -6.84 -55.04
N PRO A 652 9.71 -6.78 -54.48
CA PRO A 652 10.20 -7.93 -53.72
C PRO A 652 9.30 -8.20 -52.52
N ILE A 653 9.10 -9.48 -52.21
CA ILE A 653 8.24 -9.91 -51.13
C ILE A 653 9.00 -10.63 -50.03
N GLY A 654 10.02 -11.41 -50.42
CA GLY A 654 10.72 -12.29 -49.50
C GLY A 654 11.28 -13.47 -50.25
N ALA A 655 12.51 -13.87 -49.93
CA ALA A 655 13.21 -14.91 -50.65
C ALA A 655 13.32 -14.57 -52.14
N GLY A 656 13.39 -13.28 -52.44
CA GLY A 656 13.60 -12.81 -53.79
C GLY A 656 12.53 -13.22 -54.79
N ILE A 657 11.29 -12.86 -54.49
CA ILE A 657 10.16 -13.07 -55.39
C ILE A 657 9.45 -11.74 -55.57
N CYS A 658 9.16 -11.38 -56.82
CA CYS A 658 8.44 -10.15 -57.13
C CYS A 658 7.20 -10.51 -57.93
N ALA A 659 6.07 -9.94 -57.51
CA ALA A 659 4.77 -10.27 -58.08
C ALA A 659 4.14 -9.04 -58.68
N SER A 660 3.67 -9.17 -59.93
CA SER A 660 2.93 -8.13 -60.63
C SER A 660 1.60 -8.70 -61.07
N TYR A 661 0.53 -7.97 -60.80
CA TYR A 661 -0.79 -8.39 -61.27
C TYR A 661 -0.81 -8.44 -62.79
N GLN A 662 -1.48 -9.45 -63.33
CA GLN A 662 -1.50 -9.63 -64.78
C GLN A 662 -2.84 -10.20 -65.19
N THR A 663 -3.21 -9.96 -66.44
CA THR A 663 -4.42 -10.50 -67.04
C THR A 663 -4.03 -11.30 -68.27
N GLN A 664 -4.42 -12.57 -68.31
CA GLN A 664 -4.14 -13.45 -69.44
C GLN A 664 -5.36 -13.46 -70.35
N THR A 665 -5.43 -12.48 -71.23
CA THR A 665 -6.56 -12.39 -72.16
C THR A 665 -6.54 -13.58 -73.10
N ASN A 666 -7.72 -14.14 -73.35
CA ASN A 666 -7.84 -15.30 -74.24
C ASN A 666 -9.06 -15.17 -75.14
N VAL A 674 -14.29 -14.96 -70.94
CA VAL A 674 -13.51 -15.35 -69.77
C VAL A 674 -12.52 -14.24 -69.44
N ALA A 675 -12.33 -13.98 -68.14
CA ALA A 675 -11.41 -12.94 -67.70
C ALA A 675 -11.01 -13.22 -66.26
N SER A 676 -9.76 -13.57 -66.04
CA SER A 676 -9.24 -13.87 -64.72
C SER A 676 -8.42 -12.69 -64.19
N GLN A 677 -8.60 -12.40 -62.91
CA GLN A 677 -7.89 -11.30 -62.24
C GLN A 677 -7.03 -11.91 -61.13
N SER A 678 -5.79 -12.25 -61.46
CA SER A 678 -4.88 -12.84 -60.50
C SER A 678 -3.49 -12.25 -60.71
N ILE A 679 -2.73 -12.19 -59.62
CA ILE A 679 -1.38 -11.65 -59.61
C ILE A 679 -0.40 -12.78 -59.87
N ILE A 680 0.69 -12.48 -60.59
CA ILE A 680 1.68 -13.48 -60.95
C ILE A 680 3.03 -13.03 -60.42
N ALA A 681 3.81 -13.98 -59.90
CA ALA A 681 5.12 -13.71 -59.35
C ALA A 681 6.18 -14.42 -60.18
N TYR A 682 7.43 -14.29 -59.76
CA TYR A 682 8.58 -14.83 -60.48
C TYR A 682 9.81 -14.61 -59.60
N THR A 683 10.98 -14.98 -60.10
CA THR A 683 12.21 -14.89 -59.32
C THR A 683 13.08 -13.76 -59.86
N MET A 684 14.24 -13.59 -59.24
CA MET A 684 15.01 -12.37 -59.41
C MET A 684 15.92 -12.49 -60.62
N SER A 685 15.51 -11.95 -61.75
CA SER A 685 16.37 -11.97 -62.93
C SER A 685 15.99 -10.80 -63.82
N LEU A 686 16.80 -9.74 -63.79
CA LEU A 686 16.63 -8.65 -64.72
C LEU A 686 17.01 -9.16 -66.09
N GLY A 687 15.99 -9.51 -66.89
CA GLY A 687 16.26 -10.21 -68.12
C GLY A 687 16.99 -11.51 -67.84
N ALA A 688 18.03 -11.76 -68.62
CA ALA A 688 18.86 -12.93 -68.39
C ALA A 688 20.33 -12.55 -68.48
N GLU A 689 21.20 -13.56 -68.50
CA GLU A 689 22.62 -13.31 -68.67
C GLU A 689 22.88 -12.72 -70.05
N ASN A 690 23.80 -11.76 -70.13
CA ASN A 690 24.18 -11.16 -71.39
C ASN A 690 25.36 -11.94 -71.96
N SER A 691 25.22 -12.40 -73.20
CA SER A 691 26.20 -13.29 -73.82
C SER A 691 27.11 -12.48 -74.73
N VAL A 692 28.28 -12.10 -74.22
CA VAL A 692 29.32 -11.43 -75.00
C VAL A 692 30.64 -12.10 -74.65
N ALA A 693 31.62 -11.97 -75.54
CA ALA A 693 32.92 -12.63 -75.32
C ALA A 693 33.62 -11.99 -74.12
N TYR A 694 33.64 -12.72 -73.00
CA TYR A 694 34.15 -12.20 -71.74
C TYR A 694 35.55 -12.66 -71.41
N SER A 695 36.15 -13.50 -72.26
CA SER A 695 37.46 -14.05 -71.92
C SER A 695 38.59 -13.09 -72.28
N ASN A 696 38.76 -12.81 -73.57
CA ASN A 696 39.93 -12.06 -74.01
C ASN A 696 39.68 -11.07 -75.14
N ASN A 697 38.54 -11.09 -75.81
CA ASN A 697 38.53 -10.37 -77.07
C ASN A 697 37.52 -9.25 -77.15
N SER A 698 36.30 -9.45 -76.68
CA SER A 698 35.26 -8.45 -76.93
C SER A 698 35.47 -7.22 -76.07
N ILE A 699 35.43 -6.04 -76.70
CA ILE A 699 35.43 -4.77 -76.01
C ILE A 699 34.25 -3.95 -76.51
N ALA A 700 33.50 -3.36 -75.57
CA ALA A 700 32.31 -2.58 -75.89
C ALA A 700 32.49 -1.14 -75.44
N ILE A 701 32.31 -0.20 -76.38
CA ILE A 701 32.47 1.22 -76.13
C ILE A 701 31.39 1.98 -76.88
N PRO A 702 30.63 2.86 -76.23
CA PRO A 702 29.43 3.43 -76.85
C PRO A 702 29.76 4.46 -77.92
N THR A 703 29.23 4.24 -79.12
CA THR A 703 29.31 5.27 -80.15
C THR A 703 28.32 6.39 -79.92
N ASN A 704 27.44 6.24 -78.93
CA ASN A 704 26.46 7.27 -78.64
C ASN A 704 26.24 7.30 -77.14
N PHE A 705 25.71 8.43 -76.67
CA PHE A 705 25.52 8.63 -75.26
C PHE A 705 24.18 9.33 -75.02
N THR A 706 23.80 9.41 -73.75
CA THR A 706 22.63 10.15 -73.34
C THR A 706 22.97 10.93 -72.08
N ILE A 707 22.12 11.89 -71.75
CA ILE A 707 22.24 12.66 -70.52
C ILE A 707 20.90 12.53 -69.80
N SER A 708 20.80 11.54 -68.92
CA SER A 708 19.62 11.42 -68.09
C SER A 708 19.76 12.31 -66.87
N VAL A 709 18.71 13.06 -66.56
CA VAL A 709 18.73 13.85 -65.34
C VAL A 709 18.43 12.94 -64.15
N THR A 710 19.49 12.41 -63.55
CA THR A 710 19.33 11.55 -62.39
C THR A 710 18.95 12.42 -61.21
N THR A 711 17.64 12.53 -60.96
CA THR A 711 17.14 13.43 -59.95
C THR A 711 17.19 12.82 -58.55
N GLU A 712 18.38 12.47 -58.07
CA GLU A 712 18.46 12.02 -56.70
C GLU A 712 18.29 13.21 -55.77
N ILE A 713 17.88 12.94 -54.54
CA ILE A 713 17.46 13.97 -53.62
C ILE A 713 18.04 13.68 -52.25
N LEU A 714 18.58 14.71 -51.60
CA LEU A 714 19.27 14.55 -50.33
C LEU A 714 18.63 15.45 -49.29
N PRO A 715 18.30 14.94 -48.12
CA PRO A 715 17.67 15.76 -47.07
C PRO A 715 18.73 16.61 -46.36
N VAL A 716 18.72 17.91 -46.65
CA VAL A 716 19.82 18.75 -46.15
C VAL A 716 19.62 19.12 -44.70
N SER A 717 18.38 19.17 -44.21
CA SER A 717 18.19 19.52 -42.81
C SER A 717 16.90 18.88 -42.33
N MET A 718 16.39 19.40 -41.22
CA MET A 718 15.21 18.85 -40.55
C MET A 718 14.58 19.99 -39.77
N THR A 719 13.29 19.87 -39.49
CA THR A 719 12.57 20.91 -38.77
C THR A 719 13.22 21.16 -37.42
N LYS A 720 13.59 22.42 -37.17
CA LYS A 720 14.34 22.75 -35.97
C LYS A 720 13.44 22.71 -34.76
N THR A 721 12.93 21.52 -34.43
CA THR A 721 11.95 21.41 -33.37
C THR A 721 12.59 21.58 -32.00
N SER A 722 12.97 22.81 -31.68
CA SER A 722 13.55 23.08 -30.37
C SER A 722 12.46 23.01 -29.30
N VAL A 723 12.14 21.80 -28.86
CA VAL A 723 11.09 21.60 -27.88
C VAL A 723 11.44 22.31 -26.58
N ASP A 724 10.44 22.91 -25.95
CA ASP A 724 10.55 23.48 -24.62
C ASP A 724 10.04 22.44 -23.64
N CYS A 725 10.97 21.80 -22.91
CA CYS A 725 10.64 20.61 -22.13
C CYS A 725 9.43 20.84 -21.23
N THR A 726 9.54 21.81 -20.33
CA THR A 726 8.46 22.06 -19.38
C THR A 726 7.18 22.45 -20.10
N MET A 727 7.26 23.46 -20.98
CA MET A 727 6.04 23.92 -21.64
C MET A 727 5.46 22.87 -22.58
N TYR A 728 6.30 22.02 -23.16
CA TYR A 728 5.78 20.84 -23.83
C TYR A 728 4.99 19.97 -22.86
N ILE A 729 5.51 19.78 -21.66
CA ILE A 729 4.85 18.93 -20.69
C ILE A 729 3.89 19.72 -19.82
N CYS A 730 4.39 20.75 -19.15
CA CYS A 730 3.68 21.44 -18.07
C CYS A 730 3.11 22.74 -18.63
N GLY A 731 1.97 22.64 -19.30
CA GLY A 731 1.28 23.82 -19.79
C GLY A 731 0.19 24.23 -18.81
N ASP A 732 0.26 25.50 -18.39
CA ASP A 732 -0.68 26.04 -17.41
C ASP A 732 -0.74 25.17 -16.16
N SER A 733 0.44 24.76 -15.68
CA SER A 733 0.51 23.83 -14.57
C SER A 733 1.84 24.07 -13.85
N THR A 734 1.78 24.78 -12.72
CA THR A 734 2.98 24.96 -11.91
C THR A 734 3.35 23.71 -11.14
N GLU A 735 2.36 22.86 -10.84
CA GLU A 735 2.65 21.61 -10.15
C GLU A 735 3.51 20.70 -11.02
N CYS A 736 3.20 20.62 -12.31
CA CYS A 736 3.99 19.79 -13.21
C CYS A 736 5.43 20.28 -13.30
N SER A 737 5.62 21.60 -13.46
CA SER A 737 6.96 22.14 -13.54
C SER A 737 7.72 21.92 -12.23
N ASN A 738 7.04 22.10 -11.10
CA ASN A 738 7.66 21.88 -9.81
C ASN A 738 8.15 20.44 -9.69
N LEU A 739 7.32 19.49 -10.11
CA LEU A 739 7.72 18.09 -10.00
C LEU A 739 8.79 17.73 -11.02
N LEU A 740 8.77 18.35 -12.20
CA LEU A 740 9.79 18.09 -13.20
C LEU A 740 11.16 18.57 -12.74
N LEU A 741 11.21 19.78 -12.15
CA LEU A 741 12.49 20.31 -11.72
C LEU A 741 13.14 19.49 -10.61
N GLN A 742 12.39 18.60 -9.95
CA GLN A 742 13.02 17.63 -9.09
C GLN A 742 13.89 16.68 -9.91
N TYR A 743 13.34 16.13 -10.99
CA TYR A 743 14.16 15.47 -12.00
C TYR A 743 15.06 16.49 -12.70
N GLY A 744 14.51 17.66 -12.99
CA GLY A 744 15.30 18.81 -13.39
C GLY A 744 16.11 18.62 -14.64
N SER A 745 17.43 18.51 -14.45
CA SER A 745 18.42 18.62 -15.52
C SER A 745 17.97 18.05 -16.85
N PHE A 746 17.44 16.83 -16.81
CA PHE A 746 17.24 16.02 -18.03
C PHE A 746 16.66 16.81 -19.18
N CYS A 747 15.44 17.35 -19.00
CA CYS A 747 14.80 17.97 -20.15
C CYS A 747 15.59 19.17 -20.62
N THR A 748 16.36 19.80 -19.73
CA THR A 748 17.23 20.90 -20.15
C THR A 748 18.37 20.37 -21.03
N GLN A 749 18.95 19.22 -20.68
CA GLN A 749 19.95 18.67 -21.59
C GLN A 749 19.33 18.27 -22.90
N LEU A 750 18.12 17.69 -22.87
CA LEU A 750 17.38 17.46 -24.09
C LEU A 750 17.23 18.74 -24.91
N ASN A 751 16.90 19.84 -24.23
CA ASN A 751 16.63 21.08 -24.94
C ASN A 751 17.87 21.59 -25.64
N ARG A 752 19.00 21.70 -24.93
CA ARG A 752 20.12 22.29 -25.65
C ARG A 752 20.78 21.28 -26.58
N ALA A 753 20.56 19.98 -26.38
CA ALA A 753 20.97 19.02 -27.39
C ALA A 753 20.18 19.22 -28.67
N LEU A 754 18.87 19.45 -28.53
CA LEU A 754 18.06 19.74 -29.70
C LEU A 754 18.50 21.03 -30.36
N THR A 755 18.87 22.04 -29.55
CA THR A 755 19.38 23.27 -30.14
C THR A 755 20.71 23.03 -30.84
N GLY A 756 21.54 22.15 -30.29
CA GLY A 756 22.74 21.75 -31.00
C GLY A 756 22.41 21.08 -32.30
N ILE A 757 21.34 20.29 -32.33
CA ILE A 757 20.83 19.77 -33.58
C ILE A 757 20.52 20.91 -34.52
N ALA A 758 19.77 21.89 -34.03
CA ALA A 758 19.33 22.99 -34.87
C ALA A 758 20.52 23.71 -35.48
N VAL A 759 21.52 24.02 -34.65
CA VAL A 759 22.69 24.71 -35.16
C VAL A 759 23.49 23.78 -36.08
N GLU A 760 23.42 22.48 -35.83
CA GLU A 760 24.17 21.55 -36.68
C GLU A 760 23.63 21.58 -38.10
N GLN A 761 22.32 21.37 -38.26
CA GLN A 761 21.81 21.43 -39.62
C GLN A 761 21.71 22.85 -40.15
N ASP A 762 21.75 23.87 -39.30
CA ASP A 762 21.76 25.20 -39.89
C ASP A 762 23.14 25.50 -40.45
N LYS A 763 24.18 25.03 -39.78
CA LYS A 763 25.52 25.10 -40.32
C LYS A 763 25.61 24.28 -41.60
N ASN A 764 24.94 23.12 -41.62
CA ASN A 764 24.86 22.37 -42.87
C ASN A 764 24.22 23.21 -43.95
N THR A 765 23.11 23.86 -43.62
CA THR A 765 22.39 24.67 -44.58
C THR A 765 23.28 25.78 -45.10
N GLN A 766 24.04 26.41 -44.22
CA GLN A 766 24.97 27.47 -44.58
C GLN A 766 25.99 26.92 -45.56
N GLU A 767 26.80 25.96 -45.10
CA GLU A 767 27.93 25.49 -45.90
C GLU A 767 27.50 24.78 -47.18
N VAL A 768 26.26 24.30 -47.26
CA VAL A 768 25.75 23.78 -48.53
C VAL A 768 25.19 24.90 -49.40
N PHE A 769 24.71 25.98 -48.78
CA PHE A 769 24.05 27.06 -49.51
C PHE A 769 24.81 28.37 -49.45
N ALA A 770 25.15 28.87 -48.25
CA ALA A 770 26.04 30.01 -48.17
C ALA A 770 27.49 29.59 -48.07
N GLN A 771 27.92 28.68 -48.94
CA GLN A 771 29.34 28.37 -49.00
C GLN A 771 30.10 29.52 -49.61
N VAL A 772 29.44 30.32 -50.45
CA VAL A 772 30.04 31.56 -50.91
C VAL A 772 30.02 32.58 -49.78
N LYS A 773 31.10 33.36 -49.67
CA LYS A 773 31.17 34.40 -48.66
C LYS A 773 30.34 35.62 -49.02
N GLN A 774 29.46 35.52 -50.01
CA GLN A 774 28.81 36.70 -50.56
C GLN A 774 27.45 36.33 -51.14
N ILE A 775 26.48 37.21 -50.93
CA ILE A 775 25.18 37.10 -51.60
C ILE A 775 25.34 37.54 -53.04
N TYR A 776 24.81 36.75 -53.97
CA TYR A 776 24.94 37.08 -55.37
C TYR A 776 23.57 37.04 -56.04
N LYS A 777 23.35 37.95 -56.99
CA LYS A 777 22.11 38.02 -57.73
C LYS A 777 22.31 37.49 -59.14
N THR A 778 21.36 36.70 -59.61
CA THR A 778 21.49 36.11 -60.93
C THR A 778 21.50 37.22 -61.98
N PRO A 779 22.38 37.16 -62.97
CA PRO A 779 22.43 38.21 -64.00
C PRO A 779 21.19 38.18 -64.87
N PRO A 780 20.63 39.33 -65.21
CA PRO A 780 19.37 39.35 -65.96
C PRO A 780 19.58 39.27 -67.46
N ILE A 781 20.77 38.85 -67.88
CA ILE A 781 21.13 38.78 -69.29
C ILE A 781 21.33 37.30 -69.62
N LYS A 782 20.27 36.65 -70.08
CA LYS A 782 20.28 35.21 -70.32
C LYS A 782 20.82 34.91 -71.72
N ASP A 783 22.14 35.05 -71.85
CA ASP A 783 22.83 34.74 -73.10
C ASP A 783 23.58 33.42 -73.03
N PHE A 784 23.00 32.42 -72.35
CA PHE A 784 23.71 31.16 -72.16
C PHE A 784 23.94 30.41 -73.46
N GLY A 785 23.26 30.81 -74.53
CA GLY A 785 23.54 30.24 -75.84
C GLY A 785 22.87 28.92 -76.14
N GLY A 786 21.53 28.90 -76.16
CA GLY A 786 20.79 27.76 -76.62
C GLY A 786 20.76 26.57 -75.68
N PHE A 787 21.20 26.74 -74.44
CA PHE A 787 21.27 25.65 -73.48
C PHE A 787 20.38 25.89 -72.26
N ASN A 788 19.31 26.66 -72.40
CA ASN A 788 18.95 27.38 -71.20
C ASN A 788 18.28 26.46 -70.19
N PHE A 789 18.05 27.04 -69.02
CA PHE A 789 17.61 26.37 -67.81
C PHE A 789 16.60 27.22 -67.06
N SER A 790 15.78 27.97 -67.78
CA SER A 790 14.92 28.97 -67.14
C SER A 790 14.01 28.35 -66.08
N GLN A 791 13.61 27.10 -66.25
CA GLN A 791 12.75 26.46 -65.26
C GLN A 791 13.45 26.25 -63.92
N ILE A 792 14.77 26.36 -63.86
CA ILE A 792 15.50 26.19 -62.62
C ILE A 792 16.01 27.52 -62.06
N LEU A 793 16.23 28.54 -62.91
CA LEU A 793 16.61 29.88 -62.46
C LEU A 793 15.37 30.64 -62.02
N PRO A 794 15.37 31.24 -60.83
CA PRO A 794 14.20 31.99 -60.39
C PRO A 794 13.88 33.14 -61.33
N ASP A 795 12.75 33.04 -62.01
CA ASP A 795 12.34 34.07 -62.95
C ASP A 795 11.90 35.33 -62.21
N PRO A 796 12.45 36.50 -62.51
CA PRO A 796 12.08 37.70 -61.77
C PRO A 796 10.67 38.18 -62.09
N SER A 797 9.67 37.31 -61.90
CA SER A 797 8.28 37.72 -62.09
C SER A 797 7.33 37.08 -61.09
N LYS A 798 7.81 36.58 -59.96
CA LYS A 798 7.00 35.81 -59.04
C LYS A 798 7.14 36.36 -57.62
N PRO A 799 6.12 36.16 -56.77
CA PRO A 799 6.21 36.65 -55.39
C PRO A 799 7.22 35.89 -54.55
N SER A 800 7.36 34.58 -54.76
CA SER A 800 8.38 33.78 -54.09
C SER A 800 9.49 33.52 -55.10
N LYS A 801 10.71 33.95 -54.78
CA LYS A 801 11.78 33.96 -55.77
C LYS A 801 12.35 32.57 -55.99
N ARG A 802 11.49 31.62 -56.33
CA ARG A 802 11.89 30.27 -56.67
C ARG A 802 11.34 29.94 -58.05
N SER A 803 12.10 29.16 -58.81
CA SER A 803 11.81 28.95 -60.22
C SER A 803 10.69 27.92 -60.40
N PHE A 804 10.55 27.44 -61.63
CA PHE A 804 9.43 26.58 -62.00
C PHE A 804 9.44 25.28 -61.20
N ILE A 805 10.59 24.62 -61.14
CA ILE A 805 10.63 23.29 -60.54
C ILE A 805 10.45 23.37 -59.03
N GLU A 806 10.92 24.45 -58.41
CA GLU A 806 10.58 24.67 -57.01
C GLU A 806 9.08 24.78 -56.82
N ASP A 807 8.41 25.49 -57.74
CA ASP A 807 6.95 25.59 -57.64
C ASP A 807 6.32 24.21 -57.71
N LEU A 808 6.75 23.40 -58.67
CA LEU A 808 6.16 22.08 -58.83
C LEU A 808 6.43 21.21 -57.62
N LEU A 809 7.68 21.24 -57.12
CA LEU A 809 8.04 20.43 -55.96
C LEU A 809 7.24 20.86 -54.74
N PHE A 810 7.22 22.16 -54.46
CA PHE A 810 6.54 22.65 -53.27
C PHE A 810 5.03 22.42 -53.35
N ASN A 811 4.48 22.43 -54.56
CA ASN A 811 3.09 22.00 -54.71
C ASN A 811 2.96 20.51 -54.42
N LYS A 812 3.95 19.72 -54.82
CA LYS A 812 3.90 18.28 -54.61
C LYS A 812 4.06 17.93 -53.13
N VAL A 813 4.98 18.60 -52.44
CA VAL A 813 5.25 18.33 -51.04
C VAL A 813 4.31 19.17 -50.18
N THR A 814 3.76 18.56 -49.14
CA THR A 814 2.75 19.23 -48.32
C THR A 814 2.86 18.67 -46.90
N LEU A 815 1.82 18.91 -46.10
CA LEU A 815 1.71 18.37 -44.75
C LEU A 815 2.86 18.86 -43.87
N ILE A 837 6.13 20.21 -39.40
CA ILE A 837 4.69 20.19 -39.61
C ILE A 837 4.30 21.44 -40.40
N CYS A 838 3.02 21.54 -40.76
CA CYS A 838 2.54 22.52 -41.73
C CYS A 838 2.68 23.96 -41.28
N ALA A 839 2.87 24.21 -39.98
CA ALA A 839 2.93 25.59 -39.49
C ALA A 839 3.70 25.60 -38.18
N GLN A 840 3.98 26.81 -37.69
CA GLN A 840 4.74 27.02 -36.47
C GLN A 840 3.85 27.34 -35.28
N LYS A 841 2.53 27.17 -35.41
CA LYS A 841 1.59 27.66 -34.42
C LYS A 841 0.51 26.62 -34.13
N PHE A 842 0.91 25.38 -33.85
CA PHE A 842 -0.05 24.34 -33.49
C PHE A 842 -0.12 24.08 -31.99
N ASN A 843 0.99 23.72 -31.37
CA ASN A 843 0.98 23.23 -30.00
C ASN A 843 2.37 23.41 -29.41
N GLY A 844 2.65 22.70 -28.32
CA GLY A 844 4.00 22.64 -27.76
C GLY A 844 5.02 22.14 -28.76
N LEU A 845 4.57 21.85 -29.97
CA LEU A 845 5.43 21.54 -31.10
C LEU A 845 6.11 22.82 -31.57
N THR A 846 7.08 23.30 -30.81
CA THR A 846 7.64 24.62 -31.09
C THR A 846 8.50 24.60 -32.33
N VAL A 847 7.85 24.74 -33.50
CA VAL A 847 8.58 24.75 -34.75
C VAL A 847 9.41 26.02 -34.84
N LEU A 848 10.66 25.87 -34.82
CA LEU A 848 11.46 27.06 -35.05
C LEU A 848 11.47 27.39 -36.53
N PRO A 849 11.36 28.66 -36.89
CA PRO A 849 11.59 29.04 -38.28
C PRO A 849 13.00 28.66 -38.70
N PRO A 850 13.18 28.28 -39.95
CA PRO A 850 14.52 27.94 -40.41
C PRO A 850 15.44 29.13 -40.28
N LEU A 851 16.70 28.84 -39.99
CA LEU A 851 17.69 29.91 -39.99
C LEU A 851 17.76 30.57 -41.36
N LEU A 852 17.31 29.85 -42.40
CA LEU A 852 17.14 30.40 -43.73
C LEU A 852 15.69 30.21 -44.15
N THR A 853 14.94 31.32 -44.23
CA THR A 853 13.55 31.26 -44.63
C THR A 853 13.44 31.05 -46.13
N ASP A 854 12.19 30.91 -46.59
CA ASP A 854 11.93 30.50 -47.96
C ASP A 854 12.61 31.42 -48.96
N GLU A 855 12.38 32.73 -48.85
CA GLU A 855 12.91 33.65 -49.84
C GLU A 855 14.43 33.64 -49.84
N MET A 856 15.05 33.60 -48.67
CA MET A 856 16.50 33.69 -48.64
C MET A 856 17.19 32.33 -48.76
N ILE A 857 16.54 31.23 -48.37
CA ILE A 857 17.10 29.94 -48.78
C ILE A 857 17.06 29.86 -50.30
N ALA A 858 16.01 30.42 -50.90
CA ALA A 858 15.97 30.53 -52.35
C ALA A 858 17.07 31.45 -52.85
N GLN A 859 17.37 32.51 -52.10
CA GLN A 859 18.45 33.40 -52.50
C GLN A 859 19.77 32.65 -52.55
N TYR A 860 20.03 31.82 -51.53
CA TYR A 860 21.22 30.98 -51.59
C TYR A 860 21.19 30.02 -52.77
N THR A 861 20.05 29.39 -53.04
CA THR A 861 19.99 28.49 -54.17
C THR A 861 20.31 29.22 -55.45
N SER A 862 19.74 30.41 -55.60
CA SER A 862 20.01 31.24 -56.76
C SER A 862 21.48 31.56 -56.86
N ALA A 863 22.08 31.95 -55.74
CA ALA A 863 23.49 32.32 -55.72
C ALA A 863 24.32 31.13 -56.16
N LEU A 864 24.00 29.96 -55.61
CA LEU A 864 24.77 28.77 -55.91
C LEU A 864 24.69 28.43 -57.38
N LEU A 865 23.48 28.43 -57.92
CA LEU A 865 23.33 28.08 -59.32
C LEU A 865 24.02 29.12 -60.19
N ALA A 866 23.88 30.39 -59.85
CA ALA A 866 24.51 31.44 -60.64
C ALA A 866 26.02 31.24 -60.66
N GLY A 867 26.60 30.98 -59.50
CA GLY A 867 28.02 30.73 -59.44
C GLY A 867 28.41 29.52 -60.26
N THR A 868 27.84 28.38 -59.93
CA THR A 868 28.29 27.14 -60.53
C THR A 868 27.98 27.09 -62.02
N ILE A 869 27.14 27.99 -62.51
CA ILE A 869 26.86 28.07 -63.93
C ILE A 869 27.74 29.09 -64.62
N THR A 870 28.16 30.14 -63.91
CA THR A 870 28.68 31.29 -64.60
C THR A 870 30.06 31.74 -64.13
N SER A 871 30.41 31.45 -62.88
CA SER A 871 31.74 31.64 -62.34
C SER A 871 32.36 30.34 -61.85
N GLY A 872 31.62 29.54 -61.08
CA GLY A 872 32.03 28.19 -60.75
C GLY A 872 32.83 28.01 -59.48
N TRP A 873 33.83 27.12 -59.55
CA TRP A 873 34.65 26.79 -58.39
C TRP A 873 35.22 28.03 -57.72
N THR A 874 35.72 28.97 -58.52
CA THR A 874 36.36 30.15 -57.96
C THR A 874 35.40 30.97 -57.11
N PHE A 875 34.17 31.17 -57.57
CA PHE A 875 33.15 31.80 -56.74
C PHE A 875 32.64 30.88 -55.66
N GLY A 876 32.99 29.59 -55.72
CA GLY A 876 32.74 28.69 -54.61
C GLY A 876 33.96 28.43 -53.76
N ALA A 877 35.13 28.88 -54.22
CA ALA A 877 36.38 28.68 -53.49
C ALA A 877 37.13 30.00 -53.35
N GLY A 878 36.43 31.05 -52.95
CA GLY A 878 37.06 32.32 -52.69
C GLY A 878 36.68 33.42 -53.66
N ALA A 879 37.68 33.95 -54.37
CA ALA A 879 37.46 35.06 -55.28
C ALA A 879 36.76 34.59 -56.55
N ALA A 880 35.77 35.38 -56.99
CA ALA A 880 34.99 35.02 -58.16
C ALA A 880 35.79 35.21 -59.43
N LEU A 881 35.48 34.36 -60.41
CA LEU A 881 36.02 34.49 -61.76
C LEU A 881 34.97 33.91 -62.70
N GLN A 882 34.36 34.75 -63.52
CA GLN A 882 33.24 34.29 -64.34
C GLN A 882 33.69 33.26 -65.37
N ILE A 883 32.78 32.34 -65.70
CA ILE A 883 33.04 31.30 -66.70
C ILE A 883 31.75 30.92 -67.42
N PRO A 884 31.69 31.03 -68.74
CA PRO A 884 30.48 30.62 -69.47
C PRO A 884 30.23 29.12 -69.31
N PHE A 885 28.95 28.75 -69.33
CA PHE A 885 28.57 27.34 -69.27
C PHE A 885 29.15 26.54 -70.42
N ALA A 886 29.38 27.18 -71.57
CA ALA A 886 30.00 26.49 -72.68
C ALA A 886 31.39 25.99 -72.32
N MET A 887 32.00 26.57 -71.29
CA MET A 887 33.26 26.06 -70.77
C MET A 887 33.10 25.39 -69.42
N GLN A 888 32.06 25.74 -68.67
CA GLN A 888 31.85 25.15 -67.36
C GLN A 888 31.71 23.64 -67.44
N MET A 889 31.13 23.14 -68.54
CA MET A 889 30.97 21.71 -68.69
C MET A 889 32.03 21.10 -69.61
N ALA A 890 32.63 21.90 -70.48
CA ALA A 890 33.72 21.39 -71.31
C ALA A 890 34.89 20.94 -70.44
N TYR A 891 35.15 21.68 -69.36
CA TYR A 891 36.15 21.28 -68.38
C TYR A 891 35.82 19.91 -67.80
N ARG A 892 34.55 19.65 -67.55
CA ARG A 892 34.20 18.51 -66.70
C ARG A 892 33.89 17.23 -67.46
N PHE A 893 33.77 17.26 -68.79
CA PHE A 893 33.98 16.03 -69.53
C PHE A 893 35.37 15.47 -69.25
N ASN A 894 36.40 16.31 -69.42
CA ASN A 894 37.75 15.89 -69.09
C ASN A 894 37.90 15.64 -67.60
N GLY A 895 37.08 16.30 -66.78
CA GLY A 895 36.98 15.95 -65.38
C GLY A 895 36.40 14.58 -65.13
N ILE A 896 35.63 14.04 -66.09
CA ILE A 896 35.16 12.67 -66.03
C ILE A 896 36.00 11.72 -66.87
N GLY A 897 36.42 12.12 -68.05
CA GLY A 897 37.10 11.23 -68.95
C GLY A 897 36.64 11.51 -70.36
N VAL A 898 35.44 12.07 -70.46
CA VAL A 898 34.94 12.51 -71.75
C VAL A 898 35.80 13.69 -72.22
N THR A 899 35.67 14.03 -73.50
CA THR A 899 36.45 15.11 -74.09
C THR A 899 35.51 16.23 -74.55
N GLN A 900 35.92 17.47 -74.32
CA GLN A 900 35.09 18.61 -74.69
C GLN A 900 34.91 18.75 -76.19
N ASN A 901 35.67 18.01 -77.00
CA ASN A 901 35.43 18.01 -78.44
C ASN A 901 34.04 17.47 -78.77
N VAL A 902 33.61 16.41 -78.07
CA VAL A 902 32.27 15.88 -78.34
C VAL A 902 31.22 16.91 -77.93
N LEU A 903 31.49 17.68 -76.87
CA LEU A 903 30.62 18.80 -76.57
C LEU A 903 30.54 19.76 -77.74
N TYR A 904 31.69 20.21 -78.25
CA TYR A 904 31.67 21.14 -79.37
C TYR A 904 31.00 20.55 -80.61
N GLU A 905 30.96 19.22 -80.71
CA GLU A 905 30.42 18.58 -81.90
C GLU A 905 28.94 18.22 -81.77
N ASN A 906 28.41 18.09 -80.56
CA ASN A 906 27.04 17.62 -80.41
C ASN A 906 26.30 18.37 -79.29
N GLN A 907 26.76 19.57 -78.96
CA GLN A 907 26.22 20.29 -77.82
C GLN A 907 24.85 20.91 -78.08
N LYS A 908 24.51 21.23 -79.32
CA LYS A 908 23.15 21.68 -79.59
C LYS A 908 22.13 20.61 -79.24
N LEU A 909 22.39 19.38 -79.68
CA LEU A 909 21.58 18.26 -79.23
C LEU A 909 21.66 18.12 -77.72
N ILE A 910 22.88 18.05 -77.18
CA ILE A 910 23.10 17.96 -75.74
C ILE A 910 22.13 18.88 -75.01
N ALA A 911 22.01 20.11 -75.48
CA ALA A 911 21.06 21.05 -74.91
C ALA A 911 19.63 20.61 -75.14
N ASN A 912 19.32 20.13 -76.35
CA ASN A 912 17.94 19.74 -76.63
C ASN A 912 17.50 18.62 -75.72
N GLN A 913 18.31 17.57 -75.60
CA GLN A 913 18.01 16.50 -74.65
C GLN A 913 18.19 16.94 -73.21
N PHE A 914 18.92 18.01 -72.95
CA PHE A 914 18.93 18.59 -71.62
C PHE A 914 17.55 19.15 -71.28
N ASN A 915 16.97 19.88 -72.22
CA ASN A 915 15.59 20.34 -72.05
C ASN A 915 14.63 19.17 -71.98
N SER A 916 14.89 18.10 -72.73
CA SER A 916 14.07 16.91 -72.64
C SER A 916 14.15 16.32 -71.24
N ALA A 917 15.34 16.30 -70.66
CA ALA A 917 15.49 15.84 -69.29
C ALA A 917 14.72 16.72 -68.34
N ILE A 918 14.72 18.02 -68.58
CA ILE A 918 13.94 18.93 -67.75
C ILE A 918 12.46 18.62 -67.88
N GLY A 919 12.01 18.34 -69.10
CA GLY A 919 10.63 17.95 -69.30
C GLY A 919 10.29 16.66 -68.58
N LYS A 920 11.23 15.71 -68.59
CA LYS A 920 11.05 14.49 -67.81
C LYS A 920 10.94 14.83 -66.34
N ILE A 921 11.73 15.78 -65.86
CA ILE A 921 11.62 16.25 -64.49
C ILE A 921 10.20 16.69 -64.20
N GLN A 922 9.71 17.67 -64.95
CA GLN A 922 8.42 18.24 -64.64
C GLN A 922 7.31 17.20 -64.77
N ASP A 923 7.42 16.31 -65.75
CA ASP A 923 6.41 15.28 -65.93
C ASP A 923 6.42 14.29 -64.77
N SER A 924 7.53 13.58 -64.60
CA SER A 924 7.65 12.55 -63.57
C SER A 924 7.74 13.10 -62.16
N LEU A 925 7.65 14.42 -61.99
CA LEU A 925 7.58 15.00 -60.66
C LEU A 925 6.33 15.84 -60.43
N SER A 926 5.49 16.01 -61.45
CA SER A 926 4.23 16.70 -61.25
C SER A 926 3.34 15.95 -60.26
N SER A 927 2.92 14.75 -60.63
CA SER A 927 2.14 13.89 -59.75
C SER A 927 2.84 12.59 -59.40
N THR A 928 3.75 12.11 -60.25
CA THR A 928 4.55 10.93 -59.94
C THR A 928 5.49 11.24 -58.79
N ALA A 929 5.26 10.62 -57.64
CA ALA A 929 6.06 10.89 -56.46
C ALA A 929 7.27 9.96 -56.33
N SER A 930 7.38 8.95 -57.19
CA SER A 930 8.41 7.94 -57.01
C SER A 930 9.81 8.54 -57.11
N ALA A 931 10.04 9.39 -58.10
CA ALA A 931 11.37 9.98 -58.27
C ALA A 931 11.66 10.99 -57.18
N LEU A 932 10.67 11.81 -56.81
CA LEU A 932 10.83 12.80 -55.74
C LEU A 932 10.61 12.20 -54.36
N GLY A 933 10.68 10.88 -54.24
CA GLY A 933 10.26 10.19 -53.04
C GLY A 933 10.87 10.63 -51.74
N LYS A 934 12.18 10.47 -51.59
CA LYS A 934 12.75 10.38 -50.25
C LYS A 934 12.80 11.72 -49.51
N LEU A 935 12.81 12.87 -50.19
CA LEU A 935 12.68 14.12 -49.45
C LEU A 935 11.33 14.23 -48.77
N GLN A 936 10.27 13.99 -49.55
CA GLN A 936 8.94 13.93 -48.95
C GLN A 936 8.88 12.86 -47.89
N ASP A 937 9.57 11.75 -48.11
CA ASP A 937 9.59 10.68 -47.12
C ASP A 937 10.22 11.17 -45.82
N VAL A 938 11.32 11.91 -45.91
CA VAL A 938 12.01 12.39 -44.73
C VAL A 938 11.14 13.36 -43.96
N VAL A 939 10.52 14.31 -44.67
CA VAL A 939 9.62 15.20 -43.97
C VAL A 939 8.43 14.42 -43.43
N ASN A 940 8.11 13.27 -44.02
CA ASN A 940 7.12 12.41 -43.37
C ASN A 940 7.65 11.95 -42.02
N GLN A 941 8.73 11.16 -41.95
CA GLN A 941 9.06 10.64 -40.63
C GLN A 941 9.28 11.78 -39.65
N ASN A 942 9.64 12.95 -40.16
CA ASN A 942 9.55 14.15 -39.34
C ASN A 942 8.12 14.37 -38.84
N ALA A 943 7.15 14.32 -39.75
CA ALA A 943 5.78 14.64 -39.42
C ALA A 943 5.20 13.63 -38.43
N GLN A 944 5.30 12.35 -38.74
CA GLN A 944 4.81 11.37 -37.77
C GLN A 944 5.73 11.20 -36.58
N ALA A 945 6.95 11.72 -36.61
CA ALA A 945 7.71 11.83 -35.38
C ALA A 945 7.07 12.85 -34.46
N LEU A 946 6.71 14.00 -35.02
CA LEU A 946 5.94 14.97 -34.27
C LEU A 946 4.60 14.39 -33.86
N ASN A 947 4.04 13.53 -34.70
CA ASN A 947 2.71 12.97 -34.45
C ASN A 947 2.75 11.97 -33.30
N THR A 948 3.76 11.11 -33.27
CA THR A 948 3.92 10.23 -32.12
C THR A 948 4.36 11.01 -30.90
N LEU A 949 5.02 12.16 -31.09
CA LEU A 949 5.31 13.03 -29.97
C LEU A 949 4.04 13.56 -29.33
N VAL A 950 3.09 13.98 -30.15
CA VAL A 950 1.87 14.56 -29.58
C VAL A 950 0.92 13.48 -29.08
N LYS A 951 0.69 12.44 -29.88
CA LYS A 951 -0.21 11.38 -29.44
C LYS A 951 0.42 10.46 -28.42
N GLN A 952 1.72 10.61 -28.16
CA GLN A 952 2.31 9.98 -26.99
C GLN A 952 1.60 10.46 -25.73
N LEU A 953 1.13 11.70 -25.74
CA LEU A 953 0.29 12.18 -24.65
C LEU A 953 -0.95 11.32 -24.52
N SER A 954 -1.56 10.99 -25.66
CA SER A 954 -2.68 10.05 -25.65
C SER A 954 -2.26 8.69 -25.11
N SER A 955 -0.99 8.33 -25.25
CA SER A 955 -0.50 7.11 -24.61
C SER A 955 -0.35 7.38 -23.12
N ASN A 956 -1.46 7.32 -22.40
CA ASN A 956 -1.50 7.68 -20.99
C ASN A 956 -0.93 6.54 -20.16
N PHE A 957 0.19 6.81 -19.49
CA PHE A 957 0.97 5.75 -18.86
C PHE A 957 0.38 5.49 -17.47
N GLY A 958 -0.75 4.81 -17.48
CA GLY A 958 -1.52 4.66 -16.26
C GLY A 958 -2.37 5.86 -15.93
N ALA A 959 -2.42 6.85 -16.82
CA ALA A 959 -3.28 8.01 -16.68
C ALA A 959 -4.62 7.72 -17.34
N ILE A 960 -5.51 8.71 -17.30
CA ILE A 960 -6.84 8.56 -17.88
C ILE A 960 -7.09 9.67 -18.89
N SER A 961 -6.02 10.30 -19.38
CA SER A 961 -6.18 11.40 -20.32
C SER A 961 -4.87 11.61 -21.07
N SER A 962 -4.96 12.41 -22.13
CA SER A 962 -3.79 12.85 -22.89
C SER A 962 -2.87 13.64 -21.98
N VAL A 963 -3.37 14.75 -21.45
CA VAL A 963 -2.63 15.57 -20.49
C VAL A 963 -3.33 15.47 -19.16
N LEU A 964 -2.54 15.44 -18.09
CA LEU A 964 -3.14 15.31 -16.76
C LEU A 964 -3.80 16.56 -16.30
N ASN A 965 -4.03 17.59 -17.12
CA ASN A 965 -4.59 18.84 -16.61
C ASN A 965 -5.86 18.59 -15.79
N ASP A 966 -6.75 17.77 -16.33
CA ASP A 966 -7.89 17.30 -15.55
C ASP A 966 -7.44 16.56 -14.30
N ILE A 967 -6.49 15.63 -14.45
CA ILE A 967 -5.95 14.92 -13.30
C ILE A 967 -5.18 15.89 -12.39
N LEU A 968 -4.48 16.86 -12.99
CA LEU A 968 -3.78 17.86 -12.20
C LEU A 968 -4.73 18.58 -11.25
N SER A 969 -5.90 18.99 -11.75
CA SER A 969 -6.87 19.64 -10.89
C SER A 969 -7.61 18.63 -10.01
N ARG A 970 -7.56 17.34 -10.37
CA ARG A 970 -8.34 16.34 -9.64
C ARG A 970 -7.85 16.16 -8.21
N LEU A 971 -6.53 16.12 -8.01
CA LEU A 971 -5.97 15.72 -6.73
C LEU A 971 -5.24 16.87 -6.04
N ASP A 972 -5.12 16.74 -4.73
CA ASP A 972 -4.44 17.73 -3.91
C ASP A 972 -2.97 17.82 -4.35
N PRO A 973 -2.39 19.02 -4.40
CA PRO A 973 -0.98 19.16 -4.80
C PRO A 973 -0.05 18.20 -4.10
N PRO A 974 -0.33 17.76 -2.85
CA PRO A 974 0.38 16.57 -2.34
C PRO A 974 0.04 15.29 -3.08
N GLU A 975 -1.27 15.01 -3.20
CA GLU A 975 -1.69 13.86 -3.98
C GLU A 975 -1.33 14.04 -5.45
N ALA A 976 -1.43 15.26 -5.95
CA ALA A 976 -0.92 15.55 -7.29
C ALA A 976 0.56 15.23 -7.37
N GLU A 977 1.33 15.61 -6.35
CA GLU A 977 2.74 15.27 -6.37
C GLU A 977 2.93 13.77 -6.50
N VAL A 978 2.25 13.00 -5.64
CA VAL A 978 2.50 11.56 -5.61
C VAL A 978 1.96 10.86 -6.84
N GLN A 979 1.04 11.46 -7.60
CA GLN A 979 0.60 10.81 -8.84
C GLN A 979 1.39 11.30 -10.06
N ILE A 980 1.37 12.60 -10.31
CA ILE A 980 2.22 13.19 -11.36
C ILE A 980 3.67 12.73 -11.25
N ASP A 981 4.14 12.33 -10.07
CA ASP A 981 5.48 11.74 -10.00
C ASP A 981 5.67 10.65 -11.04
N ARG A 982 4.98 9.51 -10.91
CA ARG A 982 5.23 8.47 -11.90
C ARG A 982 4.54 8.75 -13.23
N LEU A 983 3.41 9.46 -13.21
CA LEU A 983 2.72 9.70 -14.48
C LEU A 983 3.57 10.56 -15.41
N ILE A 984 3.95 11.74 -14.96
CA ILE A 984 4.78 12.60 -15.78
C ILE A 984 6.22 12.10 -15.80
N THR A 985 6.61 11.18 -14.91
CA THR A 985 7.89 10.50 -15.13
C THR A 985 7.83 9.63 -16.37
N GLY A 986 6.73 8.89 -16.53
CA GLY A 986 6.52 8.17 -17.78
C GLY A 986 6.47 9.12 -18.95
N ARG A 987 5.87 10.29 -18.76
CA ARG A 987 5.82 11.27 -19.84
C ARG A 987 7.21 11.77 -20.22
N LEU A 988 8.07 12.06 -19.24
CA LEU A 988 9.42 12.53 -19.56
C LEU A 988 10.28 11.42 -20.14
N GLN A 989 10.10 10.18 -19.70
CA GLN A 989 10.84 9.12 -20.38
C GLN A 989 10.31 8.92 -21.80
N SER A 990 9.03 9.19 -22.01
CA SER A 990 8.51 9.23 -23.38
C SER A 990 9.19 10.31 -24.19
N LEU A 991 9.38 11.48 -23.59
CA LEU A 991 10.13 12.55 -24.24
C LEU A 991 11.54 12.10 -24.58
N GLN A 992 12.18 11.43 -23.64
CA GLN A 992 13.55 10.96 -23.86
C GLN A 992 13.58 9.99 -25.01
N THR A 993 12.62 9.07 -25.07
CA THR A 993 12.53 8.15 -26.20
C THR A 993 12.39 8.92 -27.49
N TYR A 994 11.42 9.83 -27.53
CA TYR A 994 11.14 10.58 -28.75
C TYR A 994 12.38 11.31 -29.22
N VAL A 995 13.00 12.07 -28.31
CA VAL A 995 14.18 12.82 -28.68
C VAL A 995 15.33 11.87 -29.00
N THR A 996 15.26 10.62 -28.55
CA THR A 996 16.30 9.68 -28.93
C THR A 996 16.16 9.28 -30.39
N GLN A 997 14.94 8.95 -30.83
CA GLN A 997 14.78 8.77 -32.27
C GLN A 997 15.08 10.06 -33.01
N GLN A 998 14.81 11.20 -32.39
CA GLN A 998 15.18 12.46 -33.02
C GLN A 998 16.69 12.57 -33.17
N LEU A 999 17.43 12.16 -32.14
CA LEU A 999 18.88 12.18 -32.22
C LEU A 999 19.37 11.25 -33.30
N ILE A 1000 18.79 10.06 -33.39
CA ILE A 1000 19.26 9.08 -34.37
C ILE A 1000 18.91 9.54 -35.78
N ARG A 1001 17.69 10.02 -35.97
CA ARG A 1001 17.29 10.60 -37.24
C ARG A 1001 18.23 11.74 -37.60
N ALA A 1002 18.48 12.62 -36.63
CA ALA A 1002 19.42 13.70 -36.85
C ALA A 1002 20.79 13.17 -37.18
N ALA A 1003 21.15 12.02 -36.63
CA ALA A 1003 22.46 11.45 -36.91
C ALA A 1003 22.57 11.05 -38.37
N GLU A 1004 21.59 10.30 -38.85
CA GLU A 1004 21.61 9.96 -40.27
C GLU A 1004 21.42 11.20 -41.13
N ILE A 1005 20.78 12.23 -40.58
CA ILE A 1005 20.65 13.49 -41.31
C ILE A 1005 21.99 14.19 -41.41
N ARG A 1006 22.78 14.17 -40.34
CA ARG A 1006 24.12 14.74 -40.43
C ARG A 1006 24.97 13.95 -41.40
N ALA A 1007 24.82 12.63 -41.40
CA ALA A 1007 25.49 11.83 -42.41
C ALA A 1007 25.10 12.30 -43.80
N SER A 1008 23.80 12.39 -44.05
CA SER A 1008 23.32 12.82 -45.35
C SER A 1008 23.69 14.27 -45.62
N ALA A 1009 23.93 15.06 -44.59
CA ALA A 1009 24.16 16.47 -44.77
C ALA A 1009 25.61 16.73 -45.12
N ASN A 1010 26.52 16.07 -44.42
CA ASN A 1010 27.90 16.06 -44.88
C ASN A 1010 27.98 15.42 -46.25
N LEU A 1011 27.08 14.48 -46.54
CA LEU A 1011 26.99 13.95 -47.89
C LEU A 1011 26.54 15.02 -48.87
N ALA A 1012 25.62 15.88 -48.45
CA ALA A 1012 25.18 16.97 -49.31
C ALA A 1012 26.29 17.97 -49.52
N ALA A 1013 27.07 18.23 -48.48
CA ALA A 1013 28.25 19.06 -48.62
C ALA A 1013 29.22 18.43 -49.60
N THR A 1014 29.42 17.12 -49.46
CA THR A 1014 30.27 16.37 -50.38
C THR A 1014 29.81 16.55 -51.82
N LYS A 1015 28.53 16.29 -52.07
CA LYS A 1015 27.95 16.53 -53.40
C LYS A 1015 28.25 17.94 -53.86
N MET A 1016 27.72 18.93 -53.15
CA MET A 1016 27.82 20.32 -53.57
C MET A 1016 29.27 20.71 -53.82
N SER A 1017 30.12 20.62 -52.81
CA SER A 1017 31.48 21.09 -52.92
C SER A 1017 32.29 20.27 -53.91
N GLU A 1018 32.32 18.94 -53.74
CA GLU A 1018 33.21 18.11 -54.53
C GLU A 1018 32.74 17.94 -55.96
N CYS A 1019 31.50 18.32 -56.26
CA CYS A 1019 30.88 17.85 -57.48
C CYS A 1019 30.16 18.94 -58.25
N VAL A 1020 29.88 20.09 -57.63
CA VAL A 1020 29.20 21.20 -58.26
C VAL A 1020 30.07 22.44 -58.29
N LEU A 1021 30.76 22.72 -57.19
CA LEU A 1021 31.89 23.64 -57.18
C LEU A 1021 33.08 22.99 -57.87
N GLY A 1022 32.84 21.85 -58.48
CA GLY A 1022 33.89 21.06 -59.13
C GLY A 1022 33.27 19.83 -59.74
N GLN A 1023 33.90 18.67 -59.53
CA GLN A 1023 33.38 17.44 -60.09
C GLN A 1023 34.08 16.27 -59.42
N SER A 1024 33.32 15.34 -58.87
CA SER A 1024 33.90 14.16 -58.24
C SER A 1024 34.44 13.25 -59.34
N LYS A 1025 35.74 13.40 -59.64
CA LYS A 1025 36.37 12.54 -60.63
C LYS A 1025 36.18 11.08 -60.29
N ARG A 1026 36.07 10.77 -59.00
CA ARG A 1026 35.75 9.43 -58.55
C ARG A 1026 34.40 9.01 -59.12
N VAL A 1027 34.36 7.80 -59.69
CA VAL A 1027 33.28 7.40 -60.57
C VAL A 1027 31.96 7.28 -59.80
N ASP A 1028 30.86 7.50 -60.52
CA ASP A 1028 29.47 7.19 -60.17
C ASP A 1028 29.18 7.33 -58.68
N PHE A 1029 29.41 8.52 -58.14
CA PHE A 1029 28.96 8.86 -56.81
C PHE A 1029 27.89 9.94 -56.83
N CYS A 1030 27.90 10.83 -57.82
CA CYS A 1030 26.91 11.90 -57.91
C CYS A 1030 25.77 11.43 -58.82
N GLY A 1031 25.00 10.48 -58.30
CA GLY A 1031 23.91 9.89 -59.03
C GLY A 1031 24.38 8.80 -59.98
N LYS A 1032 23.40 8.10 -60.55
CA LYS A 1032 23.72 7.02 -61.48
C LYS A 1032 24.49 7.55 -62.68
N GLY A 1033 25.47 6.80 -63.11
CA GLY A 1033 26.37 7.28 -64.12
C GLY A 1033 27.36 8.27 -63.54
N TYR A 1034 28.04 8.96 -64.43
CA TYR A 1034 29.07 9.91 -64.05
C TYR A 1034 28.39 11.21 -63.61
N HIS A 1035 29.15 12.30 -63.52
CA HIS A 1035 28.55 13.58 -63.12
C HIS A 1035 29.22 14.75 -63.81
N LEU A 1036 28.40 15.68 -64.30
CA LEU A 1036 28.91 16.95 -64.80
C LEU A 1036 28.43 18.14 -63.98
N MET A 1037 27.12 18.38 -63.90
CA MET A 1037 26.60 19.50 -63.14
C MET A 1037 25.58 18.99 -62.14
N SER A 1038 25.27 19.83 -61.16
CA SER A 1038 24.09 19.63 -60.35
C SER A 1038 23.61 21.00 -59.91
N PHE A 1039 22.29 21.13 -59.79
CA PHE A 1039 21.68 22.45 -59.69
C PHE A 1039 20.85 22.48 -58.43
N PRO A 1040 21.30 23.20 -57.42
CA PRO A 1040 20.64 23.18 -56.11
C PRO A 1040 19.26 23.80 -56.19
N GLN A 1041 18.22 23.01 -56.03
CA GLN A 1041 16.88 23.56 -56.16
C GLN A 1041 16.14 23.42 -54.84
N SER A 1042 15.29 24.40 -54.55
CA SER A 1042 14.75 24.52 -53.20
C SER A 1042 13.92 23.31 -52.83
N ALA A 1043 14.02 22.95 -51.56
CA ALA A 1043 13.24 21.86 -51.00
C ALA A 1043 13.24 21.99 -49.48
N PRO A 1044 12.07 21.94 -48.85
CA PRO A 1044 12.02 22.07 -47.40
C PRO A 1044 12.94 21.09 -46.70
N HIS A 1045 13.97 21.64 -46.05
CA HIS A 1045 15.00 20.86 -45.38
C HIS A 1045 15.73 19.89 -46.30
N GLY A 1046 15.61 20.07 -47.61
CA GLY A 1046 16.23 19.15 -48.55
C GLY A 1046 16.70 19.86 -49.79
N VAL A 1047 17.14 19.08 -50.76
CA VAL A 1047 17.60 19.60 -52.05
C VAL A 1047 17.54 18.47 -53.07
N VAL A 1048 17.46 18.85 -54.34
CA VAL A 1048 17.65 17.93 -55.45
C VAL A 1048 18.88 18.35 -56.22
N PHE A 1049 19.68 17.39 -56.62
CA PHE A 1049 20.85 17.65 -57.44
C PHE A 1049 20.59 17.06 -58.81
N LEU A 1050 20.20 17.93 -59.75
CA LEU A 1050 19.81 17.50 -61.08
C LEU A 1050 21.07 17.16 -61.89
N HIS A 1051 21.65 16.00 -61.60
CA HIS A 1051 22.90 15.63 -62.25
C HIS A 1051 22.76 15.58 -63.77
N VAL A 1052 23.73 16.20 -64.42
CA VAL A 1052 23.97 16.02 -65.85
C VAL A 1052 25.02 14.92 -65.92
N THR A 1053 24.58 13.70 -66.16
CA THR A 1053 25.47 12.55 -66.19
C THR A 1053 25.67 12.08 -67.62
N TYR A 1054 26.92 11.84 -67.99
CA TYR A 1054 27.18 11.18 -69.26
C TYR A 1054 26.82 9.71 -69.13
N VAL A 1055 25.96 9.23 -70.02
CA VAL A 1055 25.54 7.83 -69.97
C VAL A 1055 25.70 7.20 -71.34
N PRO A 1056 26.49 6.12 -71.45
CA PRO A 1056 26.64 5.42 -72.72
C PRO A 1056 25.32 4.97 -73.33
N ALA A 1057 25.30 4.75 -74.64
CA ALA A 1057 24.08 4.33 -75.31
C ALA A 1057 24.25 3.21 -76.33
N GLN A 1058 25.48 2.81 -76.66
CA GLN A 1058 25.71 1.79 -77.68
C GLN A 1058 26.68 0.74 -77.16
N GLU A 1059 26.57 -0.47 -77.73
CA GLU A 1059 27.45 -1.59 -77.39
C GLU A 1059 28.21 -1.97 -78.66
N LYS A 1060 29.38 -1.37 -78.83
CA LYS A 1060 30.27 -1.72 -79.93
C LYS A 1060 31.14 -2.90 -79.50
N ASN A 1061 30.49 -3.95 -78.99
CA ASN A 1061 31.17 -5.02 -78.25
C ASN A 1061 31.97 -5.86 -79.24
N PHE A 1062 33.18 -5.42 -79.53
CA PHE A 1062 33.98 -5.94 -80.64
C PHE A 1062 35.36 -6.32 -80.13
N THR A 1063 36.19 -6.80 -81.06
CA THR A 1063 37.49 -7.37 -80.72
C THR A 1063 38.43 -6.31 -80.17
N THR A 1064 39.56 -6.74 -79.61
CA THR A 1064 40.38 -5.90 -78.76
C THR A 1064 41.86 -6.03 -79.12
N ALA A 1065 42.65 -5.12 -78.54
CA ALA A 1065 44.11 -5.11 -78.62
C ALA A 1065 44.67 -4.37 -77.41
N PRO A 1066 45.28 -5.06 -76.45
CA PRO A 1066 45.75 -4.38 -75.23
C PRO A 1066 46.81 -3.34 -75.50
N ALA A 1067 47.66 -3.57 -76.50
CA ALA A 1067 48.75 -2.67 -76.81
C ALA A 1067 49.23 -2.99 -78.22
N ILE A 1068 50.35 -2.40 -78.62
CA ILE A 1068 50.84 -2.48 -79.99
C ILE A 1068 52.28 -2.98 -79.94
N CYS A 1069 52.45 -4.30 -80.00
CA CYS A 1069 53.78 -4.90 -80.11
C CYS A 1069 54.31 -4.61 -81.51
N HIS A 1070 55.19 -3.59 -81.63
CA HIS A 1070 55.76 -3.28 -82.92
C HIS A 1070 57.07 -4.03 -83.14
N ASP A 1071 58.05 -3.80 -82.28
CA ASP A 1071 59.34 -4.49 -82.35
C ASP A 1071 59.77 -4.90 -80.94
N GLY A 1072 58.84 -5.47 -80.19
CA GLY A 1072 59.05 -5.81 -78.80
C GLY A 1072 58.57 -4.76 -77.83
N LYS A 1073 58.23 -3.57 -78.31
CA LYS A 1073 57.69 -2.50 -77.50
C LYS A 1073 56.20 -2.33 -77.80
N ALA A 1074 55.50 -1.67 -76.88
CA ALA A 1074 54.06 -1.50 -76.96
C ALA A 1074 53.70 -0.03 -77.10
N HIS A 1075 52.87 0.29 -78.10
CA HIS A 1075 52.36 1.63 -78.28
C HIS A 1075 51.01 1.74 -77.58
N PHE A 1076 50.86 2.73 -76.70
CA PHE A 1076 49.62 2.93 -75.97
C PHE A 1076 49.64 4.24 -75.22
N PRO A 1077 48.54 5.00 -75.23
CA PRO A 1077 48.37 6.07 -74.25
C PRO A 1077 48.07 5.48 -72.87
N ARG A 1078 48.27 6.31 -71.85
CA ARG A 1078 47.95 5.90 -70.49
C ARG A 1078 46.48 5.55 -70.38
N GLU A 1079 45.62 6.36 -70.98
CA GLU A 1079 44.21 6.04 -71.11
C GLU A 1079 43.99 5.32 -72.45
N GLY A 1080 42.73 5.13 -72.82
CA GLY A 1080 42.40 4.63 -74.14
C GLY A 1080 42.68 3.16 -74.37
N VAL A 1081 41.97 2.56 -75.31
CA VAL A 1081 42.20 1.19 -75.74
C VAL A 1081 42.21 1.16 -77.26
N PHE A 1082 43.09 0.34 -77.83
CA PHE A 1082 43.10 0.12 -79.28
C PHE A 1082 41.95 -0.81 -79.63
N VAL A 1083 40.97 -0.28 -80.36
CA VAL A 1083 39.71 -0.97 -80.60
C VAL A 1083 39.43 -1.00 -82.10
N SER A 1084 38.72 -2.04 -82.53
CA SER A 1084 38.23 -2.13 -83.90
C SER A 1084 37.11 -3.15 -83.96
N ASN A 1085 36.17 -2.90 -84.87
CA ASN A 1085 35.31 -3.98 -85.33
C ASN A 1085 36.10 -4.99 -86.14
N GLY A 1086 37.29 -4.61 -86.61
CA GLY A 1086 38.13 -5.47 -87.42
C GLY A 1086 38.74 -4.72 -88.57
N THR A 1087 38.09 -3.62 -88.97
CA THR A 1087 38.58 -2.86 -90.13
C THR A 1087 39.85 -2.09 -89.78
N HIS A 1088 39.76 -1.18 -88.82
CA HIS A 1088 40.88 -0.32 -88.47
C HIS A 1088 41.00 -0.26 -86.96
N TRP A 1089 42.13 -0.72 -86.43
CA TRP A 1089 42.38 -0.59 -85.00
C TRP A 1089 42.68 0.86 -84.66
N PHE A 1090 41.79 1.46 -83.87
CA PHE A 1090 41.91 2.85 -83.48
C PHE A 1090 41.89 2.95 -81.96
N VAL A 1091 42.44 4.05 -81.46
CA VAL A 1091 42.40 4.39 -80.05
C VAL A 1091 41.13 5.21 -79.80
N THR A 1092 40.47 4.92 -78.68
CA THR A 1092 39.27 5.65 -78.31
C THR A 1092 39.19 5.73 -76.80
N GLN A 1093 38.42 6.71 -76.34
CA GLN A 1093 38.34 6.97 -74.92
C GLN A 1093 37.57 5.87 -74.21
N ARG A 1094 37.82 5.72 -72.91
CA ARG A 1094 37.32 4.64 -72.09
C ARG A 1094 35.81 4.67 -71.88
N ASN A 1095 35.13 5.74 -72.25
CA ASN A 1095 33.68 5.79 -72.08
C ASN A 1095 32.94 6.35 -73.28
N PHE A 1096 33.64 6.76 -74.35
CA PHE A 1096 33.01 7.26 -75.55
C PHE A 1096 33.74 6.70 -76.76
N TYR A 1097 32.98 6.22 -77.74
CA TYR A 1097 33.58 5.68 -78.97
C TYR A 1097 33.82 6.82 -79.96
N GLU A 1098 34.94 7.50 -79.75
CA GLU A 1098 35.51 8.40 -80.76
C GLU A 1098 36.86 7.80 -81.13
N PRO A 1099 36.91 6.85 -82.05
CA PRO A 1099 38.18 6.25 -82.43
C PRO A 1099 39.10 7.25 -83.11
N GLN A 1100 40.41 7.04 -82.94
CA GLN A 1100 41.41 7.95 -83.50
C GLN A 1100 42.56 7.16 -84.09
N ILE A 1101 43.29 7.82 -84.99
CA ILE A 1101 44.47 7.24 -85.63
C ILE A 1101 45.56 7.05 -84.57
N ILE A 1102 46.31 5.95 -84.69
CA ILE A 1102 47.49 5.76 -83.86
C ILE A 1102 48.50 6.85 -84.20
N THR A 1103 48.86 7.65 -83.20
CA THR A 1103 49.79 8.76 -83.38
C THR A 1103 50.79 8.74 -82.24
N THR A 1104 52.02 9.19 -82.54
CA THR A 1104 53.05 9.22 -81.51
C THR A 1104 52.72 10.17 -80.37
N ASP A 1105 51.76 11.07 -80.57
CA ASP A 1105 51.38 12.01 -79.53
C ASP A 1105 50.41 11.37 -78.53
N ASN A 1106 49.25 10.92 -79.01
CA ASN A 1106 48.34 10.20 -78.14
C ASN A 1106 48.95 8.89 -77.67
N THR A 1107 49.44 8.11 -78.61
CA THR A 1107 50.02 6.80 -78.32
C THR A 1107 51.53 6.98 -78.17
N PHE A 1108 52.02 6.81 -76.94
CA PHE A 1108 53.43 6.99 -76.62
C PHE A 1108 54.02 5.69 -76.10
N VAL A 1109 55.22 5.35 -76.60
CA VAL A 1109 55.85 4.08 -76.25
C VAL A 1109 56.28 4.10 -74.79
N SER A 1110 56.03 2.98 -74.10
CA SER A 1110 56.44 2.85 -72.71
C SER A 1110 56.60 1.36 -72.39
N GLY A 1111 57.71 1.04 -71.73
CA GLY A 1111 57.95 -0.35 -71.34
C GLY A 1111 58.11 -1.25 -72.55
N ASN A 1112 57.66 -2.49 -72.39
CA ASN A 1112 57.62 -3.44 -73.50
C ASN A 1112 56.34 -4.23 -73.39
N CYS A 1113 56.11 -5.15 -74.33
CA CYS A 1113 54.89 -5.94 -74.38
C CYS A 1113 55.22 -7.42 -74.55
N ASP A 1114 56.14 -7.91 -73.73
CA ASP A 1114 56.66 -9.27 -73.85
C ASP A 1114 56.04 -10.23 -72.85
N VAL A 1115 54.99 -9.82 -72.13
CA VAL A 1115 54.47 -10.62 -71.03
C VAL A 1115 52.95 -10.66 -71.14
N VAL A 1116 52.43 -10.21 -72.27
CA VAL A 1116 51.02 -9.88 -72.43
C VAL A 1116 50.17 -11.16 -72.41
N ILE A 1117 48.86 -10.98 -72.21
CA ILE A 1117 47.86 -12.03 -72.37
C ILE A 1117 46.97 -11.59 -73.52
N GLY A 1118 47.18 -12.18 -74.70
CA GLY A 1118 46.36 -11.89 -75.86
C GLY A 1118 46.59 -10.53 -76.49
N ILE A 1119 47.72 -10.34 -77.15
CA ILE A 1119 47.98 -9.10 -77.88
C ILE A 1119 47.98 -9.40 -79.38
N VAL A 1120 47.75 -8.34 -80.16
CA VAL A 1120 47.87 -8.39 -81.61
C VAL A 1120 48.69 -7.18 -82.05
N ASN A 1121 49.44 -7.36 -83.13
CA ASN A 1121 50.32 -6.33 -83.63
C ASN A 1121 49.55 -5.28 -84.41
N ASN A 1122 50.21 -4.15 -84.65
CA ASN A 1122 49.65 -3.05 -85.43
C ASN A 1122 50.79 -2.10 -85.78
N THR A 1123 50.53 -1.19 -86.71
CA THR A 1123 51.50 -0.21 -87.13
C THR A 1123 51.28 1.11 -86.40
N VAL A 1124 52.28 1.99 -86.49
CA VAL A 1124 52.23 3.31 -85.85
C VAL A 1124 52.63 4.36 -86.87
N TYR A 1125 51.95 5.50 -86.84
CA TYR A 1125 52.18 6.57 -87.79
C TYR A 1125 52.29 7.91 -87.07
N ASP A 1126 52.99 8.84 -87.71
CA ASP A 1126 53.17 10.19 -87.19
C ASP A 1126 52.39 11.16 -88.06
N PRO A 1127 51.39 11.86 -87.52
CA PRO A 1127 50.62 12.86 -88.27
C PRO A 1127 51.44 14.12 -88.56
N PRO B 13 11.23 63.99 -2.06
CA PRO B 13 12.21 63.09 -1.45
C PRO B 13 13.41 62.83 -2.35
N ALA B 14 14.37 62.05 -1.85
CA ALA B 14 15.53 61.64 -2.63
C ALA B 14 15.59 60.11 -2.65
N TYR B 15 15.77 59.55 -3.85
CA TYR B 15 15.67 58.12 -4.06
C TYR B 15 16.88 57.59 -4.80
N THR B 16 18.08 57.93 -4.32
CA THR B 16 19.30 57.42 -4.93
C THR B 16 19.39 55.90 -4.72
N ASN B 17 19.77 55.19 -5.77
CA ASN B 17 19.82 53.73 -5.75
C ASN B 17 21.13 53.25 -5.13
N SER B 18 21.17 51.94 -4.88
CA SER B 18 22.35 51.31 -4.29
C SER B 18 23.28 50.80 -5.38
N PHE B 19 24.52 50.52 -4.99
CA PHE B 19 25.53 50.01 -5.91
C PHE B 19 25.37 48.49 -6.03
N THR B 20 26.37 47.85 -6.62
CA THR B 20 26.34 46.40 -6.85
C THR B 20 26.47 45.62 -5.55
N ARG B 21 26.43 46.30 -4.42
CA ARG B 21 26.55 45.68 -3.12
C ARG B 21 25.19 45.22 -2.59
N GLY B 22 25.24 44.23 -1.70
CA GLY B 22 24.03 43.64 -1.15
C GLY B 22 23.99 42.13 -1.14
N VAL B 23 25.15 41.48 -1.30
CA VAL B 23 25.23 40.04 -1.48
C VAL B 23 25.95 39.40 -0.30
N TYR B 24 25.67 38.11 -0.08
CA TYR B 24 26.32 37.29 0.93
C TYR B 24 26.71 35.96 0.30
N TYR B 25 27.54 35.21 1.01
CA TYR B 25 27.93 33.88 0.54
C TYR B 25 26.70 32.98 0.42
N PRO B 26 26.59 32.18 -0.65
CA PRO B 26 25.34 31.44 -0.90
C PRO B 26 24.91 30.55 0.25
N ASP B 27 25.80 29.67 0.73
CA ASP B 27 25.47 28.79 1.84
C ASP B 27 26.77 28.34 2.49
N LYS B 28 26.67 27.33 3.34
CA LYS B 28 27.83 26.83 4.08
C LYS B 28 28.73 25.98 3.19
N VAL B 29 29.23 26.58 2.11
CA VAL B 29 30.02 25.85 1.12
C VAL B 29 31.21 26.71 0.68
N PHE B 30 32.31 26.03 0.38
CA PHE B 30 33.45 26.64 -0.28
C PHE B 30 33.83 25.88 -1.53
N ARG B 31 34.17 26.63 -2.57
CA ARG B 31 34.54 26.07 -3.87
C ARG B 31 35.23 27.12 -4.72
N SER B 32 36.51 26.88 -5.01
CA SER B 32 37.42 27.93 -5.47
C SER B 32 37.69 27.83 -6.97
N SER B 33 38.09 28.97 -7.53
CA SER B 33 38.50 29.06 -8.93
C SER B 33 37.42 28.57 -9.87
N VAL B 34 36.16 28.79 -9.51
CA VAL B 34 35.04 28.16 -10.19
C VAL B 34 33.80 29.04 -10.06
N LEU B 35 33.01 29.08 -11.13
CA LEU B 35 31.83 29.94 -11.22
C LEU B 35 30.57 29.12 -10.99
N HIS B 36 29.52 29.80 -10.53
CA HIS B 36 28.26 29.12 -10.24
C HIS B 36 27.11 30.11 -10.39
N SER B 37 26.10 29.73 -11.17
CA SER B 37 24.85 30.48 -11.26
C SER B 37 23.91 29.97 -10.18
N THR B 38 24.39 30.01 -8.94
CA THR B 38 23.71 29.42 -7.81
C THR B 38 22.42 30.16 -7.49
N GLN B 39 21.40 29.40 -7.14
CA GLN B 39 20.06 29.92 -6.84
C GLN B 39 19.95 30.15 -5.34
N ASP B 40 19.81 31.41 -4.93
CA ASP B 40 19.50 31.75 -3.55
C ASP B 40 18.92 33.17 -3.52
N LEU B 41 18.81 33.74 -2.33
CA LEU B 41 17.97 34.90 -2.09
C LEU B 41 18.84 36.15 -2.05
N PHE B 42 18.65 37.05 -3.02
CA PHE B 42 19.59 38.12 -3.36
C PHE B 42 18.91 39.47 -3.51
N LEU B 43 19.64 40.52 -3.17
CA LEU B 43 19.26 41.88 -3.52
C LEU B 43 19.42 42.11 -5.01
N PRO B 44 18.38 42.55 -5.72
CA PRO B 44 18.55 42.94 -7.11
C PRO B 44 19.52 44.09 -7.26
N PHE B 45 20.32 44.06 -8.31
CA PHE B 45 21.27 45.12 -8.59
C PHE B 45 20.54 46.39 -9.04
N PHE B 46 21.19 47.53 -8.80
CA PHE B 46 20.81 48.84 -9.34
C PHE B 46 19.39 49.22 -9.01
N SER B 47 18.69 48.46 -8.17
CA SER B 47 17.36 48.83 -7.78
C SER B 47 17.39 50.11 -6.95
N ASN B 48 16.39 50.95 -7.18
CA ASN B 48 16.29 52.21 -6.45
C ASN B 48 16.18 51.94 -4.96
N VAL B 49 17.01 52.62 -4.17
CA VAL B 49 16.99 52.50 -2.72
C VAL B 49 16.86 53.89 -2.11
N THR B 50 16.92 53.97 -0.80
CA THR B 50 16.67 55.20 -0.10
C THR B 50 17.96 55.93 0.24
N TRP B 51 17.82 57.16 0.75
CA TRP B 51 18.90 57.94 1.33
C TRP B 51 18.32 58.61 2.59
N PHE B 52 18.41 57.90 3.70
CA PHE B 52 17.66 58.26 4.91
C PHE B 52 18.44 59.22 5.79
N HIS B 53 17.92 60.44 5.93
CA HIS B 53 18.51 61.44 6.80
C HIS B 53 17.71 61.48 8.10
N ALA B 54 18.16 60.67 9.05
CA ALA B 54 17.58 60.64 10.39
C ALA B 54 18.61 61.02 11.44
N ILE B 55 19.62 61.80 11.06
CA ILE B 55 20.79 62.06 11.88
C ILE B 55 20.48 63.18 12.86
N HIS B 56 21.31 63.31 13.89
CA HIS B 56 21.01 64.16 15.03
C HIS B 56 21.00 65.64 14.66
N VAL B 57 20.27 66.43 15.46
CA VAL B 57 20.27 67.88 15.39
C VAL B 57 21.55 68.35 16.07
N SER B 58 21.93 69.61 15.89
CA SER B 58 23.10 70.16 16.54
C SER B 58 22.71 71.25 17.54
N GLY B 59 23.73 71.84 18.17
CA GLY B 59 23.54 72.77 19.26
C GLY B 59 22.93 74.11 18.89
N THR B 60 22.99 74.50 17.61
CA THR B 60 22.35 75.73 17.16
C THR B 60 21.38 75.55 16.00
N ASN B 61 21.66 74.65 15.06
CA ASN B 61 20.68 74.28 14.04
C ASN B 61 21.04 72.90 13.50
N GLY B 62 20.44 72.54 12.38
CA GLY B 62 20.56 71.21 11.82
C GLY B 62 19.28 70.41 11.84
N THR B 63 18.13 71.07 11.98
CA THR B 63 16.85 70.37 12.13
C THR B 63 16.33 69.87 10.80
N LYS B 64 15.40 68.92 10.88
CA LYS B 64 14.67 68.37 9.74
C LYS B 64 13.61 67.46 10.34
N ARG B 65 12.67 67.03 9.50
CA ARG B 65 11.67 66.05 9.95
C ARG B 65 12.35 64.84 10.57
N PHE B 66 13.45 64.37 9.97
CA PHE B 66 14.27 63.29 10.49
C PHE B 66 13.42 62.06 10.83
N ASP B 67 12.68 61.60 9.82
CA ASP B 67 11.80 60.44 9.99
C ASP B 67 12.70 59.20 10.02
N ASN B 68 12.11 58.03 10.16
CA ASN B 68 12.90 56.85 10.45
C ASN B 68 13.22 56.05 9.19
N PRO B 69 14.45 55.53 9.08
CA PRO B 69 14.75 54.59 7.99
C PRO B 69 14.05 53.27 8.20
N VAL B 70 12.98 53.03 7.45
CA VAL B 70 12.17 51.85 7.68
C VAL B 70 11.71 51.25 6.36
N LEU B 71 12.18 50.05 6.08
CA LEU B 71 11.74 49.26 4.94
C LEU B 71 11.50 47.84 5.40
N PRO B 72 10.28 47.32 5.28
CA PRO B 72 9.98 45.98 5.80
C PRO B 72 10.88 44.92 5.18
N PHE B 73 11.09 43.85 5.96
CA PHE B 73 11.99 42.77 5.57
C PHE B 73 11.36 42.00 4.42
N ASN B 74 11.41 42.64 3.25
CA ASN B 74 10.85 42.05 2.03
C ASN B 74 11.86 41.06 1.49
N ASP B 75 11.74 39.82 1.96
CA ASP B 75 12.56 38.70 1.51
C ASP B 75 14.02 38.88 1.90
N GLY B 76 14.33 39.96 2.59
CA GLY B 76 15.70 40.27 2.95
C GLY B 76 16.02 41.73 2.71
N VAL B 77 16.99 42.27 3.44
CA VAL B 77 17.35 43.67 3.33
C VAL B 77 18.87 43.79 3.28
N TYR B 78 19.36 44.85 2.64
CA TYR B 78 20.77 45.18 2.60
C TYR B 78 20.98 46.53 3.27
N PHE B 79 21.97 46.58 4.16
CA PHE B 79 22.27 47.77 4.94
C PHE B 79 23.63 48.31 4.53
N ALA B 80 23.68 49.58 4.12
CA ALA B 80 24.92 50.17 3.59
C ALA B 80 25.10 51.61 4.06
N SER B 81 24.88 51.87 5.36
CA SER B 81 25.08 53.22 5.90
C SER B 81 26.49 53.31 6.46
N THR B 82 27.22 54.35 6.04
CA THR B 82 28.58 54.57 6.51
C THR B 82 28.55 55.68 7.54
N GLU B 83 28.39 55.30 8.80
CA GLU B 83 28.38 56.26 9.88
C GLU B 83 29.79 56.75 10.16
N LYS B 84 29.93 57.55 11.20
CA LYS B 84 31.25 57.93 11.70
C LYS B 84 31.40 57.76 13.20
N SER B 85 30.31 57.46 13.93
CA SER B 85 30.38 57.09 15.33
C SER B 85 29.53 55.88 15.70
N ASN B 86 28.51 55.55 14.92
CA ASN B 86 27.69 54.35 15.11
C ASN B 86 26.95 54.37 16.44
N ILE B 87 26.17 55.44 16.64
CA ILE B 87 25.29 55.49 17.81
C ILE B 87 24.10 54.57 17.64
N ILE B 88 23.81 54.14 16.42
CA ILE B 88 22.69 53.24 16.18
C ILE B 88 23.03 51.86 16.73
N ARG B 89 22.15 51.35 17.59
CA ARG B 89 22.36 50.07 18.25
C ARG B 89 21.29 49.05 17.87
N GLY B 90 20.02 49.41 18.00
CA GLY B 90 18.96 48.43 17.84
C GLY B 90 18.91 47.88 16.43
N TRP B 91 18.71 46.57 16.32
CA TRP B 91 18.42 45.87 15.07
C TRP B 91 17.20 45.00 15.33
N ILE B 92 16.03 45.59 15.21
CA ILE B 92 14.79 44.96 15.64
C ILE B 92 14.33 44.03 14.51
N PHE B 93 14.52 42.73 14.72
CA PHE B 93 14.11 41.70 13.75
C PHE B 93 12.98 40.90 14.40
N GLY B 94 11.74 41.37 14.21
CA GLY B 94 10.59 40.66 14.70
C GLY B 94 9.61 40.42 13.58
N THR B 95 8.87 39.31 13.70
CA THR B 95 7.92 38.96 12.66
C THR B 95 6.86 40.04 12.49
N THR B 96 6.32 40.53 13.61
CA THR B 96 5.32 41.59 13.58
C THR B 96 5.57 42.71 14.57
N LEU B 97 6.38 42.49 15.61
CA LEU B 97 6.70 43.43 16.68
C LEU B 97 5.51 43.79 17.55
N ASP B 98 4.33 43.20 17.33
CA ASP B 98 3.13 43.59 18.09
C ASP B 98 2.93 42.69 19.31
N SER B 99 3.94 42.70 20.17
CA SER B 99 3.90 42.04 21.48
C SER B 99 3.58 40.55 21.39
N LYS B 100 3.90 39.91 20.27
CA LYS B 100 3.59 38.50 20.11
C LYS B 100 4.69 37.69 19.46
N THR B 101 5.82 38.30 19.11
CA THR B 101 6.91 37.57 18.46
C THR B 101 8.22 37.92 19.16
N GLN B 102 9.13 36.94 19.20
CA GLN B 102 10.42 37.12 19.86
C GLN B 102 11.35 37.88 18.92
N SER B 103 11.40 39.19 19.08
CA SER B 103 12.20 40.04 18.21
C SER B 103 13.66 39.99 18.64
N LEU B 104 14.50 39.37 17.83
CA LEU B 104 15.91 39.26 18.16
C LEU B 104 16.57 40.64 18.09
N LEU B 105 17.32 40.97 19.13
CA LEU B 105 18.02 42.25 19.23
C LEU B 105 19.48 42.06 18.85
N ILE B 106 20.00 42.94 18.01
CA ILE B 106 21.39 42.92 17.59
C ILE B 106 21.98 44.31 17.75
N VAL B 107 23.08 44.41 18.47
CA VAL B 107 23.86 45.64 18.60
C VAL B 107 25.29 45.33 18.21
N ASN B 108 25.86 46.16 17.33
CA ASN B 108 27.16 45.85 16.77
C ASN B 108 28.11 47.03 16.91
N ASN B 109 29.39 46.68 17.08
CA ASN B 109 30.52 47.60 17.05
C ASN B 109 31.67 46.76 16.52
N ALA B 110 32.91 47.09 16.87
CA ALA B 110 34.05 46.49 16.19
C ALA B 110 34.13 44.98 16.48
N THR B 111 33.26 44.23 15.82
CA THR B 111 33.32 42.77 15.71
C THR B 111 33.18 42.09 17.08
N ASN B 112 32.03 42.34 17.71
CA ASN B 112 31.51 41.53 18.81
C ASN B 112 30.07 41.97 19.09
N VAL B 113 29.21 41.04 19.51
CA VAL B 113 27.77 41.30 19.54
C VAL B 113 27.18 40.70 20.80
N VAL B 114 26.19 41.41 21.37
CA VAL B 114 25.32 40.82 22.38
C VAL B 114 23.98 40.47 21.73
N ILE B 115 23.37 39.39 22.21
CA ILE B 115 22.19 38.83 21.56
C ILE B 115 21.08 38.63 22.58
N LYS B 116 19.88 39.11 22.23
CA LYS B 116 18.66 38.84 22.99
C LYS B 116 17.48 38.93 22.01
N VAL B 117 16.40 38.24 22.35
CA VAL B 117 15.29 38.08 21.42
C VAL B 117 13.96 38.54 22.01
N CYS B 118 14.02 39.48 22.95
CA CYS B 118 12.83 39.89 23.69
C CYS B 118 11.79 40.53 22.76
N GLU B 119 10.58 40.69 23.29
CA GLU B 119 9.50 41.34 22.56
C GLU B 119 9.77 42.85 22.48
N PHE B 120 8.81 43.56 21.87
CA PHE B 120 8.92 45.01 21.75
C PHE B 120 7.53 45.63 21.85
N GLN B 121 7.34 46.46 22.87
CA GLN B 121 6.13 47.28 23.04
C GLN B 121 6.55 48.71 23.39
N PHE B 122 7.51 49.23 22.63
CA PHE B 122 8.09 50.54 22.90
C PHE B 122 7.08 51.65 22.59
N CYS B 123 7.53 52.89 22.77
CA CYS B 123 6.76 54.07 22.42
C CYS B 123 7.37 54.71 21.18
N ASN B 124 6.52 55.05 20.21
CA ASN B 124 6.97 55.53 18.90
C ASN B 124 7.90 54.49 18.27
N ASP B 125 9.20 54.68 18.45
CA ASP B 125 10.23 53.73 18.11
C ASP B 125 11.34 54.03 19.10
N PRO B 126 12.04 52.99 19.63
CA PRO B 126 12.98 53.23 20.74
C PRO B 126 13.95 54.36 20.44
N PHE B 127 13.80 55.46 21.16
CA PHE B 127 14.48 56.71 20.82
C PHE B 127 15.18 57.28 22.04
N LEU B 128 16.15 58.16 21.76
CA LEU B 128 17.02 58.70 22.79
C LEU B 128 17.09 60.22 22.68
N GLY B 129 18.03 60.84 23.35
CA GLY B 129 18.25 62.26 23.20
C GLY B 129 19.70 62.62 22.97
N VAL B 130 20.01 63.18 21.80
CA VAL B 130 21.36 63.62 21.47
C VAL B 130 21.43 65.12 21.67
N TYR B 131 22.45 65.57 22.39
CA TYR B 131 22.53 66.94 22.86
C TYR B 131 24.00 67.34 22.90
N TYR B 132 24.32 68.40 23.62
CA TYR B 132 25.70 68.80 23.75
C TYR B 132 26.35 68.13 24.95
N HIS B 133 27.68 68.20 24.99
CA HIS B 133 28.46 67.84 26.17
C HIS B 133 28.42 66.34 26.47
N LYS B 134 28.32 65.51 25.42
CA LYS B 134 28.14 64.08 25.63
C LYS B 134 28.46 63.32 24.33
N ASN B 135 28.07 62.04 24.29
CA ASN B 135 28.01 61.21 23.09
C ASN B 135 29.32 60.89 22.38
N ASN B 136 30.23 60.13 23.01
CA ASN B 136 31.18 59.34 22.23
C ASN B 136 31.06 57.84 22.49
N LYS B 137 31.36 57.35 23.69
CA LYS B 137 31.10 55.94 24.01
C LYS B 137 30.50 55.81 25.40
N SER B 138 30.91 56.71 26.30
CA SER B 138 30.44 56.77 27.67
C SER B 138 29.82 58.13 27.92
N TRP B 139 29.34 58.34 29.14
CA TRP B 139 28.52 59.50 29.42
C TRP B 139 29.15 60.44 30.44
N MET B 140 29.42 59.94 31.65
CA MET B 140 29.71 60.77 32.82
C MET B 140 28.50 61.68 33.09
N GLU B 141 27.45 61.55 32.27
CA GLU B 141 26.21 62.29 32.43
C GLU B 141 24.98 61.44 32.08
N SER B 142 25.13 60.12 32.02
CA SER B 142 24.01 59.18 31.88
C SER B 142 23.23 59.35 30.59
N GLU B 143 21.92 59.58 30.70
CA GLU B 143 20.99 59.60 29.58
C GLU B 143 21.05 58.27 28.86
N PHE B 144 20.72 58.25 27.57
CA PHE B 144 20.91 57.09 26.68
C PHE B 144 20.07 55.91 27.17
N ARG B 145 18.75 56.05 27.08
CA ARG B 145 17.85 54.99 27.52
C ARG B 145 18.00 53.74 26.65
N VAL B 146 17.94 52.57 27.29
CA VAL B 146 18.21 51.32 26.58
C VAL B 146 17.06 50.31 26.67
N TYR B 147 16.32 50.31 27.77
CA TYR B 147 15.37 49.23 28.05
C TYR B 147 13.93 49.69 27.85
N SER B 148 13.17 48.92 27.08
CA SER B 148 11.77 49.25 26.81
C SER B 148 10.83 48.06 26.83
N SER B 149 11.30 46.83 27.00
CA SER B 149 10.41 45.68 26.99
C SER B 149 11.10 44.48 27.62
N ALA B 150 10.31 43.66 28.32
CA ALA B 150 10.84 42.44 28.95
C ALA B 150 9.68 41.47 29.14
N ASN B 151 9.57 40.49 28.23
CA ASN B 151 8.57 39.45 28.39
C ASN B 151 9.18 38.05 28.33
N ASN B 152 10.11 37.82 27.40
CA ASN B 152 10.77 36.53 27.31
C ASN B 152 12.09 36.69 26.59
N CYS B 153 13.01 35.77 26.87
CA CYS B 153 14.38 35.77 26.36
C CYS B 153 14.71 34.40 25.79
N THR B 154 13.85 33.94 24.89
CA THR B 154 13.88 32.55 24.43
C THR B 154 15.23 32.14 23.84
N PHE B 155 16.03 33.10 23.37
CA PHE B 155 17.40 32.79 23.01
C PHE B 155 18.27 34.03 23.22
N GLU B 156 19.57 33.79 23.38
CA GLU B 156 20.54 34.82 23.68
C GLU B 156 21.90 34.33 23.24
N TYR B 157 22.86 35.26 23.17
CA TYR B 157 24.23 34.93 22.85
C TYR B 157 25.13 36.09 23.25
N VAL B 158 26.35 35.76 23.67
CA VAL B 158 27.37 36.74 24.01
C VAL B 158 28.65 36.36 23.28
N SER B 159 29.39 37.34 22.82
CA SER B 159 30.64 37.10 22.11
C SER B 159 31.72 36.59 23.05
N GLN B 170 41.69 61.74 10.29
CA GLN B 170 40.45 62.27 9.74
C GLN B 170 39.33 61.26 9.85
N GLY B 171 38.10 61.74 9.75
CA GLY B 171 36.94 60.87 9.71
C GLY B 171 36.44 60.55 8.32
N ASN B 172 37.26 60.75 7.29
CA ASN B 172 36.78 60.63 5.91
C ASN B 172 36.55 59.17 5.56
N PHE B 173 35.46 58.60 6.07
CA PHE B 173 35.06 57.23 5.75
C PHE B 173 36.15 56.24 6.11
N LYS B 174 36.46 56.09 7.40
CA LYS B 174 37.49 55.16 7.81
C LYS B 174 37.13 53.71 7.49
N ASN B 175 35.84 53.38 7.48
CA ASN B 175 35.38 52.02 7.23
C ASN B 175 33.89 52.08 6.92
N LEU B 176 33.33 50.93 6.55
CA LEU B 176 31.89 50.79 6.30
C LEU B 176 31.36 49.58 7.04
N ARG B 177 30.23 49.76 7.72
CA ARG B 177 29.57 48.70 8.47
C ARG B 177 28.31 48.32 7.69
N GLU B 178 28.44 47.38 6.75
CA GLU B 178 27.33 46.94 5.94
C GLU B 178 26.94 45.52 6.32
N PHE B 179 25.64 45.24 6.28
CA PHE B 179 25.12 43.94 6.71
C PHE B 179 23.93 43.56 5.85
N VAL B 180 23.96 42.36 5.30
CA VAL B 180 22.82 41.79 4.59
C VAL B 180 22.11 40.83 5.52
N PHE B 181 20.78 40.84 5.48
CA PHE B 181 19.99 39.98 6.32
C PHE B 181 19.04 39.17 5.45
N LYS B 182 19.00 37.86 5.67
CA LYS B 182 18.13 36.96 4.93
C LYS B 182 17.65 35.87 5.87
N ASN B 183 16.57 35.19 5.48
CA ASN B 183 15.99 34.15 6.30
C ASN B 183 15.67 32.95 5.43
N ILE B 184 16.01 31.77 5.93
CA ILE B 184 15.63 30.50 5.31
C ILE B 184 15.18 29.57 6.42
N ASP B 185 14.05 28.88 6.21
CA ASP B 185 13.56 27.82 7.11
C ASP B 185 13.45 28.30 8.56
N GLY B 186 13.44 29.61 8.76
CA GLY B 186 13.42 30.15 10.11
C GLY B 186 14.79 30.50 10.64
N TYR B 187 15.77 29.63 10.41
CA TYR B 187 17.13 29.94 10.84
C TYR B 187 17.60 31.23 10.16
N PHE B 188 18.27 32.06 10.93
CA PHE B 188 18.64 33.40 10.48
C PHE B 188 20.16 33.55 10.47
N LYS B 189 20.68 34.16 9.40
CA LYS B 189 22.11 34.31 9.18
C LYS B 189 22.47 35.80 9.19
N ILE B 190 23.24 36.21 10.19
CA ILE B 190 23.84 37.54 10.18
C ILE B 190 25.08 37.53 9.30
N TYR B 191 25.22 38.55 8.46
CA TYR B 191 26.43 38.76 7.69
C TYR B 191 27.00 40.13 8.00
N SER B 192 28.27 40.17 8.35
CA SER B 192 28.96 41.43 8.65
C SER B 192 30.36 41.40 8.06
N LYS B 193 30.77 42.53 7.51
CA LYS B 193 32.14 42.65 6.99
C LYS B 193 32.47 44.14 6.96
N HIS B 194 33.38 44.57 7.84
CA HIS B 194 33.69 45.99 8.02
C HIS B 194 34.76 46.40 7.00
N THR B 195 34.32 46.62 5.76
CA THR B 195 35.24 46.96 4.70
C THR B 195 35.83 48.34 4.90
N PRO B 196 37.15 48.51 4.80
CA PRO B 196 37.72 49.86 4.83
C PRO B 196 37.54 50.57 3.50
N ILE B 197 36.67 51.57 3.45
CA ILE B 197 36.45 52.35 2.23
C ILE B 197 36.74 53.82 2.54
N ASN B 198 37.98 54.25 2.25
CA ASN B 198 38.39 55.61 2.48
C ASN B 198 37.86 56.58 1.43
N LEU B 199 37.37 56.08 0.30
CA LEU B 199 36.90 56.93 -0.78
C LEU B 199 35.68 57.73 -0.30
N VAL B 200 35.69 59.03 -0.56
CA VAL B 200 34.66 59.94 -0.08
C VAL B 200 33.87 60.46 -1.28
N ARG B 201 34.09 59.85 -2.45
CA ARG B 201 33.48 60.35 -3.66
C ARG B 201 32.00 60.00 -3.73
N ASP B 202 31.68 58.72 -3.81
CA ASP B 202 30.32 58.26 -4.09
C ASP B 202 30.25 56.76 -3.85
N LEU B 203 29.14 56.15 -4.25
CA LEU B 203 28.97 54.71 -4.26
C LEU B 203 30.20 54.04 -4.85
N PRO B 204 30.94 53.25 -4.06
CA PRO B 204 32.16 52.64 -4.59
C PRO B 204 31.83 51.61 -5.65
N GLN B 205 32.25 51.88 -6.90
CA GLN B 205 31.91 51.02 -8.01
C GLN B 205 32.73 49.73 -7.97
N GLY B 206 32.50 48.93 -6.94
CA GLY B 206 33.19 47.66 -6.76
C GLY B 206 32.28 46.63 -6.11
N PHE B 207 32.87 45.56 -5.57
CA PHE B 207 32.05 44.50 -4.99
C PHE B 207 32.87 43.74 -3.97
N SER B 208 32.25 43.43 -2.84
CA SER B 208 32.82 42.55 -1.83
C SER B 208 31.68 41.97 -1.01
N ALA B 209 31.68 40.65 -0.89
CA ALA B 209 30.56 39.94 -0.30
C ALA B 209 30.58 40.07 1.22
N LEU B 210 29.62 39.42 1.87
CA LEU B 210 29.47 39.48 3.32
C LEU B 210 29.36 38.06 3.86
N GLU B 211 30.20 37.73 4.82
CA GLU B 211 30.32 36.39 5.37
C GLU B 211 29.49 36.24 6.64
N PRO B 212 29.03 35.02 6.96
CA PRO B 212 28.18 34.82 8.13
C PRO B 212 28.94 34.50 9.41
N LEU B 213 28.66 35.24 10.48
CA LEU B 213 29.25 34.95 11.78
C LEU B 213 28.46 33.84 12.49
N VAL B 214 27.20 34.11 12.80
CA VAL B 214 26.36 33.19 13.57
C VAL B 214 25.06 32.96 12.80
N ASP B 215 24.70 31.70 12.65
CA ASP B 215 23.43 31.31 12.05
C ASP B 215 22.61 30.63 13.14
N LEU B 216 21.53 31.28 13.55
CA LEU B 216 20.86 30.54 14.62
C LEU B 216 19.36 30.44 14.35
N PRO B 217 18.75 29.33 14.73
CA PRO B 217 17.32 29.06 14.42
C PRO B 217 16.30 29.68 15.38
N ILE B 218 15.95 30.94 15.09
CA ILE B 218 14.88 31.60 15.85
C ILE B 218 13.56 30.88 15.64
N GLY B 219 13.29 30.42 14.42
CA GLY B 219 12.06 29.73 14.13
C GLY B 219 10.87 30.62 13.84
N ILE B 220 11.11 31.89 13.51
CA ILE B 220 10.04 32.83 13.19
C ILE B 220 10.39 33.57 11.92
N ASN B 221 9.35 34.08 11.25
CA ASN B 221 9.56 34.90 10.07
C ASN B 221 10.14 36.25 10.46
N ILE B 222 10.80 36.89 9.50
CA ILE B 222 11.24 38.27 9.63
C ILE B 222 10.54 39.09 8.56
N THR B 223 9.78 40.09 8.99
CA THR B 223 9.02 40.92 8.07
C THR B 223 9.30 42.41 8.24
N ARG B 224 10.12 42.80 9.22
CA ARG B 224 10.35 44.21 9.49
C ARG B 224 11.65 44.39 10.25
N PHE B 225 12.42 45.41 9.88
CA PHE B 225 13.61 45.81 10.60
C PHE B 225 13.61 47.33 10.74
N GLN B 226 14.03 47.81 11.91
CA GLN B 226 13.94 49.23 12.22
C GLN B 226 15.14 49.63 13.06
N THR B 227 15.62 50.86 12.85
CA THR B 227 16.88 51.32 13.42
C THR B 227 16.66 52.29 14.57
N LEU B 228 17.63 52.34 15.49
CA LEU B 228 17.52 53.18 16.68
C LEU B 228 17.74 54.65 16.32
N LEU B 229 16.94 55.52 16.93
CA LEU B 229 16.86 56.92 16.51
C LEU B 229 16.53 57.78 17.72
N ALA B 230 16.02 58.99 17.46
CA ALA B 230 15.61 59.93 18.50
C ALA B 230 14.52 60.85 17.97
N LEU B 231 13.48 61.07 18.78
CA LEU B 231 12.47 62.07 18.48
C LEU B 231 11.87 62.60 19.78
N HIS B 232 11.18 63.72 19.67
CA HIS B 232 10.49 64.32 20.82
C HIS B 232 9.13 64.85 20.37
N ALA B 250 27.43 61.74 3.95
CA ALA B 250 26.00 61.71 4.27
C ALA B 250 25.31 60.56 3.52
N ALA B 251 26.12 59.67 2.96
CA ALA B 251 25.57 58.54 2.22
C ALA B 251 24.76 57.64 3.14
N TYR B 252 23.71 57.05 2.60
CA TYR B 252 22.82 56.18 3.37
C TYR B 252 22.02 55.32 2.41
N TYR B 253 22.12 54.00 2.57
CA TYR B 253 21.49 53.05 1.65
C TYR B 253 20.79 51.94 2.41
N VAL B 254 19.57 51.60 1.98
CA VAL B 254 18.83 50.43 2.46
C VAL B 254 17.97 49.91 1.31
N GLY B 255 18.07 48.61 1.01
CA GLY B 255 17.34 48.03 -0.10
C GLY B 255 16.42 46.88 0.26
N TYR B 256 16.06 46.06 -0.72
CA TYR B 256 15.17 44.92 -0.57
C TYR B 256 15.82 43.64 -1.10
N LEU B 257 15.02 42.60 -1.24
CA LEU B 257 15.51 41.33 -1.74
C LEU B 257 14.38 40.62 -2.48
N GLN B 258 14.73 39.93 -3.54
CA GLN B 258 13.79 39.12 -4.31
C GLN B 258 14.47 37.80 -4.66
N PRO B 259 13.70 36.73 -4.86
CA PRO B 259 14.32 35.44 -5.18
C PRO B 259 14.92 35.41 -6.57
N ARG B 260 15.96 36.21 -6.77
CA ARG B 260 16.73 36.22 -8.00
C ARG B 260 17.71 35.05 -7.98
N THR B 261 18.68 35.08 -8.89
CA THR B 261 19.78 34.14 -8.84
C THR B 261 20.96 34.71 -9.61
N PHE B 262 22.14 34.63 -9.02
CA PHE B 262 23.32 35.32 -9.50
C PHE B 262 24.33 34.37 -10.10
N LEU B 263 25.09 34.87 -11.07
CA LEU B 263 26.37 34.30 -11.42
C LEU B 263 27.38 34.75 -10.38
N LEU B 264 28.17 33.81 -9.88
CA LEU B 264 29.15 34.10 -8.83
C LEU B 264 30.54 33.76 -9.36
N LYS B 265 31.48 34.69 -9.22
CA LYS B 265 32.85 34.48 -9.64
C LYS B 265 33.76 34.47 -8.42
N TYR B 266 34.54 33.41 -8.27
CA TYR B 266 35.52 33.28 -7.20
C TYR B 266 36.92 33.32 -7.80
N ASN B 267 37.79 34.13 -7.21
CA ASN B 267 39.12 34.32 -7.76
C ASN B 267 40.00 33.11 -7.46
N GLU B 268 41.24 33.16 -7.97
CA GLU B 268 42.28 32.10 -7.78
C GLU B 268 42.51 31.87 -6.28
N ASN B 269 42.50 32.94 -5.47
CA ASN B 269 42.66 32.90 -3.99
C ASN B 269 41.35 32.45 -3.35
N GLY B 270 40.24 32.36 -4.11
CA GLY B 270 38.89 31.88 -3.77
C GLY B 270 38.08 32.78 -2.89
N THR B 271 37.52 33.84 -3.47
CA THR B 271 36.64 34.74 -2.73
C THR B 271 35.75 35.48 -3.73
N ILE B 272 34.65 36.02 -3.23
CA ILE B 272 33.69 36.68 -4.10
C ILE B 272 34.24 38.03 -4.56
N THR B 273 34.32 38.21 -5.87
CA THR B 273 34.84 39.43 -6.47
C THR B 273 33.80 40.19 -7.28
N ASP B 274 33.18 39.54 -8.26
CA ASP B 274 32.13 40.15 -9.07
C ASP B 274 31.01 39.15 -9.28
N ALA B 275 29.78 39.65 -9.34
CA ALA B 275 28.61 38.82 -9.50
C ALA B 275 27.63 39.47 -10.48
N VAL B 276 26.86 38.63 -11.17
CA VAL B 276 25.85 39.09 -12.12
C VAL B 276 24.59 38.25 -11.94
N ASP B 277 23.45 38.91 -12.07
CA ASP B 277 22.14 38.29 -11.91
C ASP B 277 21.80 37.42 -13.12
N CYS B 278 20.61 36.84 -13.08
CA CYS B 278 20.03 36.15 -14.22
C CYS B 278 18.91 36.96 -14.86
N ALA B 279 17.90 37.33 -14.08
CA ALA B 279 16.71 37.97 -14.60
C ALA B 279 16.79 39.49 -14.64
N LEU B 280 17.89 40.07 -14.16
CA LEU B 280 18.00 41.52 -14.09
C LEU B 280 17.93 42.16 -15.47
N ASP B 281 18.92 41.87 -16.32
CA ASP B 281 18.89 42.40 -17.67
C ASP B 281 19.13 41.25 -18.65
N PRO B 282 18.97 41.48 -19.95
CA PRO B 282 19.32 40.43 -20.91
C PRO B 282 20.72 39.89 -20.75
N LEU B 283 21.71 40.74 -20.46
CA LEU B 283 23.05 40.20 -20.23
C LEU B 283 23.18 39.47 -18.91
N SER B 284 22.31 39.74 -17.93
CA SER B 284 22.31 38.93 -16.72
C SER B 284 22.03 37.47 -17.06
N GLU B 285 20.96 37.21 -17.79
CA GLU B 285 20.68 35.83 -18.19
C GLU B 285 21.66 35.33 -19.24
N THR B 286 22.24 36.23 -20.04
CA THR B 286 23.27 35.80 -20.98
C THR B 286 24.45 35.19 -20.23
N LYS B 287 24.96 35.91 -19.22
CA LYS B 287 26.02 35.37 -18.39
C LYS B 287 25.56 34.13 -17.65
N CYS B 288 24.31 34.12 -17.18
CA CYS B 288 23.79 32.97 -16.46
C CYS B 288 23.79 31.71 -17.31
N THR B 289 23.35 31.82 -18.56
CA THR B 289 23.34 30.67 -19.45
C THR B 289 24.70 30.36 -20.03
N LEU B 290 25.67 31.28 -19.92
CA LEU B 290 27.03 31.00 -20.35
C LEU B 290 28.00 30.87 -19.20
N LYS B 291 27.56 31.13 -17.97
CA LYS B 291 28.36 30.93 -16.76
C LYS B 291 29.73 31.59 -16.86
N SER B 292 29.79 32.77 -17.46
CA SER B 292 31.05 33.47 -17.67
C SER B 292 30.89 34.96 -17.38
N PHE B 293 31.88 35.53 -16.70
CA PHE B 293 31.93 36.96 -16.52
C PHE B 293 32.41 37.67 -17.78
N THR B 294 32.88 36.92 -18.77
CA THR B 294 33.47 37.47 -19.99
C THR B 294 32.78 36.89 -21.22
N VAL B 295 31.45 36.95 -21.22
CA VAL B 295 30.66 36.43 -22.33
C VAL B 295 31.05 37.11 -23.64
N GLU B 296 31.13 36.30 -24.70
CA GLU B 296 31.39 36.79 -26.05
C GLU B 296 30.07 37.00 -26.80
N LYS B 297 30.18 37.57 -27.99
CA LYS B 297 29.00 37.98 -28.74
C LYS B 297 28.27 36.78 -29.34
N GLY B 298 26.95 36.86 -29.38
CA GLY B 298 26.15 35.85 -30.04
C GLY B 298 24.73 35.86 -29.52
N ILE B 299 23.88 35.09 -30.17
CA ILE B 299 22.52 34.85 -29.70
C ILE B 299 22.55 33.65 -28.78
N TYR B 300 21.69 33.68 -27.78
CA TYR B 300 21.73 32.62 -26.79
C TYR B 300 20.31 32.35 -26.30
N GLN B 301 19.91 31.09 -26.35
CA GLN B 301 18.62 30.70 -25.81
C GLN B 301 18.58 31.01 -24.33
N THR B 302 17.54 31.71 -23.89
CA THR B 302 17.38 32.07 -22.49
C THR B 302 16.14 31.44 -21.87
N SER B 303 14.99 31.69 -22.47
CA SER B 303 13.71 31.12 -22.06
C SER B 303 12.73 31.38 -23.19
N ASN B 304 11.45 31.13 -22.94
CA ASN B 304 10.41 31.54 -23.85
C ASN B 304 9.38 32.37 -23.09
N PHE B 305 9.01 33.48 -23.70
CA PHE B 305 8.02 34.38 -23.12
C PHE B 305 6.66 33.70 -23.16
N ARG B 306 6.34 33.01 -22.06
CA ARG B 306 5.08 32.30 -21.92
C ARG B 306 3.97 33.32 -21.73
N VAL B 307 3.56 33.98 -22.83
CA VAL B 307 2.60 35.06 -22.72
C VAL B 307 1.33 34.54 -22.07
N GLN B 308 1.00 35.07 -20.91
CA GLN B 308 -0.12 34.55 -20.14
C GLN B 308 -1.44 34.92 -20.81
N PRO B 309 -2.37 33.98 -20.94
CA PRO B 309 -3.69 34.33 -21.46
C PRO B 309 -4.34 35.39 -20.59
N THR B 310 -4.99 36.35 -21.25
CA THR B 310 -5.62 37.44 -20.51
C THR B 310 -6.75 36.92 -19.63
N GLU B 311 -7.68 36.16 -20.21
CA GLU B 311 -8.70 35.48 -19.44
C GLU B 311 -8.98 34.12 -20.07
N SER B 312 -9.50 33.21 -19.26
CA SER B 312 -9.99 31.94 -19.77
C SER B 312 -11.48 32.07 -20.11
N ILE B 313 -11.82 31.69 -21.34
CA ILE B 313 -13.14 31.93 -21.91
C ILE B 313 -14.02 30.73 -21.59
N VAL B 314 -14.87 30.86 -20.57
CA VAL B 314 -15.86 29.85 -20.26
C VAL B 314 -17.13 30.14 -21.05
N ARG B 315 -17.71 29.10 -21.64
CA ARG B 315 -18.83 29.27 -22.56
C ARG B 315 -19.60 27.97 -22.63
N PHE B 316 -20.88 28.07 -22.97
CA PHE B 316 -21.81 26.95 -22.92
C PHE B 316 -22.95 27.20 -23.91
N PRO B 317 -23.90 26.28 -24.07
CA PRO B 317 -25.03 26.54 -24.98
C PRO B 317 -25.82 27.78 -24.59
N ASN B 318 -26.64 28.24 -25.54
CA ASN B 318 -27.23 29.58 -25.44
C ASN B 318 -28.07 29.75 -24.19
N ILE B 319 -28.98 28.81 -23.94
CA ILE B 319 -29.90 28.95 -22.82
C ILE B 319 -29.79 27.68 -21.97
N THR B 320 -30.61 27.57 -20.94
CA THR B 320 -30.65 26.39 -20.08
C THR B 320 -30.97 25.15 -20.89
N ASN B 321 -31.58 25.34 -22.06
CA ASN B 321 -31.95 24.24 -22.96
C ASN B 321 -32.98 23.33 -22.31
N LEU B 322 -34.10 23.92 -21.90
CA LEU B 322 -35.23 23.19 -21.31
C LEU B 322 -34.80 22.52 -20.00
N CYS B 323 -34.39 23.35 -19.06
CA CYS B 323 -34.17 22.86 -17.70
C CYS B 323 -35.50 22.84 -16.98
N PRO B 324 -35.90 21.71 -16.41
CA PRO B 324 -37.20 21.63 -15.74
C PRO B 324 -37.22 22.33 -14.40
N PHE B 325 -36.91 23.62 -14.39
CA PHE B 325 -36.91 24.38 -13.14
C PHE B 325 -37.55 25.76 -13.24
N GLY B 326 -37.69 26.33 -14.44
CA GLY B 326 -38.36 27.59 -14.58
C GLY B 326 -39.85 27.42 -14.86
N GLU B 327 -40.26 26.17 -15.01
CA GLU B 327 -41.63 25.82 -15.39
C GLU B 327 -42.34 24.93 -14.39
N VAL B 328 -41.61 24.32 -13.45
CA VAL B 328 -42.17 23.26 -12.61
C VAL B 328 -42.72 23.81 -11.29
N PHE B 329 -42.08 24.83 -10.72
CA PHE B 329 -42.42 25.23 -9.36
C PHE B 329 -43.88 25.67 -9.25
N ASN B 330 -44.34 26.49 -10.19
CA ASN B 330 -45.76 26.83 -10.21
C ASN B 330 -46.55 25.68 -10.81
N ALA B 331 -47.09 24.84 -9.94
CA ALA B 331 -47.92 23.71 -10.35
C ALA B 331 -49.10 23.63 -9.40
N THR B 332 -50.17 22.99 -9.85
CA THR B 332 -51.41 23.00 -9.07
C THR B 332 -51.22 22.37 -7.70
N ARG B 333 -50.89 21.07 -7.65
CA ARG B 333 -50.64 20.37 -6.40
C ARG B 333 -49.47 19.42 -6.57
N PHE B 334 -48.71 19.24 -5.49
CA PHE B 334 -47.63 18.26 -5.46
C PHE B 334 -48.18 16.88 -5.16
N ALA B 335 -47.27 15.90 -5.12
CA ALA B 335 -47.59 14.54 -4.72
C ALA B 335 -47.07 14.30 -3.30
N SER B 336 -47.50 13.19 -2.72
CA SER B 336 -47.12 12.85 -1.37
C SER B 336 -45.71 12.28 -1.33
N VAL B 337 -45.21 12.05 -0.11
CA VAL B 337 -43.84 11.56 0.05
C VAL B 337 -43.71 10.11 -0.40
N TYR B 338 -44.69 9.27 -0.08
CA TYR B 338 -44.63 7.88 -0.55
C TYR B 338 -44.77 7.82 -2.06
N ALA B 339 -45.38 8.84 -2.66
CA ALA B 339 -45.53 8.96 -4.11
C ALA B 339 -44.77 10.13 -4.68
N TRP B 340 -43.52 10.33 -4.23
CA TRP B 340 -42.73 11.46 -4.70
C TRP B 340 -42.51 11.34 -6.21
N ASN B 341 -42.72 12.45 -6.91
CA ASN B 341 -42.71 12.41 -8.37
C ASN B 341 -41.31 12.10 -8.89
N ARG B 342 -41.26 11.62 -10.13
CA ARG B 342 -40.01 11.32 -10.81
C ARG B 342 -40.05 11.96 -12.19
N LYS B 343 -39.40 13.10 -12.35
CA LYS B 343 -39.22 13.70 -13.66
C LYS B 343 -37.73 13.71 -13.98
N ARG B 344 -37.34 12.84 -14.91
CA ARG B 344 -35.95 12.62 -15.21
C ARG B 344 -35.34 13.89 -15.79
N ILE B 345 -34.08 14.15 -15.43
CA ILE B 345 -33.33 15.28 -15.97
C ILE B 345 -32.19 14.69 -16.78
N SER B 346 -32.08 15.09 -18.04
CA SER B 346 -30.96 14.70 -18.89
C SER B 346 -30.96 15.58 -20.14
N ASN B 347 -29.84 15.55 -20.85
CA ASN B 347 -29.70 16.21 -22.14
C ASN B 347 -29.94 17.71 -22.04
N CYS B 348 -29.54 18.30 -20.91
CA CYS B 348 -29.76 19.73 -20.70
C CYS B 348 -28.80 20.20 -19.62
N VAL B 349 -28.81 21.51 -19.41
CA VAL B 349 -28.03 22.16 -18.37
C VAL B 349 -28.98 22.89 -17.44
N ALA B 350 -28.57 23.06 -16.18
CA ALA B 350 -29.38 23.78 -15.20
C ALA B 350 -28.49 24.76 -14.44
N ASP B 351 -28.98 25.99 -14.32
CA ASP B 351 -28.26 27.07 -13.63
C ASP B 351 -28.93 27.30 -12.28
N TYR B 352 -28.38 26.65 -11.24
CA TYR B 352 -28.99 26.72 -9.92
C TYR B 352 -28.62 27.98 -9.15
N SER B 353 -27.59 28.70 -9.58
CA SER B 353 -27.22 29.93 -8.89
C SER B 353 -28.30 31.00 -9.01
N VAL B 354 -28.94 31.10 -10.18
CA VAL B 354 -30.02 32.07 -10.32
C VAL B 354 -31.19 31.70 -9.42
N LEU B 355 -31.37 30.41 -9.11
CA LEU B 355 -32.37 30.02 -8.13
C LEU B 355 -31.99 30.53 -6.74
N TYR B 356 -30.71 30.46 -6.38
CA TYR B 356 -30.29 30.99 -5.09
C TYR B 356 -30.52 32.50 -5.01
N ASN B 357 -30.11 33.23 -6.03
CA ASN B 357 -30.30 34.68 -5.98
C ASN B 357 -31.76 35.09 -6.19
N SER B 358 -32.65 34.15 -6.52
CA SER B 358 -34.08 34.43 -6.46
C SER B 358 -34.56 34.49 -5.01
N ALA B 359 -33.76 33.96 -4.08
CA ALA B 359 -34.05 34.01 -2.65
C ALA B 359 -35.37 33.32 -2.31
N SER B 360 -35.71 32.28 -3.07
CA SER B 360 -36.95 31.54 -2.86
C SER B 360 -36.72 30.14 -2.34
N PHE B 361 -35.58 29.85 -1.72
CA PHE B 361 -35.35 28.57 -1.09
C PHE B 361 -35.14 28.75 0.40
N SER B 362 -35.80 27.90 1.19
CA SER B 362 -35.55 27.81 2.62
C SER B 362 -34.29 27.02 2.93
N THR B 363 -33.68 26.40 1.92
CA THR B 363 -32.44 25.65 2.09
C THR B 363 -31.80 25.47 0.73
N PHE B 364 -30.55 25.94 0.58
CA PHE B 364 -29.74 25.63 -0.58
C PHE B 364 -28.39 25.14 -0.04
N LYS B 365 -28.44 24.17 0.86
CA LYS B 365 -27.23 23.49 1.33
C LYS B 365 -27.29 22.03 0.96
N CYS B 366 -26.18 21.53 0.40
CA CYS B 366 -26.10 20.18 -0.14
C CYS B 366 -25.27 19.32 0.80
N TYR B 367 -25.69 18.07 0.97
CA TYR B 367 -24.96 17.08 1.75
C TYR B 367 -24.07 16.26 0.83
N GLY B 368 -22.87 15.94 1.31
CA GLY B 368 -21.91 15.21 0.49
C GLY B 368 -21.28 16.12 -0.55
N VAL B 369 -22.08 16.57 -1.50
CA VAL B 369 -21.66 17.59 -2.44
C VAL B 369 -21.94 18.93 -1.79
N SER B 370 -21.33 20.00 -2.30
CA SER B 370 -21.56 21.34 -1.79
C SER B 370 -22.47 22.09 -2.75
N PRO B 371 -23.37 22.94 -2.24
CA PRO B 371 -24.19 23.75 -3.15
C PRO B 371 -23.36 24.64 -4.06
N THR B 372 -22.25 25.14 -3.56
CA THR B 372 -21.24 25.75 -4.41
C THR B 372 -20.37 24.66 -5.02
N LYS B 373 -19.89 24.89 -6.24
CA LYS B 373 -19.14 23.91 -7.03
C LYS B 373 -20.07 22.73 -7.34
N LEU B 374 -21.37 22.99 -7.32
CA LEU B 374 -22.36 22.05 -7.84
C LEU B 374 -22.71 22.52 -9.24
N ASN B 375 -22.43 23.79 -9.51
CA ASN B 375 -22.69 24.34 -10.84
C ASN B 375 -21.87 23.63 -11.91
N ASP B 376 -20.55 23.77 -11.88
CA ASP B 376 -19.68 23.31 -12.96
C ASP B 376 -19.33 21.83 -12.86
N LEU B 377 -19.78 21.15 -11.81
CA LEU B 377 -19.60 19.71 -11.69
C LEU B 377 -20.95 19.01 -11.84
N CYS B 378 -20.97 17.99 -12.70
CA CYS B 378 -22.21 17.32 -13.05
C CYS B 378 -22.10 15.82 -12.81
N PHE B 379 -23.26 15.20 -12.63
CA PHE B 379 -23.35 13.82 -12.17
C PHE B 379 -24.15 13.00 -13.17
N THR B 380 -24.19 11.68 -12.97
CA THR B 380 -24.68 10.77 -13.99
C THR B 380 -26.13 11.04 -14.34
N ASN B 381 -27.03 10.82 -13.40
CA ASN B 381 -28.45 10.91 -13.70
C ASN B 381 -29.13 11.80 -12.67
N VAL B 382 -30.01 12.65 -13.14
CA VAL B 382 -30.68 13.65 -12.32
C VAL B 382 -32.18 13.55 -12.56
N TYR B 383 -32.96 13.74 -11.50
CA TYR B 383 -34.41 13.63 -11.57
C TYR B 383 -35.02 14.86 -10.92
N ALA B 384 -36.19 15.27 -11.41
CA ALA B 384 -36.97 16.34 -10.79
C ALA B 384 -38.06 15.69 -9.96
N ASP B 385 -37.98 15.88 -8.64
CA ASP B 385 -38.95 15.32 -7.70
C ASP B 385 -39.62 16.46 -6.94
N SER B 386 -40.91 16.65 -7.16
CA SER B 386 -41.69 17.69 -6.50
C SER B 386 -42.73 17.05 -5.59
N PHE B 387 -42.83 17.56 -4.37
CA PHE B 387 -43.58 16.91 -3.30
C PHE B 387 -43.56 17.83 -2.08
N VAL B 388 -44.30 17.43 -1.05
CA VAL B 388 -44.56 18.28 0.11
C VAL B 388 -44.10 17.55 1.38
N ILE B 389 -43.28 18.24 2.18
CA ILE B 389 -42.71 17.72 3.42
C ILE B 389 -43.09 18.62 4.59
N ARG B 390 -43.01 18.09 5.81
CA ARG B 390 -43.19 18.85 7.03
C ARG B 390 -41.88 19.55 7.38
N GLY B 391 -42.01 20.63 8.15
CA GLY B 391 -40.82 21.32 8.64
C GLY B 391 -39.98 20.44 9.55
N ASP B 392 -40.62 19.72 10.48
CA ASP B 392 -39.88 18.76 11.29
C ASP B 392 -39.35 17.62 10.44
N GLU B 393 -40.07 17.25 9.39
CA GLU B 393 -39.62 16.22 8.47
C GLU B 393 -38.60 16.76 7.47
N VAL B 394 -38.30 18.05 7.49
CA VAL B 394 -37.12 18.55 6.79
C VAL B 394 -35.87 17.88 7.36
N ARG B 395 -35.85 17.66 8.67
CA ARG B 395 -34.78 16.87 9.29
C ARG B 395 -34.78 15.44 8.76
N GLN B 396 -35.95 14.78 8.76
CA GLN B 396 -36.01 13.37 8.39
C GLN B 396 -35.50 13.12 6.98
N ILE B 397 -35.65 14.07 6.07
CA ILE B 397 -35.01 13.97 4.77
C ILE B 397 -33.64 14.62 4.87
N ALA B 398 -32.67 13.85 5.33
CA ALA B 398 -31.28 14.27 5.47
C ALA B 398 -30.44 13.03 5.74
N PRO B 399 -29.17 13.05 5.34
CA PRO B 399 -28.31 11.87 5.56
C PRO B 399 -28.23 11.51 7.04
N GLY B 400 -28.34 10.21 7.31
CA GLY B 400 -28.26 9.71 8.67
C GLY B 400 -29.45 10.03 9.54
N GLN B 401 -30.46 10.70 9.02
CA GLN B 401 -31.60 11.08 9.82
C GLN B 401 -32.71 10.04 9.68
N THR B 402 -33.45 9.84 10.77
CA THR B 402 -34.46 8.79 10.87
C THR B 402 -35.82 9.41 11.07
N GLY B 403 -36.84 8.59 10.83
CA GLY B 403 -38.22 9.00 11.03
C GLY B 403 -39.17 8.06 10.32
N LYS B 404 -40.45 8.24 10.60
CA LYS B 404 -41.48 7.44 9.94
C LYS B 404 -41.41 7.64 8.43
N ILE B 405 -41.19 8.88 8.01
CA ILE B 405 -40.95 9.15 6.59
C ILE B 405 -39.66 8.49 6.13
N ALA B 406 -38.59 8.63 6.92
CA ALA B 406 -37.33 7.99 6.56
C ALA B 406 -37.43 6.48 6.57
N ASP B 407 -38.46 5.94 7.21
CA ASP B 407 -38.57 4.49 7.38
C ASP B 407 -39.46 3.86 6.31
N TYR B 408 -40.63 4.44 6.03
CA TYR B 408 -41.56 3.87 5.05
C TYR B 408 -41.91 4.77 3.88
N ASN B 409 -41.49 6.03 3.87
CA ASN B 409 -41.95 6.98 2.85
C ASN B 409 -40.85 7.46 1.93
N TYR B 410 -39.63 7.64 2.43
CA TYR B 410 -38.52 8.04 1.57
C TYR B 410 -37.20 7.72 2.29
N LYS B 411 -36.31 7.03 1.58
CA LYS B 411 -34.96 6.80 2.07
C LYS B 411 -33.96 7.29 1.03
N LEU B 412 -32.95 8.01 1.48
CA LEU B 412 -31.82 8.34 0.64
C LEU B 412 -30.72 7.31 0.87
N PRO B 413 -30.26 6.63 -0.17
CA PRO B 413 -29.27 5.56 0.02
C PRO B 413 -28.00 6.11 0.66
N ASP B 414 -27.32 5.24 1.40
CA ASP B 414 -26.24 5.67 2.27
C ASP B 414 -25.05 6.27 1.51
N ASP B 415 -24.98 6.10 0.19
CA ASP B 415 -24.01 6.83 -0.61
C ASP B 415 -24.44 8.29 -0.70
N PHE B 416 -24.15 9.02 0.37
CA PHE B 416 -24.72 10.32 0.63
C PHE B 416 -24.21 11.35 -0.38
N THR B 417 -24.99 11.55 -1.44
CA THR B 417 -24.79 12.61 -2.41
C THR B 417 -26.17 13.19 -2.69
N GLY B 418 -26.55 14.20 -1.91
CA GLY B 418 -27.90 14.73 -2.02
C GLY B 418 -27.98 16.16 -1.54
N CYS B 419 -29.16 16.74 -1.75
CA CYS B 419 -29.40 18.15 -1.45
C CYS B 419 -30.83 18.31 -0.97
N VAL B 420 -31.12 19.50 -0.43
CA VAL B 420 -32.47 19.90 -0.04
C VAL B 420 -32.73 21.26 -0.67
N ILE B 421 -33.77 21.35 -1.48
CA ILE B 421 -34.22 22.63 -2.06
C ILE B 421 -35.73 22.72 -1.90
N ALA B 422 -36.18 23.77 -1.22
CA ALA B 422 -37.58 23.90 -0.87
C ALA B 422 -37.87 25.31 -0.33
N TRP B 423 -39.16 25.63 -0.28
CA TRP B 423 -39.63 26.78 0.47
C TRP B 423 -41.09 26.56 0.85
N ASN B 424 -41.50 27.16 1.97
CA ASN B 424 -42.79 26.86 2.58
C ASN B 424 -43.94 27.35 1.69
N SER B 425 -45.15 26.86 1.96
CA SER B 425 -46.31 27.12 1.12
C SER B 425 -47.48 27.73 1.87
N ASN B 426 -47.24 28.62 2.82
CA ASN B 426 -48.32 29.30 3.52
C ASN B 426 -48.95 30.37 2.62
N ASN B 427 -48.28 30.69 1.52
CA ASN B 427 -48.68 31.78 0.65
C ASN B 427 -49.04 31.35 -0.76
N LEU B 428 -48.57 30.21 -1.22
CA LEU B 428 -48.77 29.77 -2.59
C LEU B 428 -49.60 28.49 -2.68
N ASP B 429 -49.56 27.65 -1.64
CA ASP B 429 -50.41 26.46 -1.57
C ASP B 429 -51.23 26.42 -0.27
N SER B 430 -51.78 27.55 0.15
CA SER B 430 -52.64 27.64 1.32
C SER B 430 -54.09 27.50 0.89
N LYS B 431 -54.87 26.81 1.73
CA LYS B 431 -56.28 26.58 1.43
C LYS B 431 -57.07 26.58 2.73
N VAL B 432 -58.18 27.31 2.74
CA VAL B 432 -58.98 27.45 3.96
C VAL B 432 -59.59 26.12 4.33
N GLY B 433 -59.52 25.79 5.62
CA GLY B 433 -59.87 24.46 6.05
C GLY B 433 -58.73 23.47 5.93
N GLY B 434 -57.60 23.88 5.36
CA GLY B 434 -56.41 23.06 5.37
C GLY B 434 -56.49 21.87 4.44
N ASN B 435 -55.35 21.32 4.08
CA ASN B 435 -55.26 20.24 3.10
C ASN B 435 -54.47 19.07 3.67
N TYR B 436 -55.12 17.92 3.78
CA TYR B 436 -54.43 16.67 4.11
C TYR B 436 -54.36 15.69 2.95
N ASN B 437 -54.46 16.15 1.69
CA ASN B 437 -54.27 15.30 0.54
C ASN B 437 -52.86 14.76 0.44
N TYR B 438 -51.92 15.32 1.19
CA TYR B 438 -50.56 14.81 1.25
C TYR B 438 -50.50 13.77 2.35
N LEU B 439 -50.28 12.51 1.98
CA LEU B 439 -50.29 11.40 2.91
C LEU B 439 -48.89 10.82 3.06
N TYR B 440 -48.82 9.69 3.78
CA TYR B 440 -47.55 9.04 4.02
C TYR B 440 -47.79 7.60 4.47
N ARG B 441 -46.91 6.70 3.99
CA ARG B 441 -46.97 5.30 4.38
C ARG B 441 -46.49 5.11 5.81
N LEU B 442 -47.13 4.19 6.53
CA LEU B 442 -46.89 4.03 7.96
C LEU B 442 -46.76 2.59 8.43
N PHE B 443 -47.11 1.60 7.60
CA PHE B 443 -46.82 0.19 7.87
C PHE B 443 -45.88 -0.39 6.81
N ARG B 444 -44.85 -1.08 7.28
CA ARG B 444 -44.01 -1.96 6.46
C ARG B 444 -43.06 -2.70 7.38
N LYS B 445 -42.48 -3.78 6.88
CA LYS B 445 -41.54 -4.57 7.67
C LYS B 445 -40.15 -3.95 7.76
N SER B 446 -39.67 -3.32 6.68
CA SER B 446 -38.33 -2.76 6.67
C SER B 446 -38.33 -1.48 5.85
N ASN B 447 -37.14 -0.90 5.70
CA ASN B 447 -36.99 0.37 5.01
C ASN B 447 -37.30 0.23 3.53
N LEU B 448 -37.55 1.38 2.89
CA LEU B 448 -37.66 1.42 1.45
C LEU B 448 -36.30 1.16 0.83
N LYS B 449 -36.30 0.53 -0.33
CA LYS B 449 -35.07 0.31 -1.06
C LYS B 449 -34.59 1.63 -1.65
N PRO B 450 -33.35 1.73 -2.12
CA PRO B 450 -32.90 2.97 -2.76
C PRO B 450 -33.86 3.42 -3.85
N PHE B 451 -34.30 4.68 -3.75
CA PHE B 451 -35.22 5.31 -4.70
C PHE B 451 -36.53 4.56 -4.82
N GLU B 452 -36.97 3.86 -3.78
CA GLU B 452 -38.19 3.09 -3.84
C GLU B 452 -39.39 3.99 -3.57
N ARG B 453 -40.17 4.25 -4.61
CA ARG B 453 -41.44 4.95 -4.50
C ARG B 453 -42.56 3.91 -4.48
N ASP B 454 -43.32 3.89 -3.39
CA ASP B 454 -44.28 2.83 -3.12
C ASP B 454 -45.70 3.37 -3.18
N ILE B 455 -46.51 2.80 -4.06
CA ILE B 455 -47.94 3.07 -4.14
C ILE B 455 -48.77 1.83 -3.88
N SER B 456 -48.14 0.67 -3.78
CA SER B 456 -48.87 -0.59 -3.66
C SER B 456 -49.67 -0.64 -2.36
N THR B 457 -50.83 -1.26 -2.44
CA THR B 457 -51.70 -1.47 -1.29
C THR B 457 -51.70 -2.96 -0.93
N GLU B 458 -50.50 -3.54 -0.94
CA GLU B 458 -50.34 -4.94 -0.55
C GLU B 458 -50.79 -5.14 0.90
N ILE B 459 -51.44 -6.27 1.14
CA ILE B 459 -52.15 -6.49 2.39
C ILE B 459 -51.14 -6.57 3.53
N TYR B 460 -51.15 -5.55 4.40
CA TYR B 460 -50.24 -5.52 5.53
C TYR B 460 -50.81 -6.33 6.70
N GLN B 461 -49.93 -7.11 7.32
CA GLN B 461 -50.27 -7.85 8.55
C GLN B 461 -49.02 -7.97 9.41
N ALA B 462 -48.85 -7.04 10.34
CA ALA B 462 -47.86 -7.22 11.39
C ALA B 462 -48.24 -8.33 12.35
N GLY B 463 -49.53 -8.44 12.68
CA GLY B 463 -49.98 -9.40 13.65
C GLY B 463 -50.12 -10.80 13.10
N SER B 464 -50.75 -11.65 13.90
CA SER B 464 -50.87 -13.07 13.61
C SER B 464 -52.19 -13.45 12.96
N THR B 465 -53.31 -13.01 13.51
CA THR B 465 -54.60 -13.40 12.97
C THR B 465 -54.80 -12.78 11.59
N PRO B 466 -55.35 -13.53 10.64
CA PRO B 466 -55.87 -12.88 9.44
C PRO B 466 -56.98 -11.92 9.84
N CYS B 467 -56.78 -10.63 9.56
CA CYS B 467 -57.76 -9.63 9.96
C CYS B 467 -59.15 -9.89 9.40
N ASN B 468 -59.27 -10.16 8.10
CA ASN B 468 -60.48 -10.64 7.44
C ASN B 468 -61.72 -9.80 7.76
N GLY B 469 -61.54 -8.53 8.11
CA GLY B 469 -62.67 -7.72 8.54
C GLY B 469 -62.66 -7.49 10.04
N VAL B 470 -61.94 -8.34 10.77
CA VAL B 470 -61.73 -8.10 12.19
C VAL B 470 -60.46 -7.28 12.37
N GLU B 471 -60.64 -5.97 12.50
CA GLU B 471 -59.54 -5.02 12.53
C GLU B 471 -59.56 -4.25 13.85
N GLY B 472 -58.38 -3.89 14.34
CA GLY B 472 -58.24 -3.26 15.63
C GLY B 472 -56.87 -3.50 16.21
N PHE B 473 -56.82 -4.05 17.43
CA PHE B 473 -55.56 -4.51 18.01
C PHE B 473 -54.83 -5.43 17.03
N ASN B 474 -53.64 -4.99 16.62
CA ASN B 474 -52.77 -5.71 15.68
C ASN B 474 -53.36 -5.82 14.28
N CYS B 475 -54.37 -5.01 13.98
CA CYS B 475 -54.93 -4.90 12.64
C CYS B 475 -55.42 -3.46 12.46
N TYR B 476 -54.61 -2.63 11.83
CA TYR B 476 -55.00 -1.27 11.49
C TYR B 476 -54.59 -0.95 10.05
N PHE B 477 -55.28 0.02 9.47
CA PHE B 477 -55.01 0.37 8.08
C PHE B 477 -53.65 1.06 7.97
N PRO B 478 -52.88 0.78 6.91
CA PRO B 478 -51.52 1.34 6.82
C PRO B 478 -51.44 2.75 6.24
N LEU B 479 -52.53 3.51 6.22
CA LEU B 479 -52.53 4.84 5.64
C LEU B 479 -53.06 5.88 6.63
N GLN B 480 -52.33 6.99 6.75
CA GLN B 480 -52.77 8.20 7.44
C GLN B 480 -52.30 9.42 6.67
N SER B 481 -52.96 10.55 6.92
CA SER B 481 -52.66 11.81 6.25
C SER B 481 -51.82 12.69 7.16
N TYR B 482 -51.65 13.93 6.73
CA TYR B 482 -50.90 14.92 7.49
C TYR B 482 -51.78 15.87 8.29
N GLY B 483 -52.93 16.27 7.74
CA GLY B 483 -53.90 17.06 8.48
C GLY B 483 -53.40 18.42 8.92
N PHE B 484 -52.85 19.19 7.97
CA PHE B 484 -52.20 20.47 8.29
C PHE B 484 -53.07 21.63 7.83
N GLN B 485 -53.09 22.68 8.64
CA GLN B 485 -53.88 23.86 8.37
C GLN B 485 -52.94 24.99 7.99
N PRO B 486 -53.42 26.01 7.28
CA PRO B 486 -52.59 27.20 7.07
C PRO B 486 -52.17 27.87 8.37
N THR B 487 -52.97 27.74 9.44
CA THR B 487 -52.71 28.41 10.70
C THR B 487 -51.68 27.67 11.56
N ASN B 488 -51.11 26.57 11.06
CA ASN B 488 -50.05 25.89 11.77
C ASN B 488 -48.76 26.69 11.70
N GLY B 489 -47.77 26.25 12.47
CA GLY B 489 -46.44 26.82 12.38
C GLY B 489 -45.82 26.50 11.04
N VAL B 490 -44.85 27.30 10.60
CA VAL B 490 -44.24 27.12 9.30
C VAL B 490 -43.70 25.72 9.10
N GLY B 491 -43.23 25.07 10.17
CA GLY B 491 -42.85 23.68 10.07
C GLY B 491 -44.01 22.77 9.73
N TYR B 492 -45.16 22.94 10.41
CA TYR B 492 -46.38 22.21 10.12
C TYR B 492 -47.18 22.85 8.99
N GLN B 493 -46.58 23.80 8.28
CA GLN B 493 -47.15 24.50 7.14
C GLN B 493 -46.69 23.84 5.85
N PRO B 494 -47.45 23.94 4.77
CA PRO B 494 -47.06 23.25 3.52
C PRO B 494 -45.75 23.81 2.97
N TYR B 495 -45.02 22.97 2.26
CA TYR B 495 -43.72 23.33 1.70
C TYR B 495 -43.72 23.04 0.20
N ARG B 496 -43.15 23.95 -0.59
CA ARG B 496 -42.82 23.63 -1.97
C ARG B 496 -41.41 23.09 -2.07
N VAL B 497 -41.31 21.78 -2.34
CA VAL B 497 -40.02 21.08 -2.27
C VAL B 497 -39.72 20.50 -3.65
N VAL B 498 -38.52 20.79 -4.15
CA VAL B 498 -37.95 20.10 -5.31
C VAL B 498 -36.54 19.67 -4.95
N VAL B 499 -36.28 18.36 -4.94
CA VAL B 499 -34.97 17.82 -4.62
C VAL B 499 -34.36 17.27 -5.89
N LEU B 500 -33.04 17.27 -5.96
CA LEU B 500 -32.31 16.82 -7.14
C LEU B 500 -31.44 15.63 -6.75
N SER B 501 -31.66 14.49 -7.41
CA SER B 501 -30.89 13.29 -7.16
C SER B 501 -29.66 13.28 -8.06
N PHE B 502 -28.48 13.36 -7.44
CA PHE B 502 -27.22 13.31 -8.17
C PHE B 502 -26.57 11.93 -7.92
N GLU B 503 -26.96 10.97 -8.76
CA GLU B 503 -26.37 9.65 -8.68
C GLU B 503 -25.08 9.60 -9.50
N LEU B 504 -24.07 8.93 -8.95
CA LEU B 504 -22.79 8.76 -9.64
C LEU B 504 -22.73 7.36 -10.25
N LEU B 505 -23.58 7.14 -11.26
CA LEU B 505 -23.71 5.81 -11.85
C LEU B 505 -22.72 5.59 -12.99
N HIS B 506 -22.77 4.40 -13.59
CA HIS B 506 -21.89 4.04 -14.68
C HIS B 506 -22.44 4.58 -16.00
N ALA B 507 -23.68 5.09 -15.96
CA ALA B 507 -24.29 5.65 -17.15
C ALA B 507 -23.68 7.01 -17.47
N PRO B 508 -23.89 7.52 -18.69
CA PRO B 508 -23.41 8.87 -19.02
C PRO B 508 -23.98 9.95 -18.13
N ALA B 509 -23.17 10.97 -17.85
CA ALA B 509 -23.61 12.14 -17.10
C ALA B 509 -24.03 13.23 -18.09
N THR B 510 -25.30 13.63 -18.02
CA THR B 510 -25.85 14.49 -19.07
C THR B 510 -26.71 15.62 -18.48
N VAL B 511 -26.36 16.09 -17.29
CA VAL B 511 -26.99 17.26 -16.69
C VAL B 511 -25.87 18.12 -16.11
N CYS B 512 -25.36 19.08 -16.89
CA CYS B 512 -24.16 19.81 -16.50
C CYS B 512 -24.43 21.30 -16.35
N GLY B 513 -23.34 22.06 -16.22
CA GLY B 513 -23.34 23.33 -15.53
C GLY B 513 -23.91 24.54 -16.24
N PRO B 514 -23.82 25.68 -15.56
CA PRO B 514 -24.50 26.89 -16.03
C PRO B 514 -23.64 27.72 -16.97
N LYS B 515 -24.18 28.88 -17.33
CA LYS B 515 -23.57 29.78 -18.30
C LYS B 515 -22.76 30.86 -17.60
N LYS B 516 -21.52 31.06 -18.08
CA LYS B 516 -20.70 32.17 -17.65
C LYS B 516 -19.94 32.78 -18.84
N SER B 517 -20.55 32.74 -20.02
CA SER B 517 -19.98 33.31 -21.25
C SER B 517 -20.15 34.81 -21.31
N THR B 518 -20.08 35.36 -22.53
CA THR B 518 -19.91 36.77 -22.90
C THR B 518 -18.43 37.12 -22.85
N ASN B 519 -17.57 36.10 -22.74
CA ASN B 519 -16.14 36.29 -22.75
C ASN B 519 -15.60 36.35 -24.17
N LEU B 520 -16.22 37.18 -25.00
CA LEU B 520 -15.81 37.28 -26.39
C LEU B 520 -14.39 37.82 -26.50
N VAL B 521 -13.63 37.24 -27.43
CA VAL B 521 -12.23 37.59 -27.61
C VAL B 521 -11.93 37.65 -29.11
N LYS B 522 -11.17 38.65 -29.52
CA LYS B 522 -10.79 38.81 -30.92
C LYS B 522 -9.32 39.18 -31.01
N ASN B 523 -8.52 38.30 -31.61
CA ASN B 523 -7.13 38.55 -32.00
C ASN B 523 -6.21 38.80 -30.82
N LYS B 524 -6.59 38.44 -29.60
CA LYS B 524 -5.72 38.57 -28.44
C LYS B 524 -5.54 37.21 -27.78
N CYS B 525 -4.35 37.01 -27.21
CA CYS B 525 -3.95 35.71 -26.68
C CYS B 525 -4.67 35.39 -25.38
N VAL B 526 -5.59 34.43 -25.41
CA VAL B 526 -6.40 34.07 -24.25
C VAL B 526 -6.52 32.55 -24.18
N ASN B 527 -7.18 32.09 -23.13
CA ASN B 527 -7.60 30.69 -23.01
C ASN B 527 -9.11 30.63 -23.19
N PHE B 528 -9.58 29.53 -23.79
CA PHE B 528 -11.01 29.33 -23.98
C PHE B 528 -11.39 27.96 -23.46
N ASN B 529 -12.68 27.81 -23.12
CA ASN B 529 -13.17 26.58 -22.52
C ASN B 529 -14.53 26.28 -23.13
N PHE B 530 -14.56 25.47 -24.17
CA PHE B 530 -15.83 25.02 -24.74
C PHE B 530 -16.28 23.70 -24.14
N ASN B 531 -16.28 23.66 -22.81
CA ASN B 531 -16.73 22.51 -22.02
C ASN B 531 -16.03 21.22 -22.49
N GLY B 532 -14.72 21.20 -22.34
CA GLY B 532 -13.97 19.98 -22.59
C GLY B 532 -12.84 20.10 -23.59
N LEU B 533 -13.04 20.85 -24.67
CA LEU B 533 -12.03 21.05 -25.70
C LEU B 533 -11.50 22.47 -25.57
N THR B 534 -10.25 22.60 -25.16
CA THR B 534 -9.64 23.90 -24.89
C THR B 534 -8.57 24.20 -25.94
N GLY B 535 -7.99 25.39 -25.84
CA GLY B 535 -6.89 25.79 -26.69
C GLY B 535 -6.40 27.18 -26.33
N THR B 536 -5.10 27.34 -26.19
CA THR B 536 -4.56 28.64 -25.80
C THR B 536 -4.47 29.56 -27.01
N GLY B 537 -4.64 30.86 -26.77
CA GLY B 537 -4.42 31.84 -27.81
C GLY B 537 -5.61 32.70 -28.18
N VAL B 538 -6.00 32.64 -29.45
CA VAL B 538 -6.96 33.58 -30.01
C VAL B 538 -8.21 32.83 -30.46
N LEU B 539 -9.29 33.59 -30.64
CA LEU B 539 -10.56 33.09 -31.14
C LEU B 539 -11.05 34.06 -32.22
N THR B 540 -10.63 33.83 -33.46
CA THR B 540 -10.94 34.72 -34.57
C THR B 540 -11.85 34.03 -35.56
N GLU B 541 -12.74 34.80 -36.18
CA GLU B 541 -13.63 34.25 -37.20
C GLU B 541 -12.83 33.69 -38.36
N SER B 542 -13.28 32.54 -38.87
CA SER B 542 -12.51 31.77 -39.84
C SER B 542 -13.36 31.42 -41.06
N ASN B 543 -12.69 30.92 -42.09
CA ASN B 543 -13.30 30.67 -43.40
C ASN B 543 -13.60 29.18 -43.56
N LYS B 544 -14.65 28.73 -42.88
CA LYS B 544 -15.18 27.38 -43.05
C LYS B 544 -16.69 27.44 -42.93
N LYS B 545 -17.33 26.29 -43.14
CA LYS B 545 -18.73 26.12 -42.78
C LYS B 545 -18.84 24.92 -41.84
N PHE B 546 -20.03 24.71 -41.30
CA PHE B 546 -20.16 23.79 -40.18
C PHE B 546 -21.41 22.94 -40.40
N LEU B 547 -21.55 21.90 -39.59
CA LEU B 547 -22.60 20.92 -39.77
C LEU B 547 -23.33 20.70 -38.46
N PRO B 548 -24.61 20.31 -38.53
CA PRO B 548 -25.43 20.26 -37.30
C PRO B 548 -24.97 19.22 -36.31
N PHE B 549 -24.75 17.97 -36.76
CA PHE B 549 -24.35 16.92 -35.85
C PHE B 549 -22.98 17.19 -35.24
N GLN B 550 -22.19 18.04 -35.88
CA GLN B 550 -20.84 18.31 -35.42
C GLN B 550 -20.83 19.35 -34.31
N GLN B 551 -19.90 19.23 -33.38
CA GLN B 551 -19.70 20.28 -32.38
C GLN B 551 -18.23 20.63 -32.18
N PHE B 552 -17.34 19.65 -32.36
CA PHE B 552 -15.92 19.85 -32.11
C PHE B 552 -15.22 20.26 -33.41
N GLY B 553 -13.89 20.18 -33.42
CA GLY B 553 -13.10 20.43 -34.61
C GLY B 553 -11.78 19.70 -34.49
N ARG B 554 -11.01 19.73 -35.58
CA ARG B 554 -9.70 19.08 -35.63
C ARG B 554 -8.95 19.66 -36.81
N ASP B 555 -7.76 19.13 -37.08
CA ASP B 555 -6.98 19.55 -38.23
C ASP B 555 -6.18 18.35 -38.75
N ILE B 556 -5.30 18.61 -39.71
CA ILE B 556 -4.53 17.54 -40.35
C ILE B 556 -3.64 16.81 -39.35
N ALA B 557 -2.99 17.55 -38.46
CA ALA B 557 -2.13 16.97 -37.45
C ALA B 557 -2.92 16.39 -36.27
N ASP B 558 -4.24 16.40 -36.35
CA ASP B 558 -5.11 15.86 -35.30
C ASP B 558 -4.85 16.60 -33.98
N THR B 559 -5.03 17.91 -34.02
CA THR B 559 -4.97 18.74 -32.84
C THR B 559 -6.03 19.83 -32.94
N THR B 560 -6.31 20.47 -31.81
CA THR B 560 -7.39 21.45 -31.74
C THR B 560 -7.11 22.61 -32.69
N ASP B 561 -7.99 22.77 -33.69
CA ASP B 561 -7.86 23.83 -34.68
C ASP B 561 -9.00 24.83 -34.60
N ALA B 562 -10.24 24.37 -34.69
CA ALA B 562 -11.42 25.23 -34.67
C ALA B 562 -12.46 24.64 -33.73
N VAL B 563 -13.22 25.52 -33.09
CA VAL B 563 -14.33 25.11 -32.24
C VAL B 563 -15.56 25.92 -32.62
N ARG B 564 -16.73 25.33 -32.35
CA ARG B 564 -18.00 25.96 -32.62
C ARG B 564 -18.66 26.35 -31.30
N ASP B 565 -19.16 27.56 -31.24
CA ASP B 565 -19.81 28.04 -30.04
C ASP B 565 -21.08 27.23 -29.78
N PRO B 566 -21.24 26.63 -28.61
CA PRO B 566 -22.52 26.00 -28.28
C PRO B 566 -23.67 26.99 -28.19
N GLN B 567 -23.39 28.29 -28.07
CA GLN B 567 -24.48 29.25 -27.91
C GLN B 567 -24.76 30.01 -29.21
N THR B 568 -23.84 29.95 -30.18
CA THR B 568 -24.08 30.60 -31.46
C THR B 568 -23.28 29.92 -32.55
N LEU B 569 -23.70 30.15 -33.79
CA LEU B 569 -23.00 29.61 -34.95
C LEU B 569 -21.93 30.62 -35.36
N GLU B 570 -20.66 30.25 -35.21
CA GLU B 570 -19.60 31.12 -35.66
C GLU B 570 -18.37 30.28 -36.00
N ILE B 571 -17.77 30.59 -37.15
CA ILE B 571 -16.69 29.79 -37.71
C ILE B 571 -15.39 30.31 -37.10
N LEU B 572 -14.92 29.62 -36.07
CA LEU B 572 -13.85 30.12 -35.21
C LEU B 572 -12.50 29.49 -35.59
N ASP B 573 -11.44 30.05 -35.01
CA ASP B 573 -10.10 29.47 -35.07
C ASP B 573 -9.40 29.67 -33.74
N ILE B 574 -8.48 28.76 -33.42
CA ILE B 574 -7.66 28.85 -32.21
C ILE B 574 -6.22 28.59 -32.59
N THR B 575 -5.31 29.39 -32.04
CA THR B 575 -3.89 29.28 -32.31
C THR B 575 -3.14 29.52 -31.00
N PRO B 576 -2.18 28.67 -30.64
CA PRO B 576 -1.39 28.89 -29.41
C PRO B 576 -0.86 30.31 -29.32
N CYS B 577 -0.73 30.83 -28.10
CA CYS B 577 -0.68 32.26 -27.89
C CYS B 577 0.46 32.94 -28.64
N SER B 578 1.70 32.74 -28.21
CA SER B 578 2.81 33.31 -28.95
C SER B 578 3.95 32.33 -29.16
N PHE B 579 4.26 31.58 -28.10
CA PHE B 579 5.46 30.74 -28.05
C PHE B 579 6.66 31.41 -28.72
N GLY B 580 7.25 30.75 -29.70
CA GLY B 580 8.39 31.33 -30.40
C GLY B 580 9.71 31.08 -29.69
N GLY B 581 10.19 32.07 -28.96
CA GLY B 581 11.42 31.89 -28.20
C GLY B 581 11.99 33.24 -27.79
N VAL B 582 12.99 33.16 -26.93
CA VAL B 582 13.72 34.35 -26.49
C VAL B 582 15.21 34.09 -26.66
N SER B 583 15.76 34.53 -27.78
CA SER B 583 17.19 34.42 -28.05
C SER B 583 17.80 35.82 -27.99
N VAL B 584 18.64 36.05 -26.99
CA VAL B 584 19.16 37.38 -26.71
C VAL B 584 20.34 37.66 -27.64
N ILE B 585 20.27 38.75 -28.37
CA ILE B 585 21.40 39.24 -29.15
C ILE B 585 22.15 40.28 -28.34
N THR B 586 23.48 40.19 -28.36
CA THR B 586 24.34 41.12 -27.64
C THR B 586 25.77 40.94 -28.11
N PRO B 587 26.55 42.00 -28.13
CA PRO B 587 27.99 41.83 -28.37
C PRO B 587 28.68 41.22 -27.16
N GLY B 588 30.00 41.07 -27.21
CA GLY B 588 30.72 40.50 -26.09
C GLY B 588 30.68 41.39 -24.86
N THR B 589 30.66 40.75 -23.69
CA THR B 589 30.58 41.50 -22.44
C THR B 589 31.83 42.30 -22.15
N ASN B 590 32.92 42.07 -22.88
CA ASN B 590 34.01 43.04 -22.88
C ASN B 590 33.51 44.40 -23.34
N THR B 591 32.46 44.42 -24.15
CA THR B 591 31.73 45.63 -24.48
C THR B 591 30.59 45.80 -23.49
N SER B 592 30.07 47.02 -23.40
CA SER B 592 29.24 47.43 -22.28
C SER B 592 27.89 46.72 -22.30
N ASN B 593 27.04 47.09 -21.35
CA ASN B 593 25.82 46.37 -21.03
C ASN B 593 24.59 46.90 -21.77
N GLN B 594 24.76 47.39 -22.99
CA GLN B 594 23.61 47.77 -23.80
C GLN B 594 22.89 46.49 -24.21
N VAL B 595 21.74 46.23 -23.60
CA VAL B 595 21.10 44.93 -23.65
C VAL B 595 20.11 44.88 -24.80
N ALA B 596 19.66 43.68 -25.15
CA ALA B 596 18.65 43.50 -26.19
C ALA B 596 17.90 42.20 -25.95
N VAL B 597 16.64 42.17 -26.40
CA VAL B 597 15.79 41.00 -26.32
C VAL B 597 15.23 40.74 -27.71
N LEU B 598 14.85 39.48 -27.95
CA LEU B 598 14.24 39.12 -29.21
C LEU B 598 13.12 38.10 -28.97
N TYR B 599 12.01 38.28 -29.67
CA TYR B 599 10.91 37.33 -29.66
C TYR B 599 10.86 36.64 -31.03
N GLN B 600 10.91 35.31 -31.01
CA GLN B 600 11.12 34.53 -32.24
C GLN B 600 9.81 34.47 -33.03
N GLY B 601 9.72 35.25 -34.10
CA GLY B 601 8.63 35.14 -35.04
C GLY B 601 7.26 35.31 -34.42
N VAL B 602 7.08 36.33 -33.59
CA VAL B 602 5.84 36.54 -32.87
C VAL B 602 5.41 37.99 -33.01
N ASN B 603 4.10 38.21 -33.13
CA ASN B 603 3.58 39.56 -33.20
C ASN B 603 3.82 40.30 -31.89
N CYS B 604 4.02 41.61 -32.00
CA CYS B 604 4.25 42.43 -30.83
C CYS B 604 3.00 42.48 -29.97
N THR B 605 3.01 41.76 -28.85
CA THR B 605 1.92 41.82 -27.89
C THR B 605 2.41 42.01 -26.46
N GLU B 606 3.71 42.22 -26.25
CA GLU B 606 4.26 42.52 -24.93
C GLU B 606 5.34 43.58 -25.11
N VAL B 607 5.10 44.78 -24.61
CA VAL B 607 6.04 45.88 -24.84
C VAL B 607 6.36 46.58 -23.52
N PRO B 608 7.20 46.00 -22.65
CA PRO B 608 7.82 46.80 -21.55
C PRO B 608 9.16 47.41 -21.94
N VAL B 609 9.12 48.44 -22.78
CA VAL B 609 10.35 49.00 -23.35
C VAL B 609 11.15 49.75 -22.29
N ALA B 610 10.56 50.78 -21.71
CA ALA B 610 11.29 51.66 -20.79
C ALA B 610 11.78 50.91 -19.57
N TYR B 623 20.93 58.82 -24.74
CA TYR B 623 19.93 58.56 -25.78
C TYR B 623 20.30 57.34 -26.62
N SER B 624 21.08 56.43 -26.04
CA SER B 624 21.44 55.21 -26.75
C SER B 624 20.26 54.26 -26.90
N THR B 625 19.17 54.49 -26.17
CA THR B 625 17.97 53.68 -26.25
C THR B 625 16.74 54.58 -26.16
N GLY B 626 15.57 53.99 -26.33
CA GLY B 626 14.34 54.73 -26.29
C GLY B 626 13.20 53.87 -26.79
N SER B 627 12.14 54.54 -27.24
CA SER B 627 11.01 53.81 -27.79
C SER B 627 11.44 53.20 -29.12
N ASN B 628 11.91 51.97 -29.09
CA ASN B 628 12.60 51.34 -30.21
C ASN B 628 12.03 49.97 -30.50
N VAL B 629 10.71 49.90 -30.61
CA VAL B 629 10.05 48.65 -31.00
C VAL B 629 10.11 48.51 -32.51
N PHE B 630 10.54 47.34 -32.99
CA PHE B 630 10.58 47.07 -34.41
C PHE B 630 10.31 45.59 -34.63
N GLN B 631 9.14 45.27 -35.15
CA GLN B 631 8.79 43.90 -35.48
C GLN B 631 9.09 43.62 -36.95
N THR B 632 9.55 42.41 -37.23
CA THR B 632 9.88 42.00 -38.59
C THR B 632 9.61 40.51 -38.72
N ARG B 633 10.13 39.91 -39.79
CA ARG B 633 10.00 38.47 -39.97
C ARG B 633 10.58 37.70 -38.80
N ALA B 634 11.60 38.27 -38.14
CA ALA B 634 12.10 37.66 -36.93
C ALA B 634 11.09 37.72 -35.79
N GLY B 635 10.11 38.60 -35.87
CA GLY B 635 9.12 38.77 -34.84
C GLY B 635 9.24 40.11 -34.15
N CYS B 636 8.71 40.16 -32.93
CA CYS B 636 8.73 41.38 -32.14
C CYS B 636 10.13 41.66 -31.60
N LEU B 637 11.03 42.07 -32.48
CA LEU B 637 12.38 42.45 -32.06
C LEU B 637 12.33 43.74 -31.25
N ILE B 638 13.15 43.82 -30.20
CA ILE B 638 13.22 44.96 -29.32
C ILE B 638 14.69 45.31 -29.12
N GLY B 639 14.94 46.55 -28.71
CA GLY B 639 16.29 46.97 -28.39
C GLY B 639 17.24 46.91 -29.56
N ALA B 640 16.74 47.15 -30.77
CA ALA B 640 17.61 47.20 -31.95
C ALA B 640 16.89 48.03 -33.01
N GLU B 641 17.44 49.21 -33.31
CA GLU B 641 16.83 50.07 -34.30
C GLU B 641 16.87 49.39 -35.66
N HIS B 642 15.73 49.34 -36.32
CA HIS B 642 15.70 48.79 -37.66
C HIS B 642 16.54 49.65 -38.60
N VAL B 643 17.23 48.99 -39.52
CA VAL B 643 18.12 49.68 -40.45
C VAL B 643 17.65 49.37 -41.88
N ASN B 644 17.49 50.43 -42.67
CA ASN B 644 17.08 50.26 -44.05
C ASN B 644 18.14 49.50 -44.86
N ASN B 645 19.40 49.62 -44.47
CA ASN B 645 20.50 48.93 -45.11
C ASN B 645 20.85 47.68 -44.32
N SER B 646 21.55 46.75 -44.98
CA SER B 646 21.95 45.49 -44.35
C SER B 646 23.40 45.23 -44.72
N TYR B 647 24.30 45.39 -43.75
CA TYR B 647 25.69 45.00 -43.95
C TYR B 647 25.80 43.49 -43.77
N GLU B 648 27.03 43.00 -43.71
CA GLU B 648 27.24 41.56 -43.59
C GLU B 648 26.74 41.07 -42.25
N CYS B 649 26.05 39.93 -42.27
CA CYS B 649 25.54 39.34 -41.04
C CYS B 649 26.65 38.72 -40.22
N ASP B 650 26.49 38.80 -38.91
CA ASP B 650 27.34 38.06 -37.99
C ASP B 650 26.56 37.02 -37.21
N ILE B 651 25.44 37.42 -36.61
CA ILE B 651 24.71 36.54 -35.69
C ILE B 651 23.25 36.50 -36.12
N PRO B 652 22.86 35.63 -37.04
CA PRO B 652 21.45 35.56 -37.44
C PRO B 652 20.57 35.23 -36.24
N ILE B 653 19.40 35.85 -36.19
CA ILE B 653 18.52 35.75 -35.03
C ILE B 653 17.21 35.03 -35.34
N GLY B 654 16.90 34.80 -36.61
CA GLY B 654 15.66 34.15 -36.97
C GLY B 654 14.98 34.79 -38.16
N ALA B 655 14.61 33.97 -39.14
CA ALA B 655 13.81 34.39 -40.29
C ALA B 655 14.51 35.41 -41.17
N GLY B 656 15.76 35.75 -40.86
CA GLY B 656 16.52 36.59 -41.75
C GLY B 656 16.99 37.92 -41.21
N ILE B 657 17.23 38.00 -39.91
CA ILE B 657 17.64 39.26 -39.29
C ILE B 657 18.93 39.01 -38.51
N CYS B 658 19.81 40.01 -38.47
CA CYS B 658 21.07 39.94 -37.73
C CYS B 658 21.25 41.24 -36.97
N ALA B 659 21.04 41.19 -35.65
CA ALA B 659 21.26 42.35 -34.81
C ALA B 659 22.73 42.45 -34.43
N SER B 660 23.33 43.61 -34.68
CA SER B 660 24.76 43.80 -34.43
C SER B 660 24.99 45.01 -33.54
N TYR B 661 26.25 45.41 -33.40
CA TYR B 661 26.64 46.45 -32.46
C TYR B 661 27.62 47.43 -33.09
N GLN B 662 27.41 47.76 -34.37
CA GLN B 662 28.33 48.66 -35.06
C GLN B 662 28.06 50.10 -34.63
N THR B 663 28.85 51.01 -35.19
CA THR B 663 28.73 52.43 -34.90
C THR B 663 28.27 53.17 -36.15
N GLN B 664 27.42 54.17 -35.94
CA GLN B 664 26.90 54.99 -37.02
C GLN B 664 27.04 56.47 -36.66
N THR B 665 27.08 57.32 -37.68
CA THR B 665 27.29 58.74 -37.51
C THR B 665 26.01 59.49 -37.91
N ASN B 666 25.53 60.33 -37.01
CA ASN B 666 24.39 61.20 -37.30
C ASN B 666 24.68 62.66 -36.99
N SER B 667 25.41 62.94 -35.91
CA SER B 667 25.75 64.31 -35.55
C SER B 667 27.17 64.40 -35.03
N SER B 676 25.47 56.73 -31.54
CA SER B 676 26.56 56.18 -32.33
C SER B 676 26.73 54.69 -32.05
N GLN B 677 27.00 54.36 -30.79
CA GLN B 677 27.16 52.98 -30.37
C GLN B 677 25.80 52.44 -29.93
N SER B 678 25.26 51.50 -30.70
CA SER B 678 23.94 50.95 -30.41
C SER B 678 23.81 49.62 -31.12
N ILE B 679 22.67 48.96 -30.89
CA ILE B 679 22.37 47.65 -31.45
C ILE B 679 21.56 47.86 -32.73
N ILE B 680 22.11 47.45 -33.86
CA ILE B 680 21.43 47.59 -35.15
C ILE B 680 21.19 46.20 -35.72
N ALA B 681 20.02 46.03 -36.33
CA ALA B 681 19.65 44.79 -37.00
C ALA B 681 19.28 45.12 -38.44
N TYR B 682 19.19 44.09 -39.27
CA TYR B 682 18.81 44.26 -40.66
C TYR B 682 18.40 42.91 -41.21
N THR B 683 17.77 42.92 -42.37
CA THR B 683 17.50 41.67 -43.07
C THR B 683 18.82 41.02 -43.45
N MET B 684 18.94 39.73 -43.14
CA MET B 684 20.24 39.07 -43.22
C MET B 684 20.73 39.06 -44.67
N SER B 685 22.05 39.01 -44.82
CA SER B 685 22.68 39.03 -46.13
C SER B 685 24.06 38.41 -45.97
N LEU B 686 24.87 38.53 -47.02
CA LEU B 686 26.27 38.09 -47.01
C LEU B 686 27.10 39.17 -47.67
N GLY B 687 27.87 39.90 -46.87
CA GLY B 687 28.55 41.08 -47.37
C GLY B 687 27.52 42.06 -47.86
N ALA B 688 27.39 42.15 -49.18
CA ALA B 688 26.29 42.84 -49.83
C ALA B 688 25.88 42.00 -51.03
N GLU B 689 25.13 42.59 -51.95
CA GLU B 689 24.95 41.97 -53.24
C GLU B 689 26.23 42.12 -54.05
N ASN B 690 26.56 41.11 -54.84
CA ASN B 690 27.61 41.22 -55.82
C ASN B 690 27.02 41.06 -57.21
N SER B 691 27.59 41.79 -58.17
CA SER B 691 27.16 41.73 -59.57
C SER B 691 28.41 41.73 -60.45
N VAL B 692 28.91 40.53 -60.74
CA VAL B 692 29.94 40.35 -61.75
C VAL B 692 29.22 39.88 -63.02
N ALA B 693 29.34 40.66 -64.09
CA ALA B 693 28.66 40.34 -65.33
C ALA B 693 29.14 39.00 -65.86
N TYR B 694 28.20 38.16 -66.28
CA TYR B 694 28.53 36.82 -66.74
C TYR B 694 28.11 36.70 -68.20
N SER B 695 28.98 37.14 -69.10
CA SER B 695 28.65 37.05 -70.51
C SER B 695 28.82 35.61 -70.94
N ASN B 696 28.64 35.37 -72.23
CA ASN B 696 28.90 34.07 -72.82
C ASN B 696 30.30 33.97 -73.39
N ASN B 697 31.11 35.02 -73.26
CA ASN B 697 32.49 34.98 -73.73
C ASN B 697 33.45 35.69 -72.79
N SER B 698 33.07 35.94 -71.54
CA SER B 698 33.94 36.60 -70.57
C SER B 698 34.33 35.62 -69.47
N ILE B 699 35.58 35.73 -69.03
CA ILE B 699 36.15 34.89 -68.00
C ILE B 699 36.88 35.80 -67.02
N ALA B 700 37.32 35.24 -65.91
CA ALA B 700 38.34 35.91 -65.10
C ALA B 700 39.33 34.85 -64.61
N ILE B 701 40.58 35.28 -64.46
CA ILE B 701 41.69 34.37 -64.16
C ILE B 701 42.66 35.08 -63.21
N PRO B 702 43.11 34.43 -62.14
CA PRO B 702 43.89 35.15 -61.12
C PRO B 702 45.37 35.26 -61.44
N THR B 703 45.88 36.48 -61.59
CA THR B 703 47.32 36.68 -61.67
C THR B 703 48.00 36.47 -60.33
N ASN B 704 47.24 36.35 -59.25
CA ASN B 704 47.81 36.12 -57.94
C ASN B 704 46.90 35.21 -57.13
N PHE B 705 47.34 34.89 -55.93
CA PHE B 705 46.73 33.89 -55.08
C PHE B 705 47.22 34.10 -53.66
N THR B 706 46.88 33.17 -52.78
CA THR B 706 47.37 33.15 -51.42
C THR B 706 47.56 31.71 -50.97
N ILE B 707 48.53 31.50 -50.10
CA ILE B 707 48.75 30.22 -49.45
C ILE B 707 48.37 30.43 -47.99
N SER B 708 47.11 30.22 -47.67
CA SER B 708 46.59 30.53 -46.34
C SER B 708 46.28 29.23 -45.63
N VAL B 709 46.89 29.04 -44.48
CA VAL B 709 46.75 27.78 -43.74
C VAL B 709 45.53 27.95 -42.84
N THR B 710 44.36 27.73 -43.43
CA THR B 710 43.14 27.73 -42.64
C THR B 710 43.17 26.54 -41.69
N THR B 711 42.69 26.75 -40.47
CA THR B 711 42.75 25.74 -39.43
C THR B 711 41.34 25.27 -39.14
N GLU B 712 40.86 24.33 -39.94
CA GLU B 712 39.68 23.57 -39.59
C GLU B 712 40.13 22.24 -39.01
N ILE B 713 39.52 21.85 -37.91
CA ILE B 713 40.10 20.79 -37.11
C ILE B 713 39.08 19.68 -37.02
N LEU B 714 39.47 18.51 -36.52
CA LEU B 714 38.52 17.42 -36.43
C LEU B 714 38.68 16.66 -35.12
N PRO B 715 37.58 16.41 -34.39
CA PRO B 715 37.69 15.60 -33.18
C PRO B 715 38.07 14.18 -33.55
N VAL B 716 39.30 13.79 -33.18
CA VAL B 716 39.83 12.49 -33.56
C VAL B 716 39.55 11.42 -32.53
N SER B 717 39.19 11.79 -31.29
CA SER B 717 38.91 10.80 -30.27
C SER B 717 38.03 11.44 -29.21
N MET B 718 37.85 10.71 -28.11
CA MET B 718 37.11 11.19 -26.96
C MET B 718 37.91 10.86 -25.71
N THR B 719 37.55 11.51 -24.59
CA THR B 719 38.07 11.10 -23.30
C THR B 719 37.60 9.67 -23.06
N LYS B 720 38.54 8.73 -23.15
CA LYS B 720 38.17 7.35 -23.40
C LYS B 720 37.59 6.73 -22.14
N THR B 721 36.52 7.31 -21.64
CA THR B 721 36.02 6.89 -20.34
C THR B 721 35.44 5.49 -20.39
N SER B 722 35.72 4.73 -19.34
CA SER B 722 35.00 3.52 -19.05
C SER B 722 33.97 3.80 -17.97
N VAL B 723 33.17 2.80 -17.65
CA VAL B 723 32.21 2.91 -16.56
C VAL B 723 32.28 1.63 -15.73
N ASP B 724 32.71 1.76 -14.49
CA ASP B 724 32.58 0.69 -13.52
C ASP B 724 31.09 0.64 -13.15
N CYS B 725 30.30 0.00 -14.03
CA CYS B 725 28.85 0.07 -13.98
C CYS B 725 28.35 -0.09 -12.55
N THR B 726 28.70 -1.21 -11.93
CA THR B 726 28.32 -1.44 -10.55
C THR B 726 28.91 -0.37 -9.64
N MET B 727 30.22 -0.18 -9.70
CA MET B 727 30.86 0.80 -8.82
C MET B 727 30.39 2.21 -9.12
N TYR B 728 30.16 2.54 -10.39
CA TYR B 728 29.64 3.87 -10.71
C TYR B 728 28.27 4.07 -10.05
N ILE B 729 27.35 3.14 -10.26
CA ILE B 729 26.06 3.22 -9.57
C ILE B 729 26.26 3.00 -8.08
N CYS B 730 27.10 2.03 -7.71
CA CYS B 730 27.15 1.50 -6.36
C CYS B 730 28.60 1.58 -5.91
N GLY B 731 29.00 2.69 -5.32
CA GLY B 731 30.38 2.80 -4.92
C GLY B 731 30.60 2.09 -3.62
N ASP B 732 31.08 0.84 -3.70
CA ASP B 732 31.28 -0.02 -2.55
C ASP B 732 30.06 -0.04 -1.64
N SER B 733 28.92 -0.41 -2.24
CA SER B 733 27.68 -0.61 -1.50
C SER B 733 27.16 -2.02 -1.80
N THR B 734 26.70 -2.70 -0.75
CA THR B 734 26.41 -4.14 -0.86
C THR B 734 25.14 -4.40 -1.65
N GLU B 735 23.99 -3.91 -1.17
CA GLU B 735 22.73 -4.22 -1.84
C GLU B 735 22.66 -3.58 -3.22
N CYS B 736 23.21 -2.40 -3.40
CA CYS B 736 23.20 -1.79 -4.73
C CYS B 736 24.00 -2.61 -5.71
N SER B 737 25.19 -3.04 -5.30
CA SER B 737 25.99 -3.92 -6.16
C SER B 737 25.24 -5.21 -6.46
N ASN B 738 24.61 -5.78 -5.43
CA ASN B 738 23.84 -7.01 -5.61
C ASN B 738 22.74 -6.82 -6.65
N LEU B 739 21.97 -5.73 -6.53
CA LEU B 739 20.83 -5.52 -7.41
C LEU B 739 21.28 -5.22 -8.83
N LEU B 740 22.39 -4.49 -9.00
CA LEU B 740 22.83 -4.19 -10.35
C LEU B 740 23.47 -5.41 -11.01
N LEU B 741 24.14 -6.26 -10.24
CA LEU B 741 24.59 -7.54 -10.80
C LEU B 741 23.40 -8.41 -11.17
N GLN B 742 22.35 -8.40 -10.35
CA GLN B 742 21.14 -9.17 -10.68
C GLN B 742 20.51 -8.68 -11.97
N TYR B 743 20.47 -7.35 -12.16
CA TYR B 743 19.99 -6.81 -13.42
C TYR B 743 20.94 -7.13 -14.57
N GLY B 744 22.25 -7.17 -14.29
CA GLY B 744 23.18 -7.84 -15.16
C GLY B 744 23.35 -7.27 -16.53
N SER B 745 22.69 -7.95 -17.47
CA SER B 745 22.79 -7.70 -18.90
C SER B 745 22.92 -6.21 -19.22
N PHE B 746 22.20 -5.37 -18.49
CA PHE B 746 22.24 -3.95 -18.78
C PHE B 746 23.67 -3.44 -18.75
N CYS B 747 24.27 -3.37 -17.55
CA CYS B 747 25.57 -2.73 -17.51
C CYS B 747 26.65 -3.62 -18.08
N THR B 748 26.39 -4.93 -18.22
CA THR B 748 27.35 -5.75 -18.94
C THR B 748 27.49 -5.28 -20.38
N GLN B 749 26.37 -5.08 -21.08
CA GLN B 749 26.48 -4.58 -22.44
C GLN B 749 26.81 -3.09 -22.51
N LEU B 750 26.48 -2.29 -21.49
CA LEU B 750 27.02 -0.93 -21.47
C LEU B 750 28.54 -0.94 -21.42
N ASN B 751 29.12 -1.78 -20.55
CA ASN B 751 30.58 -1.89 -20.51
C ASN B 751 31.11 -2.41 -21.83
N ARG B 752 30.41 -3.38 -22.42
CA ARG B 752 30.82 -3.89 -23.72
C ARG B 752 30.86 -2.77 -24.74
N ALA B 753 29.82 -1.95 -24.76
CA ALA B 753 29.75 -0.87 -25.74
C ALA B 753 30.84 0.16 -25.52
N LEU B 754 31.08 0.54 -24.27
CA LEU B 754 32.11 1.55 -24.02
C LEU B 754 33.50 1.01 -24.31
N THR B 755 33.74 -0.28 -24.04
CA THR B 755 35.02 -0.87 -24.42
C THR B 755 35.16 -0.90 -25.94
N GLY B 756 34.07 -1.23 -26.64
CA GLY B 756 34.09 -1.15 -28.09
C GLY B 756 34.40 0.26 -28.57
N ILE B 757 33.88 1.26 -27.87
CA ILE B 757 34.23 2.64 -28.13
C ILE B 757 35.75 2.74 -28.04
N ALA B 758 36.27 2.52 -26.83
CA ALA B 758 37.70 2.69 -26.59
C ALA B 758 38.53 2.07 -27.71
N VAL B 759 38.24 0.82 -28.04
CA VAL B 759 39.05 0.13 -29.03
C VAL B 759 38.83 0.72 -30.42
N GLU B 760 37.61 1.13 -30.75
CA GLU B 760 37.42 1.66 -32.10
C GLU B 760 38.14 3.00 -32.26
N GLN B 761 38.02 3.92 -31.30
CA GLN B 761 38.72 5.18 -31.52
C GLN B 761 40.22 5.05 -31.36
N ASP B 762 40.74 4.11 -30.58
CA ASP B 762 42.20 4.09 -30.57
C ASP B 762 42.73 3.37 -31.79
N LYS B 763 41.96 2.46 -32.38
CA LYS B 763 42.40 1.93 -33.67
C LYS B 763 42.30 2.98 -34.77
N ASN B 764 41.31 3.87 -34.70
CA ASN B 764 41.33 4.99 -35.63
C ASN B 764 42.54 5.88 -35.36
N THR B 765 42.84 6.10 -34.08
CA THR B 765 44.01 6.89 -33.73
C THR B 765 45.25 6.30 -34.37
N GLN B 766 45.41 4.99 -34.27
CA GLN B 766 46.51 4.29 -34.90
C GLN B 766 46.50 4.54 -36.41
N GLU B 767 45.44 4.12 -37.10
CA GLU B 767 45.47 4.15 -38.55
C GLU B 767 45.61 5.56 -39.10
N VAL B 768 45.05 6.56 -38.41
CA VAL B 768 45.22 7.94 -38.83
C VAL B 768 46.60 8.45 -38.46
N PHE B 769 47.27 7.82 -37.50
CA PHE B 769 48.62 8.22 -37.13
C PHE B 769 49.64 7.13 -37.43
N ALA B 770 49.50 5.95 -36.83
CA ALA B 770 50.42 4.87 -37.15
C ALA B 770 49.96 4.20 -38.43
N GLN B 771 49.74 4.98 -39.48
CA GLN B 771 49.42 4.40 -40.78
C GLN B 771 50.53 3.45 -41.21
N VAL B 772 51.76 3.77 -40.89
CA VAL B 772 52.86 2.82 -40.85
C VAL B 772 53.27 2.69 -39.39
N LYS B 773 53.19 1.47 -38.85
CA LYS B 773 53.58 1.27 -37.47
C LYS B 773 55.04 1.62 -37.25
N GLN B 774 55.86 1.53 -38.30
CA GLN B 774 57.25 1.92 -38.21
C GLN B 774 57.36 3.42 -37.93
N ILE B 775 57.85 3.77 -36.73
CA ILE B 775 58.00 5.18 -36.39
C ILE B 775 59.11 5.78 -37.25
N TYR B 776 59.04 7.09 -37.44
CA TYR B 776 60.11 7.83 -38.08
C TYR B 776 60.35 9.09 -37.28
N LYS B 777 61.61 9.44 -37.05
CA LYS B 777 61.97 10.63 -36.29
C LYS B 777 62.60 11.66 -37.20
N THR B 778 62.15 12.91 -37.05
CA THR B 778 62.66 14.02 -37.84
C THR B 778 64.14 14.21 -37.58
N PRO B 779 64.98 14.29 -38.61
CA PRO B 779 66.39 14.57 -38.39
C PRO B 779 66.56 15.91 -37.69
N PRO B 780 67.52 16.02 -36.77
CA PRO B 780 67.73 17.30 -36.09
C PRO B 780 68.28 18.36 -37.01
N ILE B 781 68.62 17.99 -38.25
CA ILE B 781 69.24 18.92 -39.19
C ILE B 781 68.10 19.65 -39.89
N LYS B 782 67.64 20.73 -39.26
CA LYS B 782 66.54 21.54 -39.79
C LYS B 782 67.12 22.54 -40.78
N ASP B 783 67.14 22.16 -42.06
CA ASP B 783 67.75 22.98 -43.10
C ASP B 783 66.90 22.94 -44.36
N PHE B 784 66.23 24.06 -44.65
CA PHE B 784 65.47 24.19 -45.89
C PHE B 784 65.65 25.54 -46.56
N GLY B 785 66.36 26.48 -45.94
CA GLY B 785 66.58 27.78 -46.55
C GLY B 785 65.38 28.70 -46.52
N GLY B 786 64.33 28.36 -45.78
CA GLY B 786 63.15 29.19 -45.70
C GLY B 786 61.85 28.41 -45.64
N PHE B 787 61.85 27.20 -46.18
CA PHE B 787 60.66 26.36 -46.20
C PHE B 787 60.34 25.78 -44.86
N ASN B 788 60.95 26.25 -43.77
CA ASN B 788 61.03 25.44 -42.58
C ASN B 788 59.75 25.52 -41.75
N PHE B 789 59.70 24.66 -40.74
CA PHE B 789 58.51 24.34 -39.96
C PHE B 789 58.79 24.52 -38.48
N SER B 790 59.41 25.65 -38.14
CA SER B 790 59.96 25.87 -36.80
C SER B 790 58.93 25.64 -35.69
N GLN B 791 57.77 26.24 -35.81
CA GLN B 791 56.83 26.15 -34.70
C GLN B 791 55.92 24.95 -34.80
N ILE B 792 56.07 24.10 -35.81
CA ILE B 792 55.31 22.85 -35.90
C ILE B 792 56.22 21.63 -35.85
N LEU B 793 57.38 21.69 -36.48
CA LEU B 793 58.32 20.59 -36.41
C LEU B 793 58.85 20.46 -34.98
N PRO B 794 59.16 19.25 -34.53
CA PRO B 794 59.64 19.08 -33.15
C PRO B 794 60.86 19.93 -32.86
N ASP B 795 60.87 20.55 -31.69
CA ASP B 795 61.98 21.38 -31.26
C ASP B 795 62.97 20.53 -30.46
N PRO B 796 64.24 20.46 -30.88
CA PRO B 796 65.20 19.64 -30.13
C PRO B 796 65.33 20.04 -28.67
N SER B 797 65.28 21.34 -28.37
CA SER B 797 65.55 21.81 -27.03
C SER B 797 64.39 21.64 -26.08
N LYS B 798 63.18 21.39 -26.59
CA LYS B 798 62.01 21.28 -25.73
C LYS B 798 62.05 19.98 -24.93
N PRO B 799 61.36 19.93 -23.78
CA PRO B 799 61.36 18.70 -22.97
C PRO B 799 60.83 17.51 -23.75
N SER B 800 59.58 17.58 -24.19
CA SER B 800 59.07 16.64 -25.18
C SER B 800 59.38 17.17 -26.57
N LYS B 801 59.33 16.29 -27.55
CA LYS B 801 59.67 16.69 -28.91
C LYS B 801 58.46 17.25 -29.64
N ARG B 802 57.78 18.19 -28.99
CA ARG B 802 56.68 18.92 -29.58
C ARG B 802 57.21 20.25 -30.10
N SER B 803 56.31 21.16 -30.48
CA SER B 803 56.68 22.48 -30.93
C SER B 803 55.76 23.50 -30.25
N PHE B 804 55.87 24.75 -30.69
CA PHE B 804 55.16 25.83 -30.01
C PHE B 804 53.65 25.67 -30.12
N ILE B 805 53.16 25.26 -31.29
CA ILE B 805 51.71 25.20 -31.45
C ILE B 805 51.13 24.13 -30.53
N GLU B 806 51.87 23.06 -30.27
CA GLU B 806 51.43 22.11 -29.26
C GLU B 806 51.33 22.79 -27.90
N ASP B 807 52.28 23.66 -27.58
CA ASP B 807 52.24 24.36 -26.30
C ASP B 807 50.99 25.22 -26.19
N LEU B 808 50.65 25.93 -27.28
CA LEU B 808 49.48 26.78 -27.25
C LEU B 808 48.21 25.94 -27.19
N LEU B 809 48.22 24.76 -27.80
CA LEU B 809 47.07 23.87 -27.67
C LEU B 809 46.94 23.34 -26.25
N PHE B 810 48.06 22.93 -25.65
CA PHE B 810 48.03 22.35 -24.31
C PHE B 810 47.58 23.37 -23.27
N ASN B 811 48.14 24.58 -23.31
CA ASN B 811 47.79 25.54 -22.28
C ASN B 811 46.37 26.05 -22.48
N LYS B 812 45.72 25.61 -23.56
CA LYS B 812 44.30 25.81 -23.77
C LYS B 812 43.48 24.59 -23.33
N VAL B 813 43.95 23.88 -22.31
CA VAL B 813 43.19 22.77 -21.74
C VAL B 813 42.38 23.35 -20.59
N THR B 814 42.30 24.68 -20.53
CA THR B 814 41.62 25.37 -19.44
C THR B 814 40.13 25.06 -19.40
N LEU B 815 39.65 24.32 -20.39
CA LEU B 815 38.27 23.88 -20.44
C LEU B 815 38.04 22.62 -19.60
N ALA B 816 39.10 21.98 -19.13
CA ALA B 816 38.97 20.79 -18.31
C ALA B 816 40.19 20.61 -17.41
N LYS B 841 37.90 12.35 -11.53
CA LYS B 841 38.29 10.95 -11.50
C LYS B 841 37.80 10.26 -10.24
N PHE B 842 36.85 10.89 -9.55
CA PHE B 842 36.39 10.40 -8.26
C PHE B 842 35.07 9.65 -8.32
N ASN B 843 34.30 9.79 -9.39
CA ASN B 843 32.93 9.27 -9.43
C ASN B 843 32.80 8.25 -10.55
N GLY B 844 33.76 7.34 -10.64
CA GLY B 844 33.71 6.34 -11.69
C GLY B 844 34.06 6.86 -13.05
N LEU B 845 34.51 8.11 -13.15
CA LEU B 845 34.94 8.68 -14.43
C LEU B 845 36.29 8.09 -14.82
N THR B 846 36.30 6.77 -14.94
CA THR B 846 37.56 6.06 -15.09
C THR B 846 38.18 6.44 -16.42
N VAL B 847 39.19 7.30 -16.36
CA VAL B 847 39.82 7.80 -17.57
C VAL B 847 40.83 6.76 -18.04
N LEU B 848 40.44 6.00 -19.05
CA LEU B 848 41.39 5.13 -19.71
C LEU B 848 42.50 5.99 -20.31
N PRO B 849 43.76 5.72 -20.01
CA PRO B 849 44.83 6.43 -20.67
C PRO B 849 44.76 6.21 -22.17
N PRO B 850 45.07 7.22 -22.96
CA PRO B 850 45.17 6.99 -24.40
C PRO B 850 46.23 5.96 -24.67
N LEU B 851 46.01 5.14 -25.69
CA LEU B 851 47.08 4.25 -26.11
C LEU B 851 48.31 5.04 -26.49
N LEU B 852 48.15 6.29 -26.87
CA LEU B 852 49.26 7.17 -27.22
C LEU B 852 49.07 8.47 -26.44
N THR B 853 49.85 8.65 -25.38
CA THR B 853 49.75 9.84 -24.56
C THR B 853 50.51 10.98 -25.22
N ASP B 854 50.52 12.12 -24.53
CA ASP B 854 51.14 13.35 -25.01
C ASP B 854 52.47 13.08 -25.71
N GLU B 855 53.42 12.51 -24.98
CA GLU B 855 54.74 12.30 -25.54
C GLU B 855 54.69 11.36 -26.75
N MET B 856 53.95 10.26 -26.65
CA MET B 856 53.99 9.32 -27.75
C MET B 856 52.98 9.60 -28.84
N ILE B 857 51.82 10.19 -28.50
CA ILE B 857 50.97 10.67 -29.58
C ILE B 857 51.71 11.75 -30.35
N ALA B 858 52.52 12.54 -29.65
CA ALA B 858 53.40 13.46 -30.31
C ALA B 858 54.45 12.73 -31.14
N GLN B 859 54.93 11.60 -30.63
CA GLN B 859 55.89 10.80 -31.40
C GLN B 859 55.30 10.42 -32.74
N TYR B 860 54.09 9.85 -32.73
CA TYR B 860 53.39 9.60 -33.99
C TYR B 860 53.28 10.88 -34.81
N THR B 861 52.56 11.87 -34.30
CA THR B 861 52.25 13.05 -35.11
C THR B 861 53.51 13.65 -35.72
N SER B 862 54.60 13.66 -34.96
CA SER B 862 55.89 14.06 -35.50
C SER B 862 56.30 13.15 -36.63
N ALA B 863 56.09 11.85 -36.46
CA ALA B 863 56.42 10.92 -37.54
C ALA B 863 55.57 11.20 -38.77
N LEU B 864 54.30 11.52 -38.56
CA LEU B 864 53.42 11.83 -39.68
C LEU B 864 53.90 13.06 -40.42
N LEU B 865 54.29 14.08 -39.66
CA LEU B 865 54.83 15.29 -40.26
C LEU B 865 56.11 14.98 -41.02
N ALA B 866 56.97 14.14 -40.43
CA ALA B 866 58.19 13.74 -41.09
C ALA B 866 57.90 13.00 -42.39
N GLY B 867 56.90 12.13 -42.36
CA GLY B 867 56.54 11.40 -43.56
C GLY B 867 56.03 12.32 -44.65
N THR B 868 55.14 13.24 -44.30
CA THR B 868 54.57 14.11 -45.32
C THR B 868 55.56 15.18 -45.78
N ILE B 869 56.64 15.39 -45.03
CA ILE B 869 57.68 16.33 -45.46
C ILE B 869 58.82 15.64 -46.20
N THR B 870 59.07 14.36 -45.91
CA THR B 870 60.21 13.64 -46.46
C THR B 870 59.80 12.46 -47.33
N SER B 871 59.01 11.54 -46.79
CA SER B 871 58.52 10.43 -47.60
C SER B 871 57.31 10.81 -48.42
N GLY B 872 56.50 11.74 -47.95
CA GLY B 872 55.35 12.18 -48.72
C GLY B 872 54.31 11.09 -48.88
N TRP B 873 53.68 11.07 -50.06
CA TRP B 873 52.54 10.19 -50.28
C TRP B 873 52.93 8.72 -50.24
N THR B 874 54.19 8.41 -50.55
CA THR B 874 54.64 7.02 -50.62
C THR B 874 54.68 6.37 -49.25
N PHE B 875 54.27 7.11 -48.22
CA PHE B 875 54.19 6.60 -46.87
C PHE B 875 53.04 5.60 -46.74
N GLY B 876 52.28 5.43 -47.83
CA GLY B 876 51.05 4.66 -47.75
C GLY B 876 51.25 3.20 -47.40
N ALA B 877 52.26 2.56 -47.98
CA ALA B 877 52.38 1.10 -47.96
C ALA B 877 53.50 0.60 -47.05
N GLY B 878 53.65 1.22 -45.88
CA GLY B 878 54.59 0.73 -44.90
C GLY B 878 56.03 1.16 -45.08
N ALA B 879 56.36 1.74 -46.23
CA ALA B 879 57.74 2.14 -46.54
C ALA B 879 57.83 3.66 -46.53
N ALA B 880 58.66 4.20 -45.64
CA ALA B 880 58.89 5.64 -45.56
C ALA B 880 59.79 6.08 -46.72
N LEU B 881 59.28 5.90 -47.92
CA LEU B 881 60.04 6.19 -49.13
C LEU B 881 60.26 7.69 -49.21
N GLN B 882 61.43 8.16 -48.77
CA GLN B 882 61.66 9.59 -48.73
C GLN B 882 61.60 10.18 -50.13
N ILE B 883 61.16 11.42 -50.21
CA ILE B 883 61.15 12.16 -51.47
C ILE B 883 61.67 13.57 -51.22
N PRO B 884 62.31 14.21 -52.19
CA PRO B 884 62.75 15.59 -52.00
C PRO B 884 61.54 16.52 -51.84
N PHE B 885 61.54 17.26 -50.73
CA PHE B 885 60.37 18.01 -50.31
C PHE B 885 60.00 19.08 -51.33
N ALA B 886 61.01 19.75 -51.90
CA ALA B 886 60.77 20.79 -52.90
C ALA B 886 59.95 20.28 -54.07
N MET B 887 60.04 19.00 -54.39
CA MET B 887 59.14 18.37 -55.34
C MET B 887 57.98 17.67 -54.66
N GLN B 888 58.03 17.47 -53.35
CA GLN B 888 56.90 16.92 -52.63
C GLN B 888 55.70 17.86 -52.70
N MET B 889 55.90 19.14 -52.34
CA MET B 889 54.73 19.99 -52.50
C MET B 889 54.48 20.34 -53.96
N ALA B 890 55.42 20.08 -54.85
CA ALA B 890 55.15 20.22 -56.27
C ALA B 890 54.10 19.21 -56.72
N TYR B 891 54.31 17.93 -56.35
CA TYR B 891 53.29 16.92 -56.62
C TYR B 891 52.00 17.25 -55.87
N ARG B 892 52.11 17.80 -54.66
CA ARG B 892 50.91 18.24 -53.96
C ARG B 892 50.14 19.27 -54.77
N PHE B 893 50.82 20.28 -55.31
CA PHE B 893 50.16 21.28 -56.12
C PHE B 893 49.53 20.65 -57.35
N ASN B 894 50.23 19.69 -57.97
CA ASN B 894 49.63 18.90 -59.03
C ASN B 894 48.39 18.16 -58.53
N GLY B 895 48.27 17.95 -57.22
CA GLY B 895 47.08 17.36 -56.66
C GLY B 895 45.82 18.20 -56.86
N ILE B 896 45.97 19.49 -57.13
CA ILE B 896 44.85 20.31 -57.57
C ILE B 896 45.17 20.90 -58.94
N GLY B 897 45.92 20.14 -59.73
CA GLY B 897 46.21 20.54 -61.10
C GLY B 897 47.07 21.76 -61.26
N VAL B 898 48.06 21.93 -60.39
CA VAL B 898 48.99 23.05 -60.48
C VAL B 898 50.35 22.51 -60.84
N THR B 899 50.87 22.92 -61.99
CA THR B 899 52.19 22.50 -62.44
C THR B 899 53.26 23.10 -61.53
N GLN B 900 54.39 22.40 -61.44
CA GLN B 900 55.48 22.81 -60.57
C GLN B 900 56.06 24.17 -60.92
N ASN B 901 55.56 24.83 -61.97
CA ASN B 901 56.12 26.11 -62.38
C ASN B 901 55.95 27.17 -61.30
N VAL B 902 54.72 27.36 -60.81
CA VAL B 902 54.48 28.42 -59.85
C VAL B 902 55.27 28.17 -58.57
N LEU B 903 55.37 26.89 -58.16
CA LEU B 903 56.16 26.55 -57.00
C LEU B 903 57.63 26.89 -57.22
N TYR B 904 58.21 26.41 -58.33
CA TYR B 904 59.64 26.60 -58.55
C TYR B 904 59.99 28.06 -58.72
N GLU B 905 59.03 28.90 -59.11
CA GLU B 905 59.31 30.32 -59.32
C GLU B 905 58.83 31.19 -58.16
N ASN B 906 58.18 30.61 -57.16
CA ASN B 906 57.72 31.42 -56.04
C ASN B 906 58.02 30.81 -54.66
N GLN B 907 58.73 29.68 -54.59
CA GLN B 907 58.79 28.90 -53.36
C GLN B 907 59.34 29.70 -52.20
N LYS B 908 60.31 30.58 -52.44
CA LYS B 908 60.87 31.35 -51.35
C LYS B 908 59.79 32.19 -50.66
N LEU B 909 59.06 32.98 -51.46
CA LEU B 909 57.95 33.73 -50.90
C LEU B 909 56.90 32.80 -50.31
N ILE B 910 56.47 31.82 -51.10
CA ILE B 910 55.49 30.83 -50.66
C ILE B 910 55.79 30.41 -49.23
N ALA B 911 57.06 30.09 -48.97
CA ALA B 911 57.47 29.70 -47.63
C ALA B 911 57.42 30.86 -46.65
N ASN B 912 57.84 32.04 -47.07
CA ASN B 912 57.82 33.17 -46.13
C ASN B 912 56.40 33.49 -45.69
N GLN B 913 55.47 33.57 -46.63
CA GLN B 913 54.07 33.75 -46.26
C GLN B 913 53.48 32.51 -45.60
N PHE B 914 54.07 31.34 -45.83
CA PHE B 914 53.66 30.17 -45.06
C PHE B 914 53.97 30.40 -43.58
N ASN B 915 55.19 30.82 -43.30
CA ASN B 915 55.58 31.11 -41.93
C ASN B 915 54.74 32.24 -41.35
N SER B 916 54.46 33.26 -42.16
CA SER B 916 53.62 34.35 -41.71
C SER B 916 52.21 33.87 -41.40
N ALA B 917 51.69 32.95 -42.21
CA ALA B 917 50.39 32.36 -41.92
C ALA B 917 50.43 31.58 -40.63
N ILE B 918 51.51 30.83 -40.40
CA ILE B 918 51.64 30.08 -39.16
C ILE B 918 51.68 31.04 -37.97
N GLY B 919 52.40 32.14 -38.11
CA GLY B 919 52.46 33.11 -37.04
C GLY B 919 51.12 33.76 -36.78
N LYS B 920 50.37 34.05 -37.84
CA LYS B 920 49.02 34.57 -37.64
C LYS B 920 48.14 33.53 -36.96
N ILE B 921 48.34 32.25 -37.27
CA ILE B 921 47.59 31.19 -36.61
C ILE B 921 47.89 31.20 -35.11
N GLN B 922 49.18 31.23 -34.77
CA GLN B 922 49.53 31.20 -33.35
C GLN B 922 49.01 32.45 -32.64
N ASP B 923 49.08 33.60 -33.31
CA ASP B 923 48.60 34.83 -32.71
C ASP B 923 47.09 34.79 -32.50
N SER B 924 46.35 34.24 -33.47
CA SER B 924 44.91 34.13 -33.34
C SER B 924 44.54 33.15 -32.23
N LEU B 925 45.21 32.00 -32.20
CA LEU B 925 44.94 31.01 -31.17
C LEU B 925 45.34 31.50 -29.79
N SER B 926 46.25 32.48 -29.72
CA SER B 926 46.57 33.13 -28.46
C SER B 926 45.75 34.39 -28.22
N SER B 927 44.93 34.81 -29.19
CA SER B 927 44.18 36.05 -29.09
C SER B 927 42.74 35.93 -29.52
N THR B 928 42.33 34.82 -30.16
CA THR B 928 40.93 34.61 -30.54
C THR B 928 40.65 33.13 -30.28
N ALA B 929 40.07 32.84 -29.11
CA ALA B 929 39.82 31.46 -28.72
C ALA B 929 38.87 30.75 -29.65
N SER B 930 38.04 31.48 -30.39
CA SER B 930 37.14 30.86 -31.35
C SER B 930 37.86 30.28 -32.55
N ALA B 931 39.16 30.56 -32.71
CA ALA B 931 39.93 29.92 -33.78
C ALA B 931 39.95 28.41 -33.61
N LEU B 932 40.14 27.94 -32.38
CA LEU B 932 40.00 26.53 -32.04
C LEU B 932 38.55 26.14 -31.81
N GLY B 933 37.63 27.03 -32.18
CA GLY B 933 36.24 26.99 -31.77
C GLY B 933 35.57 25.64 -31.68
N LYS B 934 35.48 24.93 -32.80
CA LYS B 934 34.66 23.71 -32.80
C LYS B 934 35.32 22.59 -31.99
N LEU B 935 36.64 22.48 -32.03
CA LEU B 935 37.31 21.44 -31.23
C LEU B 935 37.31 21.76 -29.76
N GLN B 936 37.61 23.02 -29.39
CA GLN B 936 37.50 23.38 -28.00
C GLN B 936 36.06 23.20 -27.53
N ASP B 937 35.09 23.43 -28.41
CA ASP B 937 33.69 23.22 -28.07
C ASP B 937 33.38 21.74 -27.86
N VAL B 938 33.84 20.88 -28.77
CA VAL B 938 33.50 19.46 -28.62
C VAL B 938 34.12 18.91 -27.35
N VAL B 939 35.36 19.32 -27.06
CA VAL B 939 35.95 18.97 -25.78
C VAL B 939 35.10 19.54 -24.65
N ASN B 940 34.54 20.73 -24.87
CA ASN B 940 33.70 21.34 -23.85
C ASN B 940 32.52 20.45 -23.52
N GLN B 941 31.79 19.98 -24.52
CA GLN B 941 30.67 19.11 -24.12
C GLN B 941 31.12 17.70 -23.80
N ASN B 942 32.33 17.29 -24.15
CA ASN B 942 32.84 16.04 -23.56
C ASN B 942 32.91 16.19 -22.06
N ALA B 943 33.60 17.23 -21.60
CA ALA B 943 33.68 17.48 -20.17
C ALA B 943 32.31 17.74 -19.58
N GLN B 944 31.44 18.39 -20.34
CA GLN B 944 30.10 18.71 -19.85
C GLN B 944 29.28 17.44 -19.68
N ALA B 945 29.43 16.49 -20.60
CA ALA B 945 28.75 15.22 -20.48
C ALA B 945 29.26 14.45 -19.28
N LEU B 946 30.58 14.47 -19.07
CA LEU B 946 31.12 13.84 -17.86
C LEU B 946 30.54 14.50 -16.61
N ASN B 947 30.46 15.83 -16.60
CA ASN B 947 29.88 16.53 -15.48
C ASN B 947 28.41 16.17 -15.29
N THR B 948 27.68 16.00 -16.38
CA THR B 948 26.33 15.46 -16.29
C THR B 948 26.34 14.14 -15.56
N LEU B 949 27.01 13.15 -16.16
CA LEU B 949 27.13 11.80 -15.62
C LEU B 949 27.36 11.86 -14.12
N VAL B 950 28.15 12.85 -13.70
CA VAL B 950 28.34 13.09 -12.28
C VAL B 950 27.06 13.61 -11.63
N LYS B 951 26.41 14.60 -12.26
CA LYS B 951 25.46 15.43 -11.53
C LYS B 951 24.02 14.95 -11.60
N GLN B 952 23.68 13.98 -12.45
CA GLN B 952 22.38 13.36 -12.24
C GLN B 952 22.33 12.57 -10.94
N LEU B 953 23.48 12.29 -10.33
CA LEU B 953 23.46 11.83 -8.94
C LEU B 953 22.81 12.87 -8.05
N SER B 954 22.92 14.15 -8.41
CA SER B 954 22.13 15.18 -7.77
C SER B 954 20.67 15.08 -8.19
N SER B 955 20.42 14.68 -9.43
CA SER B 955 19.05 14.46 -9.89
C SER B 955 18.50 13.23 -9.20
N ASN B 956 18.08 13.39 -7.95
CA ASN B 956 17.97 12.26 -7.05
C ASN B 956 16.57 11.68 -6.95
N PHE B 957 15.62 12.16 -7.73
CA PHE B 957 14.39 11.45 -8.08
C PHE B 957 13.43 11.29 -6.91
N GLY B 958 13.83 11.66 -5.69
CA GLY B 958 13.05 11.37 -4.50
C GLY B 958 13.94 11.01 -3.34
N ALA B 959 15.24 10.98 -3.57
CA ALA B 959 16.24 10.82 -2.53
C ALA B 959 16.97 12.15 -2.33
N ILE B 960 17.78 12.22 -1.27
CA ILE B 960 18.38 13.50 -0.89
C ILE B 960 19.88 13.37 -0.65
N SER B 961 20.52 12.40 -1.30
CA SER B 961 21.97 12.28 -1.28
C SER B 961 22.46 11.79 -2.64
N SER B 962 23.72 12.09 -2.93
CA SER B 962 24.27 11.82 -4.25
C SER B 962 24.38 10.32 -4.51
N VAL B 963 25.19 9.63 -3.70
CA VAL B 963 25.29 8.17 -3.79
C VAL B 963 24.21 7.55 -2.92
N LEU B 964 23.45 6.64 -3.50
CA LEU B 964 22.22 6.15 -2.90
C LEU B 964 22.45 5.26 -1.68
N ASN B 965 23.69 4.87 -1.40
CA ASN B 965 23.94 3.94 -0.32
C ASN B 965 23.48 4.48 1.03
N ASP B 966 23.60 5.79 1.25
CA ASP B 966 23.13 6.34 2.51
C ASP B 966 21.62 6.42 2.59
N ILE B 967 20.94 6.59 1.45
CA ILE B 967 19.48 6.47 1.45
C ILE B 967 19.10 5.03 1.80
N LEU B 968 19.83 4.06 1.25
CA LEU B 968 19.60 2.66 1.62
C LEU B 968 19.78 2.47 3.12
N SER B 969 20.84 3.03 3.68
CA SER B 969 21.05 2.98 5.12
C SER B 969 20.02 3.81 5.87
N ARG B 970 19.35 4.74 5.21
CA ARG B 970 18.38 5.60 5.86
C ARG B 970 17.02 4.93 6.04
N LEU B 971 16.76 3.80 5.38
CA LEU B 971 15.48 3.13 5.46
C LEU B 971 15.68 1.68 5.88
N ASP B 972 14.62 1.08 6.40
CA ASP B 972 14.65 -0.30 6.84
C ASP B 972 14.94 -1.20 5.63
N PRO B 973 15.74 -2.26 5.83
CA PRO B 973 16.30 -3.01 4.69
C PRO B 973 15.24 -3.49 3.71
N PRO B 974 14.04 -3.90 4.16
CA PRO B 974 12.95 -4.10 3.19
C PRO B 974 12.46 -2.79 2.57
N GLU B 975 12.19 -1.79 3.41
CA GLU B 975 11.77 -0.50 2.91
C GLU B 975 12.88 0.15 2.10
N ALA B 976 14.13 -0.03 2.52
CA ALA B 976 15.27 0.43 1.75
C ALA B 976 15.36 -0.30 0.42
N GLU B 977 15.05 -1.60 0.40
CA GLU B 977 14.99 -2.35 -0.85
C GLU B 977 13.95 -1.74 -1.78
N VAL B 978 12.78 -1.39 -1.22
CA VAL B 978 11.70 -0.82 -2.02
C VAL B 978 12.14 0.50 -2.64
N GLN B 979 12.70 1.40 -1.82
CA GLN B 979 13.07 2.71 -2.35
C GLN B 979 14.24 2.61 -3.31
N ILE B 980 15.22 1.75 -3.01
CA ILE B 980 16.36 1.60 -3.88
C ILE B 980 15.96 0.93 -5.18
N ASP B 981 14.85 0.19 -5.19
CA ASP B 981 14.37 -0.36 -6.44
C ASP B 981 14.18 0.75 -7.46
N ARG B 982 13.42 1.79 -7.10
CA ARG B 982 13.15 2.84 -8.05
C ARG B 982 14.25 3.92 -8.13
N LEU B 983 15.07 4.09 -7.09
CA LEU B 983 16.31 4.83 -7.33
C LEU B 983 17.20 4.14 -8.35
N ILE B 984 17.34 2.81 -8.28
CA ILE B 984 18.19 2.13 -9.24
C ILE B 984 17.56 2.07 -10.62
N THR B 985 16.23 2.01 -10.72
CA THR B 985 15.62 2.12 -12.04
C THR B 985 15.91 3.49 -12.65
N GLY B 986 15.81 4.55 -11.84
CA GLY B 986 16.20 5.86 -12.33
C GLY B 986 17.68 5.93 -12.67
N ARG B 987 18.51 5.23 -11.91
CA ARG B 987 19.93 5.21 -12.21
C ARG B 987 20.22 4.48 -13.51
N LEU B 988 19.47 3.41 -13.77
CA LEU B 988 19.57 2.72 -15.06
C LEU B 988 19.10 3.63 -16.18
N GLN B 989 18.07 4.44 -15.92
CA GLN B 989 17.66 5.47 -16.86
C GLN B 989 18.84 6.40 -17.17
N SER B 990 19.53 6.86 -16.12
CA SER B 990 20.67 7.73 -16.31
C SER B 990 21.78 7.04 -17.09
N LEU B 991 22.03 5.78 -16.77
CA LEU B 991 23.04 5.00 -17.48
C LEU B 991 22.71 4.92 -18.96
N GLN B 992 21.50 4.48 -19.28
CA GLN B 992 21.15 4.29 -20.67
C GLN B 992 21.15 5.61 -21.40
N THR B 993 20.71 6.68 -20.72
CA THR B 993 20.83 8.01 -21.28
C THR B 993 22.27 8.31 -21.65
N TYR B 994 23.13 8.40 -20.65
CA TYR B 994 24.51 8.79 -20.86
C TYR B 994 25.16 7.96 -21.95
N VAL B 995 24.88 6.66 -21.96
CA VAL B 995 25.52 5.82 -22.97
C VAL B 995 24.90 6.08 -24.34
N THR B 996 23.64 6.48 -24.38
CA THR B 996 23.08 6.86 -25.67
C THR B 996 23.78 8.09 -26.22
N GLN B 997 23.97 9.11 -25.38
CA GLN B 997 24.70 10.28 -25.88
C GLN B 997 26.14 9.89 -26.24
N GLN B 998 26.77 9.04 -25.42
CA GLN B 998 28.15 8.68 -25.72
C GLN B 998 28.24 7.90 -27.02
N LEU B 999 27.27 7.02 -27.28
CA LEU B 999 27.28 6.27 -28.53
C LEU B 999 27.00 7.16 -29.73
N ILE B 1000 26.09 8.12 -29.59
CA ILE B 1000 25.83 8.99 -30.74
C ILE B 1000 27.03 9.88 -30.99
N ARG B 1001 27.68 10.36 -29.92
CA ARG B 1001 28.96 11.04 -30.11
C ARG B 1001 29.96 10.10 -30.75
N ALA B 1002 29.95 8.84 -30.36
CA ALA B 1002 30.86 7.88 -30.93
C ALA B 1002 30.62 7.74 -32.42
N ALA B 1003 29.35 7.74 -32.83
CA ALA B 1003 29.02 7.63 -34.24
C ALA B 1003 29.49 8.85 -35.00
N GLU B 1004 29.15 10.04 -34.50
CA GLU B 1004 29.54 11.25 -35.21
C GLU B 1004 31.05 11.37 -35.26
N ILE B 1005 31.71 11.16 -34.13
CA ILE B 1005 33.15 11.26 -34.07
C ILE B 1005 33.80 10.10 -34.81
N ARG B 1006 33.07 9.01 -35.02
CA ARG B 1006 33.62 7.91 -35.79
C ARG B 1006 33.62 8.26 -37.27
N ALA B 1007 32.52 8.88 -37.74
CA ALA B 1007 32.52 9.45 -39.08
C ALA B 1007 33.60 10.49 -39.20
N SER B 1008 33.77 11.31 -38.17
CA SER B 1008 34.87 12.28 -38.16
C SER B 1008 36.21 11.58 -38.17
N ALA B 1009 36.32 10.41 -37.55
CA ALA B 1009 37.59 9.70 -37.48
C ALA B 1009 37.96 9.16 -38.84
N ASN B 1010 37.01 8.52 -39.52
CA ASN B 1010 37.23 8.14 -40.90
C ASN B 1010 37.52 9.36 -41.75
N LEU B 1011 36.89 10.49 -41.42
CA LEU B 1011 37.19 11.73 -42.13
C LEU B 1011 38.65 12.10 -41.93
N ALA B 1012 39.12 11.99 -40.70
CA ALA B 1012 40.51 12.33 -40.40
C ALA B 1012 41.44 11.37 -41.11
N ALA B 1013 41.05 10.10 -41.17
CA ALA B 1013 41.84 9.11 -41.88
C ALA B 1013 41.95 9.49 -43.34
N THR B 1014 40.82 9.89 -43.93
CA THR B 1014 40.82 10.31 -45.32
C THR B 1014 41.67 11.56 -45.49
N LYS B 1015 41.58 12.50 -44.55
CA LYS B 1015 42.40 13.70 -44.64
C LYS B 1015 43.87 13.33 -44.64
N MET B 1016 44.31 12.53 -43.68
CA MET B 1016 45.68 12.07 -43.62
C MET B 1016 46.08 11.31 -44.87
N SER B 1017 45.15 10.57 -45.45
CA SER B 1017 45.49 9.61 -46.51
C SER B 1017 45.41 10.23 -47.90
N GLU B 1018 44.21 10.69 -48.27
CA GLU B 1018 43.92 11.36 -49.53
C GLU B 1018 44.33 12.82 -49.52
N CYS B 1019 44.79 13.31 -48.37
CA CYS B 1019 45.04 14.73 -48.18
C CYS B 1019 46.39 15.02 -47.51
N VAL B 1020 47.00 14.05 -46.83
CA VAL B 1020 48.34 14.22 -46.28
C VAL B 1020 49.25 13.14 -46.83
N LEU B 1021 48.75 11.91 -46.95
CA LEU B 1021 49.49 10.83 -47.58
C LEU B 1021 49.37 10.86 -49.09
N GLY B 1022 49.12 12.03 -49.64
CA GLY B 1022 48.94 12.27 -51.05
C GLY B 1022 48.36 13.66 -51.22
N GLN B 1023 47.50 13.79 -52.22
CA GLN B 1023 46.66 14.98 -52.32
C GLN B 1023 45.49 14.67 -53.23
N SER B 1024 44.29 14.70 -52.68
CA SER B 1024 43.10 14.34 -53.42
C SER B 1024 42.83 15.35 -54.52
N LYS B 1025 42.48 14.85 -55.70
CA LYS B 1025 41.81 15.70 -56.69
C LYS B 1025 40.45 16.13 -56.18
N ARG B 1026 40.00 15.52 -55.09
CA ARG B 1026 38.82 15.91 -54.35
C ARG B 1026 38.98 17.33 -53.84
N VAL B 1027 38.30 18.27 -54.51
CA VAL B 1027 38.44 19.67 -54.18
C VAL B 1027 37.64 19.98 -52.90
N ASP B 1028 38.00 21.11 -52.30
CA ASP B 1028 37.22 21.82 -51.26
C ASP B 1028 36.58 20.88 -50.24
N PHE B 1029 37.42 20.08 -49.59
CA PHE B 1029 37.08 19.55 -48.27
C PHE B 1029 38.20 19.66 -47.26
N CYS B 1030 39.47 19.66 -47.68
CA CYS B 1030 40.58 19.83 -46.74
C CYS B 1030 40.60 21.28 -46.29
N GLY B 1031 39.64 21.63 -45.45
CA GLY B 1031 39.45 23.01 -45.03
C GLY B 1031 38.77 23.84 -46.09
N LYS B 1032 38.48 25.09 -45.77
CA LYS B 1032 37.85 25.98 -46.75
C LYS B 1032 38.78 26.20 -47.93
N GLY B 1033 38.18 26.38 -49.10
CA GLY B 1033 38.96 26.56 -50.31
C GLY B 1033 39.57 25.26 -50.80
N TYR B 1034 40.63 25.41 -51.58
CA TYR B 1034 41.28 24.25 -52.19
C TYR B 1034 42.09 23.52 -51.14
N HIS B 1035 42.95 22.61 -51.57
CA HIS B 1035 43.92 21.97 -50.70
C HIS B 1035 45.28 21.93 -51.39
N LEU B 1036 46.32 22.40 -50.68
CA LEU B 1036 47.69 22.31 -51.16
C LEU B 1036 48.52 21.40 -50.28
N MET B 1037 48.28 21.44 -48.97
CA MET B 1037 49.04 20.64 -48.04
C MET B 1037 48.25 20.56 -46.75
N SER B 1038 48.56 19.56 -45.94
CA SER B 1038 47.91 19.46 -44.63
C SER B 1038 48.87 18.79 -43.66
N PHE B 1039 48.85 19.28 -42.43
CA PHE B 1039 49.81 18.87 -41.42
C PHE B 1039 49.10 18.44 -40.16
N PRO B 1040 49.48 17.30 -39.60
CA PRO B 1040 48.93 16.87 -38.32
C PRO B 1040 49.74 17.39 -37.16
N GLN B 1041 49.08 17.53 -36.02
CA GLN B 1041 49.78 17.91 -34.81
C GLN B 1041 48.85 17.68 -33.63
N SER B 1042 49.42 17.30 -32.49
CA SER B 1042 48.62 16.81 -31.38
C SER B 1042 47.58 17.83 -30.94
N ALA B 1043 46.59 17.32 -30.21
CA ALA B 1043 45.59 18.15 -29.57
C ALA B 1043 44.91 17.26 -28.55
N PRO B 1044 44.42 17.80 -27.44
CA PRO B 1044 43.81 16.93 -26.42
C PRO B 1044 42.60 16.21 -26.98
N HIS B 1045 42.75 14.90 -27.18
CA HIS B 1045 41.71 14.04 -27.73
C HIS B 1045 41.34 14.49 -29.13
N GLY B 1046 42.18 15.33 -29.73
CA GLY B 1046 41.94 15.82 -31.07
C GLY B 1046 43.25 15.96 -31.82
N VAL B 1047 43.15 16.47 -33.04
CA VAL B 1047 44.33 16.71 -33.87
C VAL B 1047 44.08 17.78 -34.92
N VAL B 1048 44.96 18.77 -34.96
CA VAL B 1048 44.89 19.84 -35.95
C VAL B 1048 45.31 19.30 -37.32
N PHE B 1049 44.78 19.92 -38.36
CA PHE B 1049 45.22 19.68 -39.72
C PHE B 1049 45.46 21.02 -40.38
N LEU B 1050 46.74 21.33 -40.62
CA LEU B 1050 47.10 22.63 -41.19
C LEU B 1050 46.63 22.63 -42.64
N HIS B 1051 45.35 22.93 -42.82
CA HIS B 1051 44.76 22.94 -44.15
C HIS B 1051 45.39 24.07 -44.95
N VAL B 1052 46.37 23.71 -45.77
CA VAL B 1052 47.02 24.65 -46.67
C VAL B 1052 46.17 24.69 -47.93
N THR B 1053 45.39 25.75 -48.09
CA THR B 1053 44.48 25.88 -49.21
C THR B 1053 45.01 26.86 -50.24
N TYR B 1054 44.74 26.57 -51.50
CA TYR B 1054 44.98 27.54 -52.55
C TYR B 1054 43.73 28.39 -52.75
N VAL B 1055 43.91 29.71 -52.74
CA VAL B 1055 42.79 30.62 -52.98
C VAL B 1055 43.22 31.67 -53.99
N PRO B 1056 42.53 31.79 -55.13
CA PRO B 1056 42.90 32.79 -56.12
C PRO B 1056 42.69 34.20 -55.60
N ALA B 1057 43.50 35.13 -56.12
CA ALA B 1057 43.44 36.52 -55.67
C ALA B 1057 42.98 37.48 -56.75
N GLN B 1058 43.65 37.53 -57.89
CA GLN B 1058 43.37 38.56 -58.88
C GLN B 1058 42.19 38.17 -59.76
N GLU B 1059 41.64 39.16 -60.47
CA GLU B 1059 40.61 38.94 -61.47
C GLU B 1059 41.06 39.59 -62.77
N LYS B 1060 41.36 38.77 -63.77
CA LYS B 1060 41.72 39.24 -65.11
C LYS B 1060 40.52 38.95 -66.00
N ASN B 1061 39.59 39.89 -66.08
CA ASN B 1061 38.32 39.62 -66.72
C ASN B 1061 38.29 40.05 -68.18
N PHE B 1062 39.21 39.50 -68.97
CA PHE B 1062 39.17 39.71 -70.41
C PHE B 1062 38.47 38.51 -71.08
N THR B 1063 38.18 38.66 -72.37
CA THR B 1063 37.24 37.75 -73.03
C THR B 1063 37.79 36.34 -73.17
N THR B 1064 36.90 35.43 -73.60
CA THR B 1064 37.19 34.01 -73.66
C THR B 1064 36.17 33.35 -74.58
N ALA B 1065 36.28 32.02 -74.70
CA ALA B 1065 35.44 31.20 -75.57
C ALA B 1065 35.69 29.71 -75.28
N PRO B 1066 34.83 28.80 -75.74
CA PRO B 1066 35.14 27.37 -75.56
C PRO B 1066 36.43 26.96 -76.23
N ALA B 1067 36.71 27.51 -77.42
CA ALA B 1067 37.90 27.17 -78.18
C ALA B 1067 38.15 28.27 -79.19
N ILE B 1068 39.07 28.02 -80.11
CA ILE B 1068 39.36 28.93 -81.22
C ILE B 1068 39.23 28.14 -82.51
N CYS B 1069 38.48 28.68 -83.47
CA CYS B 1069 38.40 28.08 -84.80
C CYS B 1069 39.55 28.57 -85.68
N HIS B 1070 40.78 28.49 -85.15
CA HIS B 1070 41.93 29.01 -85.88
C HIS B 1070 42.20 28.21 -87.14
N ASP B 1071 41.94 26.90 -87.10
CA ASP B 1071 42.01 26.05 -88.27
C ASP B 1071 40.61 25.72 -88.77
N GLY B 1072 39.66 26.62 -88.53
CA GLY B 1072 38.27 26.35 -88.82
C GLY B 1072 37.70 25.22 -88.00
N LYS B 1073 38.15 25.07 -86.76
CA LYS B 1073 37.79 23.94 -85.92
C LYS B 1073 38.30 24.20 -84.51
N ALA B 1074 37.71 23.50 -83.54
CA ALA B 1074 38.00 23.76 -82.13
C ALA B 1074 39.42 23.35 -81.80
N HIS B 1075 39.92 23.90 -80.69
CA HIS B 1075 41.26 23.60 -80.22
C HIS B 1075 41.24 23.56 -78.70
N PHE B 1076 42.12 22.72 -78.13
CA PHE B 1076 42.36 22.73 -76.69
C PHE B 1076 43.51 21.81 -76.28
N PRO B 1077 44.16 22.07 -75.15
CA PRO B 1077 45.11 21.09 -74.59
C PRO B 1077 44.36 20.04 -73.80
N ARG B 1078 45.08 19.20 -73.05
CA ARG B 1078 44.45 18.24 -72.16
C ARG B 1078 43.37 18.94 -71.34
N GLU B 1079 43.61 20.22 -71.04
CA GLU B 1079 42.57 21.15 -70.61
C GLU B 1079 43.15 22.55 -70.62
N GLY B 1080 42.37 23.51 -71.10
CA GLY B 1080 42.79 24.90 -71.07
C GLY B 1080 41.74 25.86 -71.60
N VAL B 1081 41.54 26.96 -70.88
CA VAL B 1081 40.67 28.02 -71.34
C VAL B 1081 41.46 28.97 -72.22
N PHE B 1082 40.86 29.36 -73.33
CA PHE B 1082 41.49 30.28 -74.29
C PHE B 1082 41.07 31.69 -73.90
N VAL B 1083 42.02 32.43 -73.34
CA VAL B 1083 41.73 33.72 -72.70
C VAL B 1083 42.80 34.70 -73.16
N SER B 1084 42.45 35.55 -74.13
CA SER B 1084 43.41 36.49 -74.68
C SER B 1084 43.64 37.67 -73.76
N ASN B 1085 44.50 38.57 -74.23
CA ASN B 1085 44.64 39.93 -73.76
C ASN B 1085 44.15 40.94 -74.78
N GLY B 1086 43.65 40.47 -75.92
CA GLY B 1086 43.36 41.37 -77.01
C GLY B 1086 44.60 41.50 -77.86
N THR B 1087 45.72 41.83 -77.21
CA THR B 1087 46.98 41.92 -77.93
C THR B 1087 47.34 40.56 -78.53
N HIS B 1088 47.19 39.49 -77.75
CA HIS B 1088 47.46 38.14 -78.21
C HIS B 1088 46.51 37.18 -77.52
N TRP B 1089 46.26 36.05 -78.17
CA TRP B 1089 45.47 34.99 -77.56
C TRP B 1089 46.33 34.21 -76.56
N PHE B 1090 45.82 34.02 -75.35
CA PHE B 1090 46.57 33.37 -74.29
C PHE B 1090 45.83 32.11 -73.83
N VAL B 1091 46.58 31.03 -73.63
CA VAL B 1091 46.07 29.77 -73.11
C VAL B 1091 46.76 29.49 -71.79
N THR B 1092 46.01 28.96 -70.82
CA THR B 1092 46.52 28.80 -69.47
C THR B 1092 45.68 27.77 -68.71
N GLN B 1093 46.00 27.60 -67.44
CA GLN B 1093 45.28 26.69 -66.57
C GLN B 1093 43.99 27.33 -66.08
N ARG B 1094 43.35 26.72 -65.09
CA ARG B 1094 42.07 27.20 -64.60
C ARG B 1094 42.08 27.40 -63.10
N ASN B 1095 43.25 27.69 -62.52
CA ASN B 1095 43.30 28.21 -61.16
C ASN B 1095 44.39 29.25 -60.97
N PHE B 1096 45.08 29.64 -62.05
CA PHE B 1096 46.15 30.62 -61.98
C PHE B 1096 46.31 31.25 -63.35
N TYR B 1097 46.92 32.43 -63.39
CA TYR B 1097 47.13 33.15 -64.64
C TYR B 1097 48.56 32.91 -65.09
N GLU B 1098 48.76 31.80 -65.79
CA GLU B 1098 50.04 31.45 -66.39
C GLU B 1098 49.82 31.25 -67.88
N PRO B 1099 49.63 32.34 -68.63
CA PRO B 1099 49.17 32.24 -70.00
C PRO B 1099 50.28 31.85 -70.98
N GLN B 1100 49.86 31.20 -72.06
CA GLN B 1100 50.74 30.88 -73.18
C GLN B 1100 49.93 31.06 -74.46
N ILE B 1101 50.62 31.08 -75.58
CA ILE B 1101 49.95 31.24 -76.87
C ILE B 1101 49.44 29.88 -77.31
N ILE B 1102 48.43 29.90 -78.19
CA ILE B 1102 47.94 28.67 -78.80
C ILE B 1102 49.08 28.03 -79.59
N THR B 1103 49.38 26.78 -79.27
CA THR B 1103 50.42 26.06 -79.98
C THR B 1103 50.04 24.58 -80.01
N THR B 1104 50.30 23.94 -81.16
CA THR B 1104 49.86 22.57 -81.36
C THR B 1104 50.55 21.59 -80.41
N ASP B 1105 51.69 21.96 -79.83
CA ASP B 1105 52.37 21.08 -78.91
C ASP B 1105 51.52 20.82 -77.66
N ASN B 1106 50.93 21.87 -77.11
CA ASN B 1106 50.11 21.78 -75.91
C ASN B 1106 48.63 21.74 -76.23
N THR B 1107 48.13 22.79 -76.88
CA THR B 1107 46.69 22.93 -77.15
C THR B 1107 46.37 22.21 -78.46
N PHE B 1108 46.06 20.92 -78.35
CA PHE B 1108 45.88 20.10 -79.54
C PHE B 1108 44.55 20.41 -80.20
N VAL B 1109 44.28 19.70 -81.30
CA VAL B 1109 43.21 20.03 -82.22
C VAL B 1109 42.19 18.90 -82.20
N SER B 1110 40.94 19.22 -81.89
CA SER B 1110 39.86 18.25 -81.88
C SER B 1110 38.53 19.00 -81.94
N GLY B 1111 37.47 18.25 -82.23
CA GLY B 1111 36.15 18.83 -82.36
C GLY B 1111 35.91 19.42 -83.74
N ASN B 1112 34.75 20.04 -83.88
CA ASN B 1112 34.39 20.74 -85.11
C ASN B 1112 33.98 22.17 -84.80
N CYS B 1113 34.04 23.02 -85.83
CA CYS B 1113 33.58 24.41 -85.72
C CYS B 1113 32.22 24.59 -86.38
N ASP B 1114 31.35 23.60 -86.24
CA ASP B 1114 30.10 23.53 -86.99
C ASP B 1114 28.92 24.18 -86.26
N VAL B 1115 28.74 23.86 -84.98
CA VAL B 1115 27.59 24.33 -84.24
C VAL B 1115 28.05 24.90 -82.90
N VAL B 1116 29.36 25.16 -82.78
CA VAL B 1116 29.91 25.64 -81.53
C VAL B 1116 29.32 27.00 -81.16
N ILE B 1117 29.06 27.19 -79.86
CA ILE B 1117 28.37 28.37 -79.33
C ILE B 1117 29.36 29.24 -78.58
N GLY B 1118 29.35 30.53 -78.89
CA GLY B 1118 30.20 31.49 -78.23
C GLY B 1118 31.64 31.48 -78.65
N ILE B 1119 31.96 30.84 -79.77
CA ILE B 1119 33.35 30.68 -80.19
C ILE B 1119 33.74 31.87 -81.05
N VAL B 1120 35.04 32.06 -81.23
CA VAL B 1120 35.59 33.10 -82.09
C VAL B 1120 36.02 32.46 -83.40
N ASN B 1121 35.81 33.19 -84.50
CA ASN B 1121 36.25 32.73 -85.81
C ASN B 1121 37.77 32.55 -85.84
N THR C 7 58.87 -49.66 14.27
CA THR C 7 59.71 -48.95 13.33
C THR C 7 58.89 -48.00 12.45
N ARG C 8 57.58 -47.97 12.69
CA ARG C 8 56.66 -47.20 11.88
C ARG C 8 55.95 -46.17 12.74
N THR C 9 56.02 -44.90 12.33
CA THR C 9 55.30 -43.81 12.97
C THR C 9 54.64 -42.97 11.89
N GLN C 10 53.48 -42.40 12.22
CA GLN C 10 52.66 -41.72 11.21
C GLN C 10 52.15 -40.41 11.78
N LEU C 11 52.68 -39.29 11.28
CA LEU C 11 52.09 -37.97 11.50
C LEU C 11 52.04 -37.16 10.21
N PRO C 12 51.23 -37.58 9.23
CA PRO C 12 51.06 -36.76 8.02
C PRO C 12 50.37 -35.45 8.36
N PRO C 13 50.90 -34.33 7.89
CA PRO C 13 50.12 -33.09 7.90
C PRO C 13 49.30 -32.96 6.62
N ALA C 14 48.56 -31.85 6.48
CA ALA C 14 47.76 -31.60 5.28
C ALA C 14 48.67 -30.96 4.24
N TYR C 15 49.31 -31.78 3.41
CA TYR C 15 50.31 -31.30 2.46
C TYR C 15 50.15 -31.98 1.10
N THR C 16 48.90 -32.20 0.68
CA THR C 16 48.65 -32.88 -0.59
C THR C 16 47.83 -31.97 -1.50
N ASN C 17 48.19 -31.92 -2.77
CA ASN C 17 47.55 -31.04 -3.74
C ASN C 17 46.83 -31.86 -4.79
N SER C 18 45.60 -31.46 -5.11
CA SER C 18 44.78 -32.13 -6.10
C SER C 18 44.80 -31.33 -7.40
N PHE C 19 44.96 -32.02 -8.52
CA PHE C 19 45.10 -31.38 -9.81
C PHE C 19 43.72 -31.07 -10.40
N THR C 20 43.67 -30.73 -11.69
CA THR C 20 42.50 -30.13 -12.29
C THR C 20 41.27 -31.04 -12.28
N ARG C 21 41.45 -32.34 -12.06
CA ARG C 21 40.31 -33.26 -12.09
C ARG C 21 39.29 -32.88 -11.03
N GLY C 22 38.01 -33.03 -11.37
CA GLY C 22 36.95 -32.68 -10.46
C GLY C 22 35.83 -31.81 -11.01
N VAL C 23 35.66 -31.78 -12.33
CA VAL C 23 34.53 -31.10 -12.95
C VAL C 23 33.46 -32.13 -13.27
N TYR C 24 32.19 -31.71 -13.21
CA TYR C 24 31.09 -32.62 -13.46
C TYR C 24 29.86 -31.82 -13.90
N TYR C 25 28.86 -32.54 -14.40
CA TYR C 25 27.63 -31.93 -14.89
C TYR C 25 26.93 -31.17 -13.77
N PRO C 26 26.54 -29.91 -13.99
CA PRO C 26 26.08 -29.09 -12.86
C PRO C 26 24.81 -29.60 -12.20
N ASP C 27 23.74 -29.75 -12.96
CA ASP C 27 22.43 -30.06 -12.40
C ASP C 27 21.65 -30.88 -13.43
N LYS C 28 20.33 -30.93 -13.27
CA LYS C 28 19.43 -31.65 -14.16
C LYS C 28 19.45 -31.13 -15.59
N VAL C 29 20.20 -30.08 -15.88
CA VAL C 29 20.20 -29.47 -17.21
C VAL C 29 20.97 -30.35 -18.18
N PHE C 30 20.56 -30.33 -19.44
CA PHE C 30 21.33 -30.89 -20.54
C PHE C 30 21.51 -29.82 -21.60
N ARG C 31 22.68 -29.82 -22.22
CA ARG C 31 23.04 -28.94 -23.33
C ARG C 31 24.44 -29.31 -23.79
N SER C 32 24.65 -29.26 -25.11
CA SER C 32 25.86 -29.81 -25.70
C SER C 32 26.35 -28.92 -26.83
N SER C 33 27.57 -29.18 -27.27
CA SER C 33 28.17 -28.55 -28.44
C SER C 33 28.35 -27.06 -28.29
N VAL C 34 28.44 -26.56 -27.06
CA VAL C 34 28.63 -25.14 -26.82
C VAL C 34 29.13 -24.96 -25.40
N LEU C 35 29.97 -23.94 -25.20
CA LEU C 35 30.42 -23.59 -23.87
C LEU C 35 29.26 -23.02 -23.05
N HIS C 36 29.28 -23.30 -21.75
CA HIS C 36 28.29 -22.74 -20.85
C HIS C 36 28.94 -22.59 -19.48
N SER C 37 29.41 -21.39 -19.17
CA SER C 37 29.91 -21.14 -17.84
C SER C 37 28.74 -20.93 -16.88
N THR C 38 29.03 -21.03 -15.59
CA THR C 38 28.04 -20.82 -14.54
C THR C 38 28.78 -20.71 -13.21
N GLN C 39 28.04 -20.32 -12.18
CA GLN C 39 28.60 -20.21 -10.84
C GLN C 39 27.93 -21.22 -9.94
N ASP C 40 28.73 -21.83 -9.06
CA ASP C 40 28.25 -22.83 -8.11
C ASP C 40 29.41 -23.21 -7.20
N LEU C 41 29.06 -23.74 -6.03
CA LEU C 41 30.05 -24.19 -5.05
C LEU C 41 30.99 -25.22 -5.65
N PHE C 42 32.27 -24.86 -5.80
CA PHE C 42 33.20 -25.63 -6.61
C PHE C 42 34.52 -25.80 -5.86
N LEU C 43 35.31 -26.78 -6.31
CA LEU C 43 36.66 -26.97 -5.82
C LEU C 43 37.63 -26.55 -6.91
N PRO C 44 38.38 -25.47 -6.71
CA PRO C 44 39.30 -25.01 -7.76
C PRO C 44 40.43 -25.99 -7.97
N PHE C 45 41.05 -25.88 -9.14
CA PHE C 45 42.16 -26.75 -9.48
C PHE C 45 43.37 -26.43 -8.61
N PHE C 46 44.33 -27.34 -8.62
CA PHE C 46 45.59 -27.16 -7.89
C PHE C 46 45.36 -26.95 -6.41
N SER C 47 44.20 -27.37 -5.89
CA SER C 47 43.79 -27.06 -4.54
C SER C 47 44.50 -28.00 -3.57
N ASN C 48 44.05 -28.00 -2.30
CA ASN C 48 44.80 -28.58 -1.21
C ASN C 48 43.99 -29.72 -0.60
N VAL C 49 44.57 -30.93 -0.64
CA VAL C 49 43.90 -32.12 -0.13
C VAL C 49 44.84 -32.83 0.84
N THR C 50 44.43 -34.01 1.32
CA THR C 50 45.16 -34.71 2.37
C THR C 50 45.36 -36.17 1.99
N TRP C 51 46.62 -36.61 1.98
CA TRP C 51 47.00 -37.98 1.69
C TRP C 51 47.39 -38.68 2.99
N PHE C 52 47.11 -39.98 3.07
CA PHE C 52 47.26 -40.74 4.29
C PHE C 52 47.89 -42.10 4.01
N HIS C 53 48.26 -42.78 5.09
CA HIS C 53 48.78 -44.14 5.04
C HIS C 53 48.10 -44.94 6.17
N ALA C 54 48.60 -46.15 6.40
CA ALA C 54 47.99 -47.08 7.35
C ALA C 54 48.94 -47.31 8.53
N ILE C 55 48.40 -47.20 9.74
CA ILE C 55 49.18 -47.40 10.96
C ILE C 55 49.11 -48.89 11.31
N HIS C 56 50.23 -49.58 11.13
CA HIS C 56 50.27 -51.03 11.36
C HIS C 56 51.69 -51.42 11.76
N VAL C 57 51.96 -52.72 11.75
CA VAL C 57 53.26 -53.25 12.12
C VAL C 57 54.13 -53.50 10.89
N SER C 58 53.69 -53.05 9.73
CA SER C 58 54.44 -53.22 8.49
C SER C 58 55.78 -52.51 8.55
N ARG C 65 45.38 -48.38 8.93
CA ARG C 65 44.46 -47.30 8.57
C ARG C 65 43.84 -46.70 9.82
N PHE C 66 44.57 -45.77 10.45
CA PHE C 66 44.12 -45.23 11.72
C PHE C 66 44.36 -43.73 11.82
N ASP C 67 44.30 -43.02 10.69
CA ASP C 67 44.29 -41.57 10.69
C ASP C 67 42.98 -41.02 10.16
N ASN C 68 42.58 -41.40 8.92
CA ASN C 68 41.21 -41.28 8.43
C ASN C 68 40.57 -39.94 8.78
N PRO C 69 40.92 -38.87 8.08
CA PRO C 69 40.60 -37.52 8.55
C PRO C 69 39.11 -37.34 8.85
N VAL C 70 38.81 -37.12 10.12
CA VAL C 70 37.49 -36.63 10.50
C VAL C 70 37.49 -35.13 10.28
N LEU C 71 36.60 -34.66 9.41
CA LEU C 71 36.65 -33.28 8.97
C LEU C 71 35.26 -32.68 8.95
N PRO C 72 35.16 -31.37 9.13
CA PRO C 72 33.84 -30.73 9.09
C PRO C 72 33.37 -30.53 7.65
N PHE C 73 32.08 -30.78 7.44
CA PHE C 73 31.46 -30.58 6.14
C PHE C 73 30.98 -29.14 6.06
N ASN C 74 31.69 -28.31 5.30
CA ASN C 74 31.24 -26.98 4.97
C ASN C 74 31.25 -26.82 3.46
N ASP C 75 30.20 -26.18 2.94
CA ASP C 75 29.97 -26.08 1.51
C ASP C 75 29.83 -27.47 0.91
N GLY C 76 30.91 -27.99 0.31
CA GLY C 76 30.87 -29.29 -0.34
C GLY C 76 32.04 -30.14 0.08
N VAL C 77 32.00 -31.40 -0.37
CA VAL C 77 33.03 -32.38 -0.05
C VAL C 77 33.47 -33.08 -1.33
N TYR C 78 34.77 -33.31 -1.45
CA TYR C 78 35.40 -33.99 -2.58
C TYR C 78 35.73 -35.43 -2.19
N PHE C 79 35.97 -36.26 -3.19
CA PHE C 79 36.29 -37.66 -2.92
C PHE C 79 36.92 -38.31 -4.15
N ALA C 80 37.54 -39.46 -3.93
CA ALA C 80 38.11 -40.30 -4.98
C ALA C 80 38.45 -41.65 -4.35
N SER C 81 39.01 -42.55 -5.17
CA SER C 81 39.42 -43.87 -4.66
C SER C 81 40.57 -44.40 -5.52
N THR C 82 41.80 -44.19 -5.05
CA THR C 82 42.96 -44.85 -5.64
C THR C 82 43.33 -46.09 -4.82
N GLU C 83 42.38 -47.01 -4.74
CA GLU C 83 42.51 -48.18 -3.88
C GLU C 83 43.13 -49.34 -4.65
N LYS C 84 43.68 -50.30 -3.89
CA LYS C 84 44.17 -51.55 -4.45
C LYS C 84 43.46 -52.79 -3.92
N SER C 85 42.45 -52.62 -3.06
CA SER C 85 41.61 -53.74 -2.62
C SER C 85 40.13 -53.37 -2.63
N ASN C 86 39.77 -52.24 -3.23
CA ASN C 86 38.38 -51.78 -3.32
C ASN C 86 37.75 -51.73 -1.93
N ILE C 87 38.47 -51.15 -0.98
CA ILE C 87 38.01 -51.19 0.40
C ILE C 87 37.29 -49.90 0.77
N ILE C 88 37.77 -48.76 0.26
CA ILE C 88 37.20 -47.47 0.63
C ILE C 88 35.75 -47.39 0.18
N ARG C 89 34.83 -47.30 1.14
CA ARG C 89 33.42 -47.19 0.80
C ARG C 89 32.61 -46.24 1.66
N GLY C 90 33.01 -45.93 2.89
CA GLY C 90 32.09 -45.36 3.87
C GLY C 90 31.85 -43.87 3.76
N TRP C 91 30.64 -43.46 4.13
CA TRP C 91 30.26 -42.04 4.21
C TRP C 91 29.14 -41.86 5.22
N ILE C 92 29.43 -41.15 6.31
CA ILE C 92 28.45 -40.74 7.30
C ILE C 92 28.52 -39.23 7.45
N PHE C 93 27.38 -38.56 7.31
CA PHE C 93 27.28 -37.12 7.51
C PHE C 93 26.48 -36.83 8.77
N GLY C 94 26.82 -35.74 9.44
CA GLY C 94 26.08 -35.40 10.64
C GLY C 94 26.53 -34.07 11.19
N THR C 95 25.63 -33.48 11.99
CA THR C 95 26.01 -32.36 12.84
C THR C 95 26.82 -32.93 13.99
N THR C 96 26.19 -33.78 14.80
CA THR C 96 26.89 -34.59 15.79
C THR C 96 26.34 -36.01 15.86
N LEU C 97 25.40 -36.38 14.97
CA LEU C 97 24.74 -37.69 14.98
C LEU C 97 23.97 -37.91 16.29
N ASP C 98 23.11 -36.96 16.63
CA ASP C 98 22.27 -37.04 17.83
C ASP C 98 20.84 -36.63 17.52
N SER C 99 20.31 -37.15 16.40
CA SER C 99 18.94 -36.86 15.95
C SER C 99 18.76 -35.38 15.60
N LYS C 100 19.75 -34.80 14.90
CA LYS C 100 19.64 -33.43 14.42
C LYS C 100 20.23 -33.26 13.02
N THR C 101 20.37 -34.33 12.26
CA THR C 101 21.12 -34.28 11.00
C THR C 101 20.71 -35.45 10.12
N GLN C 102 21.52 -35.73 9.09
CA GLN C 102 21.23 -36.75 8.08
C GLN C 102 22.49 -37.61 7.89
N SER C 103 22.40 -38.87 8.31
CA SER C 103 23.54 -39.78 8.20
C SER C 103 23.33 -40.79 7.07
N LEU C 104 24.44 -41.37 6.62
CA LEU C 104 24.45 -42.25 5.45
C LEU C 104 25.24 -43.52 5.76
N LEU C 105 25.02 -44.54 4.94
CA LEU C 105 25.81 -45.77 5.00
C LEU C 105 25.84 -46.34 3.58
N ILE C 106 26.97 -46.18 2.90
CA ILE C 106 27.06 -46.37 1.45
C ILE C 106 28.11 -47.46 1.22
N VAL C 107 27.67 -48.68 0.92
CA VAL C 107 28.59 -49.80 0.77
C VAL C 107 28.84 -50.04 -0.71
N ASN C 108 29.78 -49.27 -1.29
CA ASN C 108 30.34 -49.51 -2.62
C ASN C 108 29.28 -49.77 -3.70
N ASN C 109 29.70 -50.47 -4.77
CA ASN C 109 28.75 -51.06 -5.70
C ASN C 109 29.22 -52.44 -6.16
N ALA C 110 29.80 -53.23 -5.26
CA ALA C 110 30.10 -54.62 -5.58
C ALA C 110 28.87 -55.49 -5.35
N THR C 111 28.41 -55.56 -4.10
CA THR C 111 27.25 -56.36 -3.72
C THR C 111 26.51 -55.63 -2.61
N ASN C 112 25.39 -56.23 -2.19
CA ASN C 112 24.59 -55.84 -1.01
C ASN C 112 24.59 -54.33 -0.78
N VAL C 113 24.18 -53.59 -1.82
CA VAL C 113 24.19 -52.13 -1.73
C VAL C 113 23.31 -51.68 -0.58
N VAL C 114 23.76 -50.63 0.10
CA VAL C 114 23.09 -50.12 1.29
C VAL C 114 22.89 -48.63 1.12
N ILE C 115 21.65 -48.17 1.31
CA ILE C 115 21.33 -46.75 1.31
C ILE C 115 20.44 -46.49 2.51
N LYS C 116 20.85 -45.58 3.39
CA LYS C 116 20.02 -45.19 4.53
C LYS C 116 20.24 -43.72 4.84
N VAL C 117 19.18 -43.04 5.25
CA VAL C 117 19.24 -41.62 5.59
C VAL C 117 18.62 -41.40 6.96
N CYS C 118 18.62 -42.44 7.79
CA CYS C 118 18.05 -42.33 9.13
C CYS C 118 19.08 -41.70 10.06
N GLU C 119 18.66 -40.69 10.81
CA GLU C 119 19.58 -40.16 11.79
C GLU C 119 19.52 -41.00 13.06
N PHE C 120 20.65 -41.10 13.73
CA PHE C 120 20.84 -42.06 14.80
C PHE C 120 21.26 -41.35 16.08
N GLN C 121 21.16 -42.08 17.19
CA GLN C 121 21.56 -41.57 18.50
C GLN C 121 22.88 -42.20 18.95
N PHE C 122 23.69 -42.65 18.00
CA PHE C 122 25.03 -43.14 18.28
C PHE C 122 26.05 -42.25 17.58
N CYS C 123 27.20 -42.09 18.21
CA CYS C 123 28.18 -41.10 17.80
C CYS C 123 29.48 -41.78 17.34
N ASN C 124 30.19 -41.06 16.46
CA ASN C 124 31.52 -41.44 15.95
C ASN C 124 31.41 -42.80 15.27
N ASP C 125 32.40 -43.67 15.40
CA ASP C 125 32.37 -44.97 14.75
C ASP C 125 33.14 -45.98 15.59
N PRO C 126 32.47 -46.97 16.16
CA PRO C 126 33.18 -48.02 16.89
C PRO C 126 34.18 -48.72 15.98
N PHE C 127 35.31 -49.11 16.55
CA PHE C 127 36.42 -49.60 15.73
C PHE C 127 36.03 -50.93 15.08
N LEU C 128 36.06 -50.98 13.76
CA LEU C 128 35.76 -52.16 12.97
C LEU C 128 37.03 -52.62 12.28
N GLY C 129 37.38 -53.91 12.43
CA GLY C 129 38.69 -54.39 12.06
C GLY C 129 38.65 -55.72 11.33
N VAL C 130 39.81 -56.06 10.77
CA VAL C 130 40.02 -57.35 10.12
C VAL C 130 41.34 -57.91 10.65
N TYR C 131 41.26 -58.74 11.68
CA TYR C 131 42.43 -59.45 12.17
C TYR C 131 42.87 -60.49 11.14
N TYR C 132 44.08 -61.03 11.34
CA TYR C 132 44.60 -62.00 10.39
C TYR C 132 43.82 -63.30 10.49
N HIS C 133 43.79 -64.03 9.37
CA HIS C 133 42.98 -65.24 9.21
C HIS C 133 41.53 -65.02 9.63
N LYS C 134 41.01 -63.85 9.27
CA LYS C 134 39.59 -63.53 9.45
C LYS C 134 39.11 -62.86 8.17
N ASN C 135 38.17 -63.50 7.48
CA ASN C 135 37.81 -63.07 6.13
C ASN C 135 36.69 -62.03 6.11
N ASN C 136 35.51 -62.37 6.64
CA ASN C 136 34.34 -61.52 6.50
C ASN C 136 34.25 -60.56 7.69
N LYS C 137 34.18 -59.26 7.40
CA LYS C 137 33.97 -58.23 8.41
C LYS C 137 34.95 -58.33 9.56
N SER C 138 34.55 -58.95 10.66
CA SER C 138 35.33 -58.88 11.88
C SER C 138 35.01 -60.09 12.77
N TRP C 139 35.43 -60.01 14.02
CA TRP C 139 35.24 -61.03 15.05
C TRP C 139 35.04 -60.30 16.39
N MET C 140 35.19 -61.04 17.50
CA MET C 140 35.06 -60.59 18.89
C MET C 140 33.78 -59.81 19.19
N GLU C 141 33.51 -59.60 20.47
CA GLU C 141 32.31 -58.89 20.94
C GLU C 141 31.07 -59.66 20.44
N SER C 142 29.97 -58.95 20.22
CA SER C 142 28.76 -59.60 19.72
C SER C 142 27.84 -58.55 19.10
N GLU C 143 27.05 -59.00 18.14
CA GLU C 143 25.99 -58.20 17.49
C GLU C 143 26.62 -56.98 16.81
N PHE C 144 25.90 -55.86 16.83
CA PHE C 144 26.29 -54.62 16.16
C PHE C 144 26.75 -53.60 17.18
N ARG C 145 27.21 -52.44 16.68
CA ARG C 145 27.69 -51.38 17.55
C ARG C 145 27.32 -49.98 17.09
N VAL C 146 26.56 -49.83 16.00
CA VAL C 146 26.33 -48.50 15.44
C VAL C 146 24.84 -48.19 15.36
N TYR C 147 24.01 -49.22 15.31
CA TYR C 147 22.58 -49.04 15.13
C TYR C 147 21.95 -48.55 16.42
N SER C 148 21.32 -47.38 16.38
CA SER C 148 20.69 -46.78 17.54
C SER C 148 19.18 -46.72 17.42
N SER C 149 18.65 -46.05 16.40
CA SER C 149 17.21 -45.91 16.23
C SER C 149 16.91 -45.24 14.90
N ALA C 150 15.64 -45.30 14.49
CA ALA C 150 15.16 -44.64 13.29
C ALA C 150 14.36 -43.41 13.70
N ASN C 151 14.78 -42.23 13.24
CA ASN C 151 14.16 -40.98 13.65
C ASN C 151 13.48 -40.26 12.49
N ASN C 152 14.21 -39.95 11.42
CA ASN C 152 13.62 -39.28 10.26
C ASN C 152 14.36 -39.78 9.02
N CYS C 153 13.84 -40.86 8.43
CA CYS C 153 14.29 -41.31 7.11
C CYS C 153 13.11 -41.82 6.31
N THR C 154 12.01 -41.07 6.35
CA THR C 154 10.86 -41.40 5.51
C THR C 154 11.22 -41.29 4.04
N PHE C 155 12.24 -40.51 3.71
CA PHE C 155 12.77 -40.43 2.35
C PHE C 155 13.86 -41.46 2.11
N GLU C 156 13.55 -42.71 2.45
CA GLU C 156 14.48 -43.81 2.28
C GLU C 156 14.64 -44.14 0.80
N TYR C 157 15.87 -44.46 0.40
CA TYR C 157 16.16 -44.84 -0.98
C TYR C 157 16.89 -46.17 -0.98
N VAL C 158 16.74 -46.92 -2.06
CA VAL C 158 17.49 -48.16 -2.29
C VAL C 158 18.01 -48.12 -3.72
N SER C 159 19.30 -48.36 -3.88
CA SER C 159 19.91 -48.38 -5.21
C SER C 159 19.40 -49.56 -6.02
N GLN C 170 50.15 -56.03 -10.51
CA GLN C 170 49.71 -55.79 -9.14
C GLN C 170 48.39 -55.03 -9.13
N GLY C 171 47.74 -54.96 -10.27
CA GLY C 171 46.43 -54.34 -10.36
C GLY C 171 46.45 -52.84 -10.49
N ASN C 172 47.63 -52.23 -10.48
CA ASN C 172 47.90 -50.82 -10.81
C ASN C 172 46.82 -49.84 -10.35
N PHE C 173 46.28 -50.06 -9.15
CA PHE C 173 45.24 -49.22 -8.58
C PHE C 173 44.16 -48.93 -9.62
N LYS C 174 43.52 -50.00 -10.05
CA LYS C 174 42.65 -50.03 -11.22
C LYS C 174 41.34 -49.29 -11.01
N ASN C 175 41.21 -48.54 -9.92
CA ASN C 175 39.92 -48.00 -9.53
C ASN C 175 39.98 -46.48 -9.36
N LEU C 176 38.80 -45.86 -9.47
CA LEU C 176 38.60 -44.49 -9.04
C LEU C 176 37.12 -44.29 -8.75
N ARG C 177 36.76 -44.30 -7.47
CA ARG C 177 35.38 -44.13 -7.04
C ARG C 177 35.27 -42.79 -6.31
N GLU C 178 34.61 -41.83 -6.95
CA GLU C 178 34.53 -40.46 -6.45
C GLU C 178 33.11 -40.14 -6.03
N PHE C 179 32.96 -39.64 -4.81
CA PHE C 179 31.67 -39.18 -4.28
C PHE C 179 31.86 -37.73 -3.86
N VAL C 180 31.79 -36.83 -4.83
CA VAL C 180 31.96 -35.40 -4.59
C VAL C 180 30.58 -34.78 -4.49
N PHE C 181 30.33 -34.09 -3.39
CA PHE C 181 28.97 -33.70 -3.04
C PHE C 181 28.84 -32.18 -3.00
N LYS C 182 27.78 -31.67 -3.63
CA LYS C 182 27.48 -30.25 -3.69
C LYS C 182 26.02 -30.04 -3.32
N ASN C 183 25.73 -28.88 -2.75
CA ASN C 183 24.39 -28.52 -2.33
C ASN C 183 23.85 -27.40 -3.19
N ILE C 184 22.58 -27.54 -3.59
CA ILE C 184 21.83 -26.48 -4.27
C ILE C 184 20.49 -26.31 -3.58
N ASP C 185 20.00 -25.09 -3.54
CA ASP C 185 18.71 -24.74 -2.96
C ASP C 185 18.63 -25.15 -1.49
N GLY C 186 19.77 -25.43 -0.88
CA GLY C 186 19.82 -25.90 0.50
C GLY C 186 19.60 -27.38 0.66
N TYR C 187 18.81 -27.99 -0.21
CA TYR C 187 18.48 -29.40 -0.08
C TYR C 187 19.49 -30.25 -0.83
N PHE C 188 19.91 -31.35 -0.22
CA PHE C 188 21.12 -32.04 -0.60
C PHE C 188 20.87 -32.94 -1.80
N LYS C 189 21.80 -32.94 -2.76
CA LYS C 189 21.73 -33.79 -3.94
C LYS C 189 23.05 -34.53 -4.05
N ILE C 190 23.00 -35.86 -3.95
CA ILE C 190 24.21 -36.65 -4.13
C ILE C 190 24.59 -36.69 -5.60
N TYR C 191 25.87 -36.45 -5.89
CA TYR C 191 26.43 -36.61 -7.21
C TYR C 191 27.61 -37.58 -7.11
N SER C 192 27.64 -38.58 -7.97
CA SER C 192 28.67 -39.60 -7.86
C SER C 192 28.79 -40.37 -9.15
N LYS C 193 29.92 -41.06 -9.30
CA LYS C 193 30.17 -41.99 -10.39
C LYS C 193 31.43 -42.79 -10.08
N HIS C 194 31.45 -44.05 -10.50
CA HIS C 194 32.55 -44.97 -10.21
C HIS C 194 33.28 -45.24 -11.52
N THR C 195 34.46 -44.67 -11.68
CA THR C 195 35.25 -44.94 -12.88
C THR C 195 36.36 -45.94 -12.58
N PRO C 196 36.39 -47.09 -13.25
CA PRO C 196 37.35 -48.15 -12.93
C PRO C 196 38.76 -47.82 -13.44
N ILE C 197 39.36 -46.79 -12.87
CA ILE C 197 40.69 -46.37 -13.27
C ILE C 197 41.56 -46.11 -12.06
N ARG C 201 47.81 -45.48 -5.51
CA ARG C 201 48.15 -44.45 -6.49
C ARG C 201 47.63 -43.10 -6.02
N ASP C 202 47.82 -42.08 -6.84
CA ASP C 202 47.45 -40.70 -6.55
C ASP C 202 46.23 -40.30 -7.37
N LEU C 203 45.71 -39.12 -7.08
CA LEU C 203 44.70 -38.53 -7.95
C LEU C 203 45.36 -38.16 -9.27
N PRO C 204 45.12 -38.90 -10.34
CA PRO C 204 45.93 -38.73 -11.55
C PRO C 204 45.63 -37.42 -12.25
N GLN C 205 46.61 -36.96 -13.01
CA GLN C 205 46.39 -35.83 -13.91
C GLN C 205 45.44 -36.30 -14.99
N GLY C 206 44.17 -35.94 -14.87
CA GLY C 206 43.20 -36.51 -15.79
C GLY C 206 41.84 -35.85 -15.65
N PHE C 207 40.84 -36.57 -16.16
CA PHE C 207 39.50 -36.05 -16.34
C PHE C 207 38.49 -36.94 -15.62
N SER C 208 37.38 -36.35 -15.20
CA SER C 208 36.33 -37.10 -14.52
C SER C 208 35.02 -36.32 -14.60
N ALA C 209 34.01 -36.83 -13.90
CA ALA C 209 32.68 -36.24 -13.85
C ALA C 209 31.97 -36.82 -12.64
N LEU C 210 30.65 -36.62 -12.58
CA LEU C 210 29.81 -37.17 -11.52
C LEU C 210 28.44 -37.47 -12.11
N GLU C 211 27.47 -37.74 -11.24
CA GLU C 211 26.10 -37.97 -11.68
C GLU C 211 25.14 -37.90 -10.51
N PRO C 212 24.05 -37.16 -10.61
CA PRO C 212 23.06 -37.13 -9.54
C PRO C 212 22.34 -38.46 -9.42
N LEU C 213 22.01 -38.81 -8.19
CA LEU C 213 21.23 -40.03 -7.91
C LEU C 213 19.96 -39.76 -7.14
N VAL C 214 20.04 -39.07 -6.00
CA VAL C 214 18.90 -38.95 -5.08
C VAL C 214 18.72 -37.50 -4.69
N ASP C 215 17.48 -37.03 -4.73
CA ASP C 215 17.10 -35.77 -4.12
C ASP C 215 16.92 -35.96 -2.62
N LEU C 216 17.73 -35.27 -1.83
CA LEU C 216 17.60 -35.32 -0.37
C LEU C 216 17.18 -33.94 0.11
N PRO C 217 15.90 -33.71 0.38
CA PRO C 217 15.48 -32.42 0.92
C PRO C 217 15.83 -32.28 2.40
N ILE C 218 17.06 -31.87 2.69
CA ILE C 218 17.54 -31.86 4.06
C ILE C 218 16.95 -30.68 4.83
N GLY C 219 17.24 -29.45 4.39
CA GLY C 219 16.73 -28.27 5.03
C GLY C 219 17.52 -27.77 6.23
N ILE C 220 18.59 -28.46 6.62
CA ILE C 220 19.41 -28.05 7.74
C ILE C 220 20.87 -28.05 7.33
N ASN C 221 21.66 -27.20 7.98
CA ASN C 221 23.09 -27.15 7.74
C ASN C 221 23.74 -28.47 8.14
N ILE C 222 24.93 -28.70 7.61
CA ILE C 222 25.73 -29.86 7.94
C ILE C 222 27.04 -29.37 8.53
N THR C 223 27.49 -30.00 9.61
CA THR C 223 28.72 -29.60 10.26
C THR C 223 29.89 -30.50 9.84
N ARG C 224 29.80 -31.81 10.11
CA ARG C 224 30.92 -32.72 9.97
C ARG C 224 30.52 -33.94 9.17
N PHE C 225 31.51 -34.79 8.89
CA PHE C 225 31.29 -36.06 8.21
C PHE C 225 32.40 -37.03 8.61
N GLN C 226 32.15 -38.32 8.43
CA GLN C 226 33.07 -39.34 8.90
C GLN C 226 32.90 -40.60 8.05
N THR C 227 33.99 -41.32 7.82
CA THR C 227 33.98 -42.46 6.90
C THR C 227 33.76 -43.77 7.65
N LEU C 228 33.65 -44.86 6.88
CA LEU C 228 33.43 -46.20 7.42
C LEU C 228 34.34 -47.19 6.72
N LEU C 229 35.25 -47.79 7.47
CA LEU C 229 36.16 -48.81 6.93
C LEU C 229 36.17 -50.00 7.89
N ALA C 230 37.05 -50.96 7.61
CA ALA C 230 37.24 -52.09 8.52
C ALA C 230 38.63 -52.67 8.29
N LEU C 231 39.59 -52.34 9.17
CA LEU C 231 40.95 -52.83 9.06
C LEU C 231 41.45 -53.27 10.42
N HIS C 232 42.26 -54.34 10.42
CA HIS C 232 42.92 -54.83 11.63
C HIS C 232 41.93 -55.24 12.72
N GLY C 248 50.08 -49.35 0.37
CA GLY C 248 51.16 -48.62 1.00
C GLY C 248 50.95 -47.13 0.99
N ALA C 249 50.42 -46.62 -0.12
CA ALA C 249 50.14 -45.19 -0.26
C ALA C 249 48.66 -44.90 -0.42
N ALA C 250 47.83 -45.94 -0.46
CA ALA C 250 46.40 -45.76 -0.66
C ALA C 250 45.80 -44.87 0.41
N ALA C 251 44.96 -43.94 -0.02
CA ALA C 251 44.34 -42.98 0.90
C ALA C 251 43.16 -42.32 0.21
N TYR C 252 42.15 -41.93 0.99
CA TYR C 252 41.02 -41.18 0.48
C TYR C 252 41.24 -39.70 0.80
N TYR C 253 41.20 -38.87 -0.23
CA TYR C 253 41.58 -37.46 -0.13
C TYR C 253 40.32 -36.62 0.06
N VAL C 254 40.35 -35.73 1.05
CA VAL C 254 39.23 -34.83 1.32
C VAL C 254 39.74 -33.41 1.44
N GLY C 255 39.25 -32.53 0.58
CA GLY C 255 39.49 -31.10 0.69
C GLY C 255 38.18 -30.38 0.96
N TYR C 256 37.84 -29.39 0.12
CA TYR C 256 36.58 -28.68 0.26
C TYR C 256 36.05 -28.29 -1.11
N LEU C 257 34.89 -27.64 -1.10
CA LEU C 257 34.28 -27.02 -2.26
C LEU C 257 34.04 -25.55 -1.89
N GLN C 258 34.14 -24.66 -2.88
CA GLN C 258 34.15 -23.24 -2.58
C GLN C 258 33.17 -22.53 -3.50
N PRO C 259 32.58 -21.42 -3.04
CA PRO C 259 31.64 -20.67 -3.88
C PRO C 259 32.35 -19.98 -5.03
N ARG C 260 32.63 -20.73 -6.09
CA ARG C 260 33.39 -20.23 -7.23
C ARG C 260 32.60 -20.44 -8.52
N THR C 261 33.27 -20.28 -9.66
CA THR C 261 32.62 -20.50 -10.94
C THR C 261 33.65 -21.01 -11.94
N PHE C 262 33.23 -21.94 -12.79
CA PHE C 262 34.11 -22.69 -13.68
C PHE C 262 33.72 -22.49 -15.14
N LEU C 263 34.38 -23.25 -16.01
CA LEU C 263 34.08 -23.29 -17.43
C LEU C 263 33.85 -24.73 -17.85
N LEU C 264 32.84 -24.97 -18.69
CA LEU C 264 32.38 -26.32 -18.99
C LEU C 264 32.26 -26.47 -20.51
N LYS C 265 33.19 -27.20 -21.13
CA LYS C 265 33.16 -27.45 -22.56
C LYS C 265 32.58 -28.83 -22.84
N TYR C 266 31.74 -28.91 -23.86
CA TYR C 266 30.93 -30.09 -24.11
C TYR C 266 31.02 -30.48 -25.58
N ASN C 267 30.75 -31.75 -25.84
CA ASN C 267 30.95 -32.35 -27.17
C ASN C 267 29.62 -32.65 -27.83
N GLU C 268 29.70 -33.24 -29.02
CA GLU C 268 28.49 -33.58 -29.77
C GLU C 268 27.64 -34.59 -29.02
N ASN C 269 28.27 -35.62 -28.45
CA ASN C 269 27.55 -36.59 -27.65
C ASN C 269 26.86 -35.94 -26.45
N GLY C 270 27.36 -34.81 -25.99
CA GLY C 270 26.84 -34.21 -24.78
C GLY C 270 27.61 -34.68 -23.56
N THR C 271 28.93 -34.55 -23.60
CA THR C 271 29.78 -35.01 -22.52
C THR C 271 30.86 -33.97 -22.28
N ILE C 272 31.32 -33.91 -21.02
CA ILE C 272 32.31 -32.92 -20.62
C ILE C 272 33.67 -33.30 -21.20
N THR C 273 34.43 -32.29 -21.62
CA THR C 273 35.78 -32.54 -22.13
C THR C 273 36.85 -31.76 -21.39
N ASP C 274 36.68 -30.47 -21.18
CA ASP C 274 37.67 -29.61 -20.55
C ASP C 274 37.01 -28.78 -19.46
N ALA C 275 37.83 -28.11 -18.65
CA ALA C 275 37.30 -27.28 -17.58
C ALA C 275 38.41 -26.35 -17.09
N VAL C 276 38.05 -25.09 -16.82
CA VAL C 276 38.95 -24.10 -16.28
C VAL C 276 38.19 -23.21 -15.30
N ASP C 277 38.85 -22.85 -14.20
CA ASP C 277 38.26 -22.00 -13.18
C ASP C 277 38.07 -20.58 -13.72
N CYS C 278 37.45 -19.74 -12.90
CA CYS C 278 37.34 -18.30 -13.12
C CYS C 278 38.31 -17.50 -12.27
N ALA C 279 38.60 -17.96 -11.04
CA ALA C 279 39.37 -17.18 -10.09
C ALA C 279 40.64 -17.86 -9.64
N LEU C 280 41.05 -18.95 -10.29
CA LEU C 280 42.35 -19.55 -9.98
C LEU C 280 43.49 -18.61 -10.35
N ASP C 281 43.43 -18.06 -11.57
CA ASP C 281 44.53 -17.23 -12.05
C ASP C 281 44.00 -16.22 -13.07
N PRO C 282 44.84 -15.33 -13.59
CA PRO C 282 44.41 -14.49 -14.71
C PRO C 282 43.89 -15.28 -15.89
N LEU C 283 44.52 -16.41 -16.23
CA LEU C 283 43.98 -17.25 -17.29
C LEU C 283 42.60 -17.76 -16.95
N SER C 284 42.33 -17.96 -15.66
CA SER C 284 41.02 -18.46 -15.24
C SER C 284 39.92 -17.49 -15.64
N GLU C 285 40.05 -16.23 -15.25
CA GLU C 285 39.03 -15.28 -15.65
C GLU C 285 39.10 -14.99 -17.14
N THR C 286 40.27 -15.16 -17.75
CA THR C 286 40.39 -14.96 -19.19
C THR C 286 39.46 -15.90 -19.95
N LYS C 287 39.55 -17.20 -19.64
CA LYS C 287 38.59 -18.14 -20.21
C LYS C 287 37.18 -17.92 -19.67
N CYS C 288 37.07 -17.41 -18.44
CA CYS C 288 35.76 -17.22 -17.83
C CYS C 288 34.93 -16.22 -18.61
N THR C 289 35.54 -15.12 -19.03
CA THR C 289 34.83 -14.08 -19.75
C THR C 289 34.89 -14.24 -21.26
N LEU C 290 36.05 -14.64 -21.80
CA LEU C 290 36.17 -14.74 -23.25
C LEU C 290 35.32 -15.85 -23.84
N LYS C 291 34.76 -16.73 -23.01
CA LYS C 291 33.81 -17.75 -23.45
C LYS C 291 34.42 -18.64 -24.53
N SER C 292 35.58 -19.20 -24.22
CA SER C 292 36.27 -20.10 -25.14
C SER C 292 37.29 -20.90 -24.35
N PHE C 293 37.87 -21.90 -25.02
CA PHE C 293 39.02 -22.61 -24.49
C PHE C 293 40.29 -22.39 -25.30
N THR C 294 40.16 -21.97 -26.56
CA THR C 294 41.35 -21.55 -27.30
C THR C 294 41.93 -20.27 -26.71
N VAL C 295 41.16 -19.18 -26.77
CA VAL C 295 41.47 -17.93 -26.09
C VAL C 295 42.83 -17.39 -26.51
N GLU C 296 42.83 -16.47 -27.49
CA GLU C 296 44.06 -15.95 -28.05
C GLU C 296 44.62 -14.80 -27.21
N LYS C 297 45.78 -14.29 -27.62
CA LYS C 297 46.48 -13.26 -26.87
C LYS C 297 45.71 -11.95 -26.89
N GLY C 298 46.04 -11.08 -25.94
CA GLY C 298 45.45 -9.77 -25.85
C GLY C 298 45.28 -9.36 -24.41
N ILE C 299 44.50 -8.30 -24.21
CA ILE C 299 44.13 -7.82 -22.88
C ILE C 299 42.62 -7.80 -22.80
N TYR C 300 42.08 -8.26 -21.67
CA TYR C 300 40.65 -8.49 -21.55
C TYR C 300 40.17 -7.91 -20.23
N GLN C 301 39.27 -6.93 -20.31
CA GLN C 301 38.69 -6.35 -19.12
C GLN C 301 37.92 -7.40 -18.34
N THR C 302 38.16 -7.46 -17.04
CA THR C 302 37.39 -8.37 -16.21
C THR C 302 36.85 -7.69 -14.96
N SER C 303 37.61 -6.77 -14.36
CA SER C 303 37.20 -6.13 -13.12
C SER C 303 37.99 -4.82 -12.99
N ASN C 304 37.96 -4.24 -11.79
CA ASN C 304 38.75 -3.05 -11.50
C ASN C 304 39.16 -3.12 -10.04
N PHE C 305 39.93 -2.12 -9.59
CA PHE C 305 40.44 -2.08 -8.23
C PHE C 305 39.64 -1.08 -7.41
N ARG C 306 38.95 -1.59 -6.38
CA ARG C 306 38.24 -0.74 -5.43
C ARG C 306 38.72 -1.19 -4.05
N VAL C 307 39.84 -0.61 -3.60
CA VAL C 307 40.48 -1.04 -2.37
C VAL C 307 39.58 -0.70 -1.18
N GLN C 308 39.88 -1.29 -0.04
CA GLN C 308 39.18 -0.92 1.18
C GLN C 308 40.12 -0.19 2.12
N PRO C 309 39.72 0.96 2.63
CA PRO C 309 40.58 1.75 3.52
C PRO C 309 40.98 1.03 4.80
N THR C 310 41.82 1.69 5.59
CA THR C 310 42.12 1.23 6.94
C THR C 310 40.93 1.57 7.84
N GLU C 311 39.82 0.87 7.64
CA GLU C 311 38.54 1.14 8.29
C GLU C 311 37.97 2.49 7.88
N SER C 312 36.66 2.66 7.99
CA SER C 312 36.00 3.89 7.59
C SER C 312 36.34 5.01 8.57
N ILE C 313 36.05 6.24 8.15
CA ILE C 313 36.31 7.42 8.95
C ILE C 313 34.98 8.12 9.21
N VAL C 314 34.65 8.33 10.48
CA VAL C 314 33.50 9.15 10.89
C VAL C 314 34.02 10.04 12.01
N ARG C 315 34.40 11.27 11.67
CA ARG C 315 35.11 12.15 12.58
C ARG C 315 34.38 13.47 12.76
N PHE C 316 34.14 13.83 14.02
CA PHE C 316 33.73 15.15 14.47
C PHE C 316 34.67 15.58 15.60
N PRO C 317 34.85 16.88 15.79
CA PRO C 317 35.97 17.38 16.62
C PRO C 317 35.75 17.18 18.12
N ASN C 318 36.74 16.56 18.78
CA ASN C 318 36.95 16.70 20.21
C ASN C 318 37.07 18.18 20.58
N ILE C 319 38.09 18.84 20.03
CA ILE C 319 38.35 20.25 20.26
C ILE C 319 37.21 21.01 19.59
N THR C 320 37.08 22.31 19.88
CA THR C 320 35.98 23.15 19.43
C THR C 320 34.65 22.69 20.03
N ASN C 321 34.69 22.15 21.24
CA ASN C 321 33.46 21.76 21.92
C ASN C 321 32.56 22.96 22.12
N LEU C 322 31.28 22.78 21.84
CA LEU C 322 30.32 23.86 22.01
C LEU C 322 29.18 23.40 22.91
N CYS C 323 29.51 22.62 23.93
CA CYS C 323 28.52 22.08 24.85
C CYS C 323 28.95 22.28 26.29
N PRO C 324 28.64 23.43 26.90
CA PRO C 324 28.89 23.59 28.33
C PRO C 324 27.84 22.89 29.18
N PHE C 325 27.83 21.56 29.13
CA PHE C 325 26.87 20.77 29.89
C PHE C 325 27.34 20.46 31.32
N GLY C 326 28.52 20.95 31.71
CA GLY C 326 28.98 20.72 33.07
C GLY C 326 28.05 21.30 34.11
N GLU C 327 27.68 22.57 33.94
CA GLU C 327 26.68 23.17 34.82
C GLU C 327 25.28 22.66 34.52
N VAL C 328 25.09 22.02 33.36
CA VAL C 328 23.80 21.42 33.03
C VAL C 328 23.62 20.06 33.72
N PHE C 329 24.71 19.35 33.99
CA PHE C 329 24.63 17.99 34.52
C PHE C 329 25.25 17.82 35.89
N ASN C 330 26.19 18.68 36.28
CA ASN C 330 26.74 18.67 37.63
C ASN C 330 26.19 19.82 38.46
N ALA C 331 24.95 20.23 38.20
CA ALA C 331 24.34 21.32 38.95
C ALA C 331 24.06 20.89 40.39
N THR C 332 24.32 21.81 41.32
CA THR C 332 24.10 21.51 42.73
C THR C 332 22.61 21.52 43.09
N ARG C 333 21.87 22.48 42.55
CA ARG C 333 20.46 22.66 42.89
C ARG C 333 19.60 22.44 41.66
N PHE C 334 18.43 21.83 41.87
CA PHE C 334 17.43 21.65 40.83
C PHE C 334 16.13 22.34 41.23
N ALA C 335 15.10 22.11 40.42
CA ALA C 335 13.76 22.61 40.68
C ALA C 335 12.80 21.45 40.94
N SER C 336 11.61 21.80 41.39
CA SER C 336 10.58 20.82 41.72
C SER C 336 10.01 20.21 40.45
N VAL C 337 9.05 19.29 40.63
CA VAL C 337 8.39 18.71 39.46
C VAL C 337 7.20 19.56 39.02
N TYR C 338 6.40 20.03 39.98
CA TYR C 338 5.30 20.92 39.63
C TYR C 338 5.85 22.25 39.12
N ALA C 339 7.03 22.64 39.59
CA ALA C 339 7.77 23.79 39.08
C ALA C 339 8.96 23.37 38.23
N TRP C 340 8.77 22.35 37.40
CA TRP C 340 9.87 21.75 36.66
C TRP C 340 10.62 22.78 35.82
N ASN C 341 11.94 22.71 35.89
CA ASN C 341 12.82 23.64 35.20
C ASN C 341 12.70 23.48 33.68
N ARG C 342 12.82 24.60 32.99
CA ARG C 342 12.84 24.62 31.53
C ARG C 342 13.73 25.75 31.05
N LYS C 343 14.89 25.39 30.50
CA LYS C 343 15.79 26.34 29.88
C LYS C 343 16.28 25.76 28.56
N ARG C 344 16.10 26.50 27.48
CA ARG C 344 16.43 26.00 26.15
C ARG C 344 17.94 25.93 25.99
N ILE C 345 18.50 24.76 26.28
CA ILE C 345 19.93 24.51 26.19
C ILE C 345 20.12 23.44 25.14
N SER C 346 20.76 23.80 24.03
CA SER C 346 20.84 22.92 22.88
C SER C 346 22.05 23.29 22.04
N ASN C 347 22.08 22.76 20.82
CA ASN C 347 23.12 23.08 19.85
C ASN C 347 24.51 22.72 20.37
N CYS C 348 24.72 21.41 20.54
CA CYS C 348 25.94 20.89 21.14
C CYS C 348 26.68 20.00 20.16
N VAL C 349 27.93 19.69 20.53
CA VAL C 349 28.66 18.53 20.03
C VAL C 349 29.07 17.71 21.25
N ALA C 350 28.53 16.49 21.36
CA ALA C 350 28.77 15.66 22.53
C ALA C 350 28.47 14.20 22.21
N ASP C 351 29.24 13.32 22.83
CA ASP C 351 29.10 11.86 22.69
C ASP C 351 28.17 11.39 23.80
N TYR C 352 26.96 10.95 23.42
CA TYR C 352 25.90 10.70 24.39
C TYR C 352 26.10 9.42 25.21
N SER C 353 26.48 8.31 24.57
CA SER C 353 26.56 7.04 25.29
C SER C 353 27.61 7.06 26.39
N VAL C 354 28.76 7.70 26.13
CA VAL C 354 29.83 7.72 27.12
C VAL C 354 29.51 8.67 28.26
N LEU C 355 28.47 9.49 28.11
CA LEU C 355 28.08 10.37 29.21
C LEU C 355 27.72 9.55 30.44
N TYR C 356 27.31 8.30 30.24
CA TYR C 356 26.98 7.43 31.36
C TYR C 356 28.21 7.14 32.22
N ASN C 357 29.36 6.89 31.59
CA ASN C 357 30.54 6.52 32.35
C ASN C 357 31.22 7.73 33.01
N SER C 358 30.51 8.86 33.12
CA SER C 358 31.08 10.01 33.80
C SER C 358 31.25 9.76 35.30
N ALA C 359 30.62 8.70 35.82
CA ALA C 359 30.83 8.25 37.20
C ALA C 359 30.25 9.23 38.23
N SER C 360 29.13 9.87 37.90
CA SER C 360 28.34 10.60 38.88
C SER C 360 26.85 10.47 38.63
N PHE C 361 26.44 9.63 37.69
CA PHE C 361 25.03 9.36 37.41
C PHE C 361 24.72 7.90 37.72
N SER C 362 23.60 7.68 38.41
CA SER C 362 23.16 6.34 38.77
C SER C 362 22.05 5.81 37.86
N THR C 363 21.72 6.51 36.78
CA THR C 363 20.63 6.09 35.93
C THR C 363 20.85 6.57 34.50
N PHE C 364 20.67 5.67 33.53
CA PHE C 364 20.73 5.99 32.10
C PHE C 364 19.58 5.24 31.41
N LYS C 365 18.44 5.89 31.33
CA LYS C 365 17.22 5.27 30.79
C LYS C 365 16.83 5.94 29.47
N CYS C 366 16.66 5.12 28.45
CA CYS C 366 16.33 5.59 27.11
C CYS C 366 15.07 4.89 26.62
N TYR C 367 14.10 5.68 26.14
CA TYR C 367 12.90 5.15 25.53
C TYR C 367 12.81 5.66 24.09
N GLY C 368 12.63 4.73 23.15
CA GLY C 368 12.47 5.09 21.75
C GLY C 368 13.77 5.17 20.97
N VAL C 369 14.58 6.20 21.22
CA VAL C 369 15.76 6.46 20.41
C VAL C 369 16.92 5.61 20.93
N SER C 370 17.91 5.36 20.07
CA SER C 370 19.04 4.50 20.38
C SER C 370 20.14 5.30 21.08
N PRO C 371 20.50 4.92 22.31
CA PRO C 371 21.63 5.61 22.97
C PRO C 371 22.96 5.35 22.30
N THR C 372 23.21 4.12 21.85
CA THR C 372 24.44 3.82 21.14
C THR C 372 24.36 4.31 19.71
N LYS C 373 25.49 4.79 19.19
CA LYS C 373 25.54 5.44 17.88
C LYS C 373 24.40 6.43 17.75
N LEU C 374 24.33 7.38 18.68
CA LEU C 374 23.21 8.30 18.75
C LEU C 374 23.57 9.63 18.09
N ASN C 375 24.83 10.04 18.22
CA ASN C 375 25.23 11.37 17.76
C ASN C 375 25.22 11.47 16.25
N ASP C 376 25.17 10.35 15.53
CA ASP C 376 25.01 10.37 14.08
C ASP C 376 23.62 10.82 13.65
N LEU C 377 22.66 10.84 14.57
CA LEU C 377 21.36 11.47 14.36
C LEU C 377 21.39 12.87 14.97
N CYS C 378 20.70 13.79 14.33
CA CYS C 378 20.73 15.19 14.74
C CYS C 378 19.30 15.69 14.90
N PHE C 379 19.14 16.64 15.83
CA PHE C 379 17.82 17.12 16.23
C PHE C 379 17.84 18.65 16.28
N THR C 380 16.66 19.25 16.10
CA THR C 380 16.58 20.71 16.03
C THR C 380 17.01 21.35 17.34
N ASN C 381 16.42 20.92 18.45
CA ASN C 381 16.69 21.56 19.73
C ASN C 381 16.56 20.55 20.86
N VAL C 382 17.17 20.90 21.99
CA VAL C 382 17.16 20.07 23.19
C VAL C 382 16.75 20.95 24.37
N TYR C 383 15.90 20.40 25.24
CA TYR C 383 15.42 21.07 26.44
C TYR C 383 16.02 20.39 27.65
N ALA C 384 16.91 21.10 28.35
CA ALA C 384 17.58 20.55 29.53
C ALA C 384 16.66 20.75 30.73
N ASP C 385 15.50 20.11 30.70
CA ASP C 385 14.52 20.20 31.78
C ASP C 385 15.05 19.47 33.00
N SER C 386 14.83 20.03 34.18
CA SER C 386 15.15 19.36 35.43
C SER C 386 14.00 19.56 36.41
N PHE C 387 13.69 18.50 37.16
CA PHE C 387 12.60 18.51 38.12
C PHE C 387 12.92 17.49 39.21
N VAL C 388 11.94 17.22 40.07
CA VAL C 388 12.13 16.33 41.21
C VAL C 388 11.07 15.24 41.21
N ILE C 389 11.50 14.01 41.01
CA ILE C 389 10.65 12.83 41.16
C ILE C 389 11.41 11.77 41.94
N ARG C 390 10.81 10.60 42.07
CA ARG C 390 11.38 9.50 42.83
C ARG C 390 11.61 8.33 41.88
N GLY C 391 12.53 7.45 42.27
CA GLY C 391 12.82 6.28 41.45
C GLY C 391 11.58 5.45 41.19
N ASP C 392 10.74 5.29 42.20
CA ASP C 392 9.45 4.65 41.99
C ASP C 392 8.54 5.52 41.14
N GLU C 393 8.66 6.85 41.27
CA GLU C 393 7.83 7.79 40.52
C GLU C 393 8.28 7.94 39.06
N VAL C 394 9.42 7.36 38.68
CA VAL C 394 9.86 7.44 37.30
C VAL C 394 8.90 6.69 36.39
N ARG C 395 8.34 5.59 36.88
CA ARG C 395 7.42 4.76 36.11
C ARG C 395 6.26 5.60 35.59
N GLN C 396 5.69 6.45 36.44
CA GLN C 396 4.55 7.27 36.07
C GLN C 396 4.88 8.27 34.96
N ILE C 397 6.12 8.75 34.89
CA ILE C 397 6.51 9.68 33.84
C ILE C 397 7.14 8.91 32.71
N ALA C 398 6.33 8.48 31.75
CA ALA C 398 6.77 7.72 30.59
C ALA C 398 5.73 7.88 29.49
N PRO C 399 6.10 7.67 28.23
CA PRO C 399 5.11 7.74 27.15
C PRO C 399 4.00 6.72 27.35
N GLY C 400 2.77 7.22 27.43
CA GLY C 400 1.61 6.38 27.62
C GLY C 400 1.20 6.15 29.06
N GLN C 401 2.01 6.57 30.02
CA GLN C 401 1.67 6.39 31.43
C GLN C 401 0.76 7.51 31.91
N THR C 402 0.23 7.32 33.12
CA THR C 402 -0.67 8.29 33.74
C THR C 402 -0.26 8.53 35.19
N GLY C 403 -0.89 9.51 35.79
CA GLY C 403 -0.65 9.84 37.18
C GLY C 403 -0.93 11.31 37.42
N LYS C 404 -1.11 11.63 38.71
CA LYS C 404 -1.33 13.03 39.08
C LYS C 404 -0.11 13.87 38.71
N ILE C 405 1.08 13.31 38.90
CA ILE C 405 2.30 13.98 38.45
C ILE C 405 2.26 14.15 36.94
N ALA C 406 1.91 13.07 36.22
CA ALA C 406 1.91 13.11 34.77
C ALA C 406 0.81 14.01 34.21
N ASP C 407 -0.15 14.41 35.05
CA ASP C 407 -1.24 15.26 34.58
C ASP C 407 -1.05 16.73 34.97
N TYR C 408 -0.69 17.00 36.22
CA TYR C 408 -0.61 18.36 36.72
C TYR C 408 0.79 18.79 37.14
N ASN C 409 1.80 17.97 36.91
CA ASN C 409 3.19 18.33 37.24
C ASN C 409 4.08 18.37 36.00
N TYR C 410 4.05 17.31 35.19
CA TYR C 410 4.89 17.25 33.98
C TYR C 410 4.32 16.16 33.08
N LYS C 411 3.84 16.54 31.90
CA LYS C 411 3.37 15.59 30.90
C LYS C 411 4.55 15.14 30.05
N LEU C 412 4.37 14.01 29.35
CA LEU C 412 5.40 13.52 28.45
C LEU C 412 4.76 12.87 27.24
N PRO C 413 5.19 13.22 26.02
CA PRO C 413 4.50 12.70 24.83
C PRO C 413 4.63 11.20 24.70
N ASP C 414 3.61 10.60 24.08
CA ASP C 414 3.68 9.18 23.74
C ASP C 414 4.78 8.88 22.74
N ASP C 415 4.98 9.76 21.76
CA ASP C 415 6.03 9.58 20.75
C ASP C 415 7.32 10.25 21.19
N PHE C 416 7.78 9.92 22.39
CA PHE C 416 8.99 10.51 22.94
C PHE C 416 10.16 9.57 22.66
N THR C 417 11.14 10.06 21.92
CA THR C 417 12.35 9.31 21.59
C THR C 417 13.53 10.06 22.20
N GLY C 418 13.87 9.71 23.44
CA GLY C 418 14.91 10.44 24.14
C GLY C 418 15.47 9.61 25.28
N CYS C 419 16.32 10.26 26.07
CA CYS C 419 16.96 9.62 27.20
C CYS C 419 16.89 10.55 28.41
N VAL C 420 16.91 9.93 29.59
CA VAL C 420 16.69 10.62 30.86
C VAL C 420 17.77 10.14 31.82
N ILE C 421 18.29 11.05 32.63
CA ILE C 421 19.35 10.74 33.59
C ILE C 421 18.91 11.18 34.98
N ALA C 422 19.07 10.29 35.96
CA ALA C 422 18.71 10.59 37.34
C ALA C 422 19.80 10.05 38.27
N TRP C 423 19.91 10.66 39.45
CA TRP C 423 20.86 10.19 40.45
C TRP C 423 20.48 10.75 41.81
N ASN C 424 20.99 10.10 42.85
CA ASN C 424 20.69 10.50 44.22
C ASN C 424 21.41 11.79 44.58
N SER C 425 20.64 12.79 45.04
CA SER C 425 21.21 14.05 45.49
C SER C 425 20.50 14.65 46.70
N ASN C 426 19.97 13.83 47.61
CA ASN C 426 19.20 14.38 48.72
C ASN C 426 20.00 14.44 50.02
N ASN C 427 21.29 14.11 49.98
CA ASN C 427 22.10 14.04 51.18
C ASN C 427 22.64 15.39 51.65
N LEU C 428 22.63 16.41 50.81
CA LEU C 428 23.02 17.75 51.26
C LEU C 428 22.06 18.84 50.80
N ASP C 429 21.25 18.59 49.78
CA ASP C 429 20.30 19.59 49.28
C ASP C 429 19.08 19.71 50.18
N SER C 430 19.06 18.97 51.28
CA SER C 430 17.96 19.01 52.24
C SER C 430 18.52 19.26 53.63
N LYS C 431 17.63 19.65 54.54
CA LYS C 431 18.02 19.94 55.90
C LYS C 431 16.86 19.56 56.81
N VAL C 432 17.15 19.22 58.07
CA VAL C 432 16.11 18.71 58.96
C VAL C 432 15.03 19.76 59.16
N GLY C 433 13.82 19.30 59.43
CA GLY C 433 12.69 20.20 59.51
C GLY C 433 11.74 20.13 58.34
N GLY C 434 11.75 19.01 57.61
CA GLY C 434 10.85 18.84 56.48
C GLY C 434 11.35 19.54 55.23
N ASN C 435 11.25 18.86 54.08
CA ASN C 435 11.70 19.42 52.82
C ASN C 435 10.52 20.02 52.07
N TYR C 436 10.20 21.27 52.39
CA TYR C 436 9.20 22.02 51.65
C TYR C 436 9.76 22.65 50.39
N ASN C 437 11.06 22.52 50.16
CA ASN C 437 11.70 23.09 48.98
C ASN C 437 11.19 22.46 47.69
N TYR C 438 10.94 21.15 47.67
CA TYR C 438 10.46 20.47 46.48
C TYR C 438 9.06 19.93 46.76
N LEU C 439 8.11 20.32 45.93
CA LEU C 439 6.72 19.91 46.07
C LEU C 439 6.25 19.26 44.78
N TYR C 440 5.04 18.71 44.82
CA TYR C 440 4.45 18.15 43.62
C TYR C 440 2.97 18.55 43.59
N ARG C 441 2.50 18.90 42.40
CA ARG C 441 1.13 19.38 42.27
C ARG C 441 0.14 18.23 42.36
N LEU C 442 -0.89 18.42 43.17
CA LEU C 442 -1.98 17.45 43.29
C LEU C 442 -3.25 17.91 42.60
N PHE C 443 -3.65 19.15 42.85
CA PHE C 443 -4.99 19.64 42.52
C PHE C 443 -4.86 20.83 41.60
N ARG C 444 -5.59 20.81 40.49
CA ARG C 444 -5.58 21.93 39.55
C ARG C 444 -6.87 21.92 38.75
N LYS C 445 -7.49 23.09 38.63
CA LYS C 445 -8.80 23.17 38.00
C LYS C 445 -8.75 23.03 36.48
N SER C 446 -7.66 23.46 35.83
CA SER C 446 -7.59 23.40 34.38
C SER C 446 -6.59 22.32 33.99
N ASN C 447 -7.01 21.47 33.08
CA ASN C 447 -6.17 20.37 32.63
C ASN C 447 -4.95 20.88 31.88
N LEU C 448 -3.81 20.25 32.17
CA LEU C 448 -2.57 20.66 31.54
C LEU C 448 -2.35 19.95 30.21
N LYS C 449 -1.67 20.62 29.30
CA LYS C 449 -1.31 20.01 28.02
C LYS C 449 0.15 19.58 28.05
N PRO C 450 0.58 18.70 27.15
CA PRO C 450 2.00 18.33 27.11
C PRO C 450 2.89 19.54 26.88
N PHE C 451 4.03 19.54 27.56
CA PHE C 451 5.00 20.64 27.52
C PHE C 451 4.39 21.97 27.98
N GLU C 452 3.57 21.97 29.02
CA GLU C 452 3.09 23.20 29.60
C GLU C 452 3.60 23.34 31.03
N ARG C 453 3.96 24.56 31.40
CA ARG C 453 4.51 24.85 32.72
C ARG C 453 3.38 25.14 33.70
N ASP C 454 3.52 24.61 34.91
CA ASP C 454 2.63 24.89 36.01
C ASP C 454 3.33 25.82 36.98
N ILE C 455 3.04 27.11 36.88
CA ILE C 455 3.59 28.10 37.80
C ILE C 455 2.51 28.75 38.64
N SER C 456 1.24 28.57 38.28
CA SER C 456 0.16 29.11 39.09
C SER C 456 0.03 28.33 40.38
N THR C 457 -0.29 29.05 41.47
CA THR C 457 -0.51 28.46 42.78
C THR C 457 -1.93 28.76 43.25
N GLU C 458 -2.92 28.53 42.38
CA GLU C 458 -4.29 28.85 42.72
C GLU C 458 -4.80 27.94 43.84
N ILE C 459 -5.69 28.48 44.66
CA ILE C 459 -6.31 27.70 45.73
C ILE C 459 -7.21 26.66 45.10
N TYR C 460 -7.15 25.44 45.62
CA TYR C 460 -8.05 24.40 45.16
C TYR C 460 -9.51 24.78 45.44
N GLN C 461 -10.37 24.41 44.50
CA GLN C 461 -11.78 24.79 44.50
C GLN C 461 -12.57 23.48 44.57
N ALA C 462 -12.81 23.01 45.80
CA ALA C 462 -13.22 21.64 46.05
C ALA C 462 -14.65 21.31 45.62
N GLY C 463 -15.63 22.16 45.96
CA GLY C 463 -17.00 21.85 45.66
C GLY C 463 -17.55 22.60 44.47
N SER C 464 -18.81 22.31 44.15
CA SER C 464 -19.50 23.04 43.09
C SER C 464 -19.73 24.50 43.44
N THR C 465 -20.00 24.80 44.71
CA THR C 465 -20.13 26.18 45.14
C THR C 465 -18.79 26.88 45.04
N PRO C 466 -18.67 27.92 44.21
CA PRO C 466 -17.36 28.52 43.96
C PRO C 466 -16.70 29.11 45.20
N CYS C 467 -15.39 28.92 45.32
CA CYS C 467 -14.62 29.64 46.33
C CYS C 467 -14.53 31.13 46.04
N ASN C 468 -14.23 31.51 44.80
CA ASN C 468 -14.33 32.88 44.30
C ASN C 468 -13.61 33.89 45.19
N GLY C 469 -12.46 33.51 45.75
CA GLY C 469 -11.72 34.43 46.59
C GLY C 469 -11.92 34.18 48.07
N VAL C 470 -13.01 33.48 48.41
CA VAL C 470 -13.29 33.17 49.81
C VAL C 470 -13.17 31.67 50.03
N GLU C 471 -12.27 31.29 50.95
CA GLU C 471 -12.00 29.89 51.26
C GLU C 471 -12.79 29.48 52.50
N GLY C 472 -12.85 28.16 52.73
CA GLY C 472 -13.51 27.61 53.90
C GLY C 472 -13.90 26.16 53.72
N PHE C 473 -15.14 25.83 54.08
CA PHE C 473 -15.68 24.51 53.78
C PHE C 473 -15.69 24.27 52.28
N ASN C 474 -15.24 23.09 51.86
CA ASN C 474 -15.11 22.73 50.46
C ASN C 474 -14.26 23.74 49.72
N CYS C 475 -13.27 24.31 50.40
CA CYS C 475 -12.27 25.20 49.81
C CYS C 475 -10.98 24.97 50.59
N TYR C 476 -10.13 24.10 50.07
CA TYR C 476 -8.95 23.63 50.80
C TYR C 476 -7.69 23.86 49.98
N PHE C 477 -6.58 24.07 50.68
CA PHE C 477 -5.33 24.45 50.02
C PHE C 477 -4.81 23.29 49.19
N PRO C 478 -4.25 23.55 48.00
CA PRO C 478 -3.92 22.44 47.09
C PRO C 478 -2.51 21.88 47.22
N LEU C 479 -1.65 22.44 48.05
CA LEU C 479 -0.27 21.98 48.17
C LEU C 479 0.07 21.61 49.61
N GLN C 480 0.88 20.56 49.76
CA GLN C 480 1.36 20.09 51.05
C GLN C 480 2.81 19.60 50.92
N SER C 481 3.54 19.62 52.02
CA SER C 481 4.96 19.32 52.04
C SER C 481 5.19 17.81 52.12
N TYR C 482 6.47 17.43 52.03
CA TYR C 482 6.86 16.03 52.08
C TYR C 482 7.07 15.51 53.49
N GLY C 483 7.74 16.28 54.35
CA GLY C 483 8.00 15.86 55.71
C GLY C 483 8.86 14.62 55.81
N PHE C 484 9.84 14.50 54.90
CA PHE C 484 10.77 13.37 54.91
C PHE C 484 11.93 13.69 55.82
N GLN C 485 12.63 12.65 56.28
CA GLN C 485 13.78 12.82 57.16
C GLN C 485 15.05 12.75 56.32
N PRO C 486 16.07 13.56 56.64
CA PRO C 486 17.27 13.61 55.77
C PRO C 486 18.09 12.33 55.76
N THR C 487 18.10 11.59 56.86
CA THR C 487 18.98 10.43 57.00
C THR C 487 18.33 9.13 56.52
N ASN C 488 17.38 9.20 55.60
CA ASN C 488 16.77 8.00 55.05
C ASN C 488 17.50 7.55 53.78
N GLY C 489 17.15 6.36 53.32
CA GLY C 489 17.71 5.82 52.10
C GLY C 489 17.16 6.50 50.87
N VAL C 490 17.69 6.13 49.70
CA VAL C 490 17.28 6.73 48.44
C VAL C 490 15.78 6.54 48.19
N GLY C 491 15.19 5.46 48.71
CA GLY C 491 13.76 5.24 48.52
C GLY C 491 12.90 6.35 49.08
N TYR C 492 13.30 6.92 50.24
CA TYR C 492 12.65 8.09 50.79
C TYR C 492 13.24 9.39 50.24
N GLN C 493 13.95 9.32 49.12
CA GLN C 493 14.67 10.49 48.67
C GLN C 493 14.27 10.85 47.24
N PRO C 494 14.33 12.14 46.90
CA PRO C 494 14.03 12.56 45.52
C PRO C 494 15.08 12.06 44.55
N TYR C 495 14.82 12.25 43.26
CA TYR C 495 15.75 11.91 42.19
C TYR C 495 16.01 13.15 41.35
N ARG C 496 17.28 13.48 41.14
CA ARG C 496 17.62 14.67 40.38
C ARG C 496 17.77 14.32 38.90
N VAL C 497 16.96 14.97 38.07
CA VAL C 497 16.71 14.52 36.71
C VAL C 497 17.18 15.57 35.72
N VAL C 498 17.83 15.12 34.64
CA VAL C 498 18.23 15.98 33.53
C VAL C 498 17.59 15.42 32.26
N VAL C 499 16.87 16.27 31.53
CA VAL C 499 16.10 15.87 30.36
C VAL C 499 16.86 16.28 29.11
N LEU C 500 16.92 15.37 28.14
CA LEU C 500 17.48 15.64 26.82
C LEU C 500 16.34 15.50 25.80
N SER C 501 15.92 16.61 25.22
CA SER C 501 14.77 16.65 24.34
C SER C 501 15.23 16.48 22.89
N PHE C 502 14.67 15.47 22.21
CA PHE C 502 15.00 15.20 20.82
C PHE C 502 13.87 15.71 19.94
N GLU C 503 13.84 17.03 19.75
CA GLU C 503 12.90 17.64 18.83
C GLU C 503 13.58 17.86 17.48
N LEU C 504 13.22 17.06 16.48
CA LEU C 504 13.62 17.26 15.10
C LEU C 504 12.46 17.90 14.33
N LEU C 505 12.21 19.18 14.62
CA LEU C 505 11.10 19.88 13.99
C LEU C 505 11.49 20.46 12.64
N HIS C 506 10.63 21.30 12.07
CA HIS C 506 10.88 21.91 10.77
C HIS C 506 12.10 22.80 10.82
N ALA C 507 12.40 23.37 11.98
CA ALA C 507 13.62 24.15 12.13
C ALA C 507 14.83 23.23 12.05
N PRO C 508 15.96 23.74 11.57
CA PRO C 508 17.13 22.88 11.31
C PRO C 508 17.70 22.20 12.54
N ALA C 509 18.32 21.04 12.33
CA ALA C 509 18.95 20.28 13.41
C ALA C 509 20.37 20.77 13.62
N THR C 510 20.65 21.30 14.80
CA THR C 510 21.96 21.85 15.10
C THR C 510 22.55 21.11 16.30
N VAL C 511 22.20 19.84 16.46
CA VAL C 511 22.61 19.06 17.61
C VAL C 511 23.17 17.73 17.12
N CYS C 512 24.49 17.64 16.99
CA CYS C 512 25.16 16.40 16.60
C CYS C 512 26.30 16.21 17.60
N GLY C 513 27.09 15.16 17.40
CA GLY C 513 28.12 14.83 18.36
C GLY C 513 29.29 14.01 17.83
N PRO C 514 30.47 14.24 18.41
CA PRO C 514 31.69 13.61 17.90
C PRO C 514 31.98 12.23 18.46
N LYS C 515 32.86 11.50 17.78
CA LYS C 515 33.41 10.24 18.25
C LYS C 515 34.84 10.11 17.73
N LYS C 516 35.65 9.30 18.41
CA LYS C 516 36.90 8.74 17.89
C LYS C 516 37.90 9.77 17.38
N SER C 517 38.95 9.28 16.71
CA SER C 517 40.03 10.12 16.20
C SER C 517 40.55 9.50 14.91
N THR C 518 41.29 10.27 14.13
CA THR C 518 41.88 9.75 12.90
C THR C 518 43.18 10.49 12.60
N ASN C 519 44.02 9.84 11.79
CA ASN C 519 45.27 10.43 11.34
C ASN C 519 45.63 9.73 10.03
N LEU C 520 45.49 10.44 8.92
CA LEU C 520 45.61 9.85 7.59
C LEU C 520 46.67 10.62 6.82
N VAL C 521 47.57 9.89 6.16
CA VAL C 521 48.74 10.48 5.54
C VAL C 521 48.79 10.05 4.07
N LYS C 522 49.47 10.85 3.26
CA LYS C 522 49.58 10.61 1.83
C LYS C 522 50.22 9.25 1.55
N ASN C 523 50.18 8.87 0.27
CA ASN C 523 50.76 7.63 -0.24
C ASN C 523 49.94 6.43 0.19
N LYS C 524 48.95 6.65 1.05
CA LYS C 524 47.95 5.66 1.40
C LYS C 524 46.66 6.01 0.66
N CYS C 525 45.58 5.29 0.96
CA CYS C 525 44.29 5.62 0.36
C CYS C 525 43.18 5.08 1.25
N VAL C 526 42.46 5.99 1.90
CA VAL C 526 41.48 5.66 2.92
C VAL C 526 40.29 6.59 2.78
N ASN C 527 39.33 6.43 3.69
CA ASN C 527 38.14 7.28 3.74
C ASN C 527 38.47 8.59 4.45
N PHE C 528 37.44 9.43 4.65
CA PHE C 528 37.54 10.61 5.48
C PHE C 528 36.14 11.09 5.80
N ASN C 529 36.03 11.85 6.90
CA ASN C 529 34.76 12.44 7.31
C ASN C 529 35.10 13.70 8.12
N PHE C 530 34.93 14.86 7.50
CA PHE C 530 35.15 16.13 8.18
C PHE C 530 33.81 16.85 8.25
N ASN C 531 33.08 16.55 9.32
CA ASN C 531 31.74 17.10 9.59
C ASN C 531 30.77 16.77 8.46
N GLY C 532 30.84 15.55 7.94
CA GLY C 532 29.80 15.08 7.06
C GLY C 532 30.23 14.57 5.68
N LEU C 533 31.18 15.23 5.03
CA LEU C 533 31.58 14.86 3.69
C LEU C 533 32.54 13.67 3.76
N THR C 534 32.26 12.65 2.96
CA THR C 534 33.05 11.44 2.90
C THR C 534 33.73 11.32 1.54
N GLY C 535 34.42 10.21 1.34
CA GLY C 535 35.10 9.93 0.09
C GLY C 535 36.26 8.99 0.30
N THR C 536 36.64 8.32 -0.79
CA THR C 536 37.66 7.28 -0.75
C THR C 536 38.85 7.71 -1.60
N GLY C 537 40.02 7.77 -0.99
CA GLY C 537 41.20 8.11 -1.77
C GLY C 537 42.36 8.51 -0.88
N VAL C 538 43.36 9.14 -1.51
CA VAL C 538 44.58 9.55 -0.85
C VAL C 538 44.32 10.88 -0.15
N LEU C 539 44.81 11.02 1.08
CA LEU C 539 44.68 12.25 1.85
C LEU C 539 46.08 12.84 2.01
N THR C 540 46.45 13.72 1.07
CA THR C 540 47.78 14.31 1.06
C THR C 540 47.77 15.65 1.80
N GLU C 541 48.77 15.86 2.65
CA GLU C 541 48.96 17.16 3.29
C GLU C 541 49.43 18.11 2.19
N SER C 542 48.47 18.57 1.41
CA SER C 542 48.71 19.11 0.08
C SER C 542 49.20 20.55 0.13
N ASN C 543 49.68 21.02 -1.03
CA ASN C 543 50.12 22.39 -1.20
C ASN C 543 49.01 23.20 -1.86
N LYS C 544 48.00 23.52 -1.05
CA LYS C 544 46.90 24.34 -1.52
C LYS C 544 46.60 25.41 -0.51
N LYS C 545 45.84 26.42 -0.96
CA LYS C 545 45.50 27.56 -0.14
C LYS C 545 44.23 27.30 0.67
N PHE C 546 43.97 28.21 1.61
CA PHE C 546 42.80 28.11 2.48
C PHE C 546 42.47 29.51 2.95
N LEU C 547 41.22 29.70 3.38
CA LEU C 547 40.79 30.98 3.92
C LEU C 547 39.84 30.71 5.09
N PRO C 548 39.77 31.63 6.05
CA PRO C 548 39.05 31.32 7.30
C PRO C 548 37.57 31.04 7.08
N PHE C 549 36.98 31.57 6.03
CA PHE C 549 35.56 31.38 5.77
C PHE C 549 35.24 30.00 5.22
N GLN C 550 36.22 29.10 5.14
CA GLN C 550 36.02 27.83 4.47
C GLN C 550 35.81 26.71 5.48
N GLN C 551 34.77 25.92 5.26
CA GLN C 551 34.52 24.71 6.04
C GLN C 551 34.59 23.44 5.21
N PHE C 552 34.11 23.49 3.97
CA PHE C 552 34.09 22.35 3.05
C PHE C 552 34.87 22.72 1.79
N GLY C 553 34.79 21.85 0.79
CA GLY C 553 35.49 22.11 -0.47
C GLY C 553 34.86 21.37 -1.62
N ARG C 554 35.24 21.80 -2.83
CA ARG C 554 34.84 21.18 -4.08
C ARG C 554 35.78 21.70 -5.16
N ASP C 555 35.52 21.30 -6.41
CA ASP C 555 36.39 21.73 -7.49
C ASP C 555 35.55 22.00 -8.73
N ILE C 556 36.24 22.16 -9.86
CA ILE C 556 35.61 22.69 -11.07
C ILE C 556 34.51 21.75 -11.56
N ALA C 557 34.79 20.46 -11.57
CA ALA C 557 33.81 19.49 -12.04
C ALA C 557 32.82 19.10 -10.95
N ASP C 558 32.68 19.94 -9.93
CA ASP C 558 31.89 19.64 -8.74
C ASP C 558 32.33 18.28 -8.21
N THR C 559 33.56 18.24 -7.72
CA THR C 559 34.12 17.08 -7.04
C THR C 559 34.83 17.57 -5.79
N THR C 560 34.77 16.77 -4.73
CA THR C 560 35.43 17.14 -3.49
C THR C 560 36.92 17.32 -3.74
N ASP C 561 37.39 18.57 -3.63
CA ASP C 561 38.80 18.88 -3.86
C ASP C 561 39.60 18.84 -2.57
N ALA C 562 39.11 19.48 -1.52
CA ALA C 562 39.78 19.49 -0.23
C ALA C 562 38.74 19.44 0.87
N VAL C 563 39.09 18.74 1.94
CA VAL C 563 38.31 18.72 3.18
C VAL C 563 39.23 19.16 4.31
N ARG C 564 38.63 19.78 5.32
CA ARG C 564 39.42 20.41 6.37
C ARG C 564 39.10 19.76 7.69
N ASP C 565 40.13 19.35 8.41
CA ASP C 565 39.96 18.84 9.75
C ASP C 565 39.24 19.88 10.59
N PRO C 566 38.02 19.62 11.06
CA PRO C 566 37.29 20.64 11.82
C PRO C 566 37.74 20.79 13.26
N GLN C 567 38.87 20.21 13.65
CA GLN C 567 39.48 20.48 14.95
C GLN C 567 40.88 21.06 14.88
N THR C 568 41.53 21.02 13.70
CA THR C 568 42.74 21.79 13.47
C THR C 568 42.88 21.99 11.96
N LEU C 569 43.51 23.11 11.60
CA LEU C 569 43.42 23.65 10.25
C LEU C 569 44.72 23.35 9.50
N GLU C 570 44.68 22.38 8.58
CA GLU C 570 45.83 22.04 7.76
C GLU C 570 45.36 21.65 6.37
N ILE C 571 46.19 21.96 5.36
CA ILE C 571 45.82 21.69 3.98
C ILE C 571 45.70 20.19 3.74
N LEU C 572 44.81 19.81 2.82
CA LEU C 572 44.54 18.42 2.54
C LEU C 572 43.98 18.29 1.13
N ASP C 573 44.15 17.11 0.54
CA ASP C 573 43.59 16.80 -0.77
C ASP C 573 42.99 15.40 -0.76
N ILE C 574 42.19 15.12 -1.78
CA ILE C 574 41.52 13.82 -1.94
C ILE C 574 41.76 13.34 -3.36
N THR C 575 42.64 12.34 -3.51
CA THR C 575 42.88 11.70 -4.78
C THR C 575 42.44 10.25 -4.70
N PRO C 576 41.47 9.81 -5.52
CA PRO C 576 40.98 8.43 -5.40
C PRO C 576 42.09 7.42 -5.59
N CYS C 577 41.98 6.32 -4.84
CA CYS C 577 43.10 5.41 -4.64
C CYS C 577 43.61 4.74 -5.92
N SER C 578 42.78 3.90 -6.53
CA SER C 578 43.28 2.99 -7.56
C SER C 578 43.30 3.63 -8.93
N PHE C 579 42.42 4.59 -9.20
CA PHE C 579 42.24 5.14 -10.54
C PHE C 579 41.86 4.04 -11.52
N GLY C 580 41.23 2.98 -11.04
CA GLY C 580 40.72 1.92 -11.87
C GLY C 580 41.80 1.11 -12.56
N GLY C 581 41.38 0.02 -13.18
CA GLY C 581 42.28 -0.79 -13.98
C GLY C 581 42.53 -2.20 -13.47
N VAL C 582 41.80 -3.17 -14.03
CA VAL C 582 42.11 -4.59 -13.87
C VAL C 582 41.89 -5.28 -15.20
N SER C 583 42.98 -5.67 -15.84
CA SER C 583 42.93 -6.41 -17.10
C SER C 583 44.08 -7.41 -17.11
N VAL C 584 43.96 -8.42 -17.96
CA VAL C 584 44.91 -9.53 -18.01
C VAL C 584 45.58 -9.56 -19.37
N ILE C 585 46.89 -9.37 -19.39
CA ILE C 585 47.67 -9.58 -20.62
C ILE C 585 48.19 -11.01 -20.56
N THR C 586 47.36 -11.93 -20.99
CA THR C 586 47.91 -13.26 -21.11
C THR C 586 47.97 -13.67 -22.58
N PRO C 587 48.99 -14.41 -22.98
CA PRO C 587 49.01 -14.93 -24.35
C PRO C 587 47.95 -16.00 -24.53
N GLY C 588 47.90 -16.61 -25.72
CA GLY C 588 46.91 -17.62 -26.01
C GLY C 588 46.92 -18.82 -25.07
N THR C 589 45.75 -19.18 -24.54
CA THR C 589 45.70 -20.32 -23.63
C THR C 589 46.03 -21.63 -24.33
N ASN C 590 45.99 -21.65 -25.66
CA ASN C 590 46.61 -22.76 -26.38
C ASN C 590 48.10 -22.84 -26.04
N THR C 591 48.75 -21.69 -25.89
CA THR C 591 50.11 -21.64 -25.39
C THR C 591 50.04 -21.72 -23.86
N SER C 592 51.14 -21.42 -23.17
CA SER C 592 51.32 -21.79 -21.77
C SER C 592 50.35 -21.03 -20.86
N ASN C 593 50.47 -21.30 -19.56
CA ASN C 593 49.63 -20.71 -18.53
C ASN C 593 50.37 -19.69 -17.68
N GLN C 594 51.52 -19.20 -18.15
CA GLN C 594 52.24 -18.15 -17.44
C GLN C 594 51.46 -16.85 -17.64
N VAL C 595 50.73 -16.45 -16.61
CA VAL C 595 49.81 -15.32 -16.71
C VAL C 595 50.56 -14.00 -16.53
N ALA C 596 49.90 -12.90 -16.85
CA ALA C 596 50.45 -11.57 -16.62
C ALA C 596 49.29 -10.60 -16.38
N VAL C 597 49.47 -9.67 -15.45
CA VAL C 597 48.42 -8.79 -14.99
C VAL C 597 48.78 -7.35 -15.32
N LEU C 598 47.81 -6.59 -15.81
CA LEU C 598 47.97 -5.19 -16.16
C LEU C 598 47.05 -4.33 -15.32
N TYR C 599 47.53 -3.14 -14.95
CA TYR C 599 46.73 -2.17 -14.24
C TYR C 599 46.48 -0.98 -15.17
N GLN C 600 45.70 -0.01 -14.70
CA GLN C 600 45.45 1.21 -15.47
C GLN C 600 45.69 2.41 -14.58
N GLY C 601 46.94 2.88 -14.55
CA GLY C 601 47.33 4.01 -13.74
C GLY C 601 47.03 3.78 -12.26
N VAL C 602 47.71 2.83 -11.65
CA VAL C 602 47.50 2.49 -10.25
C VAL C 602 48.83 2.55 -9.52
N ASN C 603 48.82 3.21 -8.37
CA ASN C 603 49.99 3.18 -7.50
C ASN C 603 50.22 1.75 -7.00
N CYS C 604 51.48 1.42 -6.75
CA CYS C 604 51.82 0.09 -6.25
C CYS C 604 51.30 -0.04 -4.83
N THR C 605 50.14 -0.65 -4.68
CA THR C 605 49.54 -0.86 -3.36
C THR C 605 49.16 -2.31 -3.12
N GLU C 606 48.72 -3.03 -4.14
CA GLU C 606 48.27 -4.40 -3.97
C GLU C 606 49.43 -5.32 -3.58
N VAL C 607 49.13 -6.30 -2.75
CA VAL C 607 50.08 -7.35 -2.39
C VAL C 607 49.36 -8.69 -2.46
N PRO C 608 49.89 -9.69 -3.18
CA PRO C 608 49.22 -10.98 -3.36
C PRO C 608 49.05 -11.75 -2.06
N THR C 625 53.54 -15.91 -6.75
CA THR C 625 54.54 -15.37 -7.65
C THR C 625 54.12 -14.01 -8.19
N GLY C 626 54.45 -12.95 -7.44
CA GLY C 626 54.13 -11.61 -7.87
C GLY C 626 55.20 -10.58 -7.54
N SER C 627 56.44 -11.04 -7.41
CA SER C 627 57.55 -10.16 -7.04
C SER C 627 58.31 -9.63 -8.24
N ASN C 628 57.90 -9.98 -9.45
CA ASN C 628 58.53 -9.44 -10.66
C ASN C 628 57.84 -8.16 -11.10
N VAL C 629 57.69 -7.23 -10.16
CA VAL C 629 56.92 -6.01 -10.38
C VAL C 629 57.75 -5.03 -11.18
N PHE C 630 57.16 -4.50 -12.27
CA PHE C 630 57.74 -3.40 -13.02
C PHE C 630 56.64 -2.35 -13.20
N GLN C 631 56.51 -1.48 -12.21
CA GLN C 631 55.48 -0.44 -12.28
C GLN C 631 55.77 0.48 -13.47
N THR C 632 54.70 0.95 -14.10
CA THR C 632 54.82 1.83 -15.24
C THR C 632 53.82 2.97 -15.10
N ARG C 633 53.84 3.88 -16.07
CA ARG C 633 52.85 4.94 -16.10
C ARG C 633 51.44 4.41 -16.29
N ALA C 634 51.29 3.17 -16.76
CA ALA C 634 50.01 2.49 -16.73
C ALA C 634 49.70 1.90 -15.36
N GLY C 635 50.66 1.92 -14.44
CA GLY C 635 50.43 1.45 -13.09
C GLY C 635 51.48 0.44 -12.69
N CYS C 636 51.12 -0.38 -11.70
CA CYS C 636 52.02 -1.34 -11.08
C CYS C 636 51.93 -2.67 -11.84
N LEU C 637 52.62 -2.74 -12.98
CA LEU C 637 52.59 -3.93 -13.81
C LEU C 637 53.30 -5.09 -13.12
N ILE C 638 52.65 -6.25 -13.10
CA ILE C 638 53.24 -7.46 -12.56
C ILE C 638 53.18 -8.55 -13.63
N GLY C 639 53.79 -9.69 -13.37
CA GLY C 639 53.67 -10.81 -14.27
C GLY C 639 54.44 -10.67 -15.56
N ALA C 640 55.31 -9.68 -15.67
CA ALA C 640 56.12 -9.54 -16.88
C ALA C 640 57.37 -8.74 -16.52
N GLU C 641 58.52 -9.39 -16.59
CA GLU C 641 59.77 -8.66 -16.41
C GLU C 641 59.99 -7.72 -17.58
N HIS C 642 60.40 -6.50 -17.29
CA HIS C 642 60.58 -5.50 -18.33
C HIS C 642 61.83 -5.79 -19.16
N VAL C 643 61.91 -5.15 -20.31
CA VAL C 643 63.10 -5.14 -21.15
C VAL C 643 63.49 -3.70 -21.39
N ASN C 644 64.77 -3.38 -21.17
CA ASN C 644 65.24 -2.02 -21.41
C ASN C 644 65.06 -1.62 -22.87
N ASN C 645 65.11 -2.59 -23.77
CA ASN C 645 64.81 -2.34 -25.17
C ASN C 645 63.33 -2.64 -25.42
N SER C 646 62.93 -2.65 -26.68
CA SER C 646 61.54 -2.86 -27.04
C SER C 646 61.43 -3.21 -28.52
N TYR C 647 60.72 -4.29 -28.82
CA TYR C 647 60.47 -4.69 -30.20
C TYR C 647 59.35 -3.84 -30.78
N GLU C 648 58.93 -4.15 -31.99
CA GLU C 648 57.68 -3.61 -32.51
C GLU C 648 56.52 -4.14 -31.69
N CYS C 649 55.53 -3.28 -31.43
CA CYS C 649 54.47 -3.65 -30.52
C CYS C 649 53.61 -4.77 -31.09
N ASP C 650 53.38 -5.81 -30.28
CA ASP C 650 52.51 -6.92 -30.66
C ASP C 650 51.13 -6.75 -30.06
N ILE C 651 51.04 -6.63 -28.74
CA ILE C 651 49.78 -6.42 -28.05
C ILE C 651 49.86 -5.09 -27.31
N PRO C 652 49.26 -4.03 -27.86
CA PRO C 652 49.13 -2.79 -27.10
C PRO C 652 48.34 -3.06 -25.82
N ILE C 653 48.79 -2.46 -24.71
CA ILE C 653 48.14 -2.73 -23.44
C ILE C 653 47.73 -1.41 -22.78
N GLY C 654 48.40 -0.33 -23.15
CA GLY C 654 48.06 0.98 -22.61
C GLY C 654 49.25 1.73 -22.07
N ALA C 655 49.17 3.07 -22.11
CA ALA C 655 50.25 3.95 -21.70
C ALA C 655 51.55 3.58 -22.41
N GLY C 656 51.44 3.23 -23.69
CA GLY C 656 52.60 2.97 -24.52
C GLY C 656 53.43 1.79 -24.09
N ILE C 657 52.77 0.72 -23.66
CA ILE C 657 53.45 -0.52 -23.31
C ILE C 657 52.81 -1.65 -24.11
N CYS C 658 53.60 -2.68 -24.39
CA CYS C 658 53.12 -3.87 -25.09
C CYS C 658 53.81 -5.08 -24.48
N ALA C 659 53.03 -5.95 -23.84
CA ALA C 659 53.57 -7.11 -23.14
C ALA C 659 53.52 -8.32 -24.06
N SER C 660 54.68 -8.95 -24.24
CA SER C 660 54.84 -10.05 -25.19
C SER C 660 55.35 -11.30 -24.48
N TYR C 661 54.78 -12.44 -24.84
CA TYR C 661 55.20 -13.75 -24.34
C TYR C 661 56.49 -14.13 -25.05
N GLN C 662 57.58 -13.53 -24.61
CA GLN C 662 58.85 -13.63 -25.31
C GLN C 662 59.93 -14.22 -24.41
N THR C 663 60.75 -15.10 -24.99
CA THR C 663 61.82 -15.75 -24.25
C THR C 663 62.84 -14.74 -23.77
N GLN C 664 63.35 -14.95 -22.55
CA GLN C 664 64.35 -14.08 -21.94
C GLN C 664 65.73 -14.70 -22.08
N THR C 665 66.65 -13.94 -22.67
CA THR C 665 67.98 -14.45 -22.98
C THR C 665 68.82 -14.62 -21.72
N ASN C 666 69.56 -15.73 -21.67
CA ASN C 666 70.40 -16.08 -20.52
C ASN C 666 71.30 -14.93 -20.07
N SER C 673 73.43 -22.93 -22.53
CA SER C 673 72.46 -22.32 -21.63
C SER C 673 71.11 -22.17 -22.31
N VAL C 674 70.07 -22.74 -21.70
CA VAL C 674 68.74 -22.70 -22.27
C VAL C 674 68.06 -21.39 -21.89
N ALA C 675 67.68 -20.61 -22.88
CA ALA C 675 66.95 -19.38 -22.64
C ALA C 675 65.53 -19.69 -22.17
N SER C 676 65.01 -18.84 -21.30
CA SER C 676 63.74 -19.09 -20.63
C SER C 676 62.64 -18.23 -21.25
N GLN C 677 61.60 -18.89 -21.73
CA GLN C 677 60.41 -18.20 -22.21
C GLN C 677 59.80 -17.37 -21.09
N SER C 678 59.33 -16.16 -21.43
CA SER C 678 58.84 -15.25 -20.41
C SER C 678 57.89 -14.23 -21.04
N ILE C 679 57.41 -13.31 -20.21
CA ILE C 679 56.54 -12.20 -20.63
C ILE C 679 57.29 -10.90 -20.38
N ILE C 680 57.40 -10.07 -21.41
CA ILE C 680 58.14 -8.82 -21.33
C ILE C 680 57.24 -7.68 -21.76
N ALA C 681 56.98 -6.75 -20.83
CA ALA C 681 56.15 -5.58 -21.12
C ALA C 681 57.03 -4.39 -21.50
N TYR C 682 57.71 -4.54 -22.63
CA TYR C 682 58.51 -3.44 -23.16
C TYR C 682 57.59 -2.28 -23.52
N THR C 683 58.11 -1.06 -23.36
CA THR C 683 57.34 0.10 -23.75
C THR C 683 57.06 0.08 -25.24
N MET C 684 55.90 0.60 -25.63
CA MET C 684 55.49 0.53 -27.02
C MET C 684 56.51 1.28 -27.88
N SER C 685 57.22 0.54 -28.72
CA SER C 685 58.10 1.13 -29.72
C SER C 685 57.44 0.95 -31.07
N LEU C 686 57.17 2.05 -31.74
CA LEU C 686 56.56 2.00 -33.06
C LEU C 686 57.60 1.61 -34.10
N GLY C 687 58.19 0.44 -33.89
CA GLY C 687 59.18 -0.03 -34.83
C GLY C 687 60.47 0.76 -34.71
N ALA C 688 61.32 0.58 -35.72
CA ALA C 688 62.65 1.14 -35.73
C ALA C 688 62.63 2.56 -36.28
N GLU C 689 63.81 3.09 -36.57
CA GLU C 689 63.97 4.45 -37.05
C GLU C 689 64.85 4.46 -38.28
N ASN C 690 64.53 5.35 -39.23
CA ASN C 690 65.36 5.59 -40.40
C ASN C 690 65.77 7.04 -40.44
N SER C 691 66.72 7.36 -41.33
CA SER C 691 67.24 8.71 -41.44
C SER C 691 67.85 8.92 -42.82
N VAL C 692 67.42 9.98 -43.50
CA VAL C 692 67.86 10.30 -44.85
C VAL C 692 68.22 11.78 -44.91
N ALA C 693 69.05 12.16 -45.88
CA ALA C 693 69.46 13.55 -46.02
C ALA C 693 68.47 14.31 -46.89
N TYR C 694 68.22 15.57 -46.52
CA TYR C 694 67.01 16.26 -46.95
C TYR C 694 67.25 17.62 -47.60
N SER C 695 68.28 18.34 -47.15
CA SER C 695 68.47 19.71 -47.59
C SER C 695 68.71 19.79 -49.08
N ASN C 696 69.49 18.86 -49.63
CA ASN C 696 69.95 19.00 -51.00
C ASN C 696 69.44 17.91 -51.93
N ASN C 697 69.52 16.63 -51.55
CA ASN C 697 69.11 15.58 -52.46
C ASN C 697 68.94 14.21 -51.80
N SER C 698 67.78 13.60 -51.97
CA SER C 698 67.53 12.18 -51.67
C SER C 698 66.10 11.85 -52.07
N ILE C 699 65.87 10.58 -52.36
CA ILE C 699 64.53 10.10 -52.73
C ILE C 699 64.47 8.63 -52.35
N ALA C 700 63.29 8.02 -52.44
CA ALA C 700 63.19 6.57 -52.34
C ALA C 700 62.11 6.04 -53.28
N ILE C 701 62.50 5.18 -54.21
CA ILE C 701 61.62 4.61 -55.22
C ILE C 701 61.76 3.10 -55.18
N PRO C 702 60.68 2.34 -55.29
CA PRO C 702 60.78 0.87 -55.26
C PRO C 702 61.28 0.32 -56.58
N THR C 703 62.37 -0.46 -56.53
CA THR C 703 62.82 -1.16 -57.73
C THR C 703 61.74 -2.09 -58.26
N ASN C 704 61.22 -2.94 -57.39
CA ASN C 704 60.01 -3.71 -57.66
C ASN C 704 59.03 -3.54 -56.51
N PHE C 705 57.97 -4.33 -56.54
CA PHE C 705 56.81 -4.11 -55.71
C PHE C 705 56.17 -5.44 -55.38
N THR C 706 54.93 -5.40 -54.93
CA THR C 706 54.15 -6.61 -54.69
C THR C 706 52.69 -6.27 -54.84
N ILE C 707 51.89 -7.31 -55.12
CA ILE C 707 50.44 -7.16 -55.14
C ILE C 707 49.88 -7.80 -53.87
N SER C 708 49.80 -6.99 -52.81
CA SER C 708 49.42 -7.50 -51.50
C SER C 708 47.89 -7.51 -51.37
N VAL C 709 47.27 -8.34 -52.19
CA VAL C 709 45.82 -8.49 -52.09
C VAL C 709 45.50 -9.12 -50.75
N THR C 710 44.71 -8.42 -49.94
CA THR C 710 44.45 -8.82 -48.57
C THR C 710 42.95 -8.79 -48.33
N THR C 711 42.58 -9.08 -47.10
CA THR C 711 41.19 -9.05 -46.70
C THR C 711 40.72 -7.61 -46.51
N GLU C 712 39.40 -7.47 -46.49
CA GLU C 712 38.73 -6.24 -46.10
C GLU C 712 37.26 -6.55 -45.90
N ILE C 713 36.71 -6.06 -44.80
CA ILE C 713 35.37 -6.43 -44.38
C ILE C 713 34.56 -5.17 -44.15
N LEU C 714 33.38 -5.11 -44.76
CA LEU C 714 32.43 -4.05 -44.51
C LEU C 714 31.08 -4.72 -44.27
N PRO C 715 30.71 -4.93 -43.01
CA PRO C 715 29.46 -5.65 -42.71
C PRO C 715 28.26 -4.96 -43.33
N VAL C 716 27.52 -5.72 -44.14
CA VAL C 716 26.50 -5.10 -44.98
C VAL C 716 25.17 -4.98 -44.26
N SER C 717 24.60 -6.11 -43.85
CA SER C 717 23.24 -6.10 -43.33
C SER C 717 23.23 -6.80 -41.98
N MET C 718 22.03 -7.03 -41.45
CA MET C 718 21.85 -7.72 -40.20
C MET C 718 20.65 -8.63 -40.32
N THR C 719 20.20 -9.15 -39.18
CA THR C 719 18.93 -9.88 -39.10
C THR C 719 17.83 -8.85 -38.99
N LYS C 720 17.09 -8.63 -40.08
CA LYS C 720 16.05 -7.62 -40.04
C LYS C 720 14.84 -8.13 -39.28
N THR C 721 15.06 -8.53 -38.02
CA THR C 721 13.99 -9.12 -37.23
C THR C 721 12.87 -8.12 -37.03
N SER C 722 11.70 -8.44 -37.57
CA SER C 722 10.50 -7.61 -37.42
C SER C 722 9.80 -8.02 -36.13
N VAL C 723 10.47 -7.77 -35.02
CA VAL C 723 9.95 -8.15 -33.71
C VAL C 723 8.66 -7.39 -33.46
N ASP C 724 7.55 -8.09 -33.45
CA ASP C 724 6.28 -7.45 -33.17
C ASP C 724 6.19 -7.09 -31.70
N CYS C 725 5.05 -6.49 -31.33
CA CYS C 725 4.80 -6.15 -29.94
C CYS C 725 3.71 -7.03 -29.32
N THR C 726 2.61 -7.24 -30.02
CA THR C 726 1.46 -7.92 -29.43
C THR C 726 1.73 -9.40 -29.17
N MET C 727 2.81 -9.96 -29.71
CA MET C 727 3.15 -11.37 -29.49
C MET C 727 4.53 -11.59 -28.89
N TYR C 728 5.53 -10.82 -29.32
CA TYR C 728 6.85 -10.96 -28.72
C TYR C 728 6.77 -10.68 -27.22
N ILE C 729 6.18 -9.55 -26.85
CA ILE C 729 5.97 -9.28 -25.44
C ILE C 729 4.85 -10.16 -24.90
N CYS C 730 3.84 -10.47 -25.73
CA CYS C 730 2.59 -11.05 -25.26
C CYS C 730 2.30 -12.31 -26.08
N GLY C 731 2.91 -13.42 -25.68
CA GLY C 731 2.70 -14.67 -26.38
C GLY C 731 1.52 -15.44 -25.80
N ASP C 732 0.48 -15.62 -26.62
CA ASP C 732 -0.73 -16.35 -26.22
C ASP C 732 -1.33 -15.74 -24.95
N SER C 733 -1.29 -14.41 -24.86
CA SER C 733 -1.75 -13.68 -23.67
C SER C 733 -2.56 -12.48 -24.15
N THR C 734 -3.88 -12.61 -24.11
CA THR C 734 -4.74 -11.47 -24.41
C THR C 734 -4.53 -10.35 -23.40
N GLU C 735 -4.19 -10.71 -22.17
CA GLU C 735 -3.99 -9.70 -21.14
C GLU C 735 -2.80 -8.81 -21.46
N CYS C 736 -1.67 -9.41 -21.85
CA CYS C 736 -0.48 -8.63 -22.14
C CYS C 736 -0.69 -7.72 -23.34
N SER C 737 -1.24 -8.25 -24.43
CA SER C 737 -1.49 -7.42 -25.60
C SER C 737 -2.52 -6.34 -25.30
N ASN C 738 -3.53 -6.66 -24.49
CA ASN C 738 -4.51 -5.65 -24.09
C ASN C 738 -3.83 -4.51 -23.35
N LEU C 739 -2.92 -4.85 -22.44
CA LEU C 739 -2.20 -3.81 -21.71
C LEU C 739 -1.24 -3.05 -22.61
N LEU C 740 -0.70 -3.71 -23.63
CA LEU C 740 0.33 -3.08 -24.46
C LEU C 740 -0.26 -2.21 -25.56
N LEU C 741 -1.49 -2.51 -25.99
CA LEU C 741 -2.10 -1.70 -27.03
C LEU C 741 -2.42 -0.28 -26.57
N GLN C 742 -2.61 -0.05 -25.27
CA GLN C 742 -2.74 1.33 -24.81
C GLN C 742 -1.39 2.04 -24.77
N TYR C 743 -0.29 1.29 -24.63
CA TYR C 743 1.02 1.89 -24.89
C TYR C 743 1.14 2.26 -26.36
N GLY C 744 0.79 1.34 -27.25
CA GLY C 744 0.51 1.71 -28.61
C GLY C 744 1.69 2.27 -29.37
N SER C 745 1.71 3.61 -29.41
CA SER C 745 2.72 4.39 -30.12
C SER C 745 4.11 3.77 -30.04
N PHE C 746 4.50 3.22 -28.88
CA PHE C 746 5.79 2.53 -28.81
C PHE C 746 5.96 1.51 -29.93
N CYS C 747 5.13 0.47 -29.94
CA CYS C 747 5.42 -0.58 -30.91
C CYS C 747 4.96 -0.19 -32.29
N THR C 748 4.05 0.78 -32.43
CA THR C 748 3.77 1.31 -33.76
C THR C 748 5.02 1.95 -34.37
N GLN C 749 5.63 2.86 -33.63
CA GLN C 749 6.83 3.53 -34.11
C GLN C 749 7.99 2.56 -34.26
N LEU C 750 8.08 1.57 -33.38
CA LEU C 750 9.19 0.62 -33.48
C LEU C 750 8.98 -0.36 -34.64
N ASN C 751 7.74 -0.69 -34.96
CA ASN C 751 7.48 -1.41 -36.19
C ASN C 751 7.91 -0.56 -37.39
N ARG C 752 7.61 0.73 -37.34
CA ARG C 752 8.09 1.63 -38.37
C ARG C 752 9.61 1.60 -38.45
N ALA C 753 10.25 1.61 -37.29
CA ALA C 753 11.71 1.62 -37.24
C ALA C 753 12.29 0.34 -37.81
N LEU C 754 11.69 -0.80 -37.52
CA LEU C 754 12.19 -2.06 -38.06
C LEU C 754 11.95 -2.15 -39.55
N THR C 755 10.83 -1.61 -40.04
CA THR C 755 10.66 -1.50 -41.48
C THR C 755 11.75 -0.62 -42.07
N GLY C 756 12.12 0.44 -41.35
CA GLY C 756 13.23 1.26 -41.76
C GLY C 756 14.51 0.47 -41.81
N ILE C 757 14.68 -0.43 -40.86
CA ILE C 757 15.86 -1.30 -40.81
C ILE C 757 15.86 -2.17 -42.05
N ALA C 758 14.69 -2.70 -42.39
CA ALA C 758 14.57 -3.54 -43.59
C ALA C 758 14.90 -2.75 -44.84
N VAL C 759 14.37 -1.53 -44.95
CA VAL C 759 14.61 -0.72 -46.13
C VAL C 759 16.08 -0.36 -46.22
N GLU C 760 16.69 0.03 -45.10
CA GLU C 760 18.11 0.35 -45.14
C GLU C 760 18.94 -0.87 -45.51
N GLN C 761 18.60 -2.04 -44.98
CA GLN C 761 19.45 -3.19 -45.25
C GLN C 761 19.33 -3.64 -46.69
N ASP C 762 18.12 -3.67 -47.25
CA ASP C 762 18.02 -4.14 -48.62
C ASP C 762 18.45 -3.07 -49.61
N LYS C 763 18.38 -1.80 -49.22
CA LYS C 763 19.01 -0.75 -50.02
C LYS C 763 20.53 -0.89 -49.98
N ASN C 764 21.06 -1.27 -48.81
CA ASN C 764 22.48 -1.50 -48.71
C ASN C 764 22.84 -2.62 -49.67
N THR C 765 22.01 -3.66 -49.67
CA THR C 765 22.17 -4.74 -50.63
C THR C 765 22.16 -4.20 -52.05
N GLN C 766 21.22 -3.31 -52.33
CA GLN C 766 20.98 -2.80 -53.67
C GLN C 766 22.21 -2.07 -54.19
N GLU C 767 22.57 -0.95 -53.55
CA GLU C 767 23.74 -0.22 -54.03
C GLU C 767 25.05 -0.89 -53.69
N VAL C 768 25.01 -2.01 -52.96
CA VAL C 768 26.23 -2.82 -52.80
C VAL C 768 26.21 -4.00 -53.77
N PHE C 769 25.05 -4.61 -53.98
CA PHE C 769 24.94 -5.70 -54.95
C PHE C 769 24.01 -5.34 -56.11
N ALA C 770 22.74 -5.03 -55.84
CA ALA C 770 21.79 -4.87 -56.93
C ALA C 770 21.87 -3.49 -57.55
N GLN C 771 23.08 -3.02 -57.81
CA GLN C 771 23.29 -1.89 -58.69
C GLN C 771 23.29 -2.35 -60.14
N VAL C 772 23.41 -3.66 -60.36
CA VAL C 772 23.40 -4.21 -61.70
C VAL C 772 22.06 -3.92 -62.37
N LYS C 773 22.11 -3.48 -63.61
CA LYS C 773 20.91 -3.27 -64.41
C LYS C 773 20.46 -4.54 -65.10
N GLN C 774 21.14 -5.66 -64.85
CA GLN C 774 20.83 -6.92 -65.52
C GLN C 774 21.37 -8.03 -64.61
N ILE C 775 20.46 -8.80 -64.00
CA ILE C 775 20.90 -9.97 -63.25
C ILE C 775 21.70 -10.88 -64.18
N TYR C 776 22.84 -11.33 -63.69
CA TYR C 776 23.92 -11.68 -64.57
C TYR C 776 24.58 -12.96 -64.07
N LYS C 777 25.22 -13.68 -65.00
CA LYS C 777 25.88 -14.93 -64.67
C LYS C 777 27.21 -15.03 -65.40
N THR C 778 28.08 -15.91 -64.91
CA THR C 778 29.44 -15.99 -65.41
C THR C 778 29.50 -16.57 -66.81
N PRO C 779 30.50 -16.17 -67.61
CA PRO C 779 30.68 -16.78 -68.93
C PRO C 779 31.09 -18.23 -68.82
N PRO C 780 30.78 -19.04 -69.83
CA PRO C 780 31.07 -20.49 -69.75
C PRO C 780 32.55 -20.79 -69.65
N ILE C 781 33.33 -20.32 -70.61
CA ILE C 781 34.76 -20.59 -70.65
C ILE C 781 35.47 -19.69 -69.66
N LYS C 782 36.74 -20.00 -69.37
CA LYS C 782 37.56 -19.20 -68.46
C LYS C 782 38.92 -19.02 -69.12
N ASP C 783 39.06 -17.99 -69.95
CA ASP C 783 40.32 -17.65 -70.61
C ASP C 783 40.72 -16.26 -70.12
N PHE C 784 41.57 -16.22 -69.10
CA PHE C 784 41.95 -14.98 -68.44
C PHE C 784 43.45 -14.70 -68.46
N GLY C 785 44.29 -15.73 -68.45
CA GLY C 785 45.72 -15.50 -68.36
C GLY C 785 46.31 -15.81 -66.99
N GLY C 786 45.94 -16.97 -66.43
CA GLY C 786 46.45 -17.40 -65.15
C GLY C 786 45.65 -16.92 -63.96
N PHE C 787 44.60 -16.15 -64.19
CA PHE C 787 43.78 -15.60 -63.10
C PHE C 787 42.79 -16.65 -62.62
N ASN C 788 43.36 -17.68 -62.00
CA ASN C 788 42.58 -18.78 -61.44
C ASN C 788 41.57 -18.23 -60.44
N PHE C 789 40.29 -18.43 -60.72
CA PHE C 789 39.24 -17.86 -59.88
C PHE C 789 38.39 -18.93 -59.20
N SER C 790 38.89 -20.17 -59.15
CA SER C 790 38.10 -21.26 -58.59
C SER C 790 37.69 -20.98 -57.15
N GLN C 791 38.61 -20.44 -56.36
CA GLN C 791 38.32 -20.20 -54.96
C GLN C 791 37.32 -19.07 -54.76
N ILE C 792 37.15 -18.20 -55.77
CA ILE C 792 36.35 -16.99 -55.67
C ILE C 792 35.15 -17.01 -56.61
N LEU C 793 35.39 -17.26 -57.89
CA LEU C 793 34.30 -17.30 -58.86
C LEU C 793 33.48 -18.57 -58.64
N PRO C 794 32.17 -18.51 -58.83
CA PRO C 794 31.37 -19.73 -58.69
C PRO C 794 31.74 -20.77 -59.72
N ASP C 795 32.36 -21.86 -59.26
CA ASP C 795 32.79 -22.90 -60.18
C ASP C 795 31.59 -23.67 -60.69
N PRO C 796 31.41 -23.79 -62.00
CA PRO C 796 30.26 -24.54 -62.53
C PRO C 796 30.29 -26.02 -62.16
N SER C 797 31.37 -26.45 -61.50
CA SER C 797 31.43 -27.83 -61.02
C SER C 797 30.36 -28.08 -59.96
N LYS C 798 30.30 -27.23 -58.95
CA LYS C 798 29.23 -27.35 -57.96
C LYS C 798 27.94 -26.80 -58.53
N PRO C 799 26.82 -27.54 -58.44
CA PRO C 799 25.55 -27.00 -58.91
C PRO C 799 25.22 -25.64 -58.30
N SER C 800 25.53 -25.44 -57.03
CA SER C 800 25.38 -24.12 -56.43
C SER C 800 26.46 -23.19 -56.94
N LYS C 801 26.12 -21.92 -57.07
CA LYS C 801 27.05 -20.93 -57.63
C LYS C 801 27.79 -20.22 -56.50
N ARG C 802 28.61 -20.99 -55.78
CA ARG C 802 29.53 -20.42 -54.80
C ARG C 802 30.94 -20.89 -55.11
N SER C 803 31.89 -20.61 -54.22
CA SER C 803 33.27 -20.98 -54.48
C SER C 803 33.95 -21.34 -53.16
N PHE C 804 35.26 -21.59 -53.24
CA PHE C 804 35.99 -22.14 -52.10
C PHE C 804 35.95 -21.20 -50.91
N ILE C 805 36.14 -19.90 -51.15
CA ILE C 805 36.19 -19.00 -50.02
C ILE C 805 34.80 -18.82 -49.43
N GLU C 806 33.74 -18.98 -50.23
CA GLU C 806 32.40 -18.97 -49.65
C GLU C 806 32.26 -20.07 -48.61
N ASP C 807 32.70 -21.28 -48.95
CA ASP C 807 32.64 -22.39 -48.01
C ASP C 807 33.53 -22.12 -46.80
N LEU C 808 34.71 -21.54 -47.02
CA LEU C 808 35.60 -21.22 -45.91
C LEU C 808 34.94 -20.24 -44.95
N LEU C 809 34.33 -19.18 -45.50
CA LEU C 809 33.57 -18.24 -44.69
C LEU C 809 32.48 -18.96 -43.90
N PHE C 810 31.67 -19.77 -44.57
CA PHE C 810 30.57 -20.44 -43.90
C PHE C 810 31.07 -21.29 -42.74
N ASN C 811 32.07 -22.14 -43.01
CA ASN C 811 32.57 -23.03 -41.96
C ASN C 811 33.20 -22.25 -40.82
N LYS C 812 33.81 -21.10 -41.10
CA LYS C 812 34.47 -20.36 -40.05
C LYS C 812 33.48 -19.69 -39.09
N VAL C 813 32.28 -19.35 -39.57
CA VAL C 813 31.31 -18.65 -38.74
C VAL C 813 30.02 -19.44 -38.62
N THR C 814 30.12 -20.77 -38.60
CA THR C 814 28.93 -21.59 -38.40
C THR C 814 28.21 -21.22 -37.12
N LEU C 815 28.95 -20.76 -36.10
CA LEU C 815 28.35 -20.39 -34.83
C LEU C 815 27.56 -19.09 -34.98
N ALA C 816 26.54 -19.10 -35.83
CA ALA C 816 25.67 -17.95 -36.02
C ALA C 816 24.56 -17.88 -34.99
N ASP C 817 24.51 -18.85 -34.07
CA ASP C 817 23.50 -18.89 -33.02
C ASP C 817 22.11 -18.85 -33.63
N ALA C 818 21.45 -17.69 -33.57
CA ALA C 818 20.14 -17.55 -34.21
C ALA C 818 20.25 -17.74 -35.71
N GLY C 819 21.30 -17.18 -36.32
CA GLY C 819 21.51 -17.31 -37.75
C GLY C 819 22.24 -16.14 -38.35
N LYS C 841 15.47 -17.93 -33.95
CA LYS C 841 14.37 -18.21 -34.85
C LYS C 841 13.09 -18.56 -34.08
N PHE C 842 13.23 -18.90 -32.80
CA PHE C 842 12.11 -19.51 -32.08
C PHE C 842 11.24 -18.49 -31.36
N ASN C 843 11.80 -17.77 -30.39
CA ASN C 843 11.00 -16.96 -29.48
C ASN C 843 11.29 -15.49 -29.75
N GLY C 844 10.33 -14.81 -30.38
CA GLY C 844 10.48 -13.40 -30.71
C GLY C 844 11.61 -13.14 -31.69
N LEU C 845 12.36 -14.18 -32.00
CA LEU C 845 13.51 -14.07 -32.90
C LEU C 845 13.04 -14.07 -34.34
N THR C 846 12.13 -13.16 -34.67
CA THR C 846 11.45 -13.17 -35.95
C THR C 846 12.41 -12.69 -37.04
N VAL C 847 13.45 -13.49 -37.26
CA VAL C 847 14.41 -13.19 -38.31
C VAL C 847 13.74 -13.35 -39.67
N LEU C 848 14.06 -12.46 -40.59
CA LEU C 848 13.55 -12.64 -41.93
C LEU C 848 14.67 -13.03 -42.86
N PRO C 849 14.39 -13.89 -43.83
CA PRO C 849 15.38 -14.23 -44.83
C PRO C 849 15.72 -13.02 -45.66
N PRO C 850 16.92 -12.93 -46.22
CA PRO C 850 17.27 -11.75 -47.01
C PRO C 850 16.32 -11.60 -48.17
N LEU C 851 16.00 -10.36 -48.51
CA LEU C 851 15.16 -10.13 -49.66
C LEU C 851 15.83 -10.60 -50.95
N LEU C 852 17.13 -10.87 -50.89
CA LEU C 852 17.85 -11.51 -51.99
C LEU C 852 18.52 -12.75 -51.41
N THR C 853 18.10 -13.93 -51.86
CA THR C 853 18.49 -15.18 -51.23
C THR C 853 20.00 -15.43 -51.35
N ASP C 854 20.48 -16.34 -50.51
CA ASP C 854 21.91 -16.64 -50.47
C ASP C 854 22.41 -17.13 -51.82
N GLU C 855 21.65 -18.02 -52.47
CA GLU C 855 22.10 -18.52 -53.77
C GLU C 855 22.14 -17.40 -54.81
N MET C 856 21.09 -16.60 -54.90
CA MET C 856 21.20 -15.54 -55.90
C MET C 856 21.89 -14.30 -55.38
N ILE C 857 22.11 -14.15 -54.07
CA ILE C 857 23.05 -13.12 -53.68
C ILE C 857 24.44 -13.53 -54.12
N ALA C 858 24.73 -14.83 -54.10
CA ALA C 858 25.96 -15.32 -54.73
C ALA C 858 25.92 -15.09 -56.23
N GLN C 859 24.73 -15.21 -56.82
CA GLN C 859 24.60 -14.86 -58.23
C GLN C 859 24.96 -13.40 -58.45
N TYR C 860 24.57 -12.51 -57.52
CA TYR C 860 25.05 -11.13 -57.58
C TYR C 860 26.55 -11.08 -57.45
N THR C 861 27.12 -11.86 -56.54
CA THR C 861 28.57 -11.82 -56.38
C THR C 861 29.22 -12.11 -57.71
N SER C 862 28.73 -13.14 -58.38
CA SER C 862 29.21 -13.48 -59.71
C SER C 862 28.96 -12.35 -60.68
N ALA C 863 27.79 -11.73 -60.60
CA ALA C 863 27.42 -10.69 -61.54
C ALA C 863 28.37 -9.53 -61.44
N LEU C 864 28.58 -9.02 -60.22
CA LEU C 864 29.51 -7.93 -59.99
C LEU C 864 30.94 -8.34 -60.34
N LEU C 865 31.30 -9.59 -60.04
CA LEU C 865 32.61 -10.09 -60.37
C LEU C 865 32.86 -9.96 -61.86
N ALA C 866 32.09 -10.70 -62.65
CA ALA C 866 32.23 -10.65 -64.09
C ALA C 866 32.01 -9.25 -64.61
N GLY C 867 31.23 -8.43 -63.91
CA GLY C 867 31.01 -7.07 -64.36
C GLY C 867 32.29 -6.26 -64.33
N THR C 868 32.98 -6.27 -63.20
CA THR C 868 34.25 -5.57 -63.15
C THR C 868 35.29 -6.27 -64.02
N ILE C 869 35.15 -7.58 -64.20
CA ILE C 869 36.06 -8.31 -65.09
C ILE C 869 35.90 -7.84 -66.52
N THR C 870 34.67 -7.62 -66.96
CA THR C 870 34.37 -7.41 -68.37
C THR C 870 33.98 -5.98 -68.68
N SER C 871 32.90 -5.48 -68.09
CA SER C 871 32.55 -4.09 -68.32
C SER C 871 33.35 -3.13 -67.46
N GLY C 872 34.42 -3.62 -66.81
CA GLY C 872 35.32 -2.78 -66.05
C GLY C 872 34.62 -1.77 -65.16
N TRP C 873 35.22 -0.58 -65.05
CA TRP C 873 34.64 0.50 -64.27
C TRP C 873 33.46 1.13 -64.98
N THR C 874 33.37 0.97 -66.30
CA THR C 874 32.27 1.50 -67.10
C THR C 874 30.96 0.81 -66.83
N PHE C 875 31.02 -0.31 -66.08
CA PHE C 875 29.84 -1.11 -65.79
C PHE C 875 28.69 -0.26 -65.24
N GLY C 876 28.98 0.56 -64.22
CA GLY C 876 27.91 1.30 -63.56
C GLY C 876 27.26 2.35 -64.43
N ALA C 877 27.89 2.76 -65.51
CA ALA C 877 27.37 3.84 -66.35
C ALA C 877 26.21 3.40 -67.24
N GLY C 878 25.72 2.17 -67.10
CA GLY C 878 24.62 1.72 -67.93
C GLY C 878 24.78 0.28 -68.36
N ALA C 879 24.78 0.06 -69.68
CA ALA C 879 24.95 -1.29 -70.20
C ALA C 879 26.33 -1.83 -69.85
N ALA C 880 26.41 -3.15 -69.70
CA ALA C 880 27.64 -3.82 -69.30
C ALA C 880 28.58 -3.85 -70.51
N LEU C 881 29.18 -2.70 -70.79
CA LEU C 881 30.08 -2.60 -71.93
C LEU C 881 31.37 -3.35 -71.65
N GLN C 882 31.43 -4.62 -72.03
CA GLN C 882 32.53 -5.47 -71.62
C GLN C 882 33.85 -5.03 -72.25
N ILE C 883 34.93 -5.20 -71.49
CA ILE C 883 36.31 -5.06 -71.98
C ILE C 883 37.12 -6.21 -71.42
N PRO C 884 38.22 -6.56 -72.09
CA PRO C 884 39.04 -7.67 -71.59
C PRO C 884 39.64 -7.36 -70.22
N PHE C 885 39.65 -8.39 -69.37
CA PHE C 885 40.12 -8.23 -68.00
C PHE C 885 41.60 -7.89 -67.94
N ALA C 886 42.42 -8.57 -68.74
CA ALA C 886 43.86 -8.40 -68.66
C ALA C 886 44.26 -6.97 -68.99
N MET C 887 43.66 -6.40 -70.03
CA MET C 887 43.91 -5.01 -70.37
C MET C 887 43.04 -4.05 -69.58
N GLN C 888 42.04 -4.57 -68.85
CA GLN C 888 41.33 -3.73 -67.89
C GLN C 888 42.26 -3.34 -66.76
N MET C 889 43.21 -4.22 -66.42
CA MET C 889 44.23 -3.88 -65.43
C MET C 889 45.09 -2.71 -65.88
N ALA C 890 45.14 -2.43 -67.19
CA ALA C 890 45.90 -1.28 -67.67
C ALA C 890 45.31 0.01 -67.13
N TYR C 891 44.00 0.19 -67.27
CA TYR C 891 43.32 1.30 -66.62
C TYR C 891 43.51 1.21 -65.11
N ARG C 892 43.68 0.00 -64.58
CA ARG C 892 43.86 -0.14 -63.14
C ARG C 892 45.20 0.42 -62.69
N PHE C 893 46.28 0.03 -63.36
CA PHE C 893 47.58 0.63 -63.05
C PHE C 893 47.55 2.13 -63.28
N ASN C 894 46.96 2.57 -64.39
CA ASN C 894 46.85 3.99 -64.64
C ASN C 894 45.96 4.68 -63.62
N GLY C 895 45.20 3.93 -62.82
CA GLY C 895 44.38 4.48 -61.78
C GLY C 895 45.10 4.77 -60.47
N ILE C 896 46.39 4.48 -60.40
CA ILE C 896 47.19 4.83 -59.23
C ILE C 896 48.47 5.52 -59.68
N GLY C 897 48.44 6.15 -60.85
CA GLY C 897 49.54 6.97 -61.29
C GLY C 897 50.69 6.22 -61.94
N VAL C 898 50.62 4.90 -62.01
CA VAL C 898 51.65 4.11 -62.67
C VAL C 898 51.17 3.76 -64.07
N THR C 899 52.00 4.03 -65.06
CA THR C 899 51.62 3.79 -66.44
C THR C 899 51.45 2.30 -66.67
N GLN C 900 50.50 1.94 -67.53
CA GLN C 900 50.18 0.54 -67.81
C GLN C 900 51.32 -0.20 -68.50
N ASN C 901 52.46 0.46 -68.74
CA ASN C 901 53.60 -0.23 -69.32
C ASN C 901 54.10 -1.35 -68.43
N VAL C 902 54.02 -1.15 -67.11
CA VAL C 902 54.43 -2.20 -66.19
C VAL C 902 53.54 -3.43 -66.33
N LEU C 903 52.25 -3.22 -66.61
CA LEU C 903 51.39 -4.34 -66.93
C LEU C 903 51.94 -5.09 -68.12
N TYR C 904 52.16 -4.37 -69.23
CA TYR C 904 52.65 -4.98 -70.46
C TYR C 904 54.05 -5.54 -70.31
N GLU C 905 54.74 -5.25 -69.20
CA GLU C 905 56.11 -5.67 -69.02
C GLU C 905 56.29 -6.78 -68.01
N ASN C 906 55.33 -7.01 -67.11
CA ASN C 906 55.53 -8.05 -66.11
C ASN C 906 54.23 -8.77 -65.75
N GLN C 907 53.15 -8.58 -66.51
CA GLN C 907 51.83 -8.96 -66.06
C GLN C 907 51.63 -10.46 -65.86
N LYS C 908 52.31 -11.32 -66.62
CA LYS C 908 52.21 -12.75 -66.35
C LYS C 908 52.68 -13.05 -64.93
N LEU C 909 53.84 -12.52 -64.57
CA LEU C 909 54.34 -12.66 -63.21
C LEU C 909 53.41 -11.98 -62.23
N ILE C 910 52.86 -10.82 -62.61
CA ILE C 910 51.90 -10.11 -61.77
C ILE C 910 50.79 -11.09 -61.41
N ALA C 911 50.29 -11.80 -62.41
CA ALA C 911 49.25 -12.79 -62.18
C ALA C 911 49.75 -13.92 -61.29
N ASN C 912 51.00 -14.35 -61.48
CA ASN C 912 51.51 -15.46 -60.68
C ASN C 912 51.52 -15.11 -59.20
N GLN C 913 52.16 -14.00 -58.84
CA GLN C 913 52.12 -13.64 -57.42
C GLN C 913 50.74 -13.15 -56.99
N PHE C 914 49.87 -12.74 -57.91
CA PHE C 914 48.50 -12.44 -57.52
C PHE C 914 47.79 -13.70 -57.08
N ASN C 915 47.96 -14.77 -57.85
CA ASN C 915 47.38 -16.05 -57.50
C ASN C 915 47.95 -16.56 -56.19
N SER C 916 49.27 -16.41 -56.03
CA SER C 916 49.89 -16.79 -54.77
C SER C 916 49.32 -15.96 -53.62
N ALA C 917 49.05 -14.68 -53.88
CA ALA C 917 48.45 -13.83 -52.86
C ALA C 917 47.07 -14.33 -52.49
N ILE C 918 46.28 -14.73 -53.48
CA ILE C 918 44.97 -15.28 -53.18
C ILE C 918 45.08 -16.56 -52.38
N GLY C 919 46.08 -17.39 -52.70
CA GLY C 919 46.31 -18.59 -51.92
C GLY C 919 46.68 -18.28 -50.49
N LYS C 920 47.52 -17.27 -50.30
CA LYS C 920 47.85 -16.83 -48.95
C LYS C 920 46.62 -16.26 -48.24
N ILE C 921 45.73 -15.64 -49.00
CA ILE C 921 44.46 -15.20 -48.43
C ILE C 921 43.68 -16.40 -47.93
N GLN C 922 43.62 -17.46 -48.73
CA GLN C 922 42.96 -18.68 -48.31
C GLN C 922 43.60 -19.24 -47.06
N ASP C 923 44.94 -19.18 -46.99
CA ASP C 923 45.66 -19.62 -45.80
C ASP C 923 45.23 -18.81 -44.58
N SER C 924 45.19 -17.49 -44.74
CA SER C 924 44.72 -16.61 -43.67
C SER C 924 43.23 -16.77 -43.41
N LEU C 925 42.52 -17.48 -44.28
CA LEU C 925 41.14 -17.84 -44.07
C LEU C 925 40.97 -19.13 -43.28
N SER C 926 41.88 -20.08 -43.47
CA SER C 926 41.73 -21.43 -42.93
C SER C 926 42.64 -21.68 -41.73
N SER C 927 43.95 -21.49 -41.88
CA SER C 927 44.89 -21.65 -40.78
C SER C 927 45.06 -20.36 -39.99
N THR C 928 44.28 -19.33 -40.30
CA THR C 928 44.36 -18.06 -39.60
C THR C 928 42.97 -17.44 -39.61
N ALA C 929 42.68 -16.60 -38.62
CA ALA C 929 41.43 -15.88 -38.54
C ALA C 929 41.59 -14.38 -38.76
N SER C 930 42.75 -13.93 -39.26
CA SER C 930 42.95 -12.50 -39.50
C SER C 930 41.97 -11.96 -40.53
N ALA C 931 41.72 -12.73 -41.59
CA ALA C 931 40.79 -12.29 -42.62
C ALA C 931 39.34 -12.42 -42.18
N LEU C 932 39.10 -13.00 -41.00
CA LEU C 932 37.74 -13.31 -40.55
C LEU C 932 37.33 -12.41 -39.39
N GLY C 933 38.23 -11.55 -38.93
CA GLY C 933 38.07 -10.88 -37.65
C GLY C 933 36.79 -10.09 -37.46
N LYS C 934 36.63 -8.98 -38.19
CA LYS C 934 35.51 -8.11 -37.92
C LYS C 934 34.20 -8.63 -38.52
N LEU C 935 34.26 -9.53 -39.50
CA LEU C 935 33.07 -10.32 -39.81
C LEU C 935 32.60 -11.10 -38.60
N GLN C 936 33.52 -11.83 -37.97
CA GLN C 936 33.16 -12.57 -36.76
C GLN C 936 32.63 -11.62 -35.71
N ASP C 937 33.27 -10.48 -35.52
CA ASP C 937 32.80 -9.54 -34.53
C ASP C 937 31.39 -9.03 -34.83
N VAL C 938 31.09 -8.68 -36.07
CA VAL C 938 29.78 -8.11 -36.37
C VAL C 938 28.70 -9.19 -36.24
N VAL C 939 28.96 -10.37 -36.77
CA VAL C 939 27.94 -11.40 -36.70
C VAL C 939 27.75 -11.84 -35.25
N ASN C 940 28.84 -11.92 -34.49
CA ASN C 940 28.73 -12.33 -33.10
C ASN C 940 28.06 -11.27 -32.25
N GLN C 941 28.30 -9.99 -32.56
CA GLN C 941 27.62 -8.96 -31.79
C GLN C 941 26.14 -8.90 -32.14
N ASN C 942 25.79 -9.12 -33.40
CA ASN C 942 24.37 -9.27 -33.75
C ASN C 942 23.76 -10.42 -32.97
N ALA C 943 24.47 -11.56 -32.97
CA ALA C 943 24.01 -12.74 -32.28
C ALA C 943 23.79 -12.46 -30.80
N GLN C 944 24.79 -11.88 -30.14
CA GLN C 944 24.68 -11.66 -28.71
C GLN C 944 23.68 -10.57 -28.39
N ALA C 945 23.47 -9.62 -29.29
CA ALA C 945 22.38 -8.68 -29.09
C ALA C 945 21.06 -9.44 -29.04
N LEU C 946 20.88 -10.37 -29.98
CA LEU C 946 19.70 -11.22 -29.93
C LEU C 946 19.67 -12.04 -28.64
N ASN C 947 20.81 -12.57 -28.24
CA ASN C 947 20.88 -13.41 -27.05
C ASN C 947 20.48 -12.63 -25.81
N THR C 948 21.01 -11.42 -25.66
CA THR C 948 20.64 -10.57 -24.53
C THR C 948 19.17 -10.19 -24.60
N LEU C 949 18.66 -9.95 -25.79
CA LEU C 949 17.23 -9.71 -25.94
C LEU C 949 16.44 -10.88 -25.38
N VAL C 950 16.91 -12.08 -25.66
CA VAL C 950 16.24 -13.28 -25.14
C VAL C 950 16.41 -13.37 -23.63
N LYS C 951 17.64 -13.22 -23.15
CA LYS C 951 17.93 -13.39 -21.73
C LYS C 951 17.27 -12.32 -20.88
N GLN C 952 16.87 -11.21 -21.49
CA GLN C 952 16.09 -10.22 -20.77
C GLN C 952 14.78 -10.81 -20.28
N LEU C 953 14.23 -11.77 -21.03
CA LEU C 953 13.00 -12.44 -20.58
C LEU C 953 13.20 -13.07 -19.23
N SER C 954 14.34 -13.73 -19.02
CA SER C 954 14.68 -14.23 -17.70
C SER C 954 14.82 -13.10 -16.71
N SER C 955 15.49 -12.01 -17.11
CA SER C 955 15.69 -10.88 -16.22
C SER C 955 14.38 -10.14 -16.05
N ASN C 956 13.56 -10.55 -15.08
CA ASN C 956 12.21 -10.03 -14.95
C ASN C 956 12.15 -8.76 -14.09
N PHE C 957 13.30 -8.15 -13.83
CA PHE C 957 13.38 -6.81 -13.23
C PHE C 957 12.64 -6.76 -11.89
N GLY C 958 12.77 -7.81 -11.11
CA GLY C 958 12.14 -7.87 -9.81
C GLY C 958 11.46 -9.20 -9.55
N ALA C 959 10.89 -9.80 -10.59
CA ALA C 959 10.24 -11.09 -10.45
C ALA C 959 11.19 -12.20 -10.91
N ILE C 960 10.73 -13.44 -10.78
CA ILE C 960 11.59 -14.61 -10.94
C ILE C 960 11.17 -15.41 -12.16
N SER C 961 10.65 -14.74 -13.18
CA SER C 961 10.11 -15.41 -14.36
C SER C 961 10.96 -15.13 -15.59
N SER C 962 11.02 -16.13 -16.46
CA SER C 962 11.58 -15.98 -17.80
C SER C 962 10.49 -15.79 -18.82
N VAL C 963 9.54 -16.72 -18.89
CA VAL C 963 8.38 -16.57 -19.76
C VAL C 963 7.47 -15.49 -19.20
N LEU C 964 6.55 -15.01 -20.04
CA LEU C 964 5.70 -13.89 -19.69
C LEU C 964 4.38 -14.32 -19.07
N ASN C 965 3.82 -15.45 -19.53
CA ASN C 965 2.49 -15.85 -19.10
C ASN C 965 2.47 -16.38 -17.68
N ASP C 966 3.61 -16.85 -17.15
CA ASP C 966 3.59 -17.39 -15.80
C ASP C 966 3.47 -16.30 -14.74
N ILE C 967 3.83 -15.06 -15.06
CA ILE C 967 3.57 -13.99 -14.11
C ILE C 967 2.07 -13.85 -13.90
N LEU C 968 1.32 -13.89 -15.00
CA LEU C 968 -0.14 -13.94 -14.93
C LEU C 968 -0.60 -15.17 -14.19
N SER C 969 0.02 -16.31 -14.48
CA SER C 969 -0.43 -17.58 -13.93
C SER C 969 -0.30 -17.62 -12.41
N ARG C 970 0.81 -17.10 -11.88
CA ARG C 970 1.11 -17.26 -10.46
C ARG C 970 0.13 -16.49 -9.58
N LEU C 971 -0.25 -15.27 -9.98
CA LEU C 971 -1.10 -14.42 -9.17
C LEU C 971 -2.54 -14.43 -9.68
N ASP C 972 -3.44 -14.00 -8.80
CA ASP C 972 -4.85 -13.92 -9.13
C ASP C 972 -5.06 -12.92 -10.27
N PRO C 973 -6.02 -13.13 -11.16
CA PRO C 973 -6.14 -12.29 -12.36
C PRO C 973 -6.23 -10.80 -12.05
N PRO C 974 -6.94 -10.37 -10.97
CA PRO C 974 -6.81 -8.96 -10.56
C PRO C 974 -5.40 -8.58 -10.15
N GLU C 975 -4.85 -9.31 -9.17
CA GLU C 975 -3.46 -9.08 -8.81
C GLU C 975 -2.52 -9.37 -9.98
N ALA C 976 -2.94 -10.26 -10.87
CA ALA C 976 -2.17 -10.45 -12.10
C ALA C 976 -2.14 -9.17 -12.92
N GLU C 977 -3.28 -8.50 -13.06
CA GLU C 977 -3.29 -7.23 -13.79
C GLU C 977 -2.37 -6.23 -13.12
N VAL C 978 -2.46 -6.17 -11.78
CA VAL C 978 -1.64 -5.23 -11.00
C VAL C 978 -0.16 -5.46 -11.26
N GLN C 979 0.28 -6.72 -11.17
CA GLN C 979 1.70 -7.01 -11.31
C GLN C 979 2.16 -6.85 -12.75
N ILE C 980 1.40 -7.41 -13.71
CA ILE C 980 1.73 -7.29 -15.12
C ILE C 980 1.93 -5.83 -15.48
N ASP C 981 1.13 -4.94 -14.89
CA ASP C 981 1.33 -3.52 -15.18
C ASP C 981 2.80 -3.13 -15.10
N ARG C 982 3.39 -3.21 -13.91
CA ARG C 982 4.77 -2.78 -13.74
C ARG C 982 5.75 -3.74 -14.39
N LEU C 983 5.45 -5.04 -14.39
CA LEU C 983 6.40 -6.00 -14.95
C LEU C 983 6.57 -5.81 -16.45
N ILE C 984 5.46 -5.65 -17.19
CA ILE C 984 5.63 -5.42 -18.61
C ILE C 984 5.97 -3.97 -18.87
N THR C 985 5.82 -3.07 -17.89
CA THR C 985 6.44 -1.76 -18.03
C THR C 985 7.96 -1.90 -18.07
N GLY C 986 8.50 -2.71 -17.17
CA GLY C 986 9.92 -3.03 -17.24
C GLY C 986 10.27 -3.74 -18.52
N ARG C 987 9.41 -4.64 -18.98
CA ARG C 987 9.65 -5.29 -20.26
C ARG C 987 9.66 -4.30 -21.41
N LEU C 988 8.78 -3.30 -21.35
CA LEU C 988 8.72 -2.30 -22.40
C LEU C 988 9.98 -1.44 -22.40
N GLN C 989 10.48 -1.09 -21.22
CA GLN C 989 11.73 -0.35 -21.22
C GLN C 989 12.91 -1.23 -21.63
N SER C 990 12.83 -2.54 -21.39
CA SER C 990 13.82 -3.45 -21.94
C SER C 990 13.76 -3.45 -23.46
N LEU C 991 12.54 -3.48 -24.01
CA LEU C 991 12.32 -3.25 -25.43
C LEU C 991 13.11 -2.03 -25.82
N GLN C 992 12.70 -0.90 -25.25
CA GLN C 992 13.33 0.40 -25.49
C GLN C 992 14.83 0.30 -25.59
N THR C 993 15.46 -0.29 -24.57
CA THR C 993 16.91 -0.39 -24.55
C THR C 993 17.42 -1.18 -25.75
N TYR C 994 16.88 -2.39 -25.94
CA TYR C 994 17.29 -3.21 -27.07
C TYR C 994 17.09 -2.49 -28.39
N VAL C 995 15.91 -1.93 -28.58
CA VAL C 995 15.52 -1.44 -29.88
C VAL C 995 16.29 -0.19 -30.23
N THR C 996 16.50 0.70 -29.25
CA THR C 996 17.33 1.87 -29.51
C THR C 996 18.76 1.47 -29.78
N GLN C 997 19.27 0.49 -29.02
CA GLN C 997 20.64 0.03 -29.28
C GLN C 997 20.74 -0.55 -30.69
N GLN C 998 19.73 -1.33 -31.10
CA GLN C 998 19.74 -1.91 -32.43
C GLN C 998 19.64 -0.83 -33.49
N LEU C 999 18.82 0.18 -33.27
CA LEU C 999 18.71 1.28 -34.23
C LEU C 999 20.02 2.02 -34.36
N ILE C 1000 20.70 2.27 -33.23
CA ILE C 1000 21.97 2.99 -33.28
C ILE C 1000 23.00 2.15 -34.02
N ARG C 1001 23.09 0.87 -33.66
CA ARG C 1001 23.99 -0.02 -34.36
C ARG C 1001 23.65 -0.05 -35.83
N ALA C 1002 22.36 0.03 -36.14
CA ALA C 1002 21.94 0.14 -37.53
C ALA C 1002 22.48 1.40 -38.15
N ALA C 1003 22.49 2.49 -37.40
CA ALA C 1003 23.03 3.74 -37.92
C ALA C 1003 24.50 3.58 -38.29
N GLU C 1004 25.29 3.05 -37.37
CA GLU C 1004 26.73 2.91 -37.65
C GLU C 1004 26.96 1.91 -38.77
N ILE C 1005 26.28 0.77 -38.73
CA ILE C 1005 26.49 -0.26 -39.73
C ILE C 1005 26.02 0.23 -41.09
N ARG C 1006 24.97 1.03 -41.13
CA ARG C 1006 24.47 1.52 -42.40
C ARG C 1006 25.37 2.63 -42.91
N ALA C 1007 25.99 3.40 -42.03
CA ALA C 1007 27.02 4.32 -42.48
C ALA C 1007 28.17 3.56 -43.10
N SER C 1008 28.61 2.49 -42.43
CA SER C 1008 29.59 1.59 -43.01
C SER C 1008 29.09 0.99 -44.31
N ALA C 1009 27.79 0.81 -44.45
CA ALA C 1009 27.22 0.21 -45.63
C ALA C 1009 27.19 1.18 -46.80
N ASN C 1010 26.90 2.45 -46.53
CA ASN C 1010 27.08 3.46 -47.57
C ASN C 1010 28.54 3.53 -47.96
N LEU C 1011 29.43 3.40 -46.97
CA LEU C 1011 30.85 3.25 -47.29
C LEU C 1011 31.08 2.03 -48.17
N ALA C 1012 30.31 0.97 -47.93
CA ALA C 1012 30.45 -0.24 -48.73
C ALA C 1012 30.00 0.03 -50.16
N ALA C 1013 28.91 0.76 -50.32
CA ALA C 1013 28.46 1.13 -51.66
C ALA C 1013 29.50 2.01 -52.34
N THR C 1014 30.11 2.91 -51.59
CA THR C 1014 31.17 3.74 -52.13
C THR C 1014 32.36 2.88 -52.52
N LYS C 1015 32.64 1.84 -51.74
CA LYS C 1015 33.67 0.88 -52.11
C LYS C 1015 33.30 0.17 -53.41
N MET C 1016 32.03 -0.22 -53.52
CA MET C 1016 31.53 -0.85 -54.73
C MET C 1016 31.76 0.06 -55.94
N SER C 1017 31.53 1.36 -55.75
CA SER C 1017 31.60 2.30 -56.85
C SER C 1017 33.03 2.72 -57.15
N GLU C 1018 33.64 3.46 -56.23
CA GLU C 1018 34.99 4.01 -56.42
C GLU C 1018 36.06 2.96 -56.27
N CYS C 1019 35.69 1.74 -55.89
CA CYS C 1019 36.64 0.72 -55.52
C CYS C 1019 36.35 -0.62 -56.17
N VAL C 1020 35.18 -0.81 -56.78
CA VAL C 1020 34.90 -2.00 -57.57
C VAL C 1020 34.40 -1.58 -58.95
N LEU C 1021 33.34 -0.78 -58.99
CA LEU C 1021 32.93 -0.19 -60.28
C LEU C 1021 33.82 0.92 -60.71
N GLY C 1022 34.95 1.08 -60.04
CA GLY C 1022 35.91 2.11 -60.41
C GLY C 1022 37.11 2.02 -59.50
N GLN C 1023 38.09 2.87 -59.79
CA GLN C 1023 39.32 2.91 -59.02
C GLN C 1023 39.40 4.24 -58.29
N SER C 1024 39.57 4.18 -56.98
CA SER C 1024 39.63 5.38 -56.17
C SER C 1024 40.91 6.15 -56.43
N LYS C 1025 40.83 7.21 -57.25
CA LYS C 1025 41.97 8.10 -57.38
C LYS C 1025 42.41 8.61 -56.02
N ARG C 1026 41.44 8.87 -55.14
CA ARG C 1026 41.74 9.06 -53.73
C ARG C 1026 42.56 7.90 -53.21
N VAL C 1027 43.81 8.19 -52.86
CA VAL C 1027 44.76 7.13 -52.61
C VAL C 1027 44.48 6.47 -51.27
N ASP C 1028 44.97 5.25 -51.13
CA ASP C 1028 45.18 4.53 -49.87
C ASP C 1028 44.04 4.73 -48.86
N PHE C 1029 42.85 4.30 -49.26
CA PHE C 1029 41.84 3.97 -48.27
C PHE C 1029 41.29 2.59 -48.52
N CYS C 1030 41.23 2.18 -49.79
CA CYS C 1030 40.91 0.79 -50.12
C CYS C 1030 42.11 -0.07 -49.76
N GLY C 1031 42.26 -0.29 -48.46
CA GLY C 1031 43.31 -1.16 -47.95
C GLY C 1031 44.65 -0.49 -47.85
N LYS C 1032 45.61 -1.20 -47.24
CA LYS C 1032 46.95 -0.67 -47.13
C LYS C 1032 47.57 -0.51 -48.52
N GLY C 1033 48.49 0.45 -48.63
CA GLY C 1033 49.03 0.70 -49.93
C GLY C 1033 47.99 1.37 -50.81
N TYR C 1034 48.24 1.28 -52.11
CA TYR C 1034 47.35 1.89 -53.10
C TYR C 1034 46.10 1.03 -53.26
N HIS C 1035 45.35 1.26 -54.33
CA HIS C 1035 44.22 0.40 -54.64
C HIS C 1035 43.99 0.35 -56.15
N LEU C 1036 44.00 -0.86 -56.71
CA LEU C 1036 43.75 -1.05 -58.13
C LEU C 1036 42.27 -1.34 -58.39
N MET C 1037 41.75 -2.42 -57.82
CA MET C 1037 40.35 -2.78 -57.91
C MET C 1037 40.07 -3.82 -56.85
N SER C 1038 38.92 -4.46 -56.92
CA SER C 1038 38.67 -5.51 -55.93
C SER C 1038 37.64 -6.49 -56.46
N PHE C 1039 37.66 -7.68 -55.86
CA PHE C 1039 36.75 -8.75 -56.21
C PHE C 1039 35.75 -8.88 -55.07
N PRO C 1040 34.48 -8.54 -55.27
CA PRO C 1040 33.50 -8.73 -54.20
C PRO C 1040 33.19 -10.21 -54.01
N GLN C 1041 32.75 -10.54 -52.81
CA GLN C 1041 32.37 -11.92 -52.51
C GLN C 1041 31.41 -11.92 -51.33
N SER C 1042 30.55 -12.93 -51.30
CA SER C 1042 29.48 -12.96 -50.32
C SER C 1042 30.02 -13.14 -48.91
N ALA C 1043 29.16 -12.83 -47.95
CA ALA C 1043 29.39 -13.03 -46.54
C ALA C 1043 28.05 -12.92 -45.83
N PRO C 1044 27.83 -13.70 -44.77
CA PRO C 1044 26.52 -13.64 -44.10
C PRO C 1044 26.23 -12.24 -43.57
N HIS C 1045 25.22 -11.60 -44.15
CA HIS C 1045 24.84 -10.23 -43.84
C HIS C 1045 25.95 -9.24 -44.10
N GLY C 1046 27.04 -9.66 -44.73
CA GLY C 1046 28.17 -8.79 -44.96
C GLY C 1046 28.80 -9.07 -46.32
N VAL C 1047 29.93 -8.43 -46.55
CA VAL C 1047 30.65 -8.57 -47.81
C VAL C 1047 32.14 -8.54 -47.53
N VAL C 1048 32.90 -9.22 -48.39
CA VAL C 1048 34.34 -9.14 -48.40
C VAL C 1048 34.78 -8.72 -49.80
N PHE C 1049 35.72 -7.81 -49.86
CA PHE C 1049 36.33 -7.42 -51.11
C PHE C 1049 37.72 -8.03 -51.14
N LEU C 1050 38.52 -7.67 -52.15
CA LEU C 1050 39.91 -8.10 -52.22
C LEU C 1050 40.75 -6.90 -52.64
N HIS C 1051 41.40 -6.27 -51.68
CA HIS C 1051 42.08 -5.00 -51.94
C HIS C 1051 43.31 -5.23 -52.80
N VAL C 1052 43.16 -5.08 -54.10
CA VAL C 1052 44.28 -5.23 -55.04
C VAL C 1052 45.12 -3.96 -54.97
N THR C 1053 46.20 -4.01 -54.19
CA THR C 1053 47.02 -2.84 -53.93
C THR C 1053 48.42 -3.05 -54.48
N TYR C 1054 48.87 -2.11 -55.30
CA TYR C 1054 50.29 -1.90 -55.47
C TYR C 1054 50.90 -1.58 -54.12
N VAL C 1055 52.00 -2.25 -53.80
CA VAL C 1055 52.74 -1.94 -52.57
C VAL C 1055 54.22 -1.89 -52.89
N PRO C 1056 54.87 -0.73 -52.76
CA PRO C 1056 56.32 -0.67 -52.97
C PRO C 1056 57.07 -1.57 -52.02
N ALA C 1057 58.15 -2.16 -52.52
CA ALA C 1057 58.97 -3.08 -51.74
C ALA C 1057 60.37 -2.52 -51.48
N GLN C 1058 61.09 -2.15 -52.53
CA GLN C 1058 62.46 -1.68 -52.38
C GLN C 1058 62.47 -0.22 -51.98
N GLU C 1059 63.62 0.22 -51.45
CA GLU C 1059 63.84 1.61 -51.05
C GLU C 1059 65.18 2.06 -51.63
N LYS C 1060 65.16 2.53 -52.87
CA LYS C 1060 66.40 2.99 -53.49
C LYS C 1060 66.78 4.34 -52.92
N ASN C 1061 68.08 4.63 -52.92
CA ASN C 1061 68.58 5.92 -52.41
C ASN C 1061 69.75 6.35 -53.30
N PHE C 1062 69.46 7.14 -54.32
CA PHE C 1062 70.51 7.61 -55.22
C PHE C 1062 70.14 8.98 -55.77
N THR C 1063 70.91 9.42 -56.76
CA THR C 1063 70.99 10.83 -57.11
C THR C 1063 69.74 11.32 -57.83
N THR C 1064 69.24 12.47 -57.39
CA THR C 1064 68.10 13.15 -58.02
C THR C 1064 68.40 14.64 -58.09
N ALA C 1065 67.46 15.39 -58.67
CA ALA C 1065 67.64 16.81 -58.91
C ALA C 1065 66.26 17.45 -59.01
N PRO C 1066 66.14 18.75 -58.69
CA PRO C 1066 64.82 19.40 -58.73
C PRO C 1066 64.41 19.86 -60.12
N ALA C 1067 65.39 20.20 -60.95
CA ALA C 1067 65.14 20.71 -62.29
C ALA C 1067 66.47 20.72 -63.02
N ILE C 1068 66.42 21.06 -64.31
CA ILE C 1068 67.62 21.15 -65.14
C ILE C 1068 67.63 22.51 -65.84
N CYS C 1069 68.73 23.23 -65.70
CA CYS C 1069 68.87 24.54 -66.32
C CYS C 1069 69.61 24.37 -67.64
N HIS C 1070 69.03 24.89 -68.72
CA HIS C 1070 69.63 24.77 -70.05
C HIS C 1070 70.15 26.11 -70.56
N ASP C 1071 69.30 27.11 -70.64
CA ASP C 1071 69.68 28.47 -71.04
C ASP C 1071 69.01 29.48 -70.12
N GLY C 1072 69.07 29.21 -68.83
CA GLY C 1072 68.26 29.93 -67.88
C GLY C 1072 66.86 29.39 -67.75
N LYS C 1073 66.57 28.26 -68.38
CA LYS C 1073 65.24 27.65 -68.38
C LYS C 1073 65.31 26.30 -67.69
N ALA C 1074 64.31 26.01 -66.87
CA ALA C 1074 64.19 24.74 -66.17
C ALA C 1074 63.00 23.95 -66.70
N HIS C 1075 62.97 22.67 -66.37
CA HIS C 1075 61.92 21.77 -66.84
C HIS C 1075 61.37 21.00 -65.65
N PHE C 1076 60.05 20.91 -65.55
CA PHE C 1076 59.36 20.31 -64.40
C PHE C 1076 58.42 19.22 -64.90
N PRO C 1077 58.97 18.06 -65.26
CA PRO C 1077 58.20 17.09 -66.06
C PRO C 1077 57.03 16.46 -65.32
N ARG C 1078 56.03 17.27 -64.94
CA ARG C 1078 54.87 16.85 -64.18
C ARG C 1078 55.20 15.74 -63.19
N GLU C 1079 54.56 14.58 -63.31
CA GLU C 1079 54.87 13.46 -62.43
C GLU C 1079 56.28 12.96 -62.68
N GLY C 1080 57.02 12.77 -61.59
CA GLY C 1080 58.41 12.32 -61.67
C GLY C 1080 59.38 13.45 -61.42
N VAL C 1081 60.62 13.05 -61.14
CA VAL C 1081 61.73 13.98 -60.94
C VAL C 1081 62.93 13.47 -61.72
N PHE C 1082 63.92 14.34 -61.89
CA PHE C 1082 65.17 14.00 -62.57
C PHE C 1082 65.98 13.11 -61.65
N VAL C 1083 66.11 11.83 -61.99
CA VAL C 1083 66.77 10.84 -61.16
C VAL C 1083 67.96 10.27 -61.92
N SER C 1084 69.10 10.18 -61.26
CA SER C 1084 70.26 9.50 -61.82
C SER C 1084 70.68 8.38 -60.89
N ASN C 1085 71.07 7.25 -61.46
CA ASN C 1085 71.70 6.18 -60.69
C ASN C 1085 73.16 6.54 -60.47
N GLY C 1086 73.40 7.76 -60.00
CA GLY C 1086 74.75 8.25 -59.78
C GLY C 1086 75.48 8.60 -61.06
N THR C 1087 75.06 8.02 -62.19
CA THR C 1087 75.79 8.16 -63.45
C THR C 1087 74.98 8.91 -64.50
N HIS C 1088 73.78 8.44 -64.84
CA HIS C 1088 73.05 8.96 -65.99
C HIS C 1088 71.76 9.60 -65.50
N TRP C 1089 71.56 10.87 -65.86
CA TRP C 1089 70.37 11.60 -65.44
C TRP C 1089 69.16 11.11 -66.22
N PHE C 1090 68.22 10.46 -65.54
CA PHE C 1090 66.97 10.01 -66.10
C PHE C 1090 65.81 10.72 -65.43
N VAL C 1091 64.61 10.47 -65.95
CA VAL C 1091 63.37 10.90 -65.31
C VAL C 1091 62.51 9.67 -65.13
N THR C 1092 61.98 9.50 -63.92
CA THR C 1092 61.26 8.29 -63.56
C THR C 1092 59.82 8.63 -63.18
N GLN C 1093 59.06 7.59 -62.86
CA GLN C 1093 57.68 7.72 -62.43
C GLN C 1093 57.64 7.72 -60.90
N ARG C 1094 56.84 8.60 -60.35
CA ARG C 1094 56.84 8.84 -58.91
C ARG C 1094 56.36 7.68 -58.08
N ASN C 1095 56.05 6.51 -58.63
CA ASN C 1095 55.69 5.37 -57.79
C ASN C 1095 56.25 4.04 -58.28
N PHE C 1096 57.03 4.03 -59.36
CA PHE C 1096 57.68 2.82 -59.83
C PHE C 1096 59.03 3.18 -60.42
N TYR C 1097 60.00 2.30 -60.25
CA TYR C 1097 61.38 2.58 -60.65
C TYR C 1097 61.50 2.34 -62.14
N GLU C 1098 60.95 3.28 -62.91
CA GLU C 1098 61.00 3.23 -64.38
C GLU C 1098 61.57 4.56 -64.85
N PRO C 1099 62.88 4.74 -64.76
CA PRO C 1099 63.49 5.96 -65.28
C PRO C 1099 63.52 5.95 -66.81
N GLN C 1100 63.72 7.14 -67.37
CA GLN C 1100 63.78 7.27 -68.82
C GLN C 1100 64.55 8.54 -69.15
N ILE C 1101 65.05 8.62 -70.38
CA ILE C 1101 65.85 9.75 -70.83
C ILE C 1101 65.07 11.05 -70.69
N ILE C 1102 65.76 12.11 -70.29
CA ILE C 1102 65.17 13.43 -70.24
C ILE C 1102 64.77 13.83 -71.65
N THR C 1103 63.47 13.91 -71.91
CA THR C 1103 62.99 14.14 -73.25
C THR C 1103 61.74 15.02 -73.20
N THR C 1104 61.53 15.78 -74.27
CA THR C 1104 60.36 16.65 -74.35
C THR C 1104 59.07 15.86 -74.28
N ASP C 1105 59.11 14.55 -74.55
CA ASP C 1105 57.94 13.70 -74.43
C ASP C 1105 57.40 13.72 -73.00
N ASN C 1106 58.31 13.63 -72.02
CA ASN C 1106 57.95 13.69 -70.61
C ASN C 1106 58.44 14.95 -69.94
N THR C 1107 59.63 15.42 -70.30
CA THR C 1107 60.23 16.59 -69.65
C THR C 1107 59.92 17.83 -70.48
N PHE C 1108 59.01 18.66 -69.98
CA PHE C 1108 58.58 19.84 -70.71
C PHE C 1108 59.17 21.10 -70.09
N VAL C 1109 59.36 22.11 -70.93
CA VAL C 1109 59.89 23.39 -70.48
C VAL C 1109 58.85 24.09 -69.63
N SER C 1110 59.26 24.55 -68.45
CA SER C 1110 58.35 25.25 -67.56
C SER C 1110 59.14 26.18 -66.66
N GLY C 1111 58.72 27.44 -66.60
CA GLY C 1111 59.35 28.40 -65.72
C GLY C 1111 60.79 28.69 -66.14
N ASN C 1112 61.64 28.95 -65.16
CA ASN C 1112 63.04 29.24 -65.42
C ASN C 1112 63.87 28.76 -64.24
N CYS C 1113 65.14 29.15 -64.21
CA CYS C 1113 66.05 28.87 -63.12
C CYS C 1113 66.03 30.04 -62.14
N ASP C 1114 67.04 30.11 -61.26
CA ASP C 1114 67.27 31.18 -60.29
C ASP C 1114 66.48 30.94 -59.01
N VAL C 1115 65.17 31.21 -59.03
CA VAL C 1115 64.34 31.03 -57.85
C VAL C 1115 64.28 29.57 -57.42
N VAL C 1116 64.63 28.64 -58.31
CA VAL C 1116 64.73 27.25 -57.94
C VAL C 1116 65.81 27.06 -56.88
N ILE C 1117 65.73 25.95 -56.16
CA ILE C 1117 66.67 25.63 -55.09
C ILE C 1117 67.37 24.32 -55.44
N GLY C 1118 68.69 24.30 -55.29
CA GLY C 1118 69.46 23.08 -55.49
C GLY C 1118 69.39 22.52 -56.89
N ILE C 1119 69.12 23.35 -57.90
CA ILE C 1119 69.01 22.85 -59.26
C ILE C 1119 70.35 22.29 -59.71
N VAL C 1120 70.30 21.18 -60.43
CA VAL C 1120 71.52 20.55 -60.92
C VAL C 1120 72.06 21.34 -62.10
N ASN C 1121 73.36 21.24 -62.32
CA ASN C 1121 74.01 21.75 -63.52
C ASN C 1121 73.93 20.63 -64.56
N ASN C 1122 72.88 20.67 -65.37
CA ASN C 1122 72.63 19.62 -66.36
C ASN C 1122 72.11 20.24 -67.64
N THR C 1123 72.74 19.89 -68.76
CA THR C 1123 72.31 20.33 -70.08
C THR C 1123 72.19 19.12 -71.00
N VAL C 1124 71.11 19.08 -71.79
CA VAL C 1124 70.85 17.97 -72.69
C VAL C 1124 69.99 18.48 -73.84
N TYR C 1125 70.22 17.92 -75.04
CA TYR C 1125 69.49 18.29 -76.24
C TYR C 1125 68.60 17.14 -76.66
N ASP C 1126 67.29 17.39 -76.76
CA ASP C 1126 66.31 16.37 -77.13
C ASP C 1126 65.66 16.77 -78.44
N PRO C 1127 65.70 15.92 -79.48
CA PRO C 1127 65.05 16.22 -80.77
C PRO C 1127 63.53 16.29 -80.66
N GLU D 18 -33.44 -3.22 27.74
CA GLU D 18 -33.88 -4.49 27.18
C GLU D 18 -35.29 -4.82 27.67
N VAL D 19 -35.86 -5.91 27.18
CA VAL D 19 -37.26 -6.24 27.44
C VAL D 19 -37.37 -6.93 28.80
N GLN D 20 -37.62 -6.13 29.84
CA GLN D 20 -37.76 -6.62 31.21
C GLN D 20 -39.10 -6.17 31.76
N LEU D 21 -39.92 -7.12 32.22
CA LEU D 21 -41.25 -6.85 32.76
C LEU D 21 -41.30 -7.53 34.12
N GLN D 22 -41.34 -6.74 35.19
CA GLN D 22 -41.24 -7.26 36.56
C GLN D 22 -42.54 -6.98 37.32
N GLN D 23 -43.21 -8.05 37.74
CA GLN D 23 -44.41 -7.96 38.55
C GLN D 23 -44.23 -8.71 39.87
N SER D 24 -44.84 -8.18 40.92
CA SER D 24 -44.73 -8.77 42.24
C SER D 24 -45.84 -8.24 43.14
N GLY D 25 -46.22 -9.04 44.14
CA GLY D 25 -47.05 -8.57 45.22
C GLY D 25 -48.48 -9.08 45.16
N PRO D 26 -48.78 -10.14 45.91
CA PRO D 26 -50.15 -10.67 45.94
C PRO D 26 -51.05 -9.77 46.76
N GLU D 27 -52.17 -9.36 46.16
CA GLU D 27 -53.12 -8.44 46.77
C GLU D 27 -54.44 -9.15 47.04
N MET D 28 -54.96 -8.98 48.24
CA MET D 28 -56.24 -9.57 48.66
C MET D 28 -57.22 -8.44 48.93
N VAL D 29 -58.13 -8.20 48.00
CA VAL D 29 -59.15 -7.17 48.17
C VAL D 29 -60.52 -7.79 48.00
N LYS D 30 -61.51 -7.23 48.71
CA LYS D 30 -62.88 -7.70 48.61
C LYS D 30 -63.43 -7.43 47.21
N PRO D 31 -64.40 -8.22 46.75
CA PRO D 31 -64.94 -8.02 45.39
C PRO D 31 -65.58 -6.65 45.22
N GLY D 32 -65.40 -6.09 44.03
CA GLY D 32 -66.00 -4.80 43.70
C GLY D 32 -65.01 -3.71 43.37
N ALA D 33 -63.77 -3.85 43.82
CA ALA D 33 -62.74 -2.86 43.53
C ALA D 33 -61.81 -3.34 42.43
N SER D 34 -60.75 -2.59 42.17
CA SER D 34 -59.76 -2.98 41.18
C SER D 34 -58.38 -2.72 41.75
N VAL D 35 -57.38 -3.44 41.22
CA VAL D 35 -56.01 -3.33 41.68
C VAL D 35 -55.14 -2.89 40.52
N LYS D 36 -54.00 -2.26 40.81
CA LYS D 36 -53.18 -1.60 39.79
C LYS D 36 -51.94 -2.45 39.52
N ILE D 37 -52.01 -3.24 38.45
CA ILE D 37 -50.86 -4.03 38.02
C ILE D 37 -50.66 -3.90 36.52
N SER D 38 -49.39 -3.79 36.10
CA SER D 38 -49.06 -3.58 34.70
C SER D 38 -47.93 -4.52 34.31
N CYS D 39 -47.47 -4.39 33.06
CA CYS D 39 -46.37 -5.16 32.52
C CYS D 39 -45.46 -4.20 31.78
N LYS D 40 -44.47 -3.65 32.47
CA LYS D 40 -43.77 -2.45 32.01
C LYS D 40 -42.60 -2.81 31.10
N THR D 41 -42.71 -2.42 29.83
CA THR D 41 -41.59 -2.48 28.90
C THR D 41 -40.78 -1.20 28.98
N SER D 42 -39.60 -1.22 28.36
CA SER D 42 -38.72 -0.06 28.45
C SER D 42 -37.72 -0.08 27.31
N GLY D 43 -37.16 1.09 27.00
CA GLY D 43 -36.02 1.21 26.12
C GLY D 43 -36.35 1.50 24.67
N TYR D 44 -37.62 1.44 24.28
CA TYR D 44 -38.00 1.55 22.88
C TYR D 44 -39.14 2.53 22.71
N THR D 45 -39.25 3.09 21.49
CA THR D 45 -40.29 4.05 21.17
C THR D 45 -41.66 3.39 21.21
N PHE D 46 -42.71 4.18 21.43
CA PHE D 46 -44.06 3.63 21.63
C PHE D 46 -44.68 3.13 20.34
N THR D 47 -43.92 3.02 19.25
CA THR D 47 -44.50 2.73 17.95
C THR D 47 -44.94 1.28 17.77
N GLU D 48 -44.11 0.29 18.13
CA GLU D 48 -44.23 -1.02 17.47
C GLU D 48 -45.04 -2.06 18.23
N TYR D 49 -44.58 -2.50 19.40
CA TYR D 49 -44.98 -3.80 19.94
C TYR D 49 -46.10 -3.68 20.96
N THR D 50 -46.66 -4.83 21.33
CA THR D 50 -47.85 -4.96 22.14
C THR D 50 -47.58 -5.84 23.37
N ILE D 51 -48.66 -6.33 23.98
CA ILE D 51 -48.58 -7.08 25.23
C ILE D 51 -49.72 -8.10 25.30
N TYR D 52 -49.52 -9.17 26.08
CA TYR D 52 -50.59 -10.03 26.56
C TYR D 52 -50.50 -10.24 28.07
N TRP D 53 -51.66 -10.38 28.72
CA TRP D 53 -51.78 -10.90 30.07
C TRP D 53 -52.29 -12.33 30.03
N VAL D 54 -51.79 -13.17 30.95
CA VAL D 54 -52.15 -14.58 31.01
C VAL D 54 -52.56 -14.94 32.44
N LYS D 55 -53.78 -15.44 32.60
CA LYS D 55 -54.32 -15.83 33.89
C LYS D 55 -54.64 -17.32 33.86
N GLN D 56 -54.14 -18.07 34.84
CA GLN D 56 -54.44 -19.49 34.97
C GLN D 56 -55.41 -19.67 36.13
N SER D 57 -56.45 -20.49 35.93
CA SER D 57 -57.49 -20.68 36.94
C SER D 57 -57.46 -22.13 37.44
N HIS D 58 -56.61 -22.36 38.45
CA HIS D 58 -56.50 -23.62 39.19
C HIS D 58 -56.65 -24.89 38.36
N GLY D 59 -55.78 -25.08 37.37
CA GLY D 59 -55.82 -26.29 36.58
C GLY D 59 -56.97 -26.32 35.59
N LYS D 60 -57.48 -25.14 35.25
CA LYS D 60 -58.55 -25.01 34.27
C LYS D 60 -58.03 -24.02 33.23
N SER D 61 -58.89 -23.60 32.31
CA SER D 61 -58.49 -22.78 31.17
C SER D 61 -57.83 -21.48 31.62
N LEU D 62 -57.05 -20.90 30.70
CA LEU D 62 -56.43 -19.60 30.96
C LEU D 62 -57.43 -18.49 30.72
N GLU D 63 -57.15 -17.31 31.27
CA GLU D 63 -58.03 -16.16 31.17
C GLU D 63 -57.28 -14.96 30.58
N TRP D 64 -57.25 -14.90 29.26
CA TRP D 64 -56.77 -13.72 28.54
C TRP D 64 -57.80 -12.59 28.70
N LEU D 65 -57.30 -11.36 28.77
CA LEU D 65 -58.20 -10.22 28.90
C LEU D 65 -57.99 -9.13 27.86
N GLY D 66 -56.85 -9.08 27.18
CA GLY D 66 -56.67 -8.09 26.14
C GLY D 66 -55.21 -7.89 25.77
N GLY D 67 -55.00 -6.88 24.94
CA GLY D 67 -53.67 -6.43 24.58
C GLY D 67 -53.78 -4.99 24.13
N ILE D 68 -52.65 -4.28 24.14
CA ILE D 68 -52.64 -2.85 23.85
C ILE D 68 -52.02 -2.59 22.49
N ASN D 69 -52.73 -1.80 21.68
CA ASN D 69 -52.26 -1.41 20.36
C ASN D 69 -51.50 -0.10 20.46
N PRO D 70 -50.23 -0.06 20.05
CA PRO D 70 -49.42 1.15 20.31
C PRO D 70 -49.70 2.31 19.37
N ASN D 71 -50.19 2.06 18.15
CA ASN D 71 -50.28 3.14 17.17
C ASN D 71 -51.40 4.14 17.46
N ILE D 72 -52.59 3.68 17.84
CA ILE D 72 -53.72 4.57 18.07
C ILE D 72 -54.19 4.56 19.52
N GLY D 73 -54.01 3.46 20.26
CA GLY D 73 -54.57 3.29 21.58
C GLY D 73 -55.88 2.54 21.57
N ASP D 74 -56.38 2.18 20.39
CA ASP D 74 -57.60 1.37 20.31
C ASP D 74 -57.37 0.01 20.98
N THR D 75 -58.40 -0.46 21.68
CA THR D 75 -58.27 -1.56 22.63
C THR D 75 -59.02 -2.77 22.12
N THR D 76 -58.62 -3.94 22.62
CA THR D 76 -59.27 -5.20 22.28
C THR D 76 -60.01 -5.78 23.48
N TYR D 77 -61.14 -6.41 23.18
CA TYR D 77 -61.94 -7.13 24.15
C TYR D 77 -62.11 -8.56 23.65
N ASN D 78 -62.14 -9.50 24.58
CA ASN D 78 -62.72 -10.80 24.27
C ASN D 78 -64.23 -10.63 24.38
N GLN D 79 -64.98 -11.26 23.48
CA GLN D 79 -66.40 -10.96 23.38
C GLN D 79 -67.17 -11.30 24.64
N LYS D 80 -66.82 -12.41 25.30
CA LYS D 80 -67.57 -12.81 26.49
C LYS D 80 -67.33 -11.85 27.65
N PHE D 81 -66.06 -11.54 27.94
CA PHE D 81 -65.70 -10.51 28.91
C PHE D 81 -65.42 -9.16 28.25
N LYS D 82 -66.42 -8.59 27.57
CA LYS D 82 -66.17 -7.41 26.75
C LYS D 82 -65.93 -6.17 27.60
N GLY D 83 -66.94 -5.75 28.37
CA GLY D 83 -66.87 -4.45 29.03
C GLY D 83 -66.08 -4.48 30.32
N LYS D 84 -65.37 -5.57 30.58
CA LYS D 84 -64.63 -5.71 31.85
C LYS D 84 -63.46 -4.74 31.92
N ALA D 85 -62.77 -4.52 30.80
CA ALA D 85 -61.52 -3.77 30.78
C ALA D 85 -61.77 -2.28 30.64
N THR D 86 -61.02 -1.49 31.42
CA THR D 86 -61.04 -0.04 31.32
C THR D 86 -59.86 0.37 30.45
N LEU D 87 -60.10 1.32 29.55
CA LEU D 87 -59.16 1.58 28.45
C LEU D 87 -58.23 2.73 28.83
N THR D 88 -56.95 2.43 29.00
CA THR D 88 -55.92 3.42 29.29
C THR D 88 -54.69 3.15 28.42
N VAL D 89 -53.93 4.21 28.17
CA VAL D 89 -52.69 4.14 27.42
C VAL D 89 -51.81 5.33 27.80
N ASP D 90 -50.50 5.11 27.85
CA ASP D 90 -49.55 6.17 28.18
C ASP D 90 -48.44 6.12 27.14
N THR D 91 -48.50 7.02 26.16
CA THR D 91 -47.59 7.00 25.03
C THR D 91 -46.17 7.42 25.39
N SER D 92 -46.01 8.41 26.26
CA SER D 92 -44.68 8.92 26.63
C SER D 92 -43.83 7.88 27.34
N SER D 93 -44.41 7.14 28.28
CA SER D 93 -43.70 6.02 28.92
C SER D 93 -43.79 4.74 28.10
N SER D 94 -44.62 4.75 27.04
CA SER D 94 -44.79 3.59 26.17
C SER D 94 -45.31 2.37 26.95
N THR D 95 -45.97 2.61 28.07
CA THR D 95 -46.56 1.55 28.87
C THR D 95 -47.75 2.09 29.65
N ALA D 96 -48.80 1.29 29.74
CA ALA D 96 -50.02 1.66 30.45
C ALA D 96 -50.28 0.69 31.60
N TYR D 97 -51.40 0.91 32.29
CA TYR D 97 -51.80 0.13 33.44
C TYR D 97 -53.20 -0.43 33.21
N MET D 98 -53.44 -1.65 33.70
CA MET D 98 -54.69 -2.36 33.49
C MET D 98 -55.37 -2.63 34.83
N GLU D 99 -56.70 -2.59 34.83
CA GLU D 99 -57.51 -2.73 36.03
C GLU D 99 -58.82 -3.41 35.68
N LEU D 100 -59.24 -4.35 36.52
CA LEU D 100 -60.49 -5.08 36.32
C LEU D 100 -61.37 -4.99 37.56
N ARG D 101 -62.68 -4.89 37.34
CA ARG D 101 -63.67 -4.72 38.38
C ARG D 101 -64.79 -5.73 38.20
N SER D 102 -65.30 -6.22 39.33
CA SER D 102 -66.40 -7.18 39.38
C SER D 102 -66.11 -8.42 38.54
N LEU D 103 -64.91 -8.96 38.74
CA LEU D 103 -64.54 -10.22 38.09
C LEU D 103 -65.23 -11.38 38.79
N THR D 104 -65.19 -12.55 38.18
CA THR D 104 -65.77 -13.76 38.74
C THR D 104 -64.69 -14.60 39.41
N SER D 105 -65.13 -15.67 40.06
CA SER D 105 -64.22 -16.48 40.86
C SER D 105 -63.13 -17.15 40.02
N GLU D 106 -63.37 -17.41 38.74
CA GLU D 106 -62.36 -18.11 37.94
C GLU D 106 -61.24 -17.16 37.52
N ASP D 107 -61.45 -15.86 37.68
CA ASP D 107 -60.39 -14.89 37.42
C ASP D 107 -59.63 -14.57 38.70
N SER D 108 -60.05 -15.17 39.81
CA SER D 108 -59.46 -14.88 41.12
C SER D 108 -58.27 -15.81 41.37
N ALA D 109 -57.10 -15.41 40.90
CA ALA D 109 -55.88 -16.21 41.04
C ALA D 109 -54.69 -15.33 40.72
N VAL D 110 -53.54 -15.99 40.55
CA VAL D 110 -52.28 -15.29 40.28
C VAL D 110 -52.37 -14.60 38.92
N TYR D 111 -51.63 -13.50 38.75
CA TYR D 111 -51.50 -12.81 37.48
C TYR D 111 -50.10 -13.05 36.91
N TYR D 112 -50.03 -13.43 35.64
CA TYR D 112 -48.77 -13.55 34.91
C TYR D 112 -48.86 -12.79 33.59
N CYS D 113 -47.68 -12.40 33.08
CA CYS D 113 -47.56 -11.86 31.73
C CYS D 113 -46.11 -11.94 31.28
N ALA D 114 -45.91 -11.86 29.97
CA ALA D 114 -44.58 -11.66 29.40
C ALA D 114 -44.75 -10.77 28.18
N ARG D 115 -43.72 -9.97 27.87
CA ARG D 115 -43.83 -9.02 26.78
C ARG D 115 -44.04 -9.80 25.48
N GLU D 116 -45.06 -9.39 24.74
CA GLU D 116 -45.47 -10.12 23.56
C GLU D 116 -44.37 -10.08 22.49
N VAL D 117 -44.17 -11.22 21.84
CA VAL D 117 -43.10 -11.37 20.85
C VAL D 117 -43.72 -11.47 19.47
N TYR D 118 -43.04 -10.89 18.48
CA TYR D 118 -43.56 -10.83 17.12
C TYR D 118 -43.75 -12.22 16.52
N ASN D 119 -43.13 -13.24 17.12
CA ASN D 119 -43.25 -14.62 16.66
C ASN D 119 -44.30 -15.41 17.41
N TYR D 120 -44.13 -15.56 18.73
CA TYR D 120 -45.03 -16.37 19.55
C TYR D 120 -45.44 -15.53 20.76
N SER D 121 -46.10 -16.19 21.71
CA SER D 121 -46.82 -15.48 22.77
C SER D 121 -45.94 -15.01 23.93
N PHE D 122 -45.33 -15.93 24.69
CA PHE D 122 -44.60 -15.56 25.91
C PHE D 122 -43.25 -16.26 25.86
N ALA D 123 -42.19 -15.55 26.24
CA ALA D 123 -40.84 -16.10 26.28
C ALA D 123 -40.21 -16.11 27.66
N TYR D 124 -40.15 -14.96 28.33
CA TYR D 124 -39.56 -14.84 29.67
C TYR D 124 -40.48 -13.99 30.54
N TRP D 125 -40.67 -14.42 31.78
CA TRP D 125 -41.80 -13.99 32.60
C TRP D 125 -41.35 -13.14 33.77
N GLY D 126 -42.34 -12.72 34.57
CA GLY D 126 -42.11 -12.07 35.84
C GLY D 126 -42.55 -12.94 37.00
N GLN D 127 -42.44 -12.45 38.24
CA GLN D 127 -42.81 -13.25 39.39
C GLN D 127 -44.33 -13.35 39.56
N GLY D 128 -45.06 -12.27 39.34
CA GLY D 128 -46.50 -12.33 39.36
C GLY D 128 -47.11 -11.87 40.67
N THR D 129 -48.44 -11.86 40.70
CA THR D 129 -49.21 -11.42 41.86
C THR D 129 -50.47 -12.25 41.98
N LEU D 130 -50.81 -12.67 43.21
CA LEU D 130 -51.99 -13.48 43.49
C LEU D 130 -53.13 -12.57 43.91
N VAL D 131 -54.23 -12.61 43.16
CA VAL D 131 -55.47 -11.94 43.54
C VAL D 131 -56.58 -12.98 43.52
N THR D 132 -57.15 -13.26 44.68
CA THR D 132 -58.25 -14.22 44.81
C THR D 132 -59.40 -13.56 45.54
N VAL D 133 -60.63 -13.81 45.07
CA VAL D 133 -61.82 -13.18 45.62
C VAL D 133 -62.35 -14.00 46.80
N SER D 134 -62.20 -13.47 48.00
CA SER D 134 -62.68 -14.11 49.21
C SER D 134 -63.74 -13.25 49.90
N ALA D 135 -64.60 -13.91 50.68
CA ALA D 135 -65.74 -13.25 51.30
C ALA D 135 -65.40 -12.70 52.69
N ALA D 136 -64.34 -11.90 52.73
CA ALA D 136 -63.90 -11.19 53.94
C ALA D 136 -63.74 -12.14 55.12
N SER D 137 -63.13 -13.29 54.86
CA SER D 137 -62.97 -14.31 55.88
C SER D 137 -61.56 -14.24 56.47
N THR D 138 -61.49 -13.98 57.77
CA THR D 138 -60.21 -13.99 58.47
C THR D 138 -59.74 -15.42 58.70
N THR D 139 -58.44 -15.58 58.91
CA THR D 139 -57.86 -16.90 59.15
C THR D 139 -58.38 -17.49 60.45
N LYS D 140 -59.11 -18.60 60.38
CA LYS D 140 -59.63 -19.28 61.55
C LYS D 140 -58.87 -20.59 61.73
N GLY D 141 -58.30 -20.77 62.92
CA GLY D 141 -57.45 -21.91 63.20
C GLY D 141 -58.19 -23.23 63.09
N PRO D 142 -57.59 -24.19 62.39
CA PRO D 142 -58.17 -25.54 62.34
C PRO D 142 -57.97 -26.28 63.65
N SER D 143 -58.88 -27.21 63.97
CA SER D 143 -58.83 -27.94 65.23
C SER D 143 -57.84 -29.09 65.08
N VAL D 144 -56.85 -29.14 65.96
CA VAL D 144 -55.86 -30.20 65.98
C VAL D 144 -56.13 -31.10 67.18
N PHE D 145 -56.09 -32.41 66.95
CA PHE D 145 -56.35 -33.39 67.99
C PHE D 145 -55.21 -34.39 68.04
N PRO D 146 -54.89 -34.95 69.20
CA PRO D 146 -53.88 -36.02 69.26
C PRO D 146 -54.38 -37.29 68.60
N LEU D 147 -53.43 -38.08 68.11
CA LEU D 147 -53.73 -39.27 67.32
C LEU D 147 -53.32 -40.53 68.07
N ALA D 148 -54.26 -41.46 68.20
CA ALA D 148 -54.01 -42.76 68.81
C ALA D 148 -54.79 -43.80 68.03
N PRO D 149 -54.20 -44.97 67.76
CA PRO D 149 -54.90 -46.00 67.00
C PRO D 149 -56.12 -46.54 67.72
N SER D 150 -57.17 -46.91 66.98
CA SER D 150 -58.41 -47.41 67.57
C SER D 150 -58.63 -48.89 67.26
N SER D 151 -58.60 -49.28 66.00
CA SER D 151 -58.81 -50.67 65.62
C SER D 151 -57.47 -51.33 65.31
N LYS D 152 -57.50 -52.62 65.00
CA LYS D 152 -56.29 -53.35 64.67
C LYS D 152 -55.79 -52.95 63.27
N SER D 153 -54.48 -53.09 63.08
CA SER D 153 -53.83 -52.65 61.85
C SER D 153 -53.80 -53.77 60.80
N THR D 154 -54.95 -53.95 60.15
CA THR D 154 -55.07 -54.89 59.05
C THR D 154 -55.34 -54.21 57.70
N SER D 155 -54.95 -52.94 57.56
CA SER D 155 -55.14 -52.24 56.29
C SER D 155 -54.32 -52.87 55.19
N GLY D 156 -53.06 -53.20 55.48
CA GLY D 156 -52.22 -53.88 54.49
C GLY D 156 -51.14 -52.95 53.94
N GLY D 157 -50.04 -53.57 53.56
CA GLY D 157 -48.91 -52.85 52.93
C GLY D 157 -47.92 -52.20 53.87
N THR D 158 -48.35 -51.16 54.57
CA THR D 158 -47.50 -50.45 55.52
C THR D 158 -48.37 -49.65 56.50
N ALA D 159 -47.74 -48.89 57.38
CA ALA D 159 -48.46 -48.07 58.35
C ALA D 159 -48.31 -46.59 58.00
N ALA D 160 -49.43 -45.88 58.05
CA ALA D 160 -49.45 -44.47 57.74
C ALA D 160 -50.65 -43.82 58.43
N LEU D 161 -50.39 -42.71 59.11
CA LEU D 161 -51.43 -41.93 59.76
C LEU D 161 -51.05 -40.46 59.67
N GLY D 162 -52.04 -39.59 59.82
CA GLY D 162 -51.78 -38.18 59.69
C GLY D 162 -52.86 -37.35 60.32
N CYS D 163 -52.57 -36.07 60.49
CA CYS D 163 -53.48 -35.09 61.07
C CYS D 163 -54.00 -34.21 59.94
N LEU D 164 -55.29 -33.91 59.97
CA LEU D 164 -55.91 -33.11 58.93
C LEU D 164 -55.72 -31.62 59.22
N VAL D 165 -55.09 -30.92 58.28
CA VAL D 165 -54.87 -29.47 58.38
C VAL D 165 -55.80 -28.81 57.39
N LYS D 166 -56.59 -27.84 57.87
CA LYS D 166 -57.64 -27.24 57.07
C LYS D 166 -57.56 -25.72 57.15
N ASP D 167 -58.00 -25.06 56.06
CA ASP D 167 -58.21 -23.62 56.03
C ASP D 167 -56.93 -22.85 56.37
N TYR D 168 -55.94 -22.96 55.50
CA TYR D 168 -54.69 -22.23 55.66
C TYR D 168 -54.56 -21.15 54.59
N PHE D 169 -53.88 -20.07 54.97
CA PHE D 169 -53.52 -18.96 54.10
C PHE D 169 -52.51 -18.06 54.80
N PRO D 170 -51.48 -17.58 54.09
CA PRO D 170 -51.12 -17.95 52.72
C PRO D 170 -50.07 -19.06 52.65
N GLU D 171 -49.56 -19.31 51.45
CA GLU D 171 -48.60 -20.38 51.18
C GLU D 171 -47.25 -20.06 51.81
N PRO D 172 -46.45 -21.07 52.21
CA PRO D 172 -46.81 -22.49 52.25
C PRO D 172 -47.02 -22.98 53.68
N VAL D 173 -47.42 -24.23 53.85
CA VAL D 173 -47.58 -24.83 55.16
C VAL D 173 -46.87 -26.19 55.20
N THR D 174 -46.21 -26.47 56.31
CA THR D 174 -45.42 -27.69 56.48
C THR D 174 -45.70 -28.27 57.86
N VAL D 175 -46.22 -29.49 57.90
CA VAL D 175 -46.34 -30.26 59.14
C VAL D 175 -45.25 -31.32 59.11
N SER D 176 -44.53 -31.46 60.23
CA SER D 176 -43.28 -32.21 60.24
C SER D 176 -43.49 -33.59 60.86
N TRP D 177 -42.94 -34.60 60.17
CA TRP D 177 -42.81 -35.95 60.69
C TRP D 177 -41.34 -36.24 60.92
N ASN D 178 -41.00 -36.55 62.17
CA ASN D 178 -39.60 -36.61 62.60
C ASN D 178 -38.88 -35.32 62.23
N SER D 179 -39.61 -34.21 62.34
CA SER D 179 -39.08 -32.87 62.06
C SER D 179 -38.68 -32.70 60.59
N GLY D 180 -39.20 -33.57 59.73
CA GLY D 180 -39.02 -33.41 58.29
C GLY D 180 -37.59 -33.48 57.81
N ALA D 181 -37.01 -34.68 57.77
CA ALA D 181 -35.63 -34.88 57.35
C ALA D 181 -35.48 -34.96 55.83
N LEU D 182 -36.15 -35.90 55.18
CA LEU D 182 -36.07 -36.10 53.73
C LEU D 182 -37.21 -35.31 53.08
N THR D 183 -37.13 -35.13 51.76
CA THR D 183 -38.15 -34.40 51.02
C THR D 183 -39.42 -35.21 50.82
N SER D 184 -39.58 -36.32 51.53
CA SER D 184 -40.82 -37.08 51.55
C SER D 184 -41.71 -36.55 52.66
N GLY D 185 -42.89 -36.07 52.27
CA GLY D 185 -43.77 -35.40 53.21
C GLY D 185 -43.99 -33.94 52.90
N VAL D 186 -43.39 -33.46 51.80
CA VAL D 186 -43.66 -32.12 51.30
C VAL D 186 -44.27 -32.23 49.91
N HIS D 187 -45.33 -31.47 49.66
CA HIS D 187 -46.09 -31.54 48.42
C HIS D 187 -46.79 -30.23 48.13
N THR D 188 -47.16 -30.04 46.86
CA THR D 188 -47.96 -28.90 46.43
C THR D 188 -49.08 -29.38 45.53
N PHE D 189 -50.31 -29.25 46.00
CA PHE D 189 -51.47 -29.73 45.27
C PHE D 189 -51.81 -28.79 44.14
N PRO D 190 -52.29 -29.31 43.01
CA PRO D 190 -53.00 -28.44 42.07
C PRO D 190 -54.22 -27.83 42.73
N ALA D 191 -54.45 -26.55 42.43
CA ALA D 191 -55.36 -25.73 43.21
C ALA D 191 -56.82 -26.08 42.95
N VAL D 192 -57.63 -26.08 44.02
CA VAL D 192 -59.09 -26.18 43.91
C VAL D 192 -59.75 -25.20 44.87
N LEU D 193 -60.92 -24.68 44.51
CA LEU D 193 -61.62 -23.64 45.26
C LEU D 193 -62.84 -24.22 45.97
N GLN D 194 -62.83 -24.16 47.30
CA GLN D 194 -64.03 -24.43 48.07
C GLN D 194 -64.79 -23.13 48.32
N SER D 195 -65.76 -23.19 49.23
CA SER D 195 -66.55 -22.02 49.58
C SER D 195 -65.70 -20.87 50.06
N SER D 196 -64.66 -21.13 50.85
CA SER D 196 -63.69 -20.10 51.20
C SER D 196 -62.44 -20.17 50.35
N GLY D 197 -62.24 -21.25 49.60
CA GLY D 197 -61.05 -21.41 48.81
C GLY D 197 -59.78 -21.62 49.59
N LEU D 198 -59.89 -22.03 50.85
CA LEU D 198 -58.73 -22.30 51.69
C LEU D 198 -58.39 -23.78 51.66
N TYR D 199 -57.11 -24.09 51.70
CA TYR D 199 -56.65 -25.39 51.25
C TYR D 199 -56.36 -26.30 52.43
N SER D 200 -56.06 -27.57 52.11
CA SER D 200 -55.84 -28.59 53.14
C SER D 200 -54.58 -29.37 52.77
N LEU D 201 -53.49 -29.09 53.49
CA LEU D 201 -52.21 -29.70 53.21
C LEU D 201 -51.80 -30.66 54.33
N SER D 202 -51.32 -31.84 53.94
CA SER D 202 -50.87 -32.88 54.87
C SER D 202 -49.48 -33.34 54.46
N SER D 203 -49.00 -34.39 55.13
CA SER D 203 -47.66 -34.92 54.90
C SER D 203 -47.73 -36.43 54.77
N VAL D 204 -46.73 -37.03 54.11
CA VAL D 204 -46.67 -38.47 53.90
C VAL D 204 -45.50 -39.05 54.67
N VAL D 205 -45.75 -40.19 55.32
CA VAL D 205 -44.78 -40.85 56.19
C VAL D 205 -44.77 -42.34 55.88
N THR D 206 -43.59 -42.95 55.98
CA THR D 206 -43.42 -44.38 55.78
C THR D 206 -43.15 -45.04 57.13
N VAL D 207 -44.04 -45.93 57.54
CA VAL D 207 -43.93 -46.63 58.83
C VAL D 207 -44.28 -48.09 58.64
N PRO D 208 -43.49 -49.02 59.21
CA PRO D 208 -43.85 -50.44 59.14
C PRO D 208 -45.17 -50.73 59.85
N SER D 209 -45.94 -51.68 59.32
CA SER D 209 -47.25 -52.00 59.89
C SER D 209 -47.16 -52.81 61.18
N SER D 210 -46.06 -53.54 61.40
CA SER D 210 -45.96 -54.39 62.58
C SER D 210 -45.29 -53.68 63.75
N SER D 211 -44.97 -52.40 63.63
CA SER D 211 -44.26 -51.69 64.68
C SER D 211 -45.13 -50.59 65.29
N LEU D 212 -46.40 -50.88 65.51
CA LEU D 212 -47.32 -49.92 66.13
C LEU D 212 -47.18 -50.04 67.64
N GLY D 213 -46.57 -49.01 68.23
CA GLY D 213 -46.38 -48.98 69.67
C GLY D 213 -44.99 -48.54 70.09
N THR D 214 -44.01 -48.70 69.20
CA THR D 214 -42.64 -48.34 69.49
C THR D 214 -42.26 -46.95 68.98
N GLN D 215 -43.18 -46.21 68.39
CA GLN D 215 -42.90 -44.91 67.80
C GLN D 215 -43.85 -43.86 68.37
N THR D 216 -43.43 -42.60 68.29
CA THR D 216 -44.23 -41.46 68.73
C THR D 216 -44.64 -40.65 67.51
N TYR D 217 -45.86 -40.13 67.54
CA TYR D 217 -46.42 -39.37 66.41
C TYR D 217 -47.01 -38.07 66.94
N ILE D 218 -46.39 -36.95 66.56
CA ILE D 218 -46.80 -35.63 67.02
C ILE D 218 -47.12 -34.76 65.80
N CYS D 219 -48.26 -34.08 65.87
CA CYS D 219 -48.67 -33.15 64.82
C CYS D 219 -48.72 -31.73 65.39
N ASN D 220 -48.01 -30.81 64.72
CA ASN D 220 -47.97 -29.41 65.12
C ASN D 220 -48.18 -28.56 63.88
N VAL D 221 -48.79 -27.39 64.05
CA VAL D 221 -48.87 -26.42 62.96
C VAL D 221 -47.70 -25.45 63.07
N ASN D 222 -46.94 -25.34 61.99
CA ASN D 222 -45.70 -24.57 61.99
C ASN D 222 -45.71 -23.63 60.79
N HIS D 223 -46.83 -22.93 60.59
CA HIS D 223 -46.95 -22.00 59.48
C HIS D 223 -46.00 -20.82 59.67
N LYS D 224 -44.92 -20.81 58.90
CA LYS D 224 -43.84 -19.83 59.01
C LYS D 224 -44.29 -18.39 58.77
N PRO D 225 -45.08 -18.09 57.70
CA PRO D 225 -45.46 -16.69 57.45
C PRO D 225 -46.22 -16.02 58.59
N SER D 226 -47.04 -16.77 59.31
CA SER D 226 -47.87 -16.20 60.37
C SER D 226 -47.12 -16.05 61.69
N ASN D 227 -45.85 -16.45 61.74
CA ASN D 227 -45.05 -16.38 62.96
C ASN D 227 -45.70 -17.18 64.08
N THR D 228 -45.91 -18.48 63.81
CA THR D 228 -46.57 -19.39 64.74
C THR D 228 -45.59 -20.47 65.14
N LYS D 229 -45.41 -20.65 66.46
CA LYS D 229 -44.56 -21.70 67.00
C LYS D 229 -45.17 -22.14 68.33
N VAL D 230 -45.78 -23.33 68.32
CA VAL D 230 -46.53 -23.84 69.47
C VAL D 230 -46.00 -25.23 69.83
N ASP D 231 -45.87 -25.49 71.13
CA ASP D 231 -45.40 -26.77 71.62
C ASP D 231 -46.58 -27.62 72.11
N LYS D 232 -46.46 -28.93 71.94
CA LYS D 232 -47.54 -29.83 72.30
C LYS D 232 -46.99 -31.24 72.50
N LYS D 233 -47.44 -31.91 73.56
CA LYS D 233 -47.06 -33.28 73.84
C LYS D 233 -48.28 -34.18 73.83
N ALA D 234 -48.20 -35.27 73.05
CA ALA D 234 -49.25 -36.28 72.99
C ALA D 234 -48.82 -37.45 73.88
N GLU D 235 -48.94 -37.26 75.19
CA GLU D 235 -48.52 -38.24 76.19
C GLU D 235 -47.10 -38.73 75.95
N ASP E 21 -66.85 -18.72 22.54
CA ASP E 21 -67.49 -18.53 21.24
C ASP E 21 -66.80 -19.37 20.18
N ILE E 22 -65.50 -19.58 20.33
CA ILE E 22 -64.69 -20.38 19.41
C ILE E 22 -64.18 -21.57 20.20
N VAL E 23 -64.32 -22.77 19.62
CA VAL E 23 -63.98 -24.01 20.30
C VAL E 23 -62.80 -24.68 19.62
N MET E 24 -61.82 -25.06 20.41
CA MET E 24 -60.67 -25.83 19.95
C MET E 24 -60.37 -26.93 20.97
N SER E 25 -60.26 -28.16 20.48
CA SER E 25 -60.23 -29.34 21.34
C SER E 25 -58.87 -30.01 21.24
N GLN E 26 -58.22 -30.22 22.38
CA GLN E 26 -57.05 -31.08 22.43
C GLN E 26 -57.50 -32.52 22.61
N SER E 27 -56.52 -33.41 22.70
CA SER E 27 -56.79 -34.84 22.81
C SER E 27 -55.54 -35.51 23.40
N PRO E 28 -55.67 -36.71 23.97
CA PRO E 28 -56.87 -37.54 24.16
C PRO E 28 -57.68 -37.12 25.38
N SER E 29 -58.84 -37.74 25.56
CA SER E 29 -59.61 -37.50 26.77
C SER E 29 -58.79 -37.85 28.01
N SER E 30 -58.14 -39.01 27.99
CA SER E 30 -57.16 -39.40 28.98
C SER E 30 -56.23 -40.43 28.37
N LEU E 31 -55.01 -40.50 28.91
CA LEU E 31 -54.05 -41.50 28.46
C LEU E 31 -53.00 -41.69 29.55
N ALA E 32 -53.07 -42.81 30.26
CA ALA E 32 -52.02 -43.19 31.17
C ALA E 32 -50.84 -43.68 30.35
N VAL E 33 -49.90 -42.76 30.06
CA VAL E 33 -48.83 -43.03 29.13
C VAL E 33 -47.51 -42.90 29.88
N SER E 34 -46.48 -43.59 29.38
CA SER E 34 -45.22 -43.71 30.09
C SER E 34 -44.15 -42.81 29.50
N VAL E 35 -43.11 -42.58 30.29
CA VAL E 35 -41.92 -41.95 29.75
C VAL E 35 -41.13 -42.98 28.95
N GLY E 36 -40.95 -42.68 27.66
CA GLY E 36 -40.33 -43.62 26.74
C GLY E 36 -41.22 -44.11 25.63
N GLU E 37 -42.50 -43.73 25.61
CA GLU E 37 -43.37 -44.00 24.46
C GLU E 37 -43.37 -42.80 23.53
N LYS E 38 -44.27 -42.80 22.54
CA LYS E 38 -44.37 -41.68 21.62
C LYS E 38 -45.78 -41.10 21.81
N VAL E 39 -45.90 -40.12 22.70
CA VAL E 39 -47.19 -39.59 23.13
C VAL E 39 -47.69 -38.61 22.08
N THR E 40 -49.02 -38.50 21.98
CA THR E 40 -49.66 -37.69 20.94
C THR E 40 -50.31 -36.48 21.58
N MET E 41 -49.81 -35.29 21.24
CA MET E 41 -50.44 -34.03 21.64
C MET E 41 -50.73 -33.19 20.40
N SER E 42 -52.02 -33.03 20.10
CA SER E 42 -52.46 -32.17 19.02
C SER E 42 -53.59 -31.27 19.51
N CYS E 43 -53.69 -30.08 18.94
CA CYS E 43 -54.74 -29.13 19.29
C CYS E 43 -55.27 -28.54 17.99
N LYS E 44 -56.60 -28.56 17.82
CA LYS E 44 -57.23 -28.32 16.51
C LYS E 44 -57.65 -26.86 16.37
N SER E 45 -57.56 -26.36 15.14
CA SER E 45 -57.98 -24.99 14.80
C SER E 45 -59.29 -25.02 14.03
N SER E 46 -59.96 -23.86 13.99
CA SER E 46 -61.28 -23.76 13.39
C SER E 46 -61.29 -24.05 11.90
N GLN E 47 -60.33 -23.54 11.14
CA GLN E 47 -60.25 -23.78 9.71
C GLN E 47 -58.81 -24.02 9.31
N SER E 48 -58.63 -24.46 8.06
CA SER E 48 -57.29 -24.69 7.54
C SER E 48 -56.46 -23.43 7.64
N LEU E 49 -55.21 -23.58 8.06
CA LEU E 49 -54.39 -22.45 8.49
C LEU E 49 -53.56 -21.85 7.37
N LEU E 50 -53.54 -22.46 6.18
CA LEU E 50 -52.58 -22.09 5.14
C LEU E 50 -53.14 -21.01 4.23
N TYR E 51 -52.39 -19.91 4.10
CA TYR E 51 -52.66 -18.89 3.11
C TYR E 51 -51.48 -18.84 2.14
N SER E 52 -51.69 -18.18 0.99
CA SER E 52 -50.69 -18.22 -0.07
C SER E 52 -49.37 -17.56 0.36
N SER E 53 -49.39 -16.24 0.57
CA SER E 53 -48.14 -15.51 0.79
C SER E 53 -47.52 -15.89 2.13
N ASN E 54 -46.18 -16.02 2.09
CA ASN E 54 -45.32 -16.24 3.25
C ASN E 54 -45.46 -17.67 3.80
N GLN E 55 -46.44 -18.42 3.27
CA GLN E 55 -46.57 -19.85 3.48
C GLN E 55 -46.37 -20.29 4.93
N LYS E 56 -46.90 -19.55 5.89
CA LYS E 56 -46.70 -19.85 7.30
C LYS E 56 -48.01 -19.77 8.07
N ASN E 57 -48.07 -20.51 9.19
CA ASN E 57 -49.26 -20.55 10.02
C ASN E 57 -48.97 -19.96 11.39
N TYR E 58 -49.80 -19.01 11.80
CA TYR E 58 -49.62 -18.29 13.07
C TYR E 58 -50.21 -19.13 14.19
N LEU E 59 -49.35 -19.89 14.87
CA LEU E 59 -49.77 -20.81 15.90
C LEU E 59 -48.54 -21.27 16.67
N ALA E 60 -48.71 -21.54 17.97
CA ALA E 60 -47.61 -22.01 18.80
C ALA E 60 -48.11 -22.92 19.92
N TRP E 61 -47.31 -23.94 20.22
CA TRP E 61 -47.63 -24.92 21.26
C TRP E 61 -46.72 -24.67 22.45
N TYR E 62 -47.22 -24.91 23.65
CA TYR E 62 -46.50 -24.61 24.88
C TYR E 62 -46.55 -25.76 25.87
N GLN E 63 -45.53 -25.83 26.71
CA GLN E 63 -45.46 -26.79 27.82
C GLN E 63 -45.24 -26.01 29.10
N GLN E 64 -46.01 -26.34 30.14
CA GLN E 64 -45.90 -25.68 31.44
C GLN E 64 -45.34 -26.67 32.45
N LYS E 65 -44.22 -26.32 33.09
CA LYS E 65 -43.74 -27.12 34.20
C LYS E 65 -44.59 -26.80 35.43
N LEU E 66 -44.54 -27.67 36.44
CA LEU E 66 -45.39 -27.51 37.62
C LEU E 66 -44.81 -26.41 38.50
N GLY E 67 -45.57 -25.32 38.65
CA GLY E 67 -45.06 -24.15 39.34
C GLY E 67 -44.46 -23.16 38.37
N GLN E 68 -43.73 -23.67 37.37
CA GLN E 68 -43.13 -22.83 36.35
C GLN E 68 -44.16 -22.41 35.31
N THR E 69 -43.79 -21.41 34.50
CA THR E 69 -44.63 -20.83 33.45
C THR E 69 -44.50 -21.62 32.15
N PRO E 70 -45.45 -21.47 31.22
CA PRO E 70 -45.35 -22.20 29.95
C PRO E 70 -44.13 -21.79 29.13
N LYS E 71 -43.62 -22.75 28.37
CA LYS E 71 -42.46 -22.54 27.51
C LYS E 71 -42.77 -23.02 26.09
N LEU E 72 -42.17 -22.35 25.12
CA LEU E 72 -42.48 -22.56 23.70
C LEU E 72 -41.91 -23.86 23.17
N LEU E 73 -42.65 -24.49 22.25
CA LEU E 73 -42.20 -25.70 21.57
C LEU E 73 -42.12 -25.52 20.05
N ILE E 74 -43.22 -25.08 19.43
CA ILE E 74 -43.34 -24.99 17.98
C ILE E 74 -43.85 -23.60 17.61
N TYR E 75 -43.34 -23.06 16.51
CA TYR E 75 -43.83 -21.80 15.96
C TYR E 75 -43.85 -21.87 14.44
N TRP E 76 -44.90 -21.30 13.86
CA TRP E 76 -45.05 -21.18 12.40
C TRP E 76 -44.97 -22.53 11.68
N ALA E 77 -45.21 -23.61 12.40
CA ALA E 77 -45.68 -24.86 11.82
C ALA E 77 -44.65 -25.63 11.00
N SER E 78 -43.46 -25.08 10.82
CA SER E 78 -42.48 -25.79 10.00
C SER E 78 -41.12 -25.96 10.67
N SER E 79 -40.65 -24.97 11.42
CA SER E 79 -39.31 -24.98 11.98
C SER E 79 -39.35 -25.07 13.50
N ARG E 80 -38.17 -25.04 14.11
CA ARG E 80 -38.03 -25.17 15.55
C ARG E 80 -37.21 -24.02 16.14
N GLU E 81 -37.58 -23.64 17.37
CA GLU E 81 -37.04 -22.47 18.03
C GLU E 81 -35.57 -22.64 18.37
N SER E 82 -34.82 -21.55 18.24
CA SER E 82 -33.42 -21.52 18.64
C SER E 82 -33.32 -21.61 20.16
N GLY E 83 -32.84 -22.74 20.65
CA GLY E 83 -32.84 -23.02 22.08
C GLY E 83 -33.67 -24.23 22.38
N VAL E 84 -34.54 -24.58 21.45
CA VAL E 84 -35.37 -25.79 21.53
C VAL E 84 -34.76 -26.82 20.60
N PRO E 85 -34.19 -27.91 21.12
CA PRO E 85 -33.52 -28.88 20.25
C PRO E 85 -34.50 -29.63 19.35
N ASP E 86 -33.94 -30.54 18.56
CA ASP E 86 -34.71 -31.33 17.60
C ASP E 86 -35.53 -32.45 18.25
N ARG E 87 -35.61 -32.49 19.59
CA ARG E 87 -36.50 -33.46 20.23
C ARG E 87 -37.93 -33.31 19.74
N PHE E 88 -38.44 -32.09 19.78
CA PHE E 88 -39.75 -31.77 19.22
C PHE E 88 -39.60 -31.61 17.72
N THR E 89 -40.58 -32.10 16.96
CA THR E 89 -40.51 -32.01 15.51
C THR E 89 -41.66 -31.15 14.99
N GLY E 90 -41.35 -30.27 14.04
CA GLY E 90 -42.38 -29.49 13.41
C GLY E 90 -43.02 -30.24 12.26
N SER E 91 -44.32 -30.49 12.41
CA SER E 91 -45.07 -31.24 11.42
C SER E 91 -46.55 -30.92 11.61
N GLY E 92 -47.38 -31.60 10.84
CA GLY E 92 -48.80 -31.32 10.77
C GLY E 92 -49.18 -30.60 9.50
N SER E 93 -50.48 -30.40 9.32
CA SER E 93 -50.97 -29.72 8.12
C SER E 93 -52.37 -29.18 8.37
N GLY E 94 -52.73 -28.17 7.58
CA GLY E 94 -54.06 -27.61 7.60
C GLY E 94 -54.45 -27.06 8.95
N THR E 95 -55.44 -27.68 9.58
CA THR E 95 -55.96 -27.24 10.87
C THR E 95 -55.05 -27.62 12.01
N ASP E 96 -54.24 -28.65 11.87
CA ASP E 96 -53.49 -29.23 12.97
C ASP E 96 -52.01 -29.29 12.63
N PHE E 97 -51.16 -28.92 13.59
CA PHE E 97 -49.74 -29.20 13.50
C PHE E 97 -49.30 -29.85 14.82
N THR E 98 -48.37 -30.79 14.71
CA THR E 98 -48.24 -31.86 15.69
C THR E 98 -47.21 -31.50 16.75
N LEU E 99 -47.50 -31.85 18.00
CA LEU E 99 -46.52 -31.85 19.08
C LEU E 99 -46.06 -33.28 19.35
N THR E 100 -44.81 -33.57 19.01
CA THR E 100 -44.24 -34.91 19.16
C THR E 100 -43.05 -34.85 20.09
N ILE E 101 -43.04 -35.71 21.10
CA ILE E 101 -41.91 -35.85 22.00
C ILE E 101 -41.18 -37.13 21.68
N SER E 102 -39.99 -37.00 21.10
CA SER E 102 -39.17 -38.15 20.71
C SER E 102 -38.45 -38.65 21.97
N SER E 103 -38.87 -39.82 22.46
CA SER E 103 -38.34 -40.37 23.69
C SER E 103 -38.53 -39.40 24.85
N VAL E 104 -39.79 -39.21 25.27
CA VAL E 104 -40.13 -38.23 26.30
C VAL E 104 -39.08 -38.25 27.41
N ARG E 105 -38.54 -37.08 27.71
CA ARG E 105 -37.33 -36.97 28.50
C ARG E 105 -37.67 -36.84 29.98
N ALA E 106 -36.64 -36.89 30.82
CA ALA E 106 -36.84 -36.77 32.25
C ALA E 106 -37.27 -35.36 32.65
N GLU E 107 -36.89 -34.35 31.87
CA GLU E 107 -37.30 -32.99 32.19
C GLU E 107 -38.57 -32.59 31.46
N ASP E 108 -39.20 -33.53 30.76
CA ASP E 108 -40.48 -33.27 30.09
C ASP E 108 -41.66 -33.62 30.99
N LEU E 109 -41.38 -34.05 32.22
CA LEU E 109 -42.44 -34.48 33.13
C LEU E 109 -43.21 -33.27 33.67
N ALA E 110 -44.28 -32.91 32.97
CA ALA E 110 -45.18 -31.83 33.36
C ALA E 110 -46.37 -31.87 32.41
N VAL E 111 -47.25 -30.88 32.54
CA VAL E 111 -48.43 -30.77 31.71
C VAL E 111 -48.04 -30.16 30.37
N TYR E 112 -48.81 -30.48 29.33
CA TYR E 112 -48.55 -30.01 27.98
C TYR E 112 -49.77 -29.22 27.51
N TYR E 113 -49.55 -27.99 27.04
CA TYR E 113 -50.64 -27.11 26.63
C TYR E 113 -50.67 -26.95 25.12
N CYS E 114 -51.74 -26.35 24.62
CA CYS E 114 -51.80 -25.83 23.26
C CYS E 114 -52.24 -24.37 23.33
N GLN E 115 -51.63 -23.53 22.49
CA GLN E 115 -51.93 -22.12 22.45
C GLN E 115 -52.30 -21.72 21.04
N GLN E 116 -53.26 -20.80 20.92
CA GLN E 116 -53.71 -20.32 19.63
C GLN E 116 -53.66 -18.80 19.55
N TYR E 117 -53.15 -18.29 18.42
CA TYR E 117 -53.22 -16.88 18.10
C TYR E 117 -53.57 -16.69 16.64
N TYR E 118 -54.48 -17.52 16.14
CA TYR E 118 -54.90 -17.42 14.75
C TYR E 118 -56.25 -16.73 14.57
N ARG E 119 -57.14 -16.87 15.54
CA ARG E 119 -58.38 -16.10 15.58
C ARG E 119 -58.66 -15.66 17.01
N TYR E 120 -58.89 -14.35 17.18
CA TYR E 120 -59.23 -13.79 18.48
C TYR E 120 -60.63 -14.23 18.90
N PRO E 121 -60.96 -14.26 20.20
CA PRO E 121 -60.11 -13.91 21.35
C PRO E 121 -59.10 -14.99 21.69
N LEU E 122 -58.05 -14.64 22.41
CA LEU E 122 -57.14 -15.67 22.90
C LEU E 122 -57.87 -16.54 23.92
N THR E 123 -58.34 -17.69 23.46
CA THR E 123 -59.11 -18.62 24.26
C THR E 123 -58.28 -19.87 24.48
N PHE E 124 -58.32 -20.39 25.70
CA PHE E 124 -57.37 -21.41 26.13
C PHE E 124 -58.10 -22.62 26.69
N GLY E 125 -57.46 -23.78 26.58
CA GLY E 125 -57.92 -24.98 27.23
C GLY E 125 -57.06 -25.34 28.44
N VAL E 126 -57.37 -26.50 29.04
CA VAL E 126 -56.63 -26.96 30.21
C VAL E 126 -55.30 -27.60 29.88
N GLY E 127 -55.15 -28.15 28.68
CA GLY E 127 -53.89 -28.80 28.34
C GLY E 127 -53.88 -30.28 28.70
N THR E 128 -52.79 -30.95 28.32
CA THR E 128 -52.61 -32.39 28.50
C THR E 128 -51.66 -32.62 29.66
N LYS E 129 -52.15 -33.32 30.69
CA LYS E 129 -51.33 -33.71 31.83
C LYS E 129 -51.08 -35.22 31.77
N LEU E 130 -49.82 -35.60 31.56
CA LEU E 130 -49.45 -36.97 31.19
C LEU E 130 -49.24 -37.79 32.45
N GLU E 131 -50.29 -38.41 32.94
CA GLU E 131 -50.24 -39.31 34.09
C GLU E 131 -49.82 -40.71 33.61
N LEU E 132 -49.52 -41.59 34.57
CA LEU E 132 -49.09 -42.95 34.28
C LEU E 132 -49.88 -43.99 35.04
N LYS E 133 -50.23 -45.07 34.34
CA LYS E 133 -50.85 -46.25 34.92
C LYS E 133 -49.85 -46.95 35.83
N ARG E 134 -50.24 -47.19 37.08
CA ARG E 134 -49.49 -48.03 38.00
C ARG E 134 -50.45 -48.85 38.85
N THR E 135 -49.93 -49.94 39.40
CA THR E 135 -50.69 -50.78 40.30
C THR E 135 -50.96 -50.04 41.60
N VAL E 136 -52.20 -50.13 42.06
CA VAL E 136 -52.63 -49.36 43.23
C VAL E 136 -51.99 -49.93 44.49
N ALA E 137 -51.46 -49.03 45.31
CA ALA E 137 -51.00 -49.38 46.66
C ALA E 137 -51.85 -48.61 47.64
N ALA E 138 -52.35 -49.32 48.65
CA ALA E 138 -53.31 -48.71 49.54
C ALA E 138 -52.62 -48.13 50.78
N PRO E 139 -52.87 -46.85 51.09
CA PRO E 139 -52.34 -46.29 52.34
C PRO E 139 -53.15 -46.77 53.52
N SER E 140 -52.57 -46.73 54.72
CA SER E 140 -53.22 -47.24 55.92
C SER E 140 -54.30 -46.25 56.36
N VAL E 141 -55.55 -46.58 56.03
CA VAL E 141 -56.68 -45.72 56.37
C VAL E 141 -57.23 -46.11 57.73
N PHE E 142 -57.40 -45.12 58.59
CA PHE E 142 -57.98 -45.32 59.91
C PHE E 142 -58.94 -44.17 60.23
N ILE E 143 -59.86 -44.43 61.15
CA ILE E 143 -60.82 -43.43 61.62
C ILE E 143 -60.79 -43.39 63.13
N PHE E 144 -60.95 -42.20 63.69
CA PHE E 144 -60.86 -41.99 65.13
C PHE E 144 -62.24 -41.71 65.68
N PRO E 145 -62.71 -42.48 66.66
CA PRO E 145 -64.04 -42.23 67.24
C PRO E 145 -64.05 -40.92 68.01
N PRO E 146 -65.01 -40.04 67.74
CA PRO E 146 -65.07 -38.74 68.42
C PRO E 146 -65.71 -38.87 69.80
N SER E 147 -64.96 -38.46 70.83
CA SER E 147 -65.49 -38.45 72.19
C SER E 147 -66.30 -37.19 72.43
N ASP E 148 -67.00 -37.12 73.56
CA ASP E 148 -67.78 -35.94 73.91
C ASP E 148 -66.85 -34.77 74.22
N GLU E 149 -65.56 -35.05 74.43
CA GLU E 149 -64.59 -33.99 74.64
C GLU E 149 -64.50 -33.05 73.44
N GLN E 150 -64.69 -33.59 72.24
CA GLN E 150 -64.52 -32.81 71.01
C GLN E 150 -65.49 -31.64 70.94
N LEU E 151 -66.65 -31.74 71.60
CA LEU E 151 -67.66 -30.69 71.51
C LEU E 151 -67.15 -29.38 72.10
N LYS E 152 -66.15 -29.45 72.99
CA LYS E 152 -65.59 -28.22 73.56
C LYS E 152 -64.78 -27.43 72.55
N SER E 153 -64.17 -28.09 71.57
CA SER E 153 -63.30 -27.44 70.60
C SER E 153 -64.04 -26.45 69.70
N GLY E 154 -65.29 -26.72 69.36
CA GLY E 154 -66.08 -25.84 68.52
C GLY E 154 -66.02 -26.13 67.04
N THR E 155 -65.20 -27.09 66.61
CA THR E 155 -65.08 -27.47 65.21
C THR E 155 -64.91 -28.98 65.10
N ALA E 156 -65.53 -29.56 64.08
CA ALA E 156 -65.49 -31.01 63.88
C ALA E 156 -64.53 -31.30 62.73
N SER E 157 -63.51 -32.12 63.00
CA SER E 157 -62.50 -32.46 62.00
C SER E 157 -62.21 -33.96 62.10
N VAL E 158 -62.94 -34.74 61.31
CA VAL E 158 -62.72 -36.18 61.23
C VAL E 158 -61.70 -36.45 60.13
N VAL E 159 -60.84 -37.44 60.33
CA VAL E 159 -59.70 -37.67 59.46
C VAL E 159 -59.89 -38.97 58.69
N CYS E 160 -59.73 -38.87 57.37
CA CYS E 160 -59.69 -40.03 56.49
C CYS E 160 -58.62 -39.77 55.44
N LEU E 161 -57.64 -40.66 55.36
CA LEU E 161 -56.40 -40.40 54.62
C LEU E 161 -56.27 -41.30 53.39
N LEU E 162 -55.95 -40.66 52.27
CA LEU E 162 -55.66 -41.35 51.02
C LEU E 162 -54.35 -40.80 50.48
N ASN E 163 -53.50 -41.66 49.92
CA ASN E 163 -52.20 -41.27 49.40
C ASN E 163 -51.53 -42.42 48.66
N ASN E 164 -50.64 -42.06 47.73
CA ASN E 164 -49.68 -42.97 47.10
C ASN E 164 -50.40 -44.03 46.26
N PHE E 165 -51.23 -43.55 45.33
CA PHE E 165 -51.82 -44.42 44.32
C PHE E 165 -52.45 -43.57 43.22
N TYR E 166 -52.88 -44.26 42.14
CA TYR E 166 -53.26 -43.67 40.87
C TYR E 166 -54.56 -44.31 40.42
N PRO E 167 -55.39 -43.64 39.59
CA PRO E 167 -55.34 -42.29 39.02
C PRO E 167 -56.14 -41.21 39.73
N ARG E 168 -56.24 -40.08 39.03
CA ARG E 168 -57.04 -38.94 39.48
C ARG E 168 -58.53 -39.26 39.53
N GLU E 169 -59.01 -40.18 38.69
CA GLU E 169 -60.41 -40.62 38.75
C GLU E 169 -60.51 -41.69 39.82
N ALA E 170 -60.30 -41.29 41.07
CA ALA E 170 -60.41 -42.17 42.22
C ALA E 170 -61.78 -41.98 42.87
N LYS E 171 -62.00 -42.64 44.00
CA LYS E 171 -63.30 -42.56 44.64
C LYS E 171 -63.13 -42.36 46.13
N VAL E 172 -64.06 -41.62 46.72
CA VAL E 172 -64.25 -41.57 48.16
C VAL E 172 -65.71 -41.93 48.45
N GLN E 173 -65.90 -43.07 49.12
CA GLN E 173 -67.23 -43.64 49.32
C GLN E 173 -67.62 -43.49 50.79
N TRP E 174 -68.83 -43.00 51.04
CA TRP E 174 -69.30 -42.71 52.40
C TRP E 174 -70.55 -43.55 52.66
N LYS E 175 -70.43 -44.53 53.55
CA LYS E 175 -71.56 -45.35 53.97
C LYS E 175 -71.82 -45.19 55.46
N VAL E 176 -73.07 -44.94 55.82
CA VAL E 176 -73.49 -44.82 57.22
C VAL E 176 -74.79 -45.59 57.38
N ASP E 177 -74.72 -46.77 57.98
CA ASP E 177 -75.88 -47.63 58.25
C ASP E 177 -76.70 -47.88 56.98
N ASN E 178 -76.02 -48.21 55.89
CA ASN E 178 -76.65 -48.51 54.60
C ASN E 178 -77.45 -47.33 54.04
N ALA E 179 -77.04 -46.11 54.34
CA ALA E 179 -77.69 -44.91 53.82
C ALA E 179 -76.68 -44.07 53.05
N LEU E 180 -77.08 -43.62 51.86
CA LEU E 180 -76.19 -42.84 51.01
C LEU E 180 -76.47 -41.35 51.19
N GLN E 181 -75.52 -40.64 51.78
CA GLN E 181 -75.60 -39.19 51.97
C GLN E 181 -74.50 -38.56 51.12
N SER E 182 -74.88 -37.57 50.30
CA SER E 182 -73.96 -36.96 49.35
C SER E 182 -74.02 -35.44 49.42
N GLY E 183 -73.14 -34.80 48.67
CA GLY E 183 -73.12 -33.35 48.59
C GLY E 183 -72.14 -32.68 49.53
N ASN E 184 -71.30 -33.45 50.22
CA ASN E 184 -70.33 -32.87 51.14
C ASN E 184 -68.95 -33.52 51.04
N SER E 185 -68.58 -34.07 49.88
CA SER E 185 -67.31 -34.75 49.72
C SER E 185 -66.59 -34.21 48.50
N GLN E 186 -65.29 -33.97 48.65
CA GLN E 186 -64.45 -33.47 47.58
C GLN E 186 -63.12 -34.21 47.60
N GLU E 187 -62.31 -33.96 46.58
CA GLU E 187 -61.02 -34.63 46.43
C GLU E 187 -59.94 -33.60 46.13
N SER E 188 -58.70 -33.97 46.44
CA SER E 188 -57.54 -33.13 46.14
C SER E 188 -56.34 -34.05 45.93
N VAL E 189 -55.61 -33.82 44.83
CA VAL E 189 -54.55 -34.71 44.37
C VAL E 189 -53.24 -33.93 44.27
N THR E 190 -52.11 -34.61 44.30
CA THR E 190 -50.81 -34.02 43.97
C THR E 190 -50.35 -34.48 42.59
N GLU E 191 -49.10 -34.16 42.26
CA GLU E 191 -48.53 -34.39 40.94
C GLU E 191 -47.56 -35.56 40.91
N GLN E 192 -46.89 -35.72 39.78
CA GLN E 192 -45.94 -36.82 39.59
C GLN E 192 -44.73 -36.67 40.49
N ASP E 193 -44.30 -37.77 41.07
CA ASP E 193 -43.06 -37.82 41.82
C ASP E 193 -41.95 -38.40 40.96
N SER E 194 -40.75 -38.50 41.53
CA SER E 194 -39.60 -39.01 40.77
C SER E 194 -39.43 -40.51 40.94
N LYS E 195 -39.55 -41.00 42.17
CA LYS E 195 -39.27 -42.42 42.44
C LYS E 195 -40.44 -43.32 42.06
N ASP E 196 -41.58 -43.13 42.71
CA ASP E 196 -42.74 -43.94 42.38
C ASP E 196 -43.71 -43.24 41.47
N SER E 197 -43.66 -41.91 41.44
CA SER E 197 -44.50 -41.08 40.57
C SER E 197 -45.98 -41.44 40.69
N THR E 198 -46.41 -41.64 41.93
CA THR E 198 -47.82 -41.60 42.29
C THR E 198 -48.08 -40.25 42.94
N TYR E 199 -49.25 -40.12 43.56
CA TYR E 199 -49.71 -38.81 43.98
C TYR E 199 -49.97 -38.81 45.50
N SER E 200 -50.37 -37.66 46.03
CA SER E 200 -50.78 -37.55 47.42
C SER E 200 -52.16 -36.93 47.51
N LEU E 201 -53.05 -37.55 48.29
CA LEU E 201 -54.46 -37.16 48.29
C LEU E 201 -54.83 -36.54 49.62
N SER E 202 -55.86 -35.68 49.60
CA SER E 202 -56.38 -35.03 50.79
C SER E 202 -57.88 -34.82 50.61
N SER E 203 -58.69 -35.54 51.39
CA SER E 203 -60.13 -35.38 51.41
C SER E 203 -60.56 -35.00 52.82
N THR E 204 -61.45 -34.02 52.93
CA THR E 204 -61.84 -33.44 54.21
C THR E 204 -63.29 -33.77 54.52
N LEU E 205 -63.55 -34.18 55.75
CA LEU E 205 -64.90 -34.51 56.22
C LEU E 205 -65.34 -33.53 57.29
N THR E 206 -66.53 -32.95 57.12
CA THR E 206 -67.17 -32.11 58.12
C THR E 206 -68.59 -32.63 58.32
N LEU E 207 -68.97 -32.88 59.56
CA LEU E 207 -70.26 -33.44 59.90
C LEU E 207 -71.08 -32.44 60.70
N SER E 208 -72.37 -32.73 60.83
CA SER E 208 -73.30 -31.88 61.58
C SER E 208 -73.46 -32.43 62.99
N LYS E 209 -73.86 -31.55 63.92
CA LYS E 209 -73.99 -31.96 65.32
C LYS E 209 -75.17 -32.90 65.53
N ALA E 210 -76.23 -32.77 64.72
CA ALA E 210 -77.42 -33.59 64.90
C ALA E 210 -77.10 -35.07 64.70
N ASP E 211 -76.32 -35.39 63.67
CA ASP E 211 -75.97 -36.78 63.41
C ASP E 211 -74.93 -37.29 64.40
N TYR E 212 -74.22 -36.36 65.05
CA TYR E 212 -73.10 -36.73 65.92
C TYR E 212 -73.53 -37.53 67.13
N GLU E 213 -74.64 -37.15 67.78
CA GLU E 213 -75.08 -37.84 68.99
C GLU E 213 -76.14 -38.91 68.74
N LYS E 214 -76.79 -38.92 67.58
CA LYS E 214 -77.86 -39.89 67.36
C LYS E 214 -77.36 -41.20 66.74
N HIS E 215 -76.08 -41.37 66.45
CA HIS E 215 -75.60 -42.61 65.84
C HIS E 215 -74.22 -42.93 66.38
N LYS E 216 -73.79 -44.17 66.17
CA LYS E 216 -72.50 -44.64 66.66
C LYS E 216 -71.53 -45.03 65.55
N VAL E 217 -72.02 -45.22 64.32
CA VAL E 217 -71.21 -45.73 63.22
C VAL E 217 -71.07 -44.67 62.14
N TYR E 218 -69.82 -44.27 61.88
CA TYR E 218 -69.47 -43.39 60.76
C TYR E 218 -68.09 -43.78 60.30
N ALA E 219 -67.93 -44.06 59.00
CA ALA E 219 -66.65 -44.52 58.48
C ALA E 219 -66.52 -44.17 57.01
N CYS E 220 -65.28 -44.21 56.53
CA CYS E 220 -64.97 -44.04 55.12
C CYS E 220 -64.38 -45.33 54.55
N GLU E 221 -64.89 -45.73 53.40
CA GLU E 221 -64.50 -47.00 52.76
C GLU E 221 -63.92 -46.70 51.39
N VAL E 222 -62.67 -47.08 51.18
CA VAL E 222 -62.00 -46.90 49.89
C VAL E 222 -62.15 -48.18 49.07
N THR E 223 -62.62 -48.02 47.83
CA THR E 223 -62.90 -49.16 46.95
C THR E 223 -62.29 -48.93 45.57
N HIS E 224 -61.02 -48.56 45.52
CA HIS E 224 -60.38 -48.23 44.25
C HIS E 224 -60.15 -49.50 43.43
N GLN E 225 -59.59 -49.32 42.23
CA GLN E 225 -59.47 -50.43 41.27
C GLN E 225 -58.54 -51.51 41.79
N GLY E 226 -57.53 -51.15 42.58
CA GLY E 226 -56.47 -52.06 42.93
C GLY E 226 -56.78 -53.12 43.97
N LEU E 227 -57.97 -53.10 44.55
CA LEU E 227 -58.36 -54.10 45.54
C LEU E 227 -59.15 -55.23 44.88
N SER E 228 -59.18 -56.36 45.57
CA SER E 228 -59.93 -57.52 45.10
C SER E 228 -61.37 -57.50 45.62
N SER E 229 -61.54 -57.39 46.92
CA SER E 229 -62.83 -57.34 47.57
C SER E 229 -62.85 -56.19 48.57
N PRO E 230 -63.93 -55.41 48.59
CA PRO E 230 -64.05 -54.35 49.61
C PRO E 230 -64.16 -54.95 51.01
N VAL E 231 -63.36 -54.43 51.93
CA VAL E 231 -63.33 -54.97 53.29
C VAL E 231 -64.31 -54.19 54.16
N THR E 232 -65.14 -54.93 54.90
CA THR E 232 -66.14 -54.35 55.80
C THR E 232 -65.61 -54.45 57.23
N LYS E 233 -64.90 -53.42 57.67
CA LYS E 233 -64.36 -53.39 59.02
C LYS E 233 -65.47 -53.19 60.04
N SER E 234 -65.29 -53.78 61.22
CA SER E 234 -66.23 -53.61 62.32
C SER E 234 -65.45 -53.74 63.63
N PHE E 235 -66.05 -53.21 64.70
CA PHE E 235 -65.43 -53.23 66.01
C PHE E 235 -66.51 -53.45 67.06
N ASN E 236 -66.08 -53.91 68.24
CA ASN E 236 -66.97 -54.22 69.34
C ASN E 236 -66.71 -53.28 70.51
N ARG E 237 -67.76 -53.02 71.30
CA ARG E 237 -67.66 -52.14 72.44
C ARG E 237 -66.73 -52.75 73.48
N GLY E 238 -65.87 -51.92 74.07
CA GLY E 238 -64.93 -52.37 75.08
C GLY E 238 -63.47 -52.14 74.74
N GLU E 239 -63.16 -51.70 73.52
CA GLU E 239 -61.78 -51.44 73.09
C GLU E 239 -60.88 -52.66 73.29
N GLU F 18 -20.91 5.69 35.58
CA GLU F 18 -22.17 5.42 36.25
C GLU F 18 -21.95 5.17 37.74
N VAL F 19 -21.77 6.25 38.50
CA VAL F 19 -21.54 6.17 39.94
C VAL F 19 -22.87 5.92 40.62
N GLN F 20 -22.94 4.90 41.47
CA GLN F 20 -24.16 4.53 42.16
C GLN F 20 -23.89 4.38 43.65
N LEU F 21 -24.67 5.07 44.47
CA LEU F 21 -24.66 4.93 45.92
C LEU F 21 -26.06 4.53 46.34
N GLN F 22 -26.15 3.48 47.16
CA GLN F 22 -27.43 2.88 47.53
C GLN F 22 -27.59 2.99 49.05
N GLN F 23 -28.78 3.35 49.51
CA GLN F 23 -29.04 3.36 50.94
C GLN F 23 -29.17 1.93 51.47
N SER F 24 -29.28 1.83 52.79
CA SER F 24 -29.44 0.53 53.44
C SER F 24 -29.84 0.75 54.89
N GLY F 25 -30.75 -0.07 55.39
CA GLY F 25 -31.03 -0.15 56.80
C GLY F 25 -32.31 0.55 57.23
N PRO F 26 -33.28 -0.21 57.74
CA PRO F 26 -34.45 0.40 58.38
C PRO F 26 -34.02 1.10 59.65
N GLU F 27 -34.65 2.24 59.94
CA GLU F 27 -34.26 3.06 61.07
C GLU F 27 -35.44 3.28 62.03
N MET F 28 -35.33 2.66 63.20
CA MET F 28 -36.17 2.95 64.37
C MET F 28 -35.18 3.30 65.47
N VAL F 29 -34.83 4.57 65.54
CA VAL F 29 -33.70 5.00 66.36
C VAL F 29 -34.18 5.39 67.74
N LYS F 30 -33.58 4.78 68.75
CA LYS F 30 -33.81 5.23 70.10
C LYS F 30 -32.72 6.21 70.52
N PRO F 31 -33.06 7.23 71.31
CA PRO F 31 -32.06 8.24 71.68
C PRO F 31 -31.02 7.67 72.63
N GLY F 32 -29.82 8.24 72.58
CA GLY F 32 -28.75 7.80 73.45
C GLY F 32 -28.10 6.52 72.96
N ALA F 33 -28.51 6.06 71.77
CA ALA F 33 -27.99 4.81 71.23
C ALA F 33 -26.90 5.06 70.20
N SER F 34 -26.44 3.99 69.56
CA SER F 34 -25.43 4.08 68.52
C SER F 34 -26.13 4.16 67.17
N VAL F 35 -25.34 4.36 66.12
CA VAL F 35 -25.88 4.41 64.77
C VAL F 35 -24.80 3.92 63.81
N LYS F 36 -25.22 3.26 62.73
CA LYS F 36 -24.28 2.67 61.77
C LYS F 36 -24.33 3.51 60.49
N ILE F 37 -23.22 4.22 60.22
CA ILE F 37 -23.17 5.10 59.06
C ILE F 37 -22.44 4.42 57.91
N SER F 38 -23.08 4.43 56.74
CA SER F 38 -22.51 3.78 55.57
C SER F 38 -23.12 4.34 54.30
N CYS F 39 -22.32 4.35 53.24
CA CYS F 39 -22.78 4.65 51.88
C CYS F 39 -21.96 3.82 50.90
N LYS F 40 -22.61 2.84 50.28
CA LYS F 40 -21.93 1.90 49.38
C LYS F 40 -21.65 2.60 48.06
N THR F 41 -20.44 3.15 47.95
CA THR F 41 -20.03 3.82 46.72
C THR F 41 -19.67 2.81 45.65
N SER F 42 -20.09 3.10 44.42
CA SER F 42 -19.88 2.17 43.31
C SER F 42 -19.81 2.96 42.02
N GLY F 43 -19.30 2.31 40.97
CA GLY F 43 -19.21 2.89 39.65
C GLY F 43 -17.94 3.71 39.43
N TYR F 44 -17.08 3.81 40.43
CA TYR F 44 -15.90 4.64 40.34
C TYR F 44 -14.86 4.23 41.38
N THR F 45 -13.59 4.42 41.05
CA THR F 45 -12.54 4.29 42.05
C THR F 45 -12.66 5.46 43.02
N PHE F 46 -12.61 5.18 44.32
CA PHE F 46 -13.04 6.15 45.32
C PHE F 46 -12.12 7.37 45.40
N THR F 47 -10.93 7.32 44.80
CA THR F 47 -10.02 8.46 44.84
C THR F 47 -10.34 9.53 43.80
N GLU F 48 -11.48 9.42 43.10
CA GLU F 48 -11.82 10.41 42.08
C GLU F 48 -12.95 11.34 42.53
N TYR F 49 -14.00 10.80 43.14
CA TYR F 49 -15.19 11.56 43.48
C TYR F 49 -15.60 11.31 44.93
N THR F 50 -16.16 12.34 45.56
CA THR F 50 -16.47 12.33 46.99
C THR F 50 -17.98 12.27 47.22
N ILE F 51 -18.37 12.38 48.49
CA ILE F 51 -19.74 12.17 48.94
C ILE F 51 -20.21 13.43 49.68
N TYR F 52 -21.40 13.91 49.33
CA TYR F 52 -22.05 14.99 50.04
C TYR F 52 -23.42 14.52 50.54
N TRP F 53 -23.78 14.91 51.76
CA TRP F 53 -24.92 14.35 52.47
C TRP F 53 -26.06 15.36 52.58
N VAL F 54 -27.27 14.86 52.80
CA VAL F 54 -28.49 15.64 52.97
C VAL F 54 -29.38 14.95 53.99
N LYS F 55 -30.18 15.73 54.72
CA LYS F 55 -31.27 15.20 55.53
C LYS F 55 -32.60 15.69 54.96
N GLN F 56 -33.60 14.81 54.95
CA GLN F 56 -34.96 15.19 54.60
C GLN F 56 -35.74 15.36 55.90
N SER F 57 -36.47 16.46 56.03
CA SER F 57 -37.15 16.79 57.27
C SER F 57 -38.56 16.21 57.23
N HIS F 58 -38.63 14.93 56.84
CA HIS F 58 -39.81 14.06 56.89
C HIS F 58 -41.12 14.77 56.55
N GLY F 59 -41.10 15.67 55.58
CA GLY F 59 -42.30 16.41 55.24
C GLY F 59 -42.24 17.87 55.64
N LYS F 60 -41.05 18.45 55.57
CA LYS F 60 -40.86 19.87 55.77
C LYS F 60 -39.95 20.35 54.66
N SER F 61 -39.45 21.58 54.77
CA SER F 61 -38.47 22.06 53.82
C SER F 61 -37.21 21.20 53.87
N LEU F 62 -36.67 20.90 52.70
CA LEU F 62 -35.42 20.16 52.61
C LEU F 62 -34.30 20.95 53.25
N GLU F 63 -33.34 20.23 53.83
CA GLU F 63 -32.32 20.81 54.67
C GLU F 63 -30.95 20.45 54.14
N TRP F 64 -30.19 21.46 53.69
CA TRP F 64 -28.81 21.26 53.29
C TRP F 64 -27.89 21.21 54.50
N LEU F 65 -26.98 20.27 54.49
CA LEU F 65 -26.00 20.11 55.56
C LEU F 65 -24.55 20.22 55.09
N GLY F 66 -24.15 19.52 54.05
CA GLY F 66 -22.76 19.54 53.64
C GLY F 66 -22.30 18.18 53.17
N GLY F 67 -20.98 18.04 53.18
CA GLY F 67 -20.32 16.82 52.78
C GLY F 67 -18.86 16.89 53.19
N ILE F 68 -18.02 16.18 52.45
CA ILE F 68 -16.58 16.21 52.69
C ILE F 68 -15.82 15.96 51.40
N ASN F 69 -14.74 16.72 51.22
CA ASN F 69 -13.67 16.31 50.32
C ASN F 69 -12.53 15.80 51.19
N PRO F 70 -12.25 14.49 51.20
CA PRO F 70 -11.50 13.90 52.31
C PRO F 70 -10.01 14.14 52.27
N ASN F 71 -9.51 15.08 51.46
CA ASN F 71 -8.06 15.27 51.35
C ASN F 71 -7.41 15.70 52.65
N ILE F 72 -8.05 16.58 53.42
CA ILE F 72 -7.60 16.87 54.78
C ILE F 72 -8.66 16.54 55.83
N GLY F 73 -9.95 16.61 55.49
CA GLY F 73 -11.02 16.07 56.31
C GLY F 73 -11.82 17.11 57.07
N ASP F 74 -11.32 18.34 57.17
CA ASP F 74 -12.03 19.36 57.93
C ASP F 74 -13.33 19.72 57.22
N THR F 75 -14.42 19.73 57.99
CA THR F 75 -15.74 20.06 57.47
C THR F 75 -16.52 20.88 58.49
N THR F 76 -17.38 21.75 57.98
CA THR F 76 -18.41 22.42 58.77
C THR F 76 -19.74 22.29 58.06
N TYR F 77 -20.77 21.94 58.83
CA TYR F 77 -22.11 21.75 58.29
C TYR F 77 -22.95 22.96 58.68
N ASN F 78 -24.26 22.86 58.46
CA ASN F 78 -25.19 23.81 59.04
C ASN F 78 -25.38 23.45 60.51
N GLN F 79 -26.06 24.33 61.26
CA GLN F 79 -26.05 24.30 62.72
C GLN F 79 -26.47 22.97 63.34
N LYS F 80 -27.54 22.36 62.82
CA LYS F 80 -28.12 21.20 63.50
C LYS F 80 -27.20 19.97 63.39
N PHE F 81 -26.39 19.92 62.33
CA PHE F 81 -25.49 18.79 62.10
C PHE F 81 -24.04 19.11 62.39
N LYS F 82 -23.77 20.05 63.29
CA LYS F 82 -22.42 20.60 63.41
C LYS F 82 -21.50 19.69 64.22
N GLY F 83 -21.77 19.54 65.52
CA GLY F 83 -20.74 19.01 66.41
C GLY F 83 -21.26 18.06 67.48
N LYS F 84 -22.45 17.52 67.29
CA LYS F 84 -23.05 16.66 68.30
C LYS F 84 -22.20 15.40 68.57
N ALA F 85 -21.68 14.80 67.51
CA ALA F 85 -20.88 13.58 67.62
C ALA F 85 -19.47 13.82 67.12
N THR F 86 -18.69 12.75 66.99
CA THR F 86 -17.31 12.82 66.51
C THR F 86 -17.28 12.50 65.02
N LEU F 87 -16.78 13.43 64.23
CA LEU F 87 -16.88 13.38 62.77
C LEU F 87 -15.71 12.58 62.21
N THR F 88 -16.01 11.61 61.34
CA THR F 88 -14.99 10.76 60.75
C THR F 88 -15.13 10.74 59.24
N VAL F 89 -14.18 10.07 58.58
CA VAL F 89 -14.16 9.90 57.12
C VAL F 89 -13.19 8.78 56.79
N ASP F 90 -13.37 8.15 55.63
CA ASP F 90 -12.44 7.14 55.14
C ASP F 90 -12.26 7.31 53.63
N THR F 91 -11.02 7.59 53.20
CA THR F 91 -10.70 7.72 51.79
C THR F 91 -10.45 6.39 51.11
N SER F 92 -10.31 5.31 51.88
CA SER F 92 -9.84 4.03 51.37
C SER F 92 -10.92 2.99 51.16
N SER F 93 -11.67 2.65 52.21
CA SER F 93 -12.68 1.60 52.14
C SER F 93 -13.98 2.09 51.52
N SER F 94 -13.96 3.25 50.86
CA SER F 94 -15.07 3.75 50.07
C SER F 94 -16.32 4.01 50.91
N THR F 95 -16.15 4.71 52.02
CA THR F 95 -17.26 5.12 52.87
C THR F 95 -17.00 6.51 53.43
N ALA F 96 -17.99 7.38 53.28
CA ALA F 96 -17.99 8.70 53.91
C ALA F 96 -18.90 8.66 55.11
N TYR F 97 -18.62 9.52 56.09
CA TYR F 97 -19.25 9.39 57.39
C TYR F 97 -19.90 10.71 57.79
N MET F 98 -21.20 10.66 58.08
CA MET F 98 -21.93 11.75 58.72
C MET F 98 -22.99 11.17 59.64
N GLU F 99 -22.97 11.58 60.90
CA GLU F 99 -23.69 10.95 61.99
C GLU F 99 -24.37 12.01 62.84
N LEU F 100 -25.23 11.60 63.77
CA LEU F 100 -25.73 12.47 64.82
C LEU F 100 -25.76 11.76 66.18
N ARG F 101 -25.55 12.53 67.24
CA ARG F 101 -25.85 12.14 68.61
C ARG F 101 -27.10 12.85 69.10
N SER F 102 -27.67 12.32 70.19
CA SER F 102 -28.89 12.84 70.78
C SER F 102 -30.01 12.90 69.74
N LEU F 103 -30.10 11.84 68.93
CA LEU F 103 -31.15 11.72 67.95
C LEU F 103 -32.51 11.65 68.64
N THR F 104 -33.43 12.51 68.21
CA THR F 104 -34.76 12.60 68.77
C THR F 104 -35.78 12.25 67.70
N SER F 105 -37.04 12.20 68.11
CA SER F 105 -38.13 11.96 67.19
C SER F 105 -38.32 13.09 66.18
N GLU F 106 -38.16 14.35 66.61
CA GLU F 106 -38.45 15.48 65.74
C GLU F 106 -37.45 15.58 64.59
N ASP F 107 -36.19 15.22 64.85
CA ASP F 107 -35.17 15.22 63.81
C ASP F 107 -34.87 13.82 63.34
N SER F 108 -35.73 12.87 63.67
CA SER F 108 -35.58 11.49 63.22
C SER F 108 -35.70 11.47 61.71
N ALA F 109 -34.57 11.35 61.02
CA ALA F 109 -34.53 11.56 59.59
C ALA F 109 -33.58 10.56 58.97
N VAL F 110 -33.67 10.45 57.65
CA VAL F 110 -32.88 9.48 56.89
C VAL F 110 -31.55 10.11 56.51
N TYR F 111 -30.48 9.35 56.69
CA TYR F 111 -29.13 9.78 56.31
C TYR F 111 -28.97 9.60 54.81
N TYR F 112 -29.18 10.68 54.07
CA TYR F 112 -28.96 10.70 52.63
C TYR F 112 -27.53 11.15 52.32
N CYS F 113 -26.94 10.51 51.32
CA CYS F 113 -25.63 10.89 50.81
C CYS F 113 -25.66 10.83 49.29
N ALA F 114 -24.88 11.71 48.66
CA ALA F 114 -24.89 11.82 47.21
C ALA F 114 -23.46 11.92 46.68
N ARG F 115 -23.25 11.34 45.50
CA ARG F 115 -21.98 11.43 44.81
C ARG F 115 -21.78 12.86 44.33
N GLU F 116 -20.53 13.23 44.08
CA GLU F 116 -20.29 14.57 43.58
C GLU F 116 -19.72 14.53 42.16
N VAL F 117 -19.83 15.67 41.49
CA VAL F 117 -19.24 15.88 40.17
C VAL F 117 -18.43 17.16 40.26
N TYR F 118 -17.33 17.21 39.51
CA TYR F 118 -16.52 18.42 39.52
C TYR F 118 -17.28 19.65 39.05
N ASN F 119 -18.47 19.46 38.47
CA ASN F 119 -19.37 20.55 38.14
C ASN F 119 -20.46 20.75 39.18
N TYR F 120 -21.13 19.68 39.60
CA TYR F 120 -22.29 19.78 40.49
C TYR F 120 -22.10 18.83 41.68
N SER F 121 -22.63 19.22 42.84
CA SER F 121 -22.30 18.57 44.11
C SER F 121 -23.12 17.34 44.41
N PHE F 122 -24.44 17.41 44.32
CA PHE F 122 -25.29 16.24 44.53
C PHE F 122 -25.69 15.75 43.15
N ALA F 123 -25.04 14.71 42.66
CA ALA F 123 -25.22 14.25 41.30
C ALA F 123 -26.19 13.08 41.17
N TYR F 124 -25.90 11.96 41.82
CA TYR F 124 -26.69 10.75 41.69
C TYR F 124 -27.15 10.28 43.07
N TRP F 125 -28.42 9.91 43.16
CA TRP F 125 -28.99 9.26 44.32
C TRP F 125 -29.10 7.76 44.07
N GLY F 126 -29.54 7.04 45.09
CA GLY F 126 -29.85 5.64 44.93
C GLY F 126 -31.35 5.42 44.92
N GLN F 127 -31.77 4.18 45.20
CA GLN F 127 -33.21 3.94 45.38
C GLN F 127 -33.76 4.72 46.57
N GLY F 128 -32.94 4.94 47.58
CA GLY F 128 -33.34 5.70 48.75
C GLY F 128 -34.08 4.86 49.77
N THR F 129 -34.22 5.43 50.98
CA THR F 129 -35.02 4.80 52.00
C THR F 129 -36.00 5.82 52.57
N LEU F 130 -37.29 5.59 52.32
CA LEU F 130 -38.35 6.42 52.86
C LEU F 130 -38.75 5.83 54.21
N VAL F 131 -38.10 6.31 55.27
CA VAL F 131 -38.18 5.68 56.58
C VAL F 131 -38.89 6.61 57.55
N THR F 132 -39.91 6.08 58.23
CA THR F 132 -40.60 6.77 59.31
C THR F 132 -40.08 6.20 60.62
N VAL F 133 -39.65 7.08 61.53
CA VAL F 133 -38.93 6.65 62.73
C VAL F 133 -39.66 7.06 63.99
N SER F 134 -39.80 6.13 64.92
CA SER F 134 -40.27 6.42 66.28
C SER F 134 -39.11 6.29 67.27
N ALA F 135 -39.30 6.92 68.44
CA ALA F 135 -38.27 6.93 69.48
C ALA F 135 -38.47 5.79 70.47
N ALA F 136 -38.61 4.58 69.92
CA ALA F 136 -38.65 3.33 70.69
C ALA F 136 -39.72 3.37 71.78
N SER F 137 -40.93 3.78 71.41
CA SER F 137 -42.06 3.69 72.32
C SER F 137 -42.48 2.24 72.48
N THR F 138 -43.11 1.92 73.60
CA THR F 138 -43.55 0.55 73.86
C THR F 138 -44.65 0.14 72.89
N THR F 139 -44.62 -1.13 72.48
CA THR F 139 -45.56 -1.65 71.49
C THR F 139 -46.95 -1.84 72.10
N LYS F 140 -47.99 -1.57 71.32
CA LYS F 140 -49.37 -1.80 71.71
C LYS F 140 -50.07 -2.62 70.62
N GLY F 141 -50.88 -3.58 71.04
CA GLY F 141 -51.55 -4.45 70.10
C GLY F 141 -52.57 -3.72 69.25
N PRO F 142 -52.72 -4.14 67.99
CA PRO F 142 -53.70 -3.49 67.11
C PRO F 142 -55.11 -4.06 67.28
N SER F 143 -56.04 -3.21 67.70
CA SER F 143 -57.41 -3.64 67.94
C SER F 143 -58.34 -2.99 66.92
N VAL F 144 -59.14 -3.80 66.25
CA VAL F 144 -60.04 -3.32 65.21
C VAL F 144 -61.20 -2.59 65.88
N PHE F 145 -61.41 -1.32 65.49
CA PHE F 145 -62.51 -0.51 65.99
C PHE F 145 -63.25 0.13 64.82
N PRO F 146 -64.19 -0.56 64.20
CA PRO F 146 -65.01 0.09 63.17
C PRO F 146 -66.21 0.78 63.77
N LEU F 147 -66.75 1.73 63.03
CA LEU F 147 -67.94 2.47 63.43
C LEU F 147 -68.98 2.38 62.31
N ALA F 148 -70.17 1.90 62.66
CA ALA F 148 -71.27 1.76 61.71
C ALA F 148 -72.51 2.37 62.32
N PRO F 149 -73.41 2.92 61.48
CA PRO F 149 -74.64 3.51 62.03
C PRO F 149 -75.57 2.45 62.63
N SER F 150 -76.45 2.87 63.53
CA SER F 150 -77.39 1.96 64.18
C SER F 150 -78.79 2.08 63.59
N SER F 151 -79.35 3.29 63.52
CA SER F 151 -80.65 3.50 62.91
C SER F 151 -80.47 3.82 61.43
N LYS F 152 -81.56 4.16 60.75
CA LYS F 152 -81.48 4.51 59.35
C LYS F 152 -80.78 5.86 59.18
N SER F 153 -80.10 6.00 58.04
CA SER F 153 -79.36 7.23 57.72
C SER F 153 -80.24 8.20 56.96
N THR F 154 -80.86 9.13 57.72
CA THR F 154 -81.73 10.15 57.16
C THR F 154 -80.98 11.41 56.74
N SER F 155 -79.65 11.36 56.64
CA SER F 155 -78.89 12.51 56.18
C SER F 155 -79.25 12.86 54.74
N GLY F 156 -79.34 11.86 53.88
CA GLY F 156 -79.78 12.09 52.50
C GLY F 156 -78.62 12.07 51.52
N GLY F 157 -78.76 11.25 50.49
CA GLY F 157 -77.81 11.19 49.39
C GLY F 157 -76.50 10.43 49.62
N THR F 158 -75.60 11.01 50.41
CA THR F 158 -74.28 10.42 50.61
C THR F 158 -73.72 10.75 51.99
N ALA F 159 -72.73 9.98 52.43
CA ALA F 159 -72.10 10.16 53.73
C ALA F 159 -70.59 10.04 53.60
N ALA F 160 -69.90 10.28 54.71
CA ALA F 160 -68.44 10.23 54.76
C ALA F 160 -67.99 9.54 56.04
N LEU F 161 -67.45 8.35 55.91
CA LEU F 161 -67.01 7.56 57.06
C LEU F 161 -65.76 6.79 56.71
N GLY F 162 -64.97 6.46 57.73
CA GLY F 162 -63.78 5.66 57.56
C GLY F 162 -63.63 4.71 58.73
N CYS F 163 -62.67 3.80 58.60
CA CYS F 163 -62.43 2.77 59.61
C CYS F 163 -61.14 3.11 60.35
N LEU F 164 -61.07 2.68 61.61
CA LEU F 164 -59.91 2.96 62.44
C LEU F 164 -58.89 1.84 62.32
N VAL F 165 -57.67 2.20 61.90
CA VAL F 165 -56.54 1.29 61.92
C VAL F 165 -55.63 1.76 63.04
N LYS F 166 -55.46 0.92 64.05
CA LYS F 166 -54.83 1.32 65.30
C LYS F 166 -53.48 0.63 65.48
N ASP F 167 -52.52 1.38 66.02
CA ASP F 167 -51.24 0.84 66.48
C ASP F 167 -50.47 0.16 65.34
N TYR F 168 -50.11 0.95 64.33
CA TYR F 168 -49.32 0.46 63.21
C TYR F 168 -48.02 1.23 63.11
N PHE F 169 -46.98 0.52 62.68
CA PHE F 169 -45.64 1.05 62.50
C PHE F 169 -44.81 0.10 61.66
N PRO F 170 -44.14 0.57 60.60
CA PRO F 170 -44.27 1.88 59.96
C PRO F 170 -45.16 1.85 58.72
N GLU F 171 -45.10 2.93 57.95
CA GLU F 171 -45.81 3.14 56.70
C GLU F 171 -45.51 2.02 55.72
N PRO F 172 -46.27 1.85 54.62
CA PRO F 172 -47.52 2.45 54.15
C PRO F 172 -48.71 1.49 54.17
N VAL F 173 -49.88 1.98 53.75
CA VAL F 173 -51.05 1.14 53.60
C VAL F 173 -51.76 1.49 52.30
N THR F 174 -52.47 0.51 51.71
CA THR F 174 -53.32 0.73 50.54
C THR F 174 -54.71 0.20 50.87
N VAL F 175 -55.73 1.03 50.66
CA VAL F 175 -57.09 0.72 51.11
C VAL F 175 -58.07 0.92 49.96
N SER F 176 -59.04 0.01 49.86
CA SER F 176 -60.23 0.17 49.02
C SER F 176 -61.45 -0.03 49.91
N TRP F 177 -62.60 0.46 49.44
CA TRP F 177 -63.78 0.59 50.30
C TRP F 177 -65.06 0.10 49.66
N ASN F 178 -65.79 -0.71 50.42
CA ASN F 178 -67.22 -0.97 50.22
C ASN F 178 -67.55 -1.46 48.80
N SER F 179 -66.86 -2.53 48.38
CA SER F 179 -67.23 -3.27 47.16
C SER F 179 -67.32 -2.36 45.94
N GLY F 180 -66.54 -1.29 45.94
CA GLY F 180 -66.56 -0.36 44.84
C GLY F 180 -67.91 0.27 44.56
N ALA F 181 -68.64 0.69 45.60
CA ALA F 181 -69.88 1.43 45.43
C ALA F 181 -69.67 2.75 44.71
N LEU F 182 -68.61 3.47 45.08
CA LEU F 182 -68.02 4.51 44.25
C LEU F 182 -66.54 4.16 44.18
N THR F 183 -65.95 4.30 42.99
CA THR F 183 -64.66 3.70 42.71
C THR F 183 -63.49 4.45 43.35
N SER F 184 -63.74 5.31 44.32
CA SER F 184 -62.70 5.94 45.10
C SER F 184 -62.58 5.25 46.45
N GLY F 185 -61.74 5.81 47.31
CA GLY F 185 -61.64 5.28 48.67
C GLY F 185 -60.25 4.88 49.10
N VAL F 186 -59.21 5.42 48.46
CA VAL F 186 -57.86 5.24 48.97
C VAL F 186 -57.47 6.49 49.76
N HIS F 187 -57.20 6.31 51.05
CA HIS F 187 -57.09 7.43 51.97
C HIS F 187 -56.20 7.08 53.15
N THR F 188 -55.05 7.76 53.22
CA THR F 188 -54.11 7.64 54.32
C THR F 188 -53.53 9.02 54.63
N PHE F 189 -54.17 9.71 55.56
CA PHE F 189 -53.93 11.12 55.83
C PHE F 189 -52.63 11.33 56.59
N PRO F 190 -52.07 12.54 56.54
CA PRO F 190 -50.91 12.85 57.37
C PRO F 190 -51.26 12.72 58.85
N ALA F 191 -50.48 11.93 59.56
CA ALA F 191 -50.74 11.65 60.97
C ALA F 191 -49.79 12.43 61.87
N VAL F 192 -50.21 12.61 63.13
CA VAL F 192 -49.39 13.27 64.14
C VAL F 192 -49.05 12.31 65.26
N LEU F 193 -48.04 12.64 66.06
CA LEU F 193 -47.56 11.77 67.14
C LEU F 193 -48.53 11.84 68.30
N GLN F 194 -49.31 10.77 68.49
CA GLN F 194 -50.18 10.68 69.65
C GLN F 194 -49.41 10.15 70.86
N SER F 195 -50.11 10.06 71.98
CA SER F 195 -49.47 9.62 73.22
C SER F 195 -49.20 8.12 73.26
N SER F 196 -49.89 7.34 72.43
CA SER F 196 -49.73 5.89 72.46
C SER F 196 -48.42 5.42 71.83
N GLY F 197 -47.66 6.31 71.21
CA GLY F 197 -46.41 5.90 70.59
C GLY F 197 -46.54 5.37 69.19
N LEU F 198 -47.78 5.20 68.70
CA LEU F 198 -48.05 4.79 67.34
C LEU F 198 -49.16 5.66 66.75
N TYR F 199 -49.05 5.97 65.47
CA TYR F 199 -49.94 6.94 64.83
C TYR F 199 -51.32 6.33 64.61
N SER F 200 -52.28 7.18 64.23
CA SER F 200 -53.68 6.77 64.08
C SER F 200 -54.09 6.99 62.62
N LEU F 201 -54.84 6.03 62.08
CA LEU F 201 -55.26 6.06 60.69
C LEU F 201 -56.78 6.17 60.56
N SER F 202 -57.23 6.86 59.51
CA SER F 202 -58.63 6.96 59.16
C SER F 202 -58.77 7.14 57.65
N SER F 203 -59.99 6.98 57.14
CA SER F 203 -60.28 7.06 55.71
C SER F 203 -61.62 7.75 55.50
N VAL F 204 -62.06 7.79 54.24
CA VAL F 204 -63.36 8.36 53.88
C VAL F 204 -63.94 7.54 52.74
N VAL F 205 -65.28 7.37 52.76
CA VAL F 205 -65.99 6.64 51.73
C VAL F 205 -67.42 7.18 51.63
N THR F 206 -67.97 7.12 50.43
CA THR F 206 -69.35 7.48 50.17
C THR F 206 -70.13 6.23 49.76
N VAL F 207 -71.22 5.95 50.46
CA VAL F 207 -72.05 4.78 50.19
C VAL F 207 -73.52 5.16 50.33
N PRO F 208 -74.38 4.78 49.38
CA PRO F 208 -75.82 5.07 49.52
C PRO F 208 -76.42 4.43 50.76
N SER F 209 -77.36 5.13 51.40
CA SER F 209 -77.92 4.68 52.67
C SER F 209 -79.07 3.70 52.50
N SER F 210 -79.58 3.52 51.28
CA SER F 210 -80.71 2.62 51.06
C SER F 210 -80.27 1.17 50.85
N SER F 211 -79.11 0.79 51.36
CA SER F 211 -78.57 -0.55 51.14
C SER F 211 -78.57 -1.37 52.43
N LEU F 212 -79.61 -1.22 53.25
CA LEU F 212 -79.71 -1.96 54.51
C LEU F 212 -80.00 -3.42 54.19
N GLY F 213 -78.91 -4.18 53.99
CA GLY F 213 -79.02 -5.58 53.66
C GLY F 213 -78.22 -5.98 52.44
N THR F 214 -78.11 -5.08 51.46
CA THR F 214 -77.37 -5.36 50.24
C THR F 214 -75.90 -4.96 50.32
N GLN F 215 -75.55 -3.98 51.16
CA GLN F 215 -74.18 -3.53 51.29
C GLN F 215 -73.82 -3.37 52.76
N THR F 216 -72.58 -3.72 53.09
CA THR F 216 -72.08 -3.67 54.46
C THR F 216 -70.78 -2.88 54.50
N TYR F 217 -70.39 -2.44 55.70
CA TYR F 217 -69.16 -1.70 55.92
C TYR F 217 -68.10 -2.68 56.41
N ILE F 218 -67.11 -2.97 55.56
CA ILE F 218 -66.01 -3.86 55.92
C ILE F 218 -64.70 -3.15 55.67
N CYS F 219 -63.82 -3.15 56.67
CA CYS F 219 -62.52 -2.53 56.61
C CYS F 219 -61.44 -3.60 56.58
N ASN F 220 -60.53 -3.50 55.61
CA ASN F 220 -59.39 -4.40 55.48
C ASN F 220 -58.16 -3.72 56.05
N VAL F 221 -57.72 -4.17 57.22
CA VAL F 221 -56.47 -3.68 57.79
C VAL F 221 -55.32 -4.23 56.96
N ASN F 222 -54.68 -3.35 56.19
CA ASN F 222 -53.65 -3.77 55.26
C ASN F 222 -52.33 -3.13 55.67
N HIS F 223 -52.04 -3.15 56.96
CA HIS F 223 -50.72 -2.74 57.45
C HIS F 223 -49.72 -3.86 57.22
N LYS F 224 -48.86 -3.70 56.22
CA LYS F 224 -47.89 -4.72 55.82
C LYS F 224 -46.92 -5.07 56.95
N PRO F 225 -46.29 -4.09 57.65
CA PRO F 225 -45.30 -4.44 58.68
C PRO F 225 -45.81 -5.34 59.80
N SER F 226 -47.02 -5.10 60.30
CA SER F 226 -47.51 -5.84 61.45
C SER F 226 -48.19 -7.15 61.09
N ASN F 227 -48.46 -7.39 59.80
CA ASN F 227 -49.09 -8.63 59.34
C ASN F 227 -50.41 -8.90 60.08
N THR F 228 -51.28 -7.90 60.05
CA THR F 228 -52.61 -7.96 60.65
C THR F 228 -53.63 -7.94 59.53
N LYS F 229 -54.50 -8.95 59.49
CA LYS F 229 -55.53 -9.06 58.45
C LYS F 229 -56.77 -9.67 59.08
N VAL F 230 -57.73 -8.81 59.43
CA VAL F 230 -59.00 -9.24 60.02
C VAL F 230 -60.12 -8.44 59.37
N ASP F 231 -61.13 -9.14 58.87
CA ASP F 231 -62.33 -8.53 58.33
C ASP F 231 -63.51 -8.78 59.26
N LYS F 232 -64.64 -8.13 58.96
CA LYS F 232 -65.82 -8.24 59.79
C LYS F 232 -67.04 -7.87 58.97
N LYS F 233 -68.06 -8.73 59.00
CA LYS F 233 -69.33 -8.44 58.35
C LYS F 233 -70.31 -7.85 59.36
N ALA F 234 -70.79 -6.65 59.06
CA ALA F 234 -71.69 -5.90 59.93
C ALA F 234 -73.11 -6.39 59.68
N GLU F 235 -73.42 -7.58 60.21
CA GLU F 235 -74.74 -8.19 60.10
C GLU F 235 -75.18 -8.35 58.65
N ASP G 21 -25.37 36.80 51.06
CA ASP G 21 -26.60 36.05 50.81
C ASP G 21 -27.37 35.80 52.11
N ILE G 22 -28.62 35.41 51.96
CA ILE G 22 -29.50 35.06 53.08
C ILE G 22 -30.15 33.73 52.72
N VAL G 23 -30.26 32.83 53.70
CA VAL G 23 -30.90 31.53 53.48
C VAL G 23 -32.35 31.77 53.12
N MET G 24 -32.76 31.22 51.99
CA MET G 24 -34.08 31.53 51.44
C MET G 24 -35.13 30.66 52.10
N SER G 25 -36.20 31.29 52.57
CA SER G 25 -37.34 30.64 53.19
C SER G 25 -38.52 31.56 52.89
N GLN G 26 -39.31 31.18 51.90
CA GLN G 26 -40.24 32.11 51.26
C GLN G 26 -41.32 32.58 52.24
N SER G 27 -41.64 33.87 52.15
CA SER G 27 -42.68 34.54 52.93
C SER G 27 -42.99 35.85 52.22
N PRO G 28 -44.28 36.16 52.00
CA PRO G 28 -45.46 35.40 52.43
C PRO G 28 -45.70 34.13 51.62
N SER G 29 -46.66 33.33 52.07
CA SER G 29 -46.80 31.97 51.55
C SER G 29 -47.25 31.96 50.09
N SER G 30 -48.26 32.76 49.76
CA SER G 30 -48.98 32.59 48.50
C SER G 30 -48.40 33.48 47.41
N LEU G 31 -48.05 32.83 46.29
CA LEU G 31 -47.78 33.53 45.04
C LEU G 31 -48.29 32.61 43.93
N ALA G 32 -49.46 32.93 43.39
CA ALA G 32 -50.28 32.00 42.63
C ALA G 32 -49.50 31.40 41.45
N VAL G 33 -49.66 30.08 41.29
CA VAL G 33 -49.06 29.37 40.17
C VAL G 33 -50.14 28.48 39.57
N SER G 34 -50.06 28.25 38.27
CA SER G 34 -51.10 27.53 37.54
C SER G 34 -50.57 26.24 36.93
N VAL G 35 -51.45 25.25 36.84
CA VAL G 35 -51.11 23.96 36.25
C VAL G 35 -51.39 23.97 34.75
N GLY G 36 -50.39 23.57 33.98
CA GLY G 36 -50.52 23.48 32.53
C GLY G 36 -50.20 24.76 31.79
N GLU G 37 -50.17 25.90 32.47
CA GLU G 37 -49.78 27.16 31.86
C GLU G 37 -48.26 27.27 31.93
N LYS G 38 -47.72 28.46 31.71
CA LYS G 38 -46.28 28.67 31.90
C LYS G 38 -46.05 28.67 33.40
N VAL G 39 -45.87 27.47 33.95
CA VAL G 39 -45.74 27.27 35.40
C VAL G 39 -44.52 28.01 35.90
N THR G 40 -44.66 28.62 37.07
CA THR G 40 -43.61 29.47 37.63
C THR G 40 -43.31 29.02 39.06
N MET G 41 -42.16 28.39 39.25
CA MET G 41 -41.65 28.12 40.59
C MET G 41 -40.75 29.26 41.01
N SER G 42 -41.33 30.20 41.76
CA SER G 42 -40.73 31.51 41.96
C SER G 42 -39.82 31.52 43.18
N CYS G 43 -38.52 31.66 42.95
CA CYS G 43 -37.54 31.94 43.99
C CYS G 43 -36.42 32.76 43.37
N LYS G 44 -36.13 33.92 43.95
CA LYS G 44 -35.14 34.85 43.42
C LYS G 44 -33.84 34.73 44.18
N SER G 45 -32.74 35.06 43.52
CA SER G 45 -31.41 35.06 44.13
C SER G 45 -31.01 36.49 44.46
N SER G 46 -30.36 36.64 45.62
CA SER G 46 -29.92 37.95 46.06
C SER G 46 -28.77 38.50 45.24
N GLN G 47 -28.19 37.71 44.35
CA GLN G 47 -27.03 38.15 43.57
C GLN G 47 -27.41 38.19 42.09
N SER G 48 -26.71 39.06 41.36
CA SER G 48 -26.86 39.11 39.91
C SER G 48 -25.95 38.07 39.27
N LEU G 49 -25.84 38.12 37.94
CA LEU G 49 -24.92 37.24 37.22
C LEU G 49 -23.48 37.72 37.31
N LEU G 50 -23.19 38.66 38.20
CA LEU G 50 -21.86 39.22 38.35
C LEU G 50 -20.96 38.19 39.02
N TYR G 51 -20.58 37.17 38.26
CA TYR G 51 -19.56 36.24 38.72
C TYR G 51 -18.20 36.86 38.42
N SER G 52 -17.38 37.01 39.45
CA SER G 52 -16.22 37.89 39.38
C SER G 52 -15.28 37.50 38.24
N SER G 53 -14.88 36.24 38.19
CA SER G 53 -13.95 35.82 37.15
C SER G 53 -14.59 34.75 36.25
N ASN G 54 -14.60 35.05 34.95
CA ASN G 54 -14.99 34.10 33.90
C ASN G 54 -16.50 33.84 33.86
N GLN G 55 -17.26 34.50 34.73
CA GLN G 55 -18.71 34.59 34.57
C GLN G 55 -19.41 33.24 34.49
N LYS G 56 -19.38 32.47 35.58
CA LYS G 56 -20.05 31.19 35.64
C LYS G 56 -21.16 31.24 36.69
N ASN G 57 -22.33 30.71 36.34
CA ASN G 57 -23.48 30.68 37.24
C ASN G 57 -23.69 29.27 37.80
N TYR G 58 -24.36 29.20 38.94
CA TYR G 58 -24.48 27.97 39.72
C TYR G 58 -25.92 27.82 40.19
N LEU G 59 -26.74 27.16 39.38
CA LEU G 59 -28.17 26.98 39.66
C LEU G 59 -28.55 25.52 39.55
N ALA G 60 -29.44 25.06 40.43
CA ALA G 60 -29.91 23.69 40.42
C ALA G 60 -31.44 23.65 40.50
N TRP G 61 -31.98 22.44 40.34
CA TRP G 61 -33.39 22.16 40.54
C TRP G 61 -33.56 20.74 41.06
N TYR G 62 -34.00 20.63 42.31
CA TYR G 62 -34.43 19.38 42.91
C TYR G 62 -35.91 19.48 43.28
N GLN G 63 -36.73 18.65 42.64
CA GLN G 63 -38.17 18.67 42.84
C GLN G 63 -38.61 17.31 43.35
N GLN G 64 -39.32 17.31 44.48
CA GLN G 64 -39.68 16.09 45.20
C GLN G 64 -41.10 15.67 44.86
N LYS G 65 -41.23 14.53 44.20
CA LYS G 65 -42.53 13.91 43.98
C LYS G 65 -42.75 12.83 45.03
N LEU G 66 -43.80 12.01 44.85
CA LEU G 66 -44.14 10.97 45.82
C LEU G 66 -43.00 9.96 45.90
N GLY G 67 -42.27 9.99 47.01
CA GLY G 67 -41.26 8.98 47.30
C GLY G 67 -39.92 9.21 46.64
N GLN G 68 -39.94 9.58 45.36
CA GLN G 68 -38.72 9.69 44.58
C GLN G 68 -37.87 10.86 45.04
N THR G 69 -36.59 10.59 45.28
CA THR G 69 -35.64 11.64 45.61
C THR G 69 -35.21 12.34 44.33
N PRO G 70 -35.31 13.67 44.26
CA PRO G 70 -34.97 14.36 43.02
C PRO G 70 -33.50 14.21 42.68
N LYS G 71 -33.23 14.23 41.38
CA LYS G 71 -31.89 14.07 40.83
C LYS G 71 -31.44 15.41 40.26
N LEU G 72 -30.36 15.40 39.50
CA LEU G 72 -29.95 16.55 38.72
C LEU G 72 -31.01 16.85 37.66
N LEU G 73 -31.49 18.09 37.63
CA LEU G 73 -32.37 18.57 36.57
C LEU G 73 -31.75 19.73 35.81
N ILE G 74 -31.23 20.73 36.51
CA ILE G 74 -30.66 21.93 35.90
C ILE G 74 -29.30 22.19 36.54
N TYR G 75 -28.29 22.49 35.71
CA TYR G 75 -27.00 22.92 36.22
C TYR G 75 -26.50 24.13 35.46
N TRP G 76 -26.00 25.10 36.23
CA TRP G 76 -25.42 26.35 35.73
C TRP G 76 -26.41 27.19 34.93
N ALA G 77 -27.71 26.90 35.08
CA ALA G 77 -28.80 27.78 34.66
C ALA G 77 -28.97 27.91 33.14
N SER G 78 -28.10 27.30 32.36
CA SER G 78 -28.23 27.41 30.91
C SER G 78 -28.21 26.08 30.19
N SER G 79 -27.52 25.07 30.73
CA SER G 79 -27.29 23.83 30.03
C SER G 79 -27.71 22.62 30.86
N ARG G 80 -28.38 21.68 30.19
CA ARG G 80 -28.65 20.36 30.76
C ARG G 80 -27.95 19.30 29.92
N GLU G 81 -27.75 18.13 30.53
CA GLU G 81 -27.05 17.06 29.84
C GLU G 81 -27.94 16.45 28.75
N SER G 82 -27.31 15.63 27.90
CA SER G 82 -28.02 14.95 26.82
C SER G 82 -28.88 13.82 27.39
N GLY G 83 -30.19 13.92 27.20
CA GLY G 83 -31.11 12.95 27.75
C GLY G 83 -32.01 13.57 28.79
N VAL G 84 -31.65 14.74 29.27
CA VAL G 84 -32.45 15.52 30.20
C VAL G 84 -33.70 15.98 29.46
N PRO G 85 -34.90 15.76 30.01
CA PRO G 85 -36.11 16.09 29.26
C PRO G 85 -36.21 17.58 28.97
N ASP G 86 -36.81 17.90 27.83
CA ASP G 86 -36.98 19.27 27.40
C ASP G 86 -38.14 19.99 28.08
N ARG G 87 -38.68 19.43 29.16
CA ARG G 87 -39.76 20.11 29.87
C ARG G 87 -39.32 21.47 30.37
N PHE G 88 -38.04 21.60 30.73
CA PHE G 88 -37.48 22.88 31.17
C PHE G 88 -37.41 23.85 30.00
N THR G 89 -37.97 25.04 30.19
CA THR G 89 -37.90 26.07 29.17
C THR G 89 -37.13 27.25 29.72
N GLY G 90 -36.03 27.61 29.05
CA GLY G 90 -35.16 28.66 29.56
C GLY G 90 -35.82 30.03 29.54
N SER G 91 -35.76 30.68 30.69
CA SER G 91 -36.30 32.03 30.86
C SER G 91 -35.76 32.61 32.15
N GLY G 92 -35.45 33.90 32.12
CA GLY G 92 -34.98 34.61 33.28
C GLY G 92 -33.49 34.42 33.54
N SER G 93 -32.85 35.50 33.95
CA SER G 93 -31.45 35.49 34.36
C SER G 93 -31.20 36.69 35.26
N GLY G 94 -30.09 36.67 35.97
CA GLY G 94 -29.77 37.73 36.90
C GLY G 94 -30.16 37.41 38.33
N THR G 95 -30.97 38.26 38.95
CA THR G 95 -31.40 38.06 40.32
C THR G 95 -32.62 37.17 40.41
N ASP G 96 -33.17 36.73 39.28
CA ASP G 96 -34.40 35.95 39.26
C ASP G 96 -34.16 34.60 38.62
N PHE G 97 -34.95 33.62 39.04
CA PHE G 97 -34.98 32.29 38.44
C PHE G 97 -36.41 31.79 38.44
N THR G 98 -36.81 31.19 37.32
CA THR G 98 -38.16 30.66 37.18
C THR G 98 -38.11 29.54 36.15
N LEU G 99 -38.65 28.39 36.51
CA LEU G 99 -38.65 27.22 35.63
C LEU G 99 -40.09 26.93 35.22
N THR G 100 -40.28 26.60 33.94
CA THR G 100 -41.59 26.28 33.42
C THR G 100 -41.62 24.83 32.98
N ILE G 101 -42.66 24.12 33.40
CA ILE G 101 -42.87 22.74 32.99
C ILE G 101 -43.64 22.74 31.69
N SER G 102 -43.19 21.93 30.73
CA SER G 102 -43.81 21.85 29.41
C SER G 102 -44.90 20.78 29.46
N SER G 103 -46.14 21.20 29.19
CA SER G 103 -47.28 20.28 29.14
C SER G 103 -47.48 19.53 30.46
N VAL G 104 -47.82 20.26 31.52
CA VAL G 104 -48.02 19.64 32.82
C VAL G 104 -49.08 18.54 32.73
N ARG G 105 -48.70 17.34 33.16
CA ARG G 105 -49.57 16.17 33.15
C ARG G 105 -49.65 15.59 34.55
N ALA G 106 -50.30 14.44 34.68
CA ALA G 106 -50.38 13.74 35.95
C ALA G 106 -49.00 13.43 36.51
N GLU G 107 -48.02 13.19 35.63
CA GLU G 107 -46.65 13.04 36.08
C GLU G 107 -46.11 14.36 36.64
N ASP G 108 -46.69 15.49 36.21
CA ASP G 108 -46.15 16.80 36.56
C ASP G 108 -46.92 17.47 37.70
N LEU G 109 -47.82 16.74 38.34
CA LEU G 109 -48.53 17.27 39.50
C LEU G 109 -47.90 16.72 40.78
N ALA G 110 -47.11 17.55 41.47
CA ALA G 110 -46.39 17.14 42.66
C ALA G 110 -45.91 18.40 43.39
N VAL G 111 -45.12 18.17 44.43
CA VAL G 111 -44.57 19.25 45.24
C VAL G 111 -43.29 19.75 44.60
N TYR G 112 -43.10 21.07 44.62
CA TYR G 112 -42.04 21.71 43.85
C TYR G 112 -41.05 22.35 44.81
N TYR G 113 -39.77 22.40 44.40
CA TYR G 113 -38.71 23.02 45.18
C TYR G 113 -37.63 23.55 44.24
N CYS G 114 -36.83 24.50 44.74
CA CYS G 114 -35.75 25.10 43.96
C CYS G 114 -34.49 25.23 44.82
N GLN G 115 -33.32 25.27 44.17
CA GLN G 115 -32.05 25.31 44.88
C GLN G 115 -30.96 25.95 44.04
N GLN G 116 -30.06 26.68 44.70
CA GLN G 116 -28.84 27.20 44.10
C GLN G 116 -27.63 26.81 44.93
N TYR G 117 -26.47 26.73 44.26
CA TYR G 117 -25.23 26.32 44.90
C TYR G 117 -24.13 27.35 44.63
N TYR G 118 -24.45 28.63 44.83
CA TYR G 118 -23.49 29.67 44.51
C TYR G 118 -22.63 30.11 45.69
N ARG G 119 -23.21 30.34 46.86
CA ARG G 119 -22.43 30.84 47.98
C ARG G 119 -23.01 30.37 49.30
N TYR G 120 -22.28 30.67 50.37
CA TYR G 120 -22.47 30.35 51.77
C TYR G 120 -23.68 31.12 52.31
N PRO G 121 -24.50 30.53 53.18
CA PRO G 121 -24.52 29.09 53.44
C PRO G 121 -25.38 28.37 52.41
N LEU G 122 -25.04 27.12 52.09
CA LEU G 122 -25.87 26.34 51.18
C LEU G 122 -27.12 25.85 51.90
N THR G 123 -28.25 25.93 51.20
CA THR G 123 -29.53 25.60 51.80
C THR G 123 -30.48 25.09 50.74
N PHE G 124 -31.51 24.39 51.19
CA PHE G 124 -32.66 24.08 50.35
C PHE G 124 -33.85 24.86 50.87
N GLY G 125 -34.55 25.54 49.96
CA GLY G 125 -35.68 26.35 50.35
C GLY G 125 -36.91 25.55 50.71
N VAL G 126 -37.97 26.27 51.05
CA VAL G 126 -39.25 25.65 51.34
C VAL G 126 -39.93 25.06 50.12
N GLY G 127 -39.72 25.63 48.94
CA GLY G 127 -40.36 25.11 47.74
C GLY G 127 -41.81 25.56 47.63
N THR G 128 -42.48 25.02 46.62
CA THR G 128 -43.90 25.32 46.37
C THR G 128 -44.68 24.01 46.35
N LYS G 129 -45.71 23.94 47.18
CA LYS G 129 -46.61 22.80 47.20
C LYS G 129 -47.79 23.10 46.28
N LEU G 130 -48.02 22.23 45.31
CA LEU G 130 -48.92 22.51 44.19
C LEU G 130 -50.37 22.40 44.62
N GLU G 131 -51.19 23.35 44.17
CA GLU G 131 -52.63 23.25 44.20
C GLU G 131 -53.21 23.53 42.81
N LEU G 132 -54.34 22.92 42.51
CA LEU G 132 -54.92 22.93 41.18
C LEU G 132 -56.23 23.71 41.17
N LYS G 133 -56.64 24.12 39.98
CA LYS G 133 -57.79 24.99 39.78
C LYS G 133 -59.09 24.23 40.06
N ARG G 134 -59.87 24.73 41.02
CA ARG G 134 -61.25 24.31 41.26
C ARG G 134 -61.83 25.19 42.36
N THR G 135 -63.13 25.44 42.30
CA THR G 135 -63.78 26.39 43.19
C THR G 135 -63.94 25.83 44.61
N VAL G 136 -64.00 26.73 45.58
CA VAL G 136 -64.15 26.33 46.97
C VAL G 136 -65.53 25.73 47.18
N ALA G 137 -65.60 24.68 48.01
CA ALA G 137 -66.84 23.98 48.25
C ALA G 137 -67.09 23.88 49.75
N ALA G 138 -68.17 23.18 50.11
CA ALA G 138 -68.65 23.00 51.48
C ALA G 138 -68.20 21.65 52.04
N PRO G 139 -67.96 21.55 53.34
CA PRO G 139 -67.60 20.26 53.94
C PRO G 139 -68.76 19.28 53.95
N SER G 140 -68.43 17.99 53.84
CA SER G 140 -69.44 16.93 53.91
C SER G 140 -69.65 16.53 55.38
N VAL G 141 -70.38 17.39 56.10
CA VAL G 141 -70.62 17.15 57.51
C VAL G 141 -71.81 16.22 57.68
N PHE G 142 -71.60 15.13 58.41
CA PHE G 142 -72.65 14.17 58.73
C PHE G 142 -72.40 13.62 60.13
N ILE G 143 -73.46 13.08 60.73
CA ILE G 143 -73.40 12.57 62.09
C ILE G 143 -73.49 11.04 62.04
N PHE G 144 -72.61 10.37 62.80
CA PHE G 144 -72.54 8.93 62.80
C PHE G 144 -72.48 8.44 64.25
N PRO G 145 -73.41 7.59 64.67
CA PRO G 145 -73.36 7.06 66.04
C PRO G 145 -72.18 6.12 66.23
N PRO G 146 -71.61 6.07 67.43
CA PRO G 146 -70.51 5.14 67.70
C PRO G 146 -71.03 3.72 67.89
N SER G 147 -70.29 2.75 67.38
CA SER G 147 -70.66 1.35 67.52
C SER G 147 -70.48 0.89 68.96
N ASP G 148 -71.26 -0.11 69.38
CA ASP G 148 -71.14 -0.65 70.73
C ASP G 148 -69.80 -1.30 71.00
N GLU G 149 -69.16 -1.88 69.97
CA GLU G 149 -67.87 -2.53 70.17
C GLU G 149 -66.77 -1.54 70.52
N GLN G 150 -66.72 -0.39 69.84
CA GLN G 150 -65.65 0.57 70.06
C GLN G 150 -65.76 1.22 71.43
N LEU G 151 -66.97 1.44 71.93
CA LEU G 151 -67.15 2.08 73.23
C LEU G 151 -66.61 1.20 74.36
N LYS G 152 -66.48 -0.11 74.10
CA LYS G 152 -65.96 -1.02 75.12
C LYS G 152 -64.49 -0.76 75.42
N SER G 153 -63.77 -0.13 74.50
CA SER G 153 -62.34 0.13 74.66
C SER G 153 -62.02 1.14 75.75
N GLY G 154 -63.02 1.85 76.27
CA GLY G 154 -62.81 2.85 77.31
C GLY G 154 -62.77 4.28 76.82
N THR G 155 -63.02 4.52 75.54
CA THR G 155 -63.05 5.86 74.95
C THR G 155 -64.25 5.97 74.02
N ALA G 156 -64.83 7.17 73.96
CA ALA G 156 -65.96 7.43 73.08
C ALA G 156 -65.43 8.13 71.84
N SER G 157 -65.62 7.51 70.68
CA SER G 157 -65.08 8.02 69.42
C SER G 157 -66.24 8.35 68.48
N VAL G 158 -66.52 9.65 68.34
CA VAL G 158 -67.52 10.12 67.39
C VAL G 158 -66.80 10.77 66.22
N VAL G 159 -67.17 10.37 65.00
CA VAL G 159 -66.48 10.82 63.80
C VAL G 159 -67.21 12.02 63.22
N CYS G 160 -66.47 13.12 63.09
CA CYS G 160 -66.96 14.32 62.41
C CYS G 160 -65.95 14.68 61.34
N LEU G 161 -66.35 14.52 60.08
CA LEU G 161 -65.42 14.51 58.97
C LEU G 161 -65.87 15.47 57.87
N LEU G 162 -64.89 16.04 57.16
CA LEU G 162 -65.13 17.13 56.23
C LEU G 162 -64.60 16.76 54.86
N ASN G 163 -65.28 17.19 53.80
CA ASN G 163 -64.90 16.90 52.42
C ASN G 163 -65.02 18.15 51.56
N ASN G 164 -64.19 18.24 50.52
CA ASN G 164 -64.28 19.29 49.51
C ASN G 164 -64.13 20.68 50.14
N PHE G 165 -62.95 20.94 50.67
CA PHE G 165 -62.66 22.27 51.20
C PHE G 165 -61.24 22.67 50.83
N TYR G 166 -60.95 23.96 51.05
CA TYR G 166 -59.81 24.69 50.50
C TYR G 166 -59.70 25.97 51.32
N PRO G 167 -58.53 26.65 51.36
CA PRO G 167 -57.15 26.51 50.87
C PRO G 167 -56.11 25.87 51.79
N ARG G 168 -54.84 26.16 51.48
CA ARG G 168 -53.71 25.70 52.26
C ARG G 168 -53.72 26.20 53.70
N GLU G 169 -53.99 27.48 53.93
CA GLU G 169 -54.01 28.05 55.28
C GLU G 169 -55.44 28.28 55.71
N ALA G 170 -56.00 27.32 56.44
CA ALA G 170 -57.38 27.35 56.89
C ALA G 170 -57.46 27.28 58.41
N LYS G 171 -58.67 27.11 58.94
CA LYS G 171 -58.92 27.06 60.37
C LYS G 171 -60.19 26.24 60.60
N VAL G 172 -60.25 25.58 61.76
CA VAL G 172 -61.41 24.80 62.17
C VAL G 172 -61.82 25.24 63.57
N GLN G 173 -63.11 25.48 63.77
CA GLN G 173 -63.65 26.01 65.03
C GLN G 173 -64.26 24.87 65.83
N TRP G 174 -63.88 24.77 67.10
CA TRP G 174 -64.37 23.72 68.00
C TRP G 174 -64.95 24.38 69.25
N LYS G 175 -66.21 24.07 69.55
CA LYS G 175 -66.88 24.55 70.75
C LYS G 175 -67.41 23.37 71.56
N VAL G 176 -67.15 23.38 72.87
CA VAL G 176 -67.49 22.27 73.75
C VAL G 176 -68.31 22.82 74.92
N ASP G 177 -69.56 22.34 75.06
CA ASP G 177 -70.39 22.57 76.23
C ASP G 177 -70.55 24.06 76.55
N ASN G 178 -70.82 24.87 75.54
CA ASN G 178 -71.08 26.30 75.68
C ASN G 178 -69.91 27.08 76.29
N ALA G 179 -68.74 26.44 76.39
CA ALA G 179 -67.53 27.10 76.88
C ALA G 179 -66.45 27.00 75.82
N LEU G 180 -65.87 28.14 75.47
CA LEU G 180 -64.87 28.19 74.40
C LEU G 180 -63.57 27.58 74.90
N GLN G 181 -63.33 26.32 74.53
CA GLN G 181 -62.10 25.60 74.88
C GLN G 181 -61.44 25.11 73.61
N SER G 182 -60.17 25.44 73.44
CA SER G 182 -59.40 25.07 72.25
C SER G 182 -58.16 24.31 72.66
N GLY G 183 -57.55 23.63 71.69
CA GLY G 183 -56.37 22.84 71.95
C GLY G 183 -56.67 21.43 72.41
N ASN G 184 -57.90 20.96 72.22
CA ASN G 184 -58.28 19.61 72.63
C ASN G 184 -58.82 18.79 71.46
N SER G 185 -58.62 19.24 70.23
CA SER G 185 -59.10 18.55 69.05
C SER G 185 -57.94 18.39 68.06
N GLN G 186 -58.05 17.35 67.21
CA GLN G 186 -57.00 17.04 66.25
C GLN G 186 -57.49 17.31 64.83
N GLU G 187 -56.67 18.01 64.06
CA GLU G 187 -57.01 18.41 62.70
C GLU G 187 -55.79 18.29 61.80
N SER G 188 -56.01 17.74 60.61
CA SER G 188 -54.95 17.58 59.62
C SER G 188 -55.59 17.42 58.25
N VAL G 189 -55.05 18.15 57.27
CA VAL G 189 -55.62 18.18 55.93
C VAL G 189 -55.10 16.98 55.14
N THR G 190 -55.84 16.59 54.10
CA THR G 190 -55.50 15.48 53.22
C THR G 190 -54.72 16.00 52.02
N GLU G 191 -53.85 15.14 51.48
CA GLU G 191 -52.98 15.48 50.37
C GLU G 191 -53.79 15.72 49.10
N GLN G 192 -53.08 16.02 48.02
CA GLN G 192 -53.69 16.11 46.70
C GLN G 192 -54.46 14.82 46.41
N ASP G 193 -55.75 14.97 46.11
CA ASP G 193 -56.65 13.84 46.01
C ASP G 193 -56.33 12.99 44.78
N SER G 194 -56.75 11.73 44.82
CA SER G 194 -56.52 10.83 43.70
C SER G 194 -57.76 10.69 42.83
N LYS G 195 -58.90 10.33 43.42
CA LYS G 195 -60.08 10.04 42.63
C LYS G 195 -61.27 10.96 42.86
N ASP G 196 -61.76 11.07 44.09
CA ASP G 196 -63.08 11.70 44.18
C ASP G 196 -63.04 13.22 44.31
N SER G 197 -61.98 13.92 43.93
CA SER G 197 -61.94 15.38 43.89
C SER G 197 -62.32 15.98 45.24
N THR G 198 -61.70 15.45 46.28
CA THR G 198 -62.05 15.82 47.65
C THR G 198 -60.80 15.91 48.52
N TYR G 199 -60.76 16.95 49.36
CA TYR G 199 -59.82 17.08 50.46
C TYR G 199 -60.54 16.67 51.75
N SER G 200 -59.79 16.28 52.77
CA SER G 200 -60.41 15.78 53.99
C SER G 200 -59.58 16.07 55.23
N LEU G 201 -60.23 16.12 56.39
CA LEU G 201 -59.58 16.33 57.67
C LEU G 201 -59.98 15.23 58.63
N SER G 202 -58.99 14.64 59.31
CA SER G 202 -59.21 13.50 60.20
C SER G 202 -59.23 14.01 61.63
N SER G 203 -60.36 13.82 62.30
CA SER G 203 -60.54 14.24 63.69
C SER G 203 -60.98 13.05 64.54
N THR G 204 -60.07 12.56 65.39
CA THR G 204 -60.39 11.54 66.38
C THR G 204 -60.44 12.20 67.75
N LEU G 205 -61.61 12.21 68.35
CA LEU G 205 -61.84 12.96 69.59
C LEU G 205 -61.08 12.30 70.74
N THR G 206 -60.38 13.12 71.52
CA THR G 206 -59.52 12.65 72.60
C THR G 206 -60.12 13.07 73.94
N LEU G 207 -60.88 12.17 74.55
CA LEU G 207 -61.42 12.36 75.90
C LEU G 207 -61.48 11.02 76.63
N SER G 208 -61.82 11.09 77.91
CA SER G 208 -61.94 9.91 78.75
C SER G 208 -63.40 9.49 78.85
N LYS G 209 -63.64 8.21 79.15
CA LYS G 209 -65.00 7.72 79.30
C LYS G 209 -65.71 8.36 80.49
N ALA G 210 -64.95 8.89 81.45
CA ALA G 210 -65.56 9.52 82.61
C ALA G 210 -66.40 10.73 82.21
N ASP G 211 -65.98 11.44 81.15
CA ASP G 211 -66.75 12.59 80.68
C ASP G 211 -68.08 12.14 80.08
N TYR G 212 -68.10 10.94 79.48
CA TYR G 212 -69.33 10.44 78.89
C TYR G 212 -70.42 10.19 79.93
N GLU G 213 -70.05 9.83 81.16
CA GLU G 213 -71.02 9.60 82.22
C GLU G 213 -71.39 10.88 82.97
N LYS G 214 -70.51 11.87 82.99
CA LYS G 214 -70.82 13.15 83.65
C LYS G 214 -71.21 14.25 82.66
N HIS G 215 -71.29 13.96 81.36
CA HIS G 215 -71.78 14.91 80.37
C HIS G 215 -72.60 14.14 79.35
N LYS G 216 -73.51 14.86 78.69
CA LYS G 216 -74.54 14.20 77.89
C LYS G 216 -74.43 14.43 76.39
N VAL G 217 -74.05 15.63 75.94
CA VAL G 217 -74.12 15.99 74.54
C VAL G 217 -72.72 16.18 73.97
N TYR G 218 -72.45 15.52 72.84
CA TYR G 218 -71.18 15.66 72.13
C TYR G 218 -71.50 15.87 70.65
N ALA G 219 -71.43 17.12 70.20
CA ALA G 219 -71.72 17.46 68.82
C ALA G 219 -70.64 18.39 68.28
N CYS G 220 -70.44 18.33 66.97
CA CYS G 220 -69.41 19.10 66.29
C CYS G 220 -70.04 20.22 65.47
N GLU G 221 -69.43 21.40 65.54
CA GLU G 221 -69.88 22.58 64.80
C GLU G 221 -68.77 22.99 63.84
N VAL G 222 -69.03 22.82 62.53
CA VAL G 222 -68.08 23.20 61.51
C VAL G 222 -68.51 24.51 60.86
N THR G 223 -67.60 25.48 60.84
CA THR G 223 -67.92 26.82 60.34
C THR G 223 -66.95 27.25 59.25
N HIS G 224 -66.68 26.39 58.28
CA HIS G 224 -65.77 26.76 57.20
C HIS G 224 -66.52 27.61 56.17
N GLN G 225 -65.78 28.03 55.13
CA GLN G 225 -66.33 28.97 54.16
C GLN G 225 -67.54 28.40 53.44
N GLY G 226 -67.49 27.13 53.04
CA GLY G 226 -68.47 26.56 52.14
C GLY G 226 -69.88 26.46 52.66
N LEU G 227 -70.11 26.59 53.96
CA LEU G 227 -71.45 26.44 54.52
C LEU G 227 -72.11 27.80 54.73
N SER G 228 -73.44 27.80 54.63
CA SER G 228 -74.23 28.98 54.93
C SER G 228 -74.53 29.07 56.42
N SER G 229 -74.96 27.96 57.02
CA SER G 229 -75.16 27.83 58.45
C SER G 229 -74.48 26.55 58.91
N PRO G 230 -73.95 26.54 60.13
CA PRO G 230 -73.27 25.32 60.62
C PRO G 230 -74.24 24.15 60.74
N VAL G 231 -73.72 22.94 60.47
CA VAL G 231 -74.54 21.74 60.57
C VAL G 231 -74.50 21.21 62.00
N THR G 232 -75.66 21.19 62.65
CA THR G 232 -75.78 20.79 64.06
C THR G 232 -77.00 19.88 64.21
N LYS G 233 -76.74 18.58 64.37
CA LYS G 233 -77.81 17.64 64.65
C LYS G 233 -77.99 17.45 66.15
N SER G 234 -79.22 17.16 66.56
CA SER G 234 -79.53 16.98 67.97
C SER G 234 -79.93 15.53 68.22
N PHE G 235 -79.65 15.06 69.43
CA PHE G 235 -79.84 13.66 69.79
C PHE G 235 -80.33 13.58 71.23
N ASN G 236 -80.90 12.43 71.57
CA ASN G 236 -81.43 12.17 72.90
C ASN G 236 -80.44 11.32 73.70
N ARG G 237 -80.48 11.49 75.01
CA ARG G 237 -79.55 10.83 75.92
C ARG G 237 -79.66 9.32 75.75
N GLY G 238 -78.55 8.67 75.40
CA GLY G 238 -78.52 7.24 75.20
C GLY G 238 -78.30 6.80 73.76
N GLU G 239 -78.00 7.73 72.84
CA GLU G 239 -77.83 7.41 71.42
C GLU G 239 -79.06 6.72 70.85
N GLU H 18 -16.92 -18.88 38.25
CA GLU H 18 -18.32 -18.69 38.64
C GLU H 18 -18.73 -19.72 39.67
N VAL H 19 -17.89 -19.92 40.68
CA VAL H 19 -18.14 -20.91 41.72
C VAL H 19 -19.18 -20.33 42.69
N GLN H 20 -20.31 -21.00 42.81
CA GLN H 20 -21.39 -20.60 43.70
C GLN H 20 -21.71 -21.77 44.63
N LEU H 21 -21.41 -21.62 45.91
CA LEU H 21 -21.62 -22.67 46.91
C LEU H 21 -22.49 -22.11 48.04
N GLN H 22 -23.66 -22.72 48.24
CA GLN H 22 -24.59 -22.31 49.29
C GLN H 22 -25.17 -23.56 49.95
N GLN H 23 -24.85 -23.78 51.22
CA GLN H 23 -25.51 -24.81 51.99
C GLN H 23 -26.88 -24.33 52.43
N SER H 24 -27.84 -25.25 52.47
CA SER H 24 -29.23 -24.83 52.62
C SER H 24 -30.06 -25.93 53.25
N GLY H 25 -31.30 -25.56 53.60
CA GLY H 25 -32.28 -26.46 54.18
C GLY H 25 -32.59 -26.11 55.62
N PRO H 26 -33.65 -25.33 55.83
CA PRO H 26 -34.06 -24.97 57.20
C PRO H 26 -34.92 -26.07 57.81
N GLU H 27 -34.39 -26.71 58.86
CA GLU H 27 -35.15 -27.66 59.67
C GLU H 27 -34.68 -27.61 61.11
N MET H 28 -35.61 -27.83 62.03
CA MET H 28 -35.32 -27.96 63.46
C MET H 28 -35.63 -29.40 63.84
N VAL H 29 -34.60 -30.16 64.20
CA VAL H 29 -34.68 -31.62 64.21
C VAL H 29 -34.65 -32.14 65.64
N LYS H 30 -35.51 -33.18 65.92
CA LYS H 30 -35.59 -34.00 67.13
C LYS H 30 -34.63 -35.17 67.05
N PRO H 31 -34.31 -35.82 68.18
CA PRO H 31 -33.39 -36.96 68.15
C PRO H 31 -33.93 -38.12 67.31
N GLY H 32 -33.01 -38.92 66.79
CA GLY H 32 -33.35 -40.13 66.07
C GLY H 32 -33.51 -39.96 64.58
N ALA H 33 -33.44 -38.72 64.11
CA ALA H 33 -33.58 -38.45 62.69
C ALA H 33 -32.21 -38.29 62.03
N SER H 34 -32.20 -37.92 60.76
CA SER H 34 -30.95 -37.72 60.05
C SER H 34 -30.84 -36.25 59.65
N VAL H 35 -29.74 -35.91 58.98
CA VAL H 35 -29.52 -34.56 58.49
C VAL H 35 -28.83 -34.66 57.14
N LYS H 36 -29.08 -33.68 56.26
CA LYS H 36 -28.52 -33.65 54.90
C LYS H 36 -28.05 -32.23 54.63
N ILE H 37 -26.73 -32.03 54.67
CA ILE H 37 -26.18 -30.74 54.24
C ILE H 37 -25.42 -30.93 52.94
N SER H 38 -25.85 -30.18 51.92
CA SER H 38 -25.34 -30.35 50.57
C SER H 38 -24.86 -29.01 50.05
N CYS H 39 -24.08 -29.05 48.96
CA CYS H 39 -23.53 -27.83 48.35
C CYS H 39 -24.03 -27.76 46.92
N LYS H 40 -24.68 -26.64 46.57
CA LYS H 40 -25.25 -26.44 45.24
C LYS H 40 -24.14 -25.96 44.32
N THR H 41 -23.18 -26.84 44.05
CA THR H 41 -22.00 -26.43 43.31
C THR H 41 -22.32 -26.22 41.83
N SER H 42 -21.57 -25.32 41.20
CA SER H 42 -21.75 -24.98 39.80
C SER H 42 -20.67 -23.99 39.39
N GLY H 43 -20.49 -23.83 38.08
CA GLY H 43 -19.61 -22.82 37.53
C GLY H 43 -18.60 -23.33 36.51
N TYR H 44 -18.17 -24.58 36.62
CA TYR H 44 -17.14 -25.12 35.74
C TYR H 44 -17.47 -26.55 35.37
N THR H 45 -16.67 -27.13 34.47
CA THR H 45 -16.92 -28.46 33.93
C THR H 45 -16.98 -29.51 35.04
N PHE H 46 -17.90 -30.45 34.91
CA PHE H 46 -18.26 -31.32 36.03
C PHE H 46 -17.13 -32.23 36.49
N THR H 47 -16.46 -32.93 35.56
CA THR H 47 -15.46 -33.92 35.95
C THR H 47 -14.10 -33.30 36.23
N GLU H 48 -13.93 -32.00 36.02
CA GLU H 48 -12.64 -31.36 36.17
C GLU H 48 -12.12 -31.43 37.61
N TYR H 49 -12.99 -31.20 38.59
CA TYR H 49 -12.64 -31.26 40.01
C TYR H 49 -13.57 -32.22 40.73
N THR H 50 -13.08 -32.80 41.82
CA THR H 50 -13.95 -33.50 42.74
C THR H 50 -13.98 -32.74 44.08
N ILE H 51 -15.19 -32.55 44.61
CA ILE H 51 -15.44 -31.65 45.73
C ILE H 51 -15.86 -32.51 46.92
N TYR H 52 -15.13 -32.41 48.02
CA TYR H 52 -15.28 -33.34 49.13
C TYR H 52 -15.66 -32.61 50.41
N TRP H 53 -15.96 -33.38 51.45
CA TRP H 53 -16.58 -32.86 52.68
C TRP H 53 -15.69 -33.08 53.89
N VAL H 54 -15.95 -32.31 54.95
CA VAL H 54 -15.13 -32.24 56.15
C VAL H 54 -16.02 -31.74 57.29
N LYS H 55 -15.70 -32.13 58.53
CA LYS H 55 -16.58 -31.88 59.67
C LYS H 55 -15.96 -30.88 60.65
N GLN H 56 -16.81 -30.00 61.20
CA GLN H 56 -16.45 -29.01 62.22
C GLN H 56 -17.34 -29.19 63.45
N SER H 57 -16.71 -29.22 64.63
CA SER H 57 -17.42 -29.31 65.90
C SER H 57 -16.85 -28.28 66.87
N HIS H 58 -17.68 -27.30 67.21
CA HIS H 58 -17.41 -26.26 68.20
C HIS H 58 -16.00 -25.68 68.10
N GLY H 59 -15.61 -25.27 66.89
CA GLY H 59 -14.34 -24.62 66.69
C GLY H 59 -13.12 -25.48 66.93
N LYS H 60 -13.16 -26.72 66.44
CA LYS H 60 -12.01 -27.61 66.54
C LYS H 60 -11.52 -27.84 65.11
N SER H 61 -10.47 -28.64 64.95
CA SER H 61 -9.88 -28.88 63.65
C SER H 61 -10.89 -29.53 62.70
N LEU H 62 -10.84 -29.10 61.46
CA LEU H 62 -11.75 -29.64 60.44
C LEU H 62 -11.42 -31.09 60.17
N GLU H 63 -12.33 -31.98 60.56
CA GLU H 63 -12.13 -33.42 60.44
C GLU H 63 -12.62 -33.87 59.07
N TRP H 64 -11.69 -34.14 58.16
CA TRP H 64 -12.03 -34.47 56.78
C TRP H 64 -12.54 -35.90 56.73
N LEU H 65 -13.62 -36.11 55.99
CA LEU H 65 -14.27 -37.42 55.95
C LEU H 65 -14.00 -38.23 54.70
N GLY H 66 -13.89 -37.60 53.54
CA GLY H 66 -13.73 -38.33 52.31
C GLY H 66 -14.52 -37.68 51.20
N GLY H 67 -14.76 -38.46 50.15
CA GLY H 67 -15.54 -37.98 49.03
C GLY H 67 -15.99 -39.09 48.11
N ILE H 68 -16.97 -38.76 47.27
CA ILE H 68 -17.50 -39.67 46.27
C ILE H 68 -17.59 -38.92 44.95
N ASN H 69 -17.16 -39.58 43.87
CA ASN H 69 -17.26 -39.04 42.54
C ASN H 69 -18.31 -39.81 41.76
N PRO H 70 -19.44 -39.20 41.40
CA PRO H 70 -20.40 -39.91 40.54
C PRO H 70 -19.83 -40.27 39.17
N ASN H 71 -18.91 -39.47 38.63
CA ASN H 71 -18.17 -39.88 37.45
C ASN H 71 -17.28 -41.09 37.73
N ILE H 72 -16.95 -41.33 38.99
CA ILE H 72 -16.42 -42.62 39.42
C ILE H 72 -17.51 -43.53 39.97
N GLY H 73 -18.49 -43.01 40.71
CA GLY H 73 -19.67 -43.72 41.10
C GLY H 73 -19.53 -44.50 42.40
N ASP H 74 -18.61 -45.46 42.44
CA ASP H 74 -18.51 -46.35 43.59
C ASP H 74 -17.99 -45.62 44.82
N THR H 75 -18.02 -46.32 45.95
CA THR H 75 -17.76 -45.71 47.24
C THR H 75 -16.47 -46.25 47.85
N THR H 76 -15.55 -45.35 48.16
CA THR H 76 -14.41 -45.63 49.02
C THR H 76 -13.97 -44.32 49.70
N TYR H 77 -13.82 -44.38 51.02
CA TYR H 77 -13.58 -43.20 51.84
C TYR H 77 -12.37 -43.40 52.72
N ASN H 78 -12.18 -42.45 53.63
CA ASN H 78 -11.38 -42.65 54.82
C ASN H 78 -11.99 -43.81 55.61
N GLN H 79 -11.14 -44.73 56.06
CA GLN H 79 -11.61 -45.87 56.84
C GLN H 79 -12.31 -45.41 58.11
N LYS H 80 -11.89 -44.27 58.64
CA LYS H 80 -12.41 -43.81 59.93
C LYS H 80 -13.81 -43.25 59.81
N PHE H 81 -14.14 -42.67 58.65
CA PHE H 81 -15.43 -42.05 58.41
C PHE H 81 -16.16 -42.65 57.21
N LYS H 82 -16.20 -43.98 57.09
CA LYS H 82 -16.62 -44.60 55.83
C LYS H 82 -18.06 -45.14 55.90
N GLY H 83 -18.31 -46.06 56.84
CA GLY H 83 -19.43 -46.97 56.68
C GLY H 83 -20.80 -46.32 56.87
N LYS H 84 -20.87 -45.23 57.62
CA LYS H 84 -22.17 -44.70 58.01
C LYS H 84 -22.89 -44.07 56.82
N ALA H 85 -22.15 -43.61 55.82
CA ALA H 85 -22.74 -42.91 54.69
C ALA H 85 -23.06 -43.88 53.56
N THR H 86 -24.22 -43.67 52.93
CA THR H 86 -24.57 -44.27 51.65
C THR H 86 -25.22 -43.17 50.83
N LEU H 87 -24.49 -42.64 49.85
CA LEU H 87 -24.76 -41.31 49.32
C LEU H 87 -25.14 -41.36 47.84
N THR H 88 -26.11 -40.52 47.47
CA THR H 88 -26.41 -40.21 46.09
C THR H 88 -25.88 -38.80 45.78
N VAL H 89 -25.54 -38.58 44.52
CA VAL H 89 -24.97 -37.29 44.10
C VAL H 89 -25.27 -37.08 42.62
N ASP H 90 -25.61 -35.86 42.25
CA ASP H 90 -26.16 -35.53 40.94
C ASP H 90 -25.06 -34.98 40.04
N THR H 91 -24.83 -35.64 38.90
CA THR H 91 -23.95 -35.08 37.89
C THR H 91 -24.60 -33.95 37.11
N SER H 92 -25.92 -33.95 37.00
CA SER H 92 -26.65 -32.99 36.18
C SER H 92 -26.79 -31.61 36.80
N SER H 93 -27.14 -31.54 38.09
CA SER H 93 -27.23 -30.28 38.79
C SER H 93 -25.90 -29.86 39.39
N SER H 94 -24.85 -30.66 39.20
CA SER H 94 -23.53 -30.43 39.78
C SER H 94 -23.64 -30.23 41.29
N THR H 95 -24.55 -30.97 41.91
CA THR H 95 -24.83 -30.82 43.33
C THR H 95 -24.35 -32.04 44.09
N ALA H 96 -23.52 -31.80 45.10
CA ALA H 96 -23.01 -32.84 45.96
C ALA H 96 -23.75 -32.79 47.29
N TYR H 97 -24.00 -33.96 47.86
CA TYR H 97 -24.77 -34.09 49.10
C TYR H 97 -23.94 -34.90 50.09
N MET H 98 -24.23 -34.73 51.38
CA MET H 98 -23.56 -35.50 52.42
C MET H 98 -24.58 -36.01 53.44
N GLU H 99 -24.44 -37.27 53.83
CA GLU H 99 -25.30 -37.91 54.81
C GLU H 99 -24.60 -39.15 55.36
N LEU H 100 -24.26 -39.11 56.64
CA LEU H 100 -23.82 -40.29 57.38
C LEU H 100 -25.02 -40.83 58.14
N ARG H 101 -25.08 -42.14 58.32
CA ARG H 101 -26.21 -42.73 59.03
C ARG H 101 -25.82 -43.10 60.44
N SER H 102 -26.76 -43.69 61.17
CA SER H 102 -26.62 -44.00 62.59
C SER H 102 -26.27 -42.75 63.38
N LEU H 103 -26.98 -41.67 63.07
CA LEU H 103 -26.65 -40.36 63.64
C LEU H 103 -27.08 -40.27 65.09
N THR H 104 -26.16 -39.82 65.93
CA THR H 104 -26.38 -39.45 67.32
C THR H 104 -25.76 -38.07 67.56
N SER H 105 -25.66 -37.68 68.82
CA SER H 105 -25.07 -36.40 69.16
C SER H 105 -23.59 -36.29 68.80
N GLU H 106 -22.92 -37.42 68.50
CA GLU H 106 -21.49 -37.37 68.24
C GLU H 106 -21.20 -36.68 66.91
N ASP H 107 -22.07 -36.85 65.92
CA ASP H 107 -21.85 -36.27 64.61
C ASP H 107 -22.61 -34.97 64.44
N SER H 108 -23.18 -34.45 65.52
CA SER H 108 -23.81 -33.14 65.51
C SER H 108 -22.71 -32.10 65.38
N ALA H 109 -22.48 -31.64 64.16
CA ALA H 109 -21.28 -30.86 63.88
C ALA H 109 -21.57 -29.90 62.74
N VAL H 110 -20.71 -28.88 62.63
CA VAL H 110 -20.78 -27.93 61.53
C VAL H 110 -20.18 -28.59 60.30
N TYR H 111 -20.89 -28.49 59.17
CA TYR H 111 -20.53 -29.21 57.96
C TYR H 111 -20.06 -28.24 56.89
N TYR H 112 -18.89 -28.52 56.31
CA TYR H 112 -18.35 -27.78 55.18
C TYR H 112 -18.04 -28.73 54.03
N CYS H 113 -18.04 -28.17 52.82
CA CYS H 113 -17.58 -28.88 51.63
C CYS H 113 -16.39 -28.15 51.03
N ALA H 114 -15.40 -28.90 50.59
CA ALA H 114 -14.11 -28.32 50.24
C ALA H 114 -13.81 -28.51 48.76
N ARG H 115 -13.24 -27.47 48.16
CA ARG H 115 -12.89 -27.47 46.75
C ARG H 115 -11.45 -27.94 46.55
N GLU H 116 -11.28 -28.96 45.72
CA GLU H 116 -9.97 -29.53 45.47
C GLU H 116 -9.16 -28.67 44.50
N VAL H 117 -7.87 -28.57 44.78
CA VAL H 117 -6.91 -27.90 43.91
C VAL H 117 -5.68 -28.81 43.80
N TYR H 118 -5.12 -28.88 42.60
CA TYR H 118 -3.97 -29.74 42.36
C TYR H 118 -2.67 -29.11 42.85
N ASN H 119 -2.73 -27.94 43.50
CA ASN H 119 -1.57 -27.26 44.05
C ASN H 119 -1.58 -27.27 45.58
N TYR H 120 -2.72 -26.90 46.18
CA TYR H 120 -2.92 -26.92 47.63
C TYR H 120 -4.30 -27.51 47.90
N SER H 121 -4.63 -27.69 49.17
CA SER H 121 -5.86 -28.41 49.52
C SER H 121 -6.98 -27.54 50.05
N PHE H 122 -6.70 -26.58 50.93
CA PHE H 122 -7.77 -25.79 51.55
C PHE H 122 -7.36 -24.32 51.57
N ALA H 123 -7.97 -23.53 50.70
CA ALA H 123 -7.77 -22.09 50.65
C ALA H 123 -9.08 -21.31 50.71
N TYR H 124 -10.15 -21.84 50.13
CA TYR H 124 -11.40 -21.12 50.02
C TYR H 124 -12.54 -22.02 50.47
N TRP H 125 -13.30 -21.55 51.46
CA TRP H 125 -14.34 -22.32 52.11
C TRP H 125 -15.71 -21.71 51.87
N GLY H 126 -16.73 -22.45 52.28
CA GLY H 126 -18.11 -22.04 52.09
C GLY H 126 -18.75 -21.45 53.33
N GLN H 127 -20.07 -21.25 53.26
CA GLN H 127 -20.79 -20.62 54.35
C GLN H 127 -20.78 -21.43 55.64
N GLY H 128 -21.01 -22.74 55.54
CA GLY H 128 -21.19 -23.57 56.72
C GLY H 128 -22.65 -23.67 57.14
N THR H 129 -22.91 -24.61 58.04
CA THR H 129 -24.27 -24.89 58.46
C THR H 129 -24.34 -24.96 59.98
N LEU H 130 -25.51 -24.66 60.53
CA LEU H 130 -25.75 -24.75 61.97
C LEU H 130 -26.60 -25.99 62.22
N VAL H 131 -25.94 -27.13 62.35
CA VAL H 131 -26.62 -28.41 62.56
C VAL H 131 -26.26 -28.92 63.94
N THR H 132 -27.28 -29.06 64.80
CA THR H 132 -27.09 -29.55 66.17
C THR H 132 -28.13 -30.63 66.43
N VAL H 133 -27.67 -31.79 66.91
CA VAL H 133 -28.56 -32.87 67.28
C VAL H 133 -28.72 -32.87 68.80
N SER H 134 -29.71 -32.14 69.30
CA SER H 134 -29.95 -32.02 70.73
C SER H 134 -30.85 -33.15 71.22
N ALA H 135 -30.79 -33.39 72.53
CA ALA H 135 -31.47 -34.53 73.13
C ALA H 135 -32.90 -34.20 73.56
N ALA H 136 -33.68 -33.74 72.59
CA ALA H 136 -35.12 -33.49 72.75
C ALA H 136 -35.40 -32.49 73.87
N SER H 137 -34.69 -31.36 73.83
CA SER H 137 -34.93 -30.29 74.79
C SER H 137 -36.11 -29.44 74.33
N THR H 138 -37.15 -29.35 75.15
CA THR H 138 -38.29 -28.51 74.83
C THR H 138 -37.91 -27.04 74.90
N THR H 139 -38.54 -26.23 74.04
CA THR H 139 -38.26 -24.80 74.01
C THR H 139 -38.75 -24.14 75.29
N LYS H 140 -37.82 -23.76 76.17
CA LYS H 140 -38.15 -23.14 77.44
C LYS H 140 -37.32 -21.86 77.59
N GLY H 141 -37.91 -20.85 78.21
CA GLY H 141 -37.25 -19.59 78.42
C GLY H 141 -36.14 -19.68 79.45
N PRO H 142 -35.24 -18.70 79.47
CA PRO H 142 -34.15 -18.73 80.44
C PRO H 142 -34.62 -18.33 81.83
N SER H 143 -34.33 -19.17 82.82
CA SER H 143 -34.75 -18.91 84.20
C SER H 143 -33.66 -18.10 84.89
N VAL H 144 -33.95 -16.82 85.14
CA VAL H 144 -32.99 -15.91 85.75
C VAL H 144 -32.85 -16.25 87.23
N PHE H 145 -31.60 -16.45 87.66
CA PHE H 145 -31.30 -16.76 89.06
C PHE H 145 -30.40 -15.67 89.63
N PRO H 146 -30.92 -14.81 90.51
CA PRO H 146 -30.09 -13.76 91.09
C PRO H 146 -29.03 -14.33 92.03
N LEU H 147 -27.90 -13.64 92.08
CA LEU H 147 -26.76 -14.02 92.89
C LEU H 147 -26.44 -12.90 93.87
N ALA H 148 -26.31 -13.25 95.15
CA ALA H 148 -26.02 -12.27 96.19
C ALA H 148 -24.89 -12.78 97.06
N PRO H 149 -24.09 -11.88 97.64
CA PRO H 149 -22.99 -12.33 98.52
C PRO H 149 -23.50 -12.98 99.79
N SER H 150 -22.70 -13.88 100.35
CA SER H 150 -23.05 -14.57 101.60
C SER H 150 -22.17 -14.10 102.76
N SER H 151 -20.86 -14.10 102.59
CA SER H 151 -19.93 -13.64 103.60
C SER H 151 -19.71 -12.13 103.44
N LYS H 152 -18.71 -11.60 104.15
CA LYS H 152 -18.40 -10.19 104.06
C LYS H 152 -17.94 -9.81 102.66
N SER H 153 -18.21 -8.57 102.29
CA SER H 153 -17.91 -8.07 100.94
C SER H 153 -16.41 -7.79 100.80
N THR H 154 -15.64 -8.86 100.69
CA THR H 154 -14.20 -8.79 100.51
C THR H 154 -13.73 -9.37 99.18
N SER H 155 -14.46 -9.11 98.08
CA SER H 155 -14.07 -9.64 96.78
C SER H 155 -12.71 -9.08 96.34
N GLY H 156 -12.52 -7.78 96.50
CA GLY H 156 -11.24 -7.18 96.14
C GLY H 156 -11.29 -6.52 94.78
N GLY H 157 -10.66 -5.37 94.67
CA GLY H 157 -10.61 -4.62 93.42
C GLY H 157 -11.90 -3.90 93.06
N THR H 158 -12.98 -4.65 92.90
CA THR H 158 -14.29 -4.08 92.60
C THR H 158 -15.38 -5.06 92.98
N ALA H 159 -16.64 -4.60 92.97
CA ALA H 159 -17.78 -5.44 93.31
C ALA H 159 -18.21 -6.24 92.09
N ALA H 160 -18.80 -7.41 92.35
CA ALA H 160 -19.24 -8.29 91.28
C ALA H 160 -20.61 -8.86 91.63
N LEU H 161 -21.61 -8.50 90.84
CA LEU H 161 -22.96 -9.03 91.01
C LEU H 161 -23.61 -9.16 89.64
N GLY H 162 -24.52 -10.12 89.54
CA GLY H 162 -25.18 -10.37 88.28
C GLY H 162 -26.35 -11.31 88.47
N CYS H 163 -26.82 -11.87 87.36
CA CYS H 163 -27.93 -12.82 87.34
C CYS H 163 -27.48 -14.08 86.62
N LEU H 164 -27.67 -15.23 87.26
CA LEU H 164 -27.24 -16.50 86.70
C LEU H 164 -28.27 -17.00 85.68
N VAL H 165 -27.79 -17.46 84.53
CA VAL H 165 -28.63 -18.02 83.48
C VAL H 165 -28.34 -19.52 83.42
N LYS H 166 -29.35 -20.33 83.69
CA LYS H 166 -29.22 -21.78 83.71
C LYS H 166 -30.46 -22.43 83.14
N ASP H 167 -30.27 -23.57 82.48
CA ASP H 167 -31.35 -24.40 81.97
C ASP H 167 -32.24 -23.63 80.98
N TYR H 168 -31.63 -23.21 79.87
CA TYR H 168 -32.31 -22.45 78.85
C TYR H 168 -32.18 -23.15 77.49
N PHE H 169 -33.05 -22.74 76.56
CA PHE H 169 -33.11 -23.35 75.25
C PHE H 169 -33.88 -22.46 74.28
N PRO H 170 -33.38 -22.25 73.05
CA PRO H 170 -32.05 -22.68 72.59
C PRO H 170 -31.01 -21.56 72.66
N GLU H 171 -29.86 -21.80 72.03
CA GLU H 171 -28.80 -20.83 71.87
C GLU H 171 -29.27 -19.68 70.98
N PRO H 172 -28.65 -18.49 71.05
CA PRO H 172 -27.60 -18.06 71.99
C PRO H 172 -28.10 -17.02 72.99
N VAL H 173 -27.24 -16.56 73.88
CA VAL H 173 -27.55 -15.46 74.77
C VAL H 173 -26.43 -14.45 74.78
N THR H 174 -26.76 -13.20 74.46
CA THR H 174 -25.89 -12.05 74.69
C THR H 174 -26.71 -11.01 75.44
N VAL H 175 -26.24 -10.61 76.61
CA VAL H 175 -27.01 -9.77 77.53
C VAL H 175 -26.66 -8.31 77.29
N SER H 176 -27.67 -7.51 76.98
CA SER H 176 -27.56 -6.06 77.00
C SER H 176 -27.84 -5.59 78.42
N TRP H 177 -27.31 -4.42 78.76
CA TRP H 177 -27.29 -3.96 80.14
C TRP H 177 -27.88 -2.55 80.24
N ASN H 178 -28.93 -2.41 81.04
CA ASN H 178 -29.53 -1.12 81.35
C ASN H 178 -30.01 -0.37 80.11
N SER H 179 -31.00 -0.95 79.43
CA SER H 179 -31.74 -0.28 78.35
C SER H 179 -30.79 0.22 77.25
N GLY H 180 -29.81 -0.60 76.89
CA GLY H 180 -28.93 -0.28 75.78
C GLY H 180 -28.01 0.90 76.01
N ALA H 181 -27.31 0.94 77.14
CA ALA H 181 -26.33 1.98 77.42
C ALA H 181 -24.91 1.44 77.48
N LEU H 182 -24.65 0.48 78.36
CA LEU H 182 -23.33 -0.15 78.49
C LEU H 182 -23.40 -1.51 77.80
N THR H 183 -23.23 -1.51 76.48
CA THR H 183 -23.46 -2.70 75.67
C THR H 183 -22.26 -3.09 74.82
N SER H 184 -21.05 -2.84 75.28
CA SER H 184 -19.85 -3.23 74.55
C SER H 184 -19.12 -4.34 75.28
N GLY H 185 -18.96 -5.48 74.60
CA GLY H 185 -18.13 -6.55 75.09
C GLY H 185 -18.81 -7.75 75.75
N VAL H 186 -20.12 -7.89 75.56
CA VAL H 186 -20.83 -9.05 76.11
C VAL H 186 -20.43 -10.29 75.32
N HIS H 187 -20.35 -11.43 76.00
CA HIS H 187 -19.75 -12.63 75.43
C HIS H 187 -20.63 -13.85 75.68
N THR H 188 -20.45 -14.86 74.80
CA THR H 188 -21.20 -16.09 74.84
C THR H 188 -20.25 -17.28 74.71
N PHE H 189 -20.43 -18.28 75.57
CA PHE H 189 -19.67 -19.51 75.54
C PHE H 189 -19.97 -20.31 74.29
N PRO H 190 -19.06 -21.19 73.87
CA PRO H 190 -19.46 -22.28 72.96
C PRO H 190 -20.43 -23.21 73.68
N ALA H 191 -21.36 -23.78 72.92
CA ALA H 191 -22.47 -24.51 73.53
C ALA H 191 -22.13 -25.98 73.73
N VAL H 192 -22.40 -26.48 74.94
CA VAL H 192 -22.31 -27.90 75.24
C VAL H 192 -23.57 -28.31 75.97
N LEU H 193 -23.87 -29.62 75.96
CA LEU H 193 -25.05 -30.15 76.65
C LEU H 193 -24.59 -30.77 77.96
N GLN H 194 -25.10 -30.22 79.07
CA GLN H 194 -24.75 -30.75 80.38
C GLN H 194 -25.60 -31.98 80.69
N SER H 195 -25.39 -32.55 81.88
CA SER H 195 -26.24 -33.63 82.35
C SER H 195 -27.62 -33.13 82.73
N SER H 196 -27.81 -31.81 82.79
CA SER H 196 -29.09 -31.21 83.18
C SER H 196 -30.18 -31.39 82.13
N GLY H 197 -29.83 -31.69 80.88
CA GLY H 197 -30.82 -31.81 79.84
C GLY H 197 -31.14 -30.53 79.11
N LEU H 198 -30.57 -29.40 79.53
CA LEU H 198 -30.71 -28.13 78.86
C LEU H 198 -29.36 -27.43 78.79
N TYR H 199 -29.18 -26.61 77.76
CA TYR H 199 -27.96 -25.81 77.67
C TYR H 199 -27.88 -24.85 78.85
N SER H 200 -26.68 -24.77 79.43
CA SER H 200 -26.44 -23.89 80.58
C SER H 200 -25.23 -23.02 80.25
N LEU H 201 -25.51 -21.83 79.71
CA LEU H 201 -24.46 -20.89 79.31
C LEU H 201 -24.52 -19.65 80.20
N SER H 202 -23.36 -19.10 80.52
CA SER H 202 -23.26 -17.95 81.40
C SER H 202 -22.73 -16.75 80.62
N SER H 203 -23.32 -15.58 80.90
CA SER H 203 -22.85 -14.32 80.35
C SER H 203 -23.03 -13.23 81.40
N VAL H 204 -21.92 -12.62 81.81
CA VAL H 204 -21.92 -11.60 82.86
C VAL H 204 -20.74 -10.67 82.63
N VAL H 205 -20.88 -9.43 83.11
CA VAL H 205 -19.86 -8.41 82.94
C VAL H 205 -19.54 -7.79 84.29
N THR H 206 -18.36 -7.19 84.40
CA THR H 206 -17.93 -6.46 85.59
C THR H 206 -18.59 -5.09 85.58
N VAL H 207 -19.00 -4.63 86.76
CA VAL H 207 -19.70 -3.36 86.91
C VAL H 207 -18.82 -2.42 87.72
N PRO H 208 -18.77 -1.11 87.38
CA PRO H 208 -17.93 -0.17 88.14
C PRO H 208 -18.27 -0.13 89.62
N SER H 209 -17.23 0.02 90.45
CA SER H 209 -17.38 -0.03 91.90
C SER H 209 -17.96 1.25 92.50
N SER H 210 -18.13 2.31 91.69
CA SER H 210 -18.71 3.53 92.22
C SER H 210 -20.23 3.50 92.25
N SER H 211 -20.84 2.40 91.79
CA SER H 211 -22.30 2.31 91.71
C SER H 211 -22.83 1.33 92.75
N LEU H 212 -22.23 1.32 93.95
CA LEU H 212 -22.63 0.42 95.02
C LEU H 212 -23.81 1.04 95.76
N GLY H 213 -25.00 0.85 95.19
CA GLY H 213 -26.22 1.35 95.80
C GLY H 213 -26.81 2.52 95.05
N THR H 214 -25.96 3.38 94.50
CA THR H 214 -26.41 4.56 93.78
C THR H 214 -27.02 4.24 92.41
N GLN H 215 -26.90 2.99 91.96
CA GLN H 215 -27.48 2.57 90.69
C GLN H 215 -28.34 1.34 90.91
N THR H 216 -29.37 1.20 90.08
CA THR H 216 -30.26 0.04 90.12
C THR H 216 -29.72 -1.02 89.18
N TYR H 217 -29.84 -2.28 89.57
CA TYR H 217 -29.31 -3.40 88.81
C TYR H 217 -30.46 -4.14 88.15
N ILE H 218 -30.49 -4.11 86.82
CA ILE H 218 -31.50 -4.82 86.04
C ILE H 218 -30.78 -5.64 84.98
N CYS H 219 -31.28 -6.86 84.76
CA CYS H 219 -30.74 -7.75 83.74
C CYS H 219 -31.63 -7.72 82.52
N ASN H 220 -31.01 -7.62 81.34
CA ASN H 220 -31.72 -7.59 80.07
C ASN H 220 -31.16 -8.69 79.16
N VAL H 221 -31.70 -9.90 79.31
CA VAL H 221 -31.32 -11.02 78.46
C VAL H 221 -32.00 -10.85 77.11
N ASN H 222 -31.31 -11.26 76.05
CA ASN H 222 -31.74 -11.01 74.68
C ASN H 222 -31.83 -12.34 73.92
N HIS H 223 -32.52 -13.32 74.49
CA HIS H 223 -32.65 -14.60 73.79
C HIS H 223 -33.56 -14.43 72.58
N LYS H 224 -32.97 -13.98 71.47
CA LYS H 224 -33.64 -13.59 70.23
C LYS H 224 -34.35 -14.74 69.52
N PRO H 225 -33.75 -15.94 69.36
CA PRO H 225 -34.42 -16.99 68.57
C PRO H 225 -35.81 -17.35 69.06
N SER H 226 -36.02 -17.33 70.37
CA SER H 226 -37.33 -17.68 70.93
C SER H 226 -38.20 -16.46 71.23
N ASN H 227 -37.65 -15.25 71.16
CA ASN H 227 -38.38 -14.02 71.46
C ASN H 227 -38.99 -14.05 72.86
N THR H 228 -38.12 -14.12 73.85
CA THR H 228 -38.49 -14.01 75.25
C THR H 228 -37.65 -12.92 75.90
N LYS H 229 -38.32 -12.00 76.61
CA LYS H 229 -37.67 -10.83 77.20
C LYS H 229 -38.23 -10.67 78.61
N VAL H 230 -37.37 -10.82 79.61
CA VAL H 230 -37.78 -10.88 81.01
C VAL H 230 -36.98 -9.86 81.80
N ASP H 231 -37.58 -9.31 82.85
CA ASP H 231 -36.94 -8.32 83.72
C ASP H 231 -36.85 -8.84 85.14
N LYS H 232 -35.74 -8.51 85.81
CA LYS H 232 -35.53 -8.89 87.19
C LYS H 232 -34.51 -7.95 87.81
N LYS H 233 -34.72 -7.61 89.08
CA LYS H 233 -33.83 -6.71 89.80
C LYS H 233 -32.88 -7.50 90.68
N ALA H 234 -31.59 -7.16 90.62
CA ALA H 234 -30.55 -7.81 91.40
C ALA H 234 -30.33 -6.98 92.67
N GLU H 235 -31.05 -7.33 93.74
CA GLU H 235 -30.98 -6.63 95.02
C GLU H 235 -31.27 -5.14 94.87
N ASP I 21 0.93 -44.62 58.05
CA ASP I 21 1.54 -43.66 57.14
C ASP I 21 2.00 -42.42 57.88
N ILE I 22 1.19 -41.36 57.79
CA ILE I 22 1.53 -40.05 58.34
C ILE I 22 0.42 -39.61 59.29
N VAL I 23 0.81 -39.22 60.50
CA VAL I 23 -0.10 -38.69 61.50
C VAL I 23 0.46 -37.38 62.01
N MET I 24 -0.42 -36.42 62.30
CA MET I 24 0.03 -35.07 62.60
C MET I 24 -0.43 -34.65 63.98
N SER I 25 0.46 -33.95 64.69
CA SER I 25 0.23 -33.54 66.08
C SER I 25 0.39 -32.02 66.16
N GLN I 26 -0.70 -31.34 66.51
CA GLN I 26 -0.67 -29.89 66.64
C GLN I 26 -0.31 -29.49 68.07
N SER I 27 0.58 -28.50 68.19
CA SER I 27 1.05 -27.97 69.47
C SER I 27 1.91 -26.74 69.20
N PRO I 28 2.05 -25.81 70.16
CA PRO I 28 1.48 -25.76 71.53
C PRO I 28 0.05 -25.21 71.58
N SER I 29 -0.61 -25.42 72.72
CA SER I 29 -2.00 -25.01 72.86
C SER I 29 -2.13 -23.50 72.99
N SER I 30 -1.58 -22.94 74.06
CA SER I 30 -1.71 -21.52 74.35
C SER I 30 -0.39 -20.96 74.84
N LEU I 31 0.23 -20.11 74.01
CA LEU I 31 1.49 -19.48 74.35
C LEU I 31 1.59 -18.20 73.52
N ALA I 32 2.01 -17.12 74.17
CA ALA I 32 2.03 -15.81 73.53
C ALA I 32 3.00 -15.78 72.36
N VAL I 33 2.60 -15.10 71.29
CA VAL I 33 3.46 -14.86 70.15
C VAL I 33 3.60 -13.35 70.00
N SER I 34 4.81 -12.89 69.68
CA SER I 34 5.12 -11.48 69.66
C SER I 34 5.29 -10.98 68.23
N VAL I 35 5.53 -9.67 68.11
CA VAL I 35 5.76 -9.06 66.81
C VAL I 35 7.24 -9.21 66.42
N GLY I 36 7.45 -9.72 65.22
CA GLY I 36 8.78 -9.80 64.63
C GLY I 36 9.55 -11.07 64.88
N GLU I 37 9.05 -11.99 65.70
CA GLU I 37 9.74 -13.27 65.89
C GLU I 37 9.49 -14.20 64.72
N LYS I 38 10.15 -15.35 64.71
CA LYS I 38 9.89 -16.39 63.71
C LYS I 38 9.08 -17.47 64.41
N VAL I 39 7.81 -17.57 64.07
CA VAL I 39 6.87 -18.48 64.71
C VAL I 39 7.32 -19.90 64.40
N THR I 40 7.21 -20.77 65.41
CA THR I 40 7.53 -22.19 65.24
C THR I 40 6.68 -22.97 66.24
N MET I 41 5.66 -23.66 65.75
CA MET I 41 4.85 -24.52 66.60
C MET I 41 5.07 -25.97 66.19
N SER I 42 5.09 -26.86 67.17
CA SER I 42 5.50 -28.24 66.95
C SER I 42 4.40 -29.00 66.23
N CYS I 43 4.57 -29.16 64.91
CA CYS I 43 3.67 -29.94 64.07
C CYS I 43 4.50 -31.07 63.47
N LYS I 44 4.10 -32.31 63.75
CA LYS I 44 4.91 -33.49 63.45
C LYS I 44 4.29 -34.28 62.31
N SER I 45 5.14 -34.70 61.37
CA SER I 45 4.75 -35.65 60.33
C SER I 45 5.68 -36.86 60.38
N SER I 46 5.09 -38.05 60.44
CA SER I 46 5.81 -39.26 60.79
C SER I 46 6.77 -39.76 59.70
N GLN I 47 6.52 -39.42 58.44
CA GLN I 47 7.33 -39.97 57.36
C GLN I 47 7.72 -38.87 56.39
N SER I 48 8.86 -39.08 55.72
CA SER I 48 9.31 -38.15 54.71
C SER I 48 8.35 -38.14 53.54
N LEU I 49 8.11 -36.95 52.98
CA LEU I 49 7.06 -36.74 52.00
C LEU I 49 7.60 -36.37 50.62
N LEU I 50 8.87 -36.62 50.36
CA LEU I 50 9.48 -36.22 49.10
C LEU I 50 8.87 -37.04 47.97
N TYR I 51 7.99 -36.41 47.19
CA TYR I 51 7.36 -37.05 46.05
C TYR I 51 8.43 -37.29 44.99
N SER I 52 8.52 -38.54 44.53
CA SER I 52 9.68 -38.97 43.73
C SER I 52 9.76 -38.23 42.40
N SER I 53 8.69 -38.24 41.63
CA SER I 53 8.74 -37.67 40.30
C SER I 53 8.63 -36.15 40.37
N ASN I 54 9.48 -35.47 39.58
CA ASN I 54 9.57 -34.02 39.50
C ASN I 54 10.01 -33.38 40.81
N GLN I 55 10.15 -34.20 41.86
CA GLN I 55 10.60 -33.77 43.18
C GLN I 55 9.78 -32.57 43.63
N LYS I 56 8.48 -32.61 43.37
CA LYS I 56 7.58 -31.54 43.76
C LYS I 56 6.65 -32.04 44.85
N ASN I 57 6.59 -31.29 45.95
CA ASN I 57 5.73 -31.64 47.07
C ASN I 57 4.56 -30.67 47.15
N TYR I 58 3.52 -31.07 47.89
CA TYR I 58 2.25 -30.35 47.92
C TYR I 58 1.78 -30.22 49.37
N LEU I 59 1.64 -28.97 49.83
CA LEU I 59 1.29 -28.70 51.21
C LEU I 59 0.31 -27.54 51.27
N ALA I 60 -0.50 -27.49 52.32
CA ALA I 60 -1.43 -26.40 52.58
C ALA I 60 -1.43 -26.05 54.06
N TRP I 61 -1.41 -24.76 54.38
CA TRP I 61 -1.40 -24.29 55.76
C TRP I 61 -2.66 -23.46 55.98
N TYR I 62 -3.21 -23.49 57.19
CA TYR I 62 -4.45 -22.80 57.51
C TYR I 62 -4.22 -21.53 58.31
N GLN I 63 -5.10 -20.55 58.09
CA GLN I 63 -5.40 -19.51 59.05
C GLN I 63 -6.91 -19.31 59.09
N GLN I 64 -7.49 -19.45 60.28
CA GLN I 64 -8.92 -19.26 60.49
C GLN I 64 -9.09 -18.22 61.59
N LYS I 65 -9.84 -17.16 61.29
CA LYS I 65 -10.18 -16.22 62.33
C LYS I 65 -11.15 -16.94 63.26
N LEU I 66 -11.43 -16.37 64.42
CA LEU I 66 -12.11 -17.09 65.49
C LEU I 66 -13.49 -17.51 64.99
N GLY I 67 -13.64 -18.79 64.66
CA GLY I 67 -14.90 -19.33 64.16
C GLY I 67 -15.09 -19.24 62.66
N GLN I 68 -14.17 -18.56 61.96
CA GLN I 68 -14.36 -18.26 60.54
C GLN I 68 -14.06 -19.45 59.65
N THR I 69 -13.88 -19.19 58.36
CA THR I 69 -13.46 -20.18 57.39
C THR I 69 -11.95 -20.16 57.22
N PRO I 70 -11.31 -21.31 57.00
CA PRO I 70 -9.85 -21.34 56.87
C PRO I 70 -9.38 -20.77 55.54
N LYS I 71 -8.06 -20.57 55.45
CA LYS I 71 -7.43 -20.03 54.26
C LYS I 71 -6.01 -20.54 54.15
N LEU I 72 -5.49 -20.53 52.92
CA LEU I 72 -4.16 -21.06 52.62
C LEU I 72 -3.07 -20.07 53.01
N LEU I 73 -1.92 -20.60 53.43
CA LEU I 73 -0.73 -19.79 53.63
C LEU I 73 0.41 -20.15 52.69
N ILE I 74 0.86 -21.40 52.72
CA ILE I 74 2.00 -21.85 51.92
C ILE I 74 1.59 -23.11 51.17
N TYR I 75 1.73 -23.09 49.86
CA TYR I 75 1.43 -24.24 49.03
C TYR I 75 2.71 -24.73 48.37
N TRP I 76 2.66 -25.97 47.87
CA TRP I 76 3.81 -26.66 47.30
C TRP I 76 4.93 -26.84 48.31
N ALA I 77 4.60 -26.69 49.60
CA ALA I 77 5.50 -26.93 50.71
C ALA I 77 6.61 -25.90 50.81
N SER I 78 6.70 -25.00 49.83
CA SER I 78 7.74 -23.97 49.88
C SER I 78 7.22 -22.56 49.63
N SER I 79 6.25 -22.39 48.72
CA SER I 79 5.94 -21.09 48.16
C SER I 79 4.62 -20.55 48.68
N ARG I 80 4.52 -19.23 48.77
CA ARG I 80 3.31 -18.56 49.23
C ARG I 80 2.49 -18.07 48.04
N GLU I 81 1.23 -17.77 48.33
CA GLU I 81 0.34 -17.16 47.33
C GLU I 81 0.81 -15.74 47.03
N SER I 82 0.72 -15.37 45.75
CA SER I 82 1.19 -14.05 45.31
C SER I 82 0.15 -12.98 45.62
N GLY I 83 0.58 -11.86 46.20
CA GLY I 83 -0.32 -10.78 46.53
C GLY I 83 -0.72 -10.76 48.00
N VAL I 84 -0.11 -11.64 48.77
CA VAL I 84 -0.38 -11.80 50.21
C VAL I 84 0.63 -10.96 50.98
N PRO I 85 0.24 -10.30 52.06
CA PRO I 85 1.19 -9.46 52.81
C PRO I 85 2.39 -10.26 53.31
N ASP I 86 3.42 -9.52 53.72
CA ASP I 86 4.71 -10.11 54.05
C ASP I 86 4.79 -10.65 55.47
N ARG I 87 3.66 -10.76 56.18
CA ARG I 87 3.71 -11.44 57.48
C ARG I 87 3.95 -12.94 57.30
N PHE I 88 3.75 -13.44 56.09
CA PHE I 88 3.73 -14.87 55.82
C PHE I 88 5.01 -15.31 55.10
N THR I 89 5.86 -16.06 55.80
CA THR I 89 7.01 -16.69 55.19
C THR I 89 7.15 -18.11 55.74
N GLY I 90 6.50 -19.05 55.08
CA GLY I 90 6.51 -20.42 55.55
C GLY I 90 6.94 -21.41 54.51
N SER I 91 7.26 -22.61 54.98
CA SER I 91 7.65 -23.71 54.12
C SER I 91 7.55 -25.00 54.92
N GLY I 92 8.13 -26.06 54.37
CA GLY I 92 8.22 -27.30 55.09
C GLY I 92 7.70 -28.49 54.29
N SER I 93 8.41 -29.61 54.42
CA SER I 93 8.07 -30.84 53.72
C SER I 93 8.65 -32.01 54.49
N GLY I 94 8.24 -33.22 54.10
CA GLY I 94 8.74 -34.41 54.74
C GLY I 94 8.29 -34.55 56.18
N THR I 95 9.24 -34.38 57.11
CA THR I 95 8.95 -34.24 58.53
C THR I 95 9.06 -32.78 58.96
N ASP I 96 9.68 -31.95 58.13
CA ASP I 96 9.96 -30.57 58.48
C ASP I 96 8.77 -29.72 58.07
N PHE I 97 8.13 -29.08 59.04
CA PHE I 97 7.06 -28.12 58.79
C PHE I 97 7.03 -27.09 59.92
N THR I 98 6.83 -25.83 59.55
CA THR I 98 6.81 -24.75 60.52
C THR I 98 6.08 -23.55 59.94
N LEU I 99 5.05 -23.09 60.64
CA LEU I 99 4.32 -21.88 60.30
C LEU I 99 5.05 -20.68 60.89
N THR I 100 5.10 -19.58 60.14
CA THR I 100 5.78 -18.37 60.57
C THR I 100 4.86 -17.17 60.42
N ILE I 101 4.66 -16.42 61.50
CA ILE I 101 3.94 -15.16 61.47
C ILE I 101 4.87 -14.06 61.97
N SER I 102 5.18 -13.11 61.10
CA SER I 102 5.99 -11.95 61.47
C SER I 102 5.04 -10.80 61.73
N SER I 103 5.29 -10.07 62.82
CA SER I 103 4.45 -8.95 63.25
C SER I 103 3.02 -9.39 63.54
N VAL I 104 2.84 -10.21 64.58
CA VAL I 104 1.51 -10.68 64.93
C VAL I 104 0.67 -9.53 65.50
N ARG I 105 -0.43 -9.23 64.84
CA ARG I 105 -1.33 -8.15 65.23
C ARG I 105 -2.52 -8.71 66.00
N ALA I 106 -3.31 -7.80 66.58
CA ALA I 106 -4.40 -8.18 67.46
C ALA I 106 -5.48 -8.99 66.74
N GLU I 107 -5.60 -8.86 65.41
CA GLU I 107 -6.57 -9.68 64.69
C GLU I 107 -5.94 -10.98 64.18
N ASP I 108 -4.61 -11.05 64.15
CA ASP I 108 -3.91 -12.29 63.80
C ASP I 108 -3.96 -13.29 64.94
N LEU I 109 -4.41 -12.84 66.12
CA LEU I 109 -4.54 -13.72 67.27
C LEU I 109 -5.77 -14.61 67.11
N ALA I 110 -5.52 -15.89 66.85
CA ALA I 110 -6.55 -16.91 66.65
C ALA I 110 -5.83 -18.26 66.72
N VAL I 111 -6.51 -19.29 66.25
CA VAL I 111 -5.96 -20.63 66.25
C VAL I 111 -5.51 -20.99 64.84
N TYR I 112 -4.30 -21.56 64.73
CA TYR I 112 -3.72 -21.98 63.45
C TYR I 112 -3.65 -23.49 63.41
N TYR I 113 -3.74 -24.05 62.20
CA TYR I 113 -3.79 -25.50 61.99
C TYR I 113 -2.66 -25.92 61.07
N CYS I 114 -2.31 -27.21 61.12
CA CYS I 114 -1.40 -27.80 60.16
C CYS I 114 -1.98 -29.12 59.64
N GLN I 115 -1.83 -29.36 58.34
CA GLN I 115 -2.40 -30.53 57.69
C GLN I 115 -1.61 -30.90 56.44
N GLN I 116 -1.27 -32.17 56.32
CA GLN I 116 -0.62 -32.72 55.14
C GLN I 116 -1.69 -33.38 54.26
N TYR I 117 -1.38 -33.50 52.97
CA TYR I 117 -2.22 -34.26 52.06
C TYR I 117 -1.37 -35.00 51.04
N TYR I 118 -0.16 -35.38 51.44
CA TYR I 118 0.64 -36.29 50.63
C TYR I 118 0.04 -37.69 50.59
N ARG I 119 -0.85 -38.01 51.51
CA ARG I 119 -1.43 -39.34 51.58
C ARG I 119 -2.74 -39.28 52.36
N TYR I 120 -3.76 -39.91 51.81
CA TYR I 120 -4.98 -40.10 52.59
C TYR I 120 -4.68 -41.06 53.74
N PRO I 121 -5.35 -40.93 54.89
CA PRO I 121 -6.33 -39.89 55.24
C PRO I 121 -5.65 -38.61 55.73
N LEU I 122 -6.43 -37.54 55.80
CA LEU I 122 -5.95 -36.32 56.44
C LEU I 122 -6.08 -36.45 57.96
N THR I 123 -5.11 -35.88 58.67
CA THR I 123 -5.09 -35.93 60.12
C THR I 123 -5.01 -34.50 60.66
N PHE I 124 -5.82 -34.21 61.67
CA PHE I 124 -5.99 -32.86 62.17
C PHE I 124 -5.82 -32.85 63.69
N GLY I 125 -5.00 -31.91 64.17
CA GLY I 125 -4.65 -31.86 65.57
C GLY I 125 -5.76 -31.28 66.44
N VAL I 126 -5.43 -31.10 67.72
CA VAL I 126 -6.39 -30.57 68.67
C VAL I 126 -6.52 -29.05 68.61
N GLY I 127 -5.59 -28.37 67.96
CA GLY I 127 -5.67 -26.93 67.84
C GLY I 127 -4.54 -26.21 68.54
N THR I 128 -4.06 -25.13 67.91
CA THR I 128 -2.92 -24.36 68.38
C THR I 128 -3.32 -22.90 68.46
N LYS I 129 -3.39 -22.37 69.67
CA LYS I 129 -3.78 -20.97 69.88
C LYS I 129 -2.55 -20.13 70.17
N LEU I 130 -2.36 -19.07 69.37
CA LEU I 130 -1.28 -18.12 69.56
C LEU I 130 -1.85 -16.90 70.27
N GLU I 131 -1.11 -16.37 71.25
CA GLU I 131 -1.60 -15.27 72.08
C GLU I 131 -0.62 -14.10 72.05
N LEU I 132 -1.03 -13.01 72.70
CA LEU I 132 -0.19 -11.82 72.85
C LEU I 132 -0.04 -11.51 74.33
N LYS I 133 1.20 -11.37 74.78
CA LYS I 133 1.51 -11.16 76.19
C LYS I 133 1.67 -9.67 76.46
N ARG I 134 1.35 -9.28 77.69
CA ARG I 134 1.62 -7.94 78.18
C ARG I 134 2.18 -8.05 79.59
N THR I 135 2.32 -6.91 80.24
CA THR I 135 2.92 -6.83 81.56
C THR I 135 2.09 -7.63 82.57
N VAL I 136 2.77 -8.18 83.57
CA VAL I 136 2.13 -9.08 84.53
C VAL I 136 1.02 -8.36 85.28
N ALA I 137 -0.17 -8.98 85.29
CA ALA I 137 -1.32 -8.47 86.02
C ALA I 137 -2.30 -9.62 86.24
N ALA I 138 -3.05 -9.54 87.36
CA ALA I 138 -3.97 -10.61 87.70
C ALA I 138 -5.30 -10.05 88.23
N PRO I 139 -6.41 -10.77 88.03
CA PRO I 139 -7.68 -10.35 88.61
C PRO I 139 -7.96 -10.99 89.96
N SER I 140 -8.74 -10.34 90.80
CA SER I 140 -9.15 -10.91 92.09
C SER I 140 -10.19 -11.99 91.79
N VAL I 141 -9.97 -13.17 92.39
CA VAL I 141 -10.87 -14.30 92.20
C VAL I 141 -12.18 -14.03 92.93
N PHE I 142 -13.29 -14.43 92.31
CA PHE I 142 -14.62 -14.20 92.87
C PHE I 142 -15.20 -15.51 93.40
N ILE I 143 -16.20 -15.37 94.26
CA ILE I 143 -17.00 -16.50 94.73
C ILE I 143 -18.47 -16.13 94.55
N PHE I 144 -19.28 -17.09 94.12
CA PHE I 144 -20.66 -16.80 93.75
C PHE I 144 -21.62 -17.67 94.55
N PRO I 145 -22.04 -17.23 95.73
CA PRO I 145 -23.07 -17.96 96.48
C PRO I 145 -24.46 -17.61 95.95
N PRO I 146 -25.39 -18.56 95.96
CA PRO I 146 -26.75 -18.29 95.46
C PRO I 146 -27.53 -17.43 96.44
N SER I 147 -28.35 -16.52 95.91
CA SER I 147 -29.21 -15.68 96.73
C SER I 147 -30.39 -16.47 97.27
N ASP I 148 -30.84 -16.14 98.48
CA ASP I 148 -31.97 -16.86 99.09
C ASP I 148 -33.32 -16.43 98.54
N GLU I 149 -33.39 -15.30 97.84
CA GLU I 149 -34.65 -14.87 97.24
C GLU I 149 -35.11 -15.83 96.15
N GLN I 150 -34.15 -16.40 95.40
CA GLN I 150 -34.47 -17.31 94.30
C GLN I 150 -35.05 -18.63 94.82
N LEU I 151 -34.98 -18.86 96.14
CA LEU I 151 -35.45 -20.14 96.69
C LEU I 151 -36.95 -20.34 96.46
N LYS I 152 -37.62 -19.34 95.89
CA LYS I 152 -39.04 -19.48 95.54
C LYS I 152 -39.26 -20.60 94.51
N SER I 153 -38.33 -20.77 93.58
CA SER I 153 -38.46 -21.78 92.53
C SER I 153 -38.25 -23.21 93.02
N GLY I 154 -37.52 -23.39 94.12
CA GLY I 154 -37.26 -24.71 94.67
C GLY I 154 -35.95 -25.34 94.26
N THR I 155 -35.00 -24.57 93.73
CA THR I 155 -33.70 -25.08 93.32
C THR I 155 -32.60 -24.19 93.89
N ALA I 156 -31.49 -24.81 94.27
CA ALA I 156 -30.36 -24.08 94.82
C ALA I 156 -29.11 -24.50 94.04
N SER I 157 -28.34 -23.52 93.57
CA SER I 157 -27.17 -23.77 92.72
C SER I 157 -25.94 -23.14 93.35
N VAL I 158 -24.99 -23.97 93.75
CA VAL I 158 -23.69 -23.50 94.22
C VAL I 158 -22.68 -23.67 93.09
N VAL I 159 -22.14 -22.55 92.61
CA VAL I 159 -21.31 -22.56 91.41
C VAL I 159 -19.98 -21.86 91.71
N CYS I 160 -18.90 -22.42 91.16
CA CYS I 160 -17.58 -21.80 91.22
C CYS I 160 -17.22 -21.31 89.83
N LEU I 161 -16.97 -20.01 89.70
CA LEU I 161 -16.73 -19.39 88.41
C LEU I 161 -15.54 -18.44 88.47
N LEU I 162 -14.64 -18.59 87.49
CA LEU I 162 -13.53 -17.66 87.29
C LEU I 162 -13.71 -17.01 85.93
N ASN I 163 -13.82 -15.69 85.92
CA ASN I 163 -14.15 -14.94 84.72
C ASN I 163 -13.17 -13.76 84.58
N ASN I 164 -12.81 -13.44 83.34
CA ASN I 164 -11.92 -12.34 83.01
C ASN I 164 -10.56 -12.48 83.70
N PHE I 165 -9.83 -13.50 83.25
CA PHE I 165 -8.47 -13.73 83.73
C PHE I 165 -7.51 -13.78 82.54
N TYR I 166 -6.28 -13.28 82.77
CA TYR I 166 -5.21 -13.41 81.79
C TYR I 166 -3.91 -13.63 82.55
N PRO I 167 -3.01 -14.54 82.10
CA PRO I 167 -3.15 -15.34 80.87
C PRO I 167 -4.16 -16.48 81.00
N ARG I 168 -4.46 -17.12 79.87
CA ARG I 168 -5.49 -18.14 79.83
C ARG I 168 -5.17 -19.34 80.71
N GLU I 169 -3.92 -19.48 81.14
CA GLU I 169 -3.48 -20.65 81.91
C GLU I 169 -3.93 -20.50 83.36
N ALA I 170 -5.19 -20.86 83.60
CA ALA I 170 -5.77 -20.99 84.93
C ALA I 170 -6.57 -22.30 84.98
N LYS I 171 -6.88 -22.76 86.19
CA LYS I 171 -7.47 -24.08 86.34
C LYS I 171 -8.38 -24.09 87.57
N VAL I 172 -9.36 -24.99 87.54
CA VAL I 172 -10.34 -25.13 88.62
C VAL I 172 -10.27 -26.54 89.16
N GLN I 173 -10.20 -26.65 90.50
CA GLN I 173 -10.11 -27.94 91.19
C GLN I 173 -11.40 -28.18 91.95
N TRP I 174 -11.99 -29.36 91.75
CA TRP I 174 -13.26 -29.73 92.37
C TRP I 174 -12.99 -30.71 93.51
N LYS I 175 -13.21 -30.28 94.74
CA LYS I 175 -13.09 -31.13 95.91
C LYS I 175 -14.36 -31.05 96.75
N VAL I 176 -15.00 -32.21 96.95
CA VAL I 176 -16.19 -32.32 97.80
C VAL I 176 -15.95 -33.50 98.74
N ASP I 177 -15.96 -33.23 100.05
CA ASP I 177 -15.70 -34.25 101.08
C ASP I 177 -14.37 -34.95 100.85
N ASN I 178 -13.35 -34.19 100.44
CA ASN I 178 -12.00 -34.70 100.17
C ASN I 178 -11.99 -35.81 99.13
N ALA I 179 -12.97 -35.82 98.22
CA ALA I 179 -13.02 -36.77 97.14
C ALA I 179 -12.97 -36.03 95.81
N LEU I 180 -12.09 -36.48 94.91
CA LEU I 180 -11.93 -35.82 93.62
C LEU I 180 -13.08 -36.20 92.70
N GLN I 181 -13.82 -35.19 92.25
CA GLN I 181 -14.94 -35.37 91.33
C GLN I 181 -14.58 -34.72 89.99
N SER I 182 -14.43 -35.54 88.96
CA SER I 182 -14.09 -35.08 87.62
C SER I 182 -14.68 -36.02 86.59
N GLY I 183 -14.47 -35.69 85.32
CA GLY I 183 -14.95 -36.53 84.25
C GLY I 183 -16.46 -36.50 84.07
N ASN I 184 -17.08 -35.35 84.36
CA ASN I 184 -18.53 -35.22 84.19
C ASN I 184 -18.92 -34.20 83.12
N SER I 185 -17.97 -33.57 82.45
CA SER I 185 -18.27 -32.61 81.40
C SER I 185 -17.09 -32.52 80.44
N GLN I 186 -17.37 -32.04 79.22
CA GLN I 186 -16.34 -31.72 78.25
C GLN I 186 -16.36 -30.24 77.97
N GLU I 187 -15.17 -29.64 77.94
CA GLU I 187 -15.00 -28.19 78.07
C GLU I 187 -14.76 -27.55 76.71
N SER I 188 -15.20 -26.29 76.62
CA SER I 188 -14.91 -25.45 75.48
C SER I 188 -14.82 -24.01 75.99
N VAL I 189 -13.59 -23.52 76.12
CA VAL I 189 -13.29 -22.32 76.90
C VAL I 189 -13.66 -21.07 76.11
N THR I 190 -13.85 -19.96 76.82
CA THR I 190 -14.12 -18.65 76.22
C THR I 190 -12.87 -18.12 75.53
N GLU I 191 -13.11 -17.26 74.54
CA GLU I 191 -12.06 -16.59 73.81
C GLU I 191 -11.74 -15.24 74.43
N GLN I 192 -11.02 -14.42 73.68
CA GLN I 192 -10.53 -13.14 74.15
C GLN I 192 -11.68 -12.23 74.59
N ASP I 193 -11.50 -11.56 75.73
CA ASP I 193 -12.41 -10.52 76.18
C ASP I 193 -12.05 -9.19 75.55
N SER I 194 -13.08 -8.41 75.22
CA SER I 194 -12.84 -7.12 74.57
C SER I 194 -12.34 -6.09 75.59
N LYS I 195 -12.78 -6.19 76.85
CA LYS I 195 -12.43 -5.19 77.84
C LYS I 195 -10.98 -5.31 78.29
N ASP I 196 -10.61 -6.44 78.87
CA ASP I 196 -9.25 -6.56 79.41
C ASP I 196 -8.47 -7.71 78.80
N SER I 197 -8.83 -8.19 77.61
CA SER I 197 -8.10 -9.26 76.91
C SER I 197 -7.93 -10.49 77.81
N THR I 198 -9.06 -11.00 78.28
CA THR I 198 -9.07 -12.08 79.26
C THR I 198 -9.94 -13.24 78.77
N TYR I 199 -10.03 -14.28 79.59
CA TYR I 199 -10.72 -15.50 79.24
C TYR I 199 -11.61 -15.92 80.42
N SER I 200 -12.27 -17.06 80.29
CA SER I 200 -13.16 -17.54 81.35
C SER I 200 -13.31 -19.06 81.31
N LEU I 201 -13.10 -19.71 82.46
CA LEU I 201 -13.39 -21.13 82.62
C LEU I 201 -14.43 -21.28 83.71
N SER I 202 -15.52 -21.98 83.39
CA SER I 202 -16.68 -22.07 84.27
C SER I 202 -17.14 -23.52 84.33
N SER I 203 -17.49 -23.98 85.53
CA SER I 203 -18.13 -25.27 85.74
C SER I 203 -19.42 -25.06 86.52
N THR I 204 -20.46 -25.78 86.14
CA THR I 204 -21.79 -25.60 86.71
C THR I 204 -22.20 -26.83 87.50
N LEU I 205 -22.72 -26.62 88.71
CA LEU I 205 -23.13 -27.70 89.60
C LEU I 205 -24.64 -27.62 89.83
N THR I 206 -25.31 -28.78 89.76
CA THR I 206 -26.75 -28.88 89.93
C THR I 206 -27.05 -29.90 91.02
N LEU I 207 -27.88 -29.53 91.99
CA LEU I 207 -28.29 -30.42 93.06
C LEU I 207 -29.77 -30.25 93.36
N SER I 208 -30.27 -31.08 94.28
CA SER I 208 -31.68 -31.11 94.65
C SER I 208 -31.90 -30.24 95.89
N LYS I 209 -33.14 -29.79 96.07
CA LYS I 209 -33.45 -28.91 97.20
C LYS I 209 -33.44 -29.65 98.52
N ALA I 210 -33.86 -30.91 98.53
CA ALA I 210 -34.06 -31.63 99.79
C ALA I 210 -32.77 -31.74 100.59
N ASP I 211 -31.67 -32.11 99.93
CA ASP I 211 -30.41 -32.28 100.64
C ASP I 211 -29.65 -30.96 100.75
N TYR I 212 -30.14 -29.93 100.07
CA TYR I 212 -29.44 -28.64 100.08
C TYR I 212 -29.39 -28.01 101.47
N GLU I 213 -30.48 -28.07 102.22
CA GLU I 213 -30.53 -27.43 103.53
C GLU I 213 -29.77 -28.21 104.61
N LYS I 214 -29.66 -29.53 104.49
CA LYS I 214 -28.98 -30.32 105.51
C LYS I 214 -27.52 -30.59 105.19
N HIS I 215 -27.00 -30.08 104.07
CA HIS I 215 -25.58 -30.19 103.75
C HIS I 215 -25.06 -28.80 103.40
N LYS I 216 -23.83 -28.51 103.80
CA LYS I 216 -23.34 -27.15 103.78
C LYS I 216 -22.03 -26.93 103.04
N VAL I 217 -21.15 -27.93 102.99
CA VAL I 217 -19.77 -27.73 102.55
C VAL I 217 -19.66 -28.00 101.06
N TYR I 218 -19.44 -26.92 100.29
CA TYR I 218 -19.09 -27.00 98.88
C TYR I 218 -18.19 -25.82 98.57
N ALA I 219 -16.96 -26.09 98.14
CA ALA I 219 -15.98 -25.04 97.91
C ALA I 219 -15.01 -25.46 96.80
N CYS I 220 -14.33 -24.46 96.25
CA CYS I 220 -13.30 -24.66 95.24
C CYS I 220 -12.02 -23.92 95.62
N GLU I 221 -10.89 -24.50 95.25
CA GLU I 221 -9.57 -23.96 95.57
C GLU I 221 -8.97 -23.39 94.29
N VAL I 222 -8.57 -22.12 94.34
CA VAL I 222 -8.04 -21.44 93.16
C VAL I 222 -6.54 -21.24 93.32
N THR I 223 -5.79 -21.60 92.27
CA THR I 223 -4.34 -21.48 92.26
C THR I 223 -3.89 -20.68 91.03
N HIS I 224 -4.47 -19.51 90.83
CA HIS I 224 -4.19 -18.70 89.65
C HIS I 224 -2.70 -18.35 89.57
N GLN I 225 -2.20 -18.27 88.33
CA GLN I 225 -0.77 -18.01 88.10
C GLN I 225 -0.37 -16.63 88.60
N GLY I 226 -1.25 -15.64 88.44
CA GLY I 226 -0.94 -14.27 88.78
C GLY I 226 -1.04 -13.89 90.24
N LEU I 227 -1.36 -14.85 91.12
CA LEU I 227 -1.46 -14.59 92.54
C LEU I 227 -0.12 -14.89 93.23
N SER I 228 0.22 -14.03 94.18
CA SER I 228 1.50 -14.12 94.89
C SER I 228 1.38 -14.95 96.17
N SER I 229 0.18 -15.12 96.67
CA SER I 229 -0.09 -15.90 97.87
C SER I 229 -1.20 -16.90 97.59
N PRO I 230 -1.19 -18.05 98.27
CA PRO I 230 -2.29 -19.01 98.10
C PRO I 230 -3.60 -18.44 98.61
N VAL I 231 -4.56 -18.26 97.69
CA VAL I 231 -5.85 -17.70 98.06
C VAL I 231 -6.82 -18.83 98.38
N THR I 232 -7.44 -18.77 99.56
CA THR I 232 -8.37 -19.78 100.04
C THR I 232 -9.72 -19.11 100.32
N LYS I 233 -10.60 -19.12 99.32
CA LYS I 233 -11.93 -18.59 99.50
C LYS I 233 -12.80 -19.58 100.25
N SER I 234 -13.53 -19.08 101.25
CA SER I 234 -14.41 -19.92 102.05
C SER I 234 -15.62 -19.10 102.47
N PHE I 235 -16.70 -19.81 102.82
CA PHE I 235 -17.94 -19.16 103.22
C PHE I 235 -18.46 -19.84 104.49
N ASN I 236 -19.13 -19.05 105.32
CA ASN I 236 -19.71 -19.52 106.56
C ASN I 236 -21.21 -19.26 106.55
N ARG I 237 -21.97 -20.27 106.97
CA ARG I 237 -23.43 -20.17 106.99
C ARG I 237 -23.87 -19.60 108.33
N GLY I 238 -24.53 -18.45 108.30
CA GLY I 238 -25.05 -17.81 109.50
C GLY I 238 -24.23 -16.65 110.03
N GLU I 239 -23.01 -16.44 109.53
CA GLU I 239 -22.15 -15.34 109.99
C GLU I 239 -21.94 -15.37 111.50
C1 NAG J . -38.05 1.00 -14.36
C2 NAG J . -37.22 1.07 -13.09
C3 NAG J . -37.30 -0.27 -12.36
C4 NAG J . -38.75 -0.67 -12.13
C5 NAG J . -39.57 -0.57 -13.42
C6 NAG J . -41.05 -0.77 -13.20
C7 NAG J . -35.00 0.72 -14.13
C8 NAG J . -33.62 1.27 -14.27
N2 NAG J . -35.84 1.43 -13.36
O3 NAG J . -36.62 -0.14 -11.12
O4 NAG J . -38.80 -2.03 -11.70
O5 NAG J . -39.41 0.73 -14.03
O6 NAG J . -41.54 -1.93 -13.89
O7 NAG J . -35.34 -0.32 -14.68
C1 NAG J . -38.80 -2.20 -10.27
C2 NAG J . -38.02 -3.49 -10.00
C3 NAG J . -37.93 -3.73 -8.49
C4 NAG J . -37.34 -2.51 -7.79
C5 NAG J . -38.15 -1.27 -8.14
C6 NAG J . -37.56 -0.01 -7.57
C7 NAG J . -39.85 -5.08 -10.48
C8 NAG J . -40.25 -6.27 -11.29
N2 NAG J . -38.60 -4.63 -10.68
O3 NAG J . -37.11 -4.87 -8.24
O4 NAG J . -37.35 -2.71 -6.38
O5 NAG J . -38.19 -1.10 -9.56
O6 NAG J . -37.87 1.12 -8.38
O7 NAG J . -40.62 -4.55 -9.68
C1 FUC J . -41.41 -3.10 -13.05
C2 FUC J . -42.81 -3.54 -12.59
C3 FUC J . -43.61 -4.14 -13.74
C4 FUC J . -42.83 -5.30 -14.36
C5 FUC J . -41.46 -4.79 -14.82
C6 FUC J . -40.56 -5.91 -15.34
O2 FUC J . -43.54 -2.49 -11.97
O3 FUC J . -44.84 -4.67 -13.26
O4 FUC J . -42.66 -6.32 -13.41
O5 FUC J . -40.74 -4.15 -13.74
C1 NAG K . -27.00 -4.98 -19.50
C2 NAG K . -28.21 -4.94 -18.56
C3 NAG K . -28.20 -6.16 -17.65
C4 NAG K . -28.07 -7.44 -18.47
C5 NAG K . -26.89 -7.36 -19.43
C6 NAG K . -26.82 -8.53 -20.37
C7 NAG K . -29.30 -3.25 -17.14
C8 NAG K . -29.13 -1.97 -16.38
N2 NAG K . -28.21 -3.71 -17.76
O3 NAG K . -29.40 -6.19 -16.88
O4 NAG K . -27.92 -8.60 -17.65
O5 NAG K . -27.01 -6.19 -20.24
O6 NAG K . -27.76 -9.55 -20.00
O7 NAG K . -30.38 -3.83 -17.21
C1 NAG K . -27.17 -8.47 -16.41
C2 NAG K . -26.96 -9.89 -15.90
C3 NAG K . -26.21 -9.86 -14.57
C4 NAG K . -24.91 -9.07 -14.71
C5 NAG K . -25.19 -7.68 -15.30
C6 NAG K . -23.93 -6.90 -15.58
C7 NAG K . -28.61 -11.56 -16.58
C8 NAG K . -29.94 -12.18 -16.30
N2 NAG K . -28.23 -10.59 -15.75
O3 NAG K . -25.93 -11.19 -14.15
O4 NAG K . -24.29 -8.92 -13.44
O5 NAG K . -25.89 -7.81 -16.54
O6 NAG K . -23.83 -6.57 -16.96
O7 NAG K . -27.92 -11.91 -17.53
C1 NAG L . -20.12 23.18 -49.56
C2 NAG L . -20.82 22.80 -50.87
C3 NAG L . -21.03 24.04 -51.73
C4 NAG L . -21.71 25.15 -50.94
C5 NAG L . -20.99 25.40 -49.62
C6 NAG L . -21.70 26.38 -48.73
C7 NAG L . -20.63 20.96 -52.47
C8 NAG L . -19.70 19.97 -53.12
N2 NAG L . -20.07 21.78 -51.59
O3 NAG L . -21.81 23.69 -52.87
O4 NAG L . -21.71 26.36 -51.69
O5 NAG L . -20.88 24.17 -48.88
O6 NAG L . -23.04 26.58 -49.16
O7 NAG L . -21.82 20.98 -52.73
C1 NAG L . -22.96 26.49 -52.39
C2 NAG L . -23.45 27.94 -52.31
C3 NAG L . -24.77 28.08 -53.07
C4 NAG L . -24.62 27.55 -54.50
C5 NAG L . -24.02 26.15 -54.51
C6 NAG L . -23.69 25.66 -55.90
C7 NAG L . -23.23 29.57 -50.48
C8 NAG L . -22.60 30.48 -51.49
N2 NAG L . -23.61 28.37 -50.93
O3 NAG L . -25.16 29.45 -53.09
O4 NAG L . -25.90 27.45 -55.12
O5 NAG L . -22.79 26.13 -53.76
O6 NAG L . -22.38 25.10 -55.96
O7 NAG L . -23.38 29.90 -49.32
C1 BMA L . -26.30 28.66 -55.80
C2 BMA L . -25.23 29.01 -56.86
C3 BMA L . -25.72 30.19 -57.70
C4 BMA L . -27.12 29.91 -58.25
C5 BMA L . -28.07 29.63 -57.10
C6 BMA L . -29.49 29.32 -57.55
O2 BMA L . -25.04 27.93 -57.75
O3 BMA L . -24.82 30.50 -58.76
O4 BMA L . -27.58 31.03 -58.99
O5 BMA L . -27.57 28.48 -56.40
O6 BMA L . -29.58 27.93 -57.81
C1 MAN L . -30.00 27.76 -59.19
C2 MAN L . -31.34 26.93 -59.18
C3 MAN L . -31.08 25.43 -59.03
C4 MAN L . -29.97 24.97 -59.97
C5 MAN L . -28.71 25.77 -59.64
C6 MAN L . -27.52 25.33 -60.47
O2 MAN L . -32.04 27.07 -60.42
O3 MAN L . -32.26 24.67 -59.27
O4 MAN L . -29.73 23.59 -59.79
O5 MAN L . -28.98 27.14 -59.94
O6 MAN L . -26.34 25.82 -59.84
C1 NAG M . 4.73 -46.09 -18.87
C2 NAG M . 5.87 -47.06 -19.15
C3 NAG M . 5.95 -47.35 -20.63
C4 NAG M . 4.69 -48.08 -21.08
C5 NAG M . 3.45 -47.28 -20.69
C6 NAG M . 2.51 -48.03 -19.77
C7 NAG M . 7.53 -46.65 -17.39
C8 NAG M . 8.86 -46.07 -17.06
N2 NAG M . 7.13 -46.54 -18.67
O3 NAG M . 7.09 -48.15 -20.91
O4 NAG M . 4.71 -48.27 -22.49
O5 NAG M . 3.79 -46.05 -20.02
O6 NAG M . 2.74 -49.44 -19.84
O7 NAG M . 6.83 -47.21 -16.54
C1 NAG M . 3.84 -49.37 -22.82
C2 NAG M . 3.60 -49.41 -24.33
C3 NAG M . 3.56 -50.84 -24.82
C4 NAG M . 4.93 -51.48 -24.64
C5 NAG M . 5.39 -51.33 -23.18
C6 NAG M . 6.67 -50.54 -23.04
C7 NAG M . 2.14 -48.18 -25.89
C8 NAG M . 0.82 -47.51 -26.08
N2 NAG M . 2.37 -48.72 -24.69
O3 NAG M . 3.20 -50.88 -26.20
O4 NAG M . 4.92 -52.86 -24.99
O5 NAG M . 4.39 -50.67 -22.38
O6 NAG M . 6.98 -50.29 -21.68
O7 NAG M . 2.97 -48.26 -26.80
C1 BMA M . 3.75 -53.53 -24.50
C2 BMA M . 3.28 -54.46 -25.64
C3 BMA M . 2.20 -55.42 -25.15
C4 BMA M . 2.62 -56.08 -23.83
C5 BMA M . 2.94 -55.00 -22.80
C6 BMA M . 3.34 -55.56 -21.47
O2 BMA M . 4.35 -55.28 -26.09
O3 BMA M . 1.89 -56.40 -26.12
O4 BMA M . 1.57 -56.90 -23.34
O5 BMA M . 4.04 -54.25 -23.32
O6 BMA M . 4.37 -56.50 -21.67
C1 NAG N . 23.44 10.02 -80.81
C2 NAG N . 23.61 10.54 -82.22
C3 NAG N . 22.64 11.68 -82.50
C4 NAG N . 21.21 11.26 -82.16
C5 NAG N . 21.16 10.75 -80.72
C6 NAG N . 19.81 10.23 -80.31
C7 NAG N . 25.53 11.04 -83.67
C8 NAG N . 26.96 11.50 -83.71
N2 NAG N . 24.97 10.97 -82.45
O3 NAG N . 22.72 12.05 -83.87
O4 NAG N . 20.32 12.35 -82.30
O5 NAG N . 22.08 9.65 -80.58
O6 NAG N . 19.89 9.48 -79.10
O7 NAG N . 24.91 10.74 -84.68
C1 NAG N . 19.64 12.19 -83.56
C2 NAG N . 18.46 13.16 -83.62
C3 NAG N . 17.74 13.06 -84.96
C4 NAG N . 18.72 13.22 -86.11
C5 NAG N . 19.89 12.25 -85.95
C6 NAG N . 20.97 12.45 -86.99
C7 NAG N . 16.79 12.03 -82.08
C8 NAG N . 16.85 10.77 -82.89
N2 NAG N . 17.55 13.08 -82.48
O3 NAG N . 16.71 14.05 -85.04
O4 NAG N . 18.08 12.98 -87.35
O5 NAG N . 20.51 12.42 -84.67
O6 NAG N . 22.23 12.71 -86.37
O7 NAG N . 16.07 12.13 -81.09
C1 NAG O . 14.46 29.25 -72.66
C2 NAG O . 14.07 29.27 -74.11
C3 NAG O . 12.64 29.79 -74.24
C4 NAG O . 11.69 29.06 -73.28
C5 NAG O . 12.30 28.85 -71.89
C6 NAG O . 11.53 27.84 -71.05
C7 NAG O . 15.71 29.61 -75.91
C8 NAG O . 16.59 30.60 -76.60
N2 NAG O . 14.98 30.09 -74.89
O3 NAG O . 12.19 29.62 -75.57
O4 NAG O . 10.54 29.87 -73.08
O5 NAG O . 13.64 28.35 -71.98
O6 NAG O . 10.71 28.49 -70.10
O7 NAG O . 15.65 28.43 -76.25
C1 NAG O . 9.41 29.44 -73.84
C2 NAG O . 8.15 29.53 -72.96
C3 NAG O . 6.89 29.22 -73.76
C4 NAG O . 6.82 30.08 -75.01
C5 NAG O . 8.12 29.95 -75.81
C6 NAG O . 8.16 30.88 -77.00
C7 NAG O . 8.34 27.41 -71.58
C8 NAG O . 8.41 26.57 -72.82
N2 NAG O . 8.24 28.75 -71.72
O3 NAG O . 5.74 29.44 -72.95
O4 NAG O . 5.72 29.68 -75.82
O5 NAG O . 9.24 30.28 -74.99
O6 NAG O . 8.72 32.14 -76.64
O7 NAG O . 8.40 26.90 -70.46
C1 NAG P . -45.24 13.00 -36.62
C2 NAG P . -46.25 12.01 -36.06
C3 NAG P . -46.22 12.02 -34.52
C4 NAG P . -45.71 13.35 -33.97
C5 NAG P . -44.34 13.72 -34.55
C6 NAG P . -43.20 13.36 -33.63
C7 NAG P . -48.55 11.38 -36.63
C8 NAG P . -49.87 11.86 -37.15
N2 NAG P . -47.59 12.31 -36.54
O3 NAG P . -45.39 10.96 -34.07
O4 NAG P . -46.62 14.40 -34.30
O5 NAG P . -44.10 13.03 -35.78
O6 NAG P . -41.97 13.27 -34.34
O7 NAG P . -48.35 10.21 -36.30
C1 NAG P . -47.80 14.36 -33.49
C2 NAG P . -47.89 15.67 -32.72
C3 NAG P . -49.18 15.72 -31.91
C4 NAG P . -50.38 15.46 -32.82
C5 NAG P . -50.20 14.16 -33.58
C6 NAG P . -51.28 13.91 -34.60
C7 NAG P . -46.30 17.04 -31.43
C8 NAG P . -45.10 17.03 -30.53
N2 NAG P . -46.74 15.84 -31.84
O3 NAG P . -49.30 17.00 -31.30
O4 NAG P . -51.57 15.39 -32.05
O5 NAG P . -48.96 14.19 -34.30
O6 NAG P . -51.35 14.96 -35.55
O7 NAG P . -46.85 18.08 -31.77
C1 NAG Q . 26.91 -7.59 -78.30
C2 NAG Q . 27.28 -8.86 -79.08
C3 NAG Q . 26.01 -9.61 -79.52
C4 NAG Q . 25.12 -9.87 -78.32
C5 NAG Q . 24.78 -8.54 -77.65
C6 NAG Q . 23.93 -8.69 -76.42
C7 NAG Q . 29.09 -9.33 -80.67
C8 NAG Q . 29.84 -8.85 -81.87
N2 NAG Q . 28.09 -8.54 -80.24
O3 NAG Q . 26.39 -10.84 -80.12
O4 NAG Q . 23.92 -10.54 -78.70
O5 NAG Q . 26.01 -7.91 -77.23
O6 NAG Q . 24.36 -7.83 -75.36
O7 NAG Q . 29.35 -10.39 -80.12
C1 NAG Q . 23.96 -11.85 -78.12
C2 NAG Q . 22.55 -12.48 -78.15
C3 NAG Q . 22.58 -13.94 -77.67
C4 NAG Q . 23.67 -14.73 -78.39
C5 NAG Q . 25.00 -14.00 -78.26
C6 NAG Q . 26.12 -14.68 -79.00
C7 NAG Q . 21.46 -11.38 -76.15
C8 NAG Q . 22.54 -11.89 -75.23
N2 NAG Q . 21.54 -11.69 -77.45
O3 NAG Q . 21.31 -14.54 -77.91
O4 NAG Q . 23.77 -16.02 -77.82
O5 NAG Q . 24.87 -12.68 -78.82
O6 NAG Q . 26.96 -13.73 -79.65
O7 NAG Q . 20.54 -10.70 -75.71
C1 BMA Q . 23.40 -17.00 -78.83
C2 BMA Q . 22.82 -18.24 -78.10
C3 BMA Q . 22.26 -19.22 -79.14
C4 BMA Q . 21.33 -18.52 -80.14
C5 BMA Q . 22.07 -17.33 -80.79
C6 BMA Q . 21.20 -16.56 -81.77
O2 BMA Q . 21.75 -17.87 -77.25
O3 BMA Q . 21.56 -20.30 -78.50
O4 BMA Q . 20.93 -19.44 -81.15
O5 BMA Q . 22.45 -16.44 -79.74
O6 BMA Q . 20.82 -15.33 -81.16
C1 NAG R . 33.82 62.42 22.96
C2 NAG R . 35.33 62.65 23.12
C3 NAG R . 35.64 63.65 24.22
C4 NAG R . 34.88 64.95 23.97
C5 NAG R . 33.39 64.61 23.98
C6 NAG R . 32.51 65.81 23.77
C7 NAG R . 36.37 60.54 22.39
C8 NAG R . 37.06 59.29 22.84
N2 NAG R . 36.01 61.39 23.37
O3 NAG R . 37.04 63.89 24.25
O4 NAG R . 35.21 65.94 24.94
O5 NAG R . 33.13 63.71 22.92
O6 NAG R . 31.14 65.45 23.83
O7 NAG R . 36.13 60.78 21.21
C1 NAG R . 36.17 66.81 24.30
C2 NAG R . 35.68 68.27 24.37
C3 NAG R . 36.71 69.20 23.74
C4 NAG R . 38.08 68.99 24.40
C5 NAG R . 38.48 67.52 24.32
C6 NAG R . 39.76 67.23 25.06
C7 NAG R . 33.36 69.05 24.27
C8 NAG R . 33.58 69.62 25.64
N2 NAG R . 34.39 68.42 23.72
O3 NAG R . 36.30 70.55 23.90
O4 NAG R . 39.06 69.78 23.73
O5 NAG R . 37.46 66.71 24.94
O6 NAG R . 40.56 66.28 24.36
O7 NAG R . 32.27 69.17 23.69
C1 NAG S . -30.26 32.83 -27.42
C2 NAG S . -29.85 33.69 -28.61
C3 NAG S . -30.39 35.10 -28.44
C4 NAG S . -31.90 35.05 -28.26
C5 NAG S . -32.26 34.15 -27.09
C6 NAG S . -33.75 33.97 -26.90
C7 NAG S . -27.82 33.97 -29.94
C8 NAG S . -26.32 33.96 -29.94
N2 NAG S . -28.41 33.71 -28.77
O3 NAG S . -30.04 35.89 -29.57
O4 NAG S . -32.44 36.34 -28.04
O5 NAG S . -31.70 32.84 -27.29
O6 NAG S . -34.40 35.23 -26.78
O7 NAG S . -28.46 34.23 -30.95
C1 NAG S . -32.97 36.91 -29.25
C2 NAG S . -33.25 38.40 -29.02
C3 NAG S . -33.60 39.11 -30.32
C4 NAG S . -32.52 38.86 -31.35
C5 NAG S . -32.43 37.37 -31.58
C6 NAG S . -31.42 36.96 -32.63
C7 NAG S . -34.14 38.33 -26.73
C8 NAG S . -35.34 38.58 -25.86
N2 NAG S . -34.31 38.58 -28.03
O3 NAG S . -33.77 40.50 -30.08
O4 NAG S . -32.74 39.58 -32.56
O5 NAG S . -32.05 36.74 -30.35
O6 NAG S . -30.51 36.00 -32.10
O7 NAG S . -33.08 37.92 -26.28
C1 BMA S . -31.88 40.76 -32.56
C2 BMA S . -30.40 40.32 -32.41
C3 BMA S . -29.51 41.53 -32.38
C4 BMA S . -29.76 42.42 -33.60
C5 BMA S . -31.25 42.77 -33.72
C6 BMA S . -31.56 43.55 -34.99
O2 BMA S . -29.99 39.57 -33.55
O3 BMA S . -28.14 41.15 -32.35
O4 BMA S . -29.02 43.62 -33.48
O5 BMA S . -32.02 41.53 -33.75
O6 BMA S . -32.43 44.61 -34.64
C1 MAN S . -27.74 40.99 -30.97
C2 MAN S . -26.29 41.53 -30.83
C3 MAN S . -25.31 40.58 -31.51
C4 MAN S . -25.51 39.15 -31.00
C5 MAN S . -26.95 38.72 -31.25
C6 MAN S . -27.24 37.34 -30.71
O2 MAN S . -25.88 41.58 -29.47
O3 MAN S . -23.96 41.00 -31.30
O4 MAN S . -24.62 38.28 -31.67
O5 MAN S . -27.84 39.63 -30.57
O6 MAN S . -28.60 37.02 -30.96
C1 MAN S . -33.38 44.78 -35.72
C2 MAN S . -34.01 46.19 -35.55
C3 MAN S . -35.02 46.20 -34.40
C4 MAN S . -36.01 45.04 -34.55
C5 MAN S . -35.23 43.74 -34.54
C6 MAN S . -36.11 42.52 -34.64
O2 MAN S . -34.76 46.56 -36.71
O3 MAN S . -35.72 47.43 -34.33
O4 MAN S . -36.92 45.04 -33.47
O5 MAN S . -34.36 43.74 -35.70
O6 MAN S . -37.11 42.62 -33.63
C1 NAG T . 30.74 46.43 21.68
C2 NAG T . 31.66 46.96 22.77
C3 NAG T . 31.99 45.85 23.75
C4 NAG T . 30.72 45.18 24.26
C5 NAG T . 29.80 44.79 23.10
C6 NAG T . 28.44 44.30 23.56
C7 NAG T . 32.97 48.76 21.75
C8 NAG T . 34.30 49.15 21.18
N2 NAG T . 32.88 47.51 22.19
O3 NAG T . 32.71 46.39 24.85
O4 NAG T . 31.05 43.99 24.97
O5 NAG T . 29.56 45.92 22.26
O6 NAG T . 27.55 45.38 23.80
O7 NAG T . 32.02 49.54 21.78
C1 NAG T . 30.75 44.17 26.37
C2 NAG T . 31.79 43.38 27.17
C3 NAG T . 31.60 43.60 28.68
C4 NAG T . 31.55 45.09 29.00
C5 NAG T . 30.49 45.76 28.13
C6 NAG T . 30.41 47.26 28.32
C7 NAG T . 30.88 41.02 26.95
C8 NAG T . 29.54 41.44 27.51
N2 NAG T . 31.84 41.96 26.84
O3 NAG T . 32.68 42.99 29.39
O4 NAG T . 31.22 45.28 30.36
O5 NAG T . 30.79 45.54 26.74
O6 NAG T . 29.49 47.86 27.44
O7 NAG T . 31.09 39.85 26.61
C1 NAG U . 7.98 33.37 26.36
C2 NAG U . 7.23 32.06 26.12
C3 NAG U . 5.94 32.33 25.37
C4 NAG U . 5.11 33.41 26.06
C5 NAG U . 5.96 34.62 26.42
C6 NAG U . 5.24 35.60 27.32
C7 NAG U . 8.51 31.22 24.17
C8 NAG U . 9.32 30.09 23.64
N2 NAG U . 8.06 31.08 25.42
O3 NAG U . 5.19 31.11 25.29
O4 NAG U . 4.11 33.86 25.17
O5 NAG U . 7.15 34.24 27.12
O6 NAG U . 5.60 35.43 28.68
O7 NAG U . 8.28 32.23 23.50
C1 NAG U . 2.84 33.18 25.27
C2 NAG U . 1.83 34.00 24.48
C3 NAG U . 0.47 33.30 24.43
C4 NAG U . 0.64 31.87 23.94
C5 NAG U . 1.66 31.13 24.79
C6 NAG U . 1.95 29.74 24.30
C7 NAG U . 2.62 36.30 24.86
C8 NAG U . 2.32 37.62 25.49
N2 NAG U . 1.69 35.35 25.02
O3 NAG U . -0.39 34.02 23.56
O4 NAG U . -0.59 31.14 23.95
O5 NAG U . 2.91 31.85 24.76
O6 NAG U . 1.26 29.47 23.08
O7 NAG U . 3.66 36.10 24.24
C1 BMA U . -1.69 31.41 24.85
C2 BMA U . -2.98 30.99 24.20
C3 BMA U . -4.10 31.38 25.12
C4 BMA U . -3.89 30.67 26.44
C5 BMA U . -2.56 31.10 27.01
C6 BMA U . -2.24 30.45 28.34
O2 BMA U . -2.93 29.56 24.08
O3 BMA U . -5.36 31.02 24.55
O4 BMA U . -4.92 31.10 27.32
O5 BMA U . -1.55 30.74 26.09
O6 BMA U . -1.63 31.43 29.19
C1 MAN U . -2.67 31.87 30.06
C2 MAN U . -3.00 33.35 29.98
C3 MAN U . -1.88 34.15 30.59
C4 MAN U . -1.76 33.67 32.02
C5 MAN U . -1.44 32.19 32.05
C6 MAN U . -1.23 31.66 33.46
O2 MAN U . -4.16 33.61 30.76
O3 MAN U . -2.26 35.52 30.62
O4 MAN U . -0.74 34.39 32.71
O5 MAN U . -2.52 31.51 31.42
O6 MAN U . -1.66 32.62 34.43
C1 MAN U . -1.65 32.12 35.78
C2 MAN U . -2.40 33.21 36.53
C3 MAN U . -1.75 34.55 36.24
C4 MAN U . -0.33 34.43 36.72
C5 MAN U . 0.36 33.29 35.99
C6 MAN U . 1.72 33.09 36.64
O2 MAN U . -2.23 32.99 37.92
O3 MAN U . -2.41 35.54 37.03
O4 MAN U . 0.29 35.64 36.30
O5 MAN U . -0.33 32.09 36.26
O6 MAN U . 2.82 33.27 35.75
C1 NAG V . 26.25 36.26 -76.19
C2 NAG V . 25.18 36.05 -77.25
C3 NAG V . 25.18 37.22 -78.24
C4 NAG V . 25.11 38.55 -77.50
C5 NAG V . 26.13 38.60 -76.36
C6 NAG V . 25.96 39.81 -75.47
C7 NAG V . 26.48 34.43 -78.60
C8 NAG V . 26.48 33.08 -79.25
N2 NAG V . 25.37 34.78 -77.95
O3 NAG V . 24.07 37.09 -79.11
O4 NAG V . 25.45 39.58 -78.43
O5 NAG V . 25.98 37.45 -75.51
O6 NAG V . 25.62 39.44 -74.14
O7 NAG V . 27.46 35.19 -78.69
C1 NAG V . 24.42 40.59 -78.57
C2 NAG V . 23.53 40.21 -79.75
C3 NAG V . 22.45 41.27 -79.94
C4 NAG V . 21.68 41.47 -78.64
C5 NAG V . 22.63 41.75 -77.48
C6 NAG V . 21.94 41.81 -76.15
C7 NAG V . 24.42 38.87 -81.60
C8 NAG V . 25.26 38.87 -82.85
N2 NAG V . 24.31 40.05 -80.97
O3 NAG V . 21.56 40.88 -80.99
O4 NAG V . 20.77 42.56 -78.78
O5 NAG V . 23.62 40.71 -77.38
O6 NAG V . 22.12 40.60 -75.41
O7 NAG V . 23.87 37.86 -81.19
C1 NAG W . 50.74 38.40 -54.78
C2 NAG W . 51.91 39.20 -55.33
C3 NAG W . 53.04 39.21 -54.31
C4 NAG W . 52.54 39.78 -53.00
C5 NAG W . 51.35 38.95 -52.52
C6 NAG W . 50.72 39.48 -51.25
C7 NAG W . 52.38 39.42 -57.72
C8 NAG W . 52.87 38.73 -58.95
N2 NAG W . 52.36 38.68 -56.61
O3 NAG W . 54.12 39.96 -54.85
O4 NAG W . 53.56 39.82 -52.00
O5 NAG W . 50.33 38.95 -53.52
O6 NAG W . 49.32 39.31 -51.27
O7 NAG W . 52.01 40.58 -57.74
C1 NAG W . 54.11 41.15 -52.15
C2 NAG W . 54.51 41.78 -50.81
C3 NAG W . 55.16 43.14 -51.05
C4 NAG W . 56.29 43.04 -52.07
C5 NAG W . 55.81 42.32 -53.32
C6 NAG W . 56.92 42.08 -54.33
C7 NAG W . 53.43 41.88 -48.60
C8 NAG W . 52.13 42.03 -47.87
N2 NAG W . 53.35 41.90 -49.93
O3 NAG W . 55.66 43.65 -49.82
O4 NAG W . 56.72 44.34 -52.46
O5 NAG W . 55.26 41.04 -52.98
O6 NAG W . 57.61 43.27 -54.63
O7 NAG W . 54.50 41.73 -48.02
C1 BMA W . 57.92 44.78 -51.77
C2 BMA W . 58.93 43.62 -51.52
C3 BMA W . 60.17 44.23 -50.89
C4 BMA W . 60.73 45.29 -51.83
C5 BMA W . 59.69 46.39 -51.99
C6 BMA W . 60.14 47.50 -52.88
O2 BMA W . 59.36 43.04 -52.73
O3 BMA W . 61.17 43.26 -50.58
O4 BMA W . 61.93 45.83 -51.29
O5 BMA W . 58.52 45.81 -52.57
O6 BMA W . 61.50 47.76 -52.57
C1 MAN W . 61.06 42.86 -49.19
C2 MAN W . 60.86 44.12 -48.26
C3 MAN W . 62.17 44.89 -48.03
C4 MAN W . 63.33 43.94 -47.70
C5 MAN W . 63.44 42.89 -48.80
C6 MAN W . 64.58 41.92 -48.56
O2 MAN W . 60.37 43.76 -46.98
O3 MAN W . 62.04 45.85 -46.98
O4 MAN W . 64.55 44.67 -47.64
O5 MAN W . 62.23 42.13 -48.81
O6 MAN W . 65.72 42.67 -48.18
C1 MAN W . 62.17 48.12 -53.78
C2 MAN W . 63.66 47.83 -53.56
C3 MAN W . 64.23 48.77 -52.51
C4 MAN W . 63.89 50.22 -52.84
C5 MAN W . 62.38 50.38 -53.02
C6 MAN W . 61.97 51.78 -53.44
O2 MAN W . 64.43 48.09 -54.74
O3 MAN W . 65.63 48.61 -52.35
O4 MAN W . 64.34 51.08 -51.79
O5 MAN W . 61.95 49.49 -54.06
O6 MAN W . 60.55 51.87 -53.33
C1 NAG X . 63.31 28.92 -39.84
C2 NAG X . 64.03 28.68 -38.55
C3 NAG X . 63.92 29.90 -37.66
C4 NAG X . 64.40 31.14 -38.41
C5 NAG X . 63.80 31.22 -39.81
C6 NAG X . 64.48 32.26 -40.68
C7 NAG X . 64.09 26.28 -38.01
C8 NAG X . 63.45 25.17 -37.24
N2 NAG X . 63.53 27.49 -37.86
O3 NAG X . 64.71 29.65 -36.50
O4 NAG X . 64.00 32.32 -37.72
O5 NAG X . 63.91 29.98 -40.52
O6 NAG X . 65.64 31.72 -41.30
O7 NAG X . 65.05 26.09 -38.74
C1 NAG X . 64.72 32.54 -36.49
C2 NAG X . 65.34 33.95 -36.48
C3 NAG X . 66.02 34.25 -35.14
C4 NAG X . 65.07 33.98 -33.99
C5 NAG X . 64.50 32.56 -34.10
C6 NAG X . 63.48 32.26 -33.03
C7 NAG X . 67.39 33.57 -37.94
C8 NAG X . 67.87 32.45 -37.04
N2 NAG X . 66.24 34.19 -37.61
O3 NAG X . 66.44 35.61 -35.12
O4 NAG X . 65.75 34.10 -32.75
O5 NAG X . 63.84 32.41 -35.35
O6 NAG X . 63.97 32.59 -31.73
O7 NAG X . 68.03 33.89 -38.93
C1 NAG Y . 45.50 35.39 -0.68
C2 NAG Y . 46.88 35.35 -1.37
C3 NAG Y . 48.02 35.52 -0.37
C4 NAG Y . 47.82 36.85 0.33
C5 NAG Y . 46.42 36.84 0.96
C6 NAG Y . 46.10 38.16 1.67
C7 NAG Y . 47.12 34.38 -3.65
C8 NAG Y . 47.68 35.66 -4.18
N2 NAG Y . 47.06 34.25 -2.31
O3 NAG Y . 49.30 35.48 -1.03
O4 NAG Y . 48.88 37.07 1.30
O5 NAG Y . 45.38 36.64 -0.01
O6 NAG Y . 45.69 39.15 0.72
O7 NAG Y . 46.69 33.51 -4.39
C1 NAG Y . 49.89 38.00 0.87
C2 NAG Y . 49.66 39.24 1.68
C3 NAG Y . 50.76 40.23 1.53
C4 NAG Y . 52.14 39.71 1.83
C5 NAG Y . 52.28 38.43 0.99
C6 NAG Y . 53.67 37.73 0.99
C7 NAG Y . 48.22 41.11 1.01
C8 NAG Y . 49.03 42.29 0.58
N2 NAG Y . 48.70 39.91 0.85
O3 NAG Y . 50.39 41.11 2.59
O4 NAG Y . 53.07 40.68 1.30
O5 NAG Y . 51.19 37.50 1.17
O6 NAG Y . 54.36 37.65 2.25
O7 NAG Y . 47.09 41.21 1.44
C1 BMA Y . 53.45 41.89 2.01
C2 BMA Y . 52.68 43.15 1.64
C3 BMA Y . 53.48 44.36 2.04
C4 BMA Y . 53.65 44.27 3.53
C5 BMA Y . 54.36 42.98 3.80
C6 BMA Y . 54.74 42.99 5.25
O2 BMA Y . 51.50 43.22 2.43
O3 BMA Y . 52.76 45.56 1.76
O4 BMA Y . 54.41 45.35 4.05
O5 BMA Y . 53.59 41.85 3.42
O6 BMA Y . 56.09 43.41 5.22
C1 MAN Y . 56.66 43.06 6.49
C2 MAN Y . 58.12 43.48 6.57
C3 MAN Y . 58.93 42.69 5.59
C4 MAN Y . 58.77 41.22 5.94
C5 MAN Y . 57.29 40.87 5.85
C6 MAN Y . 56.96 39.41 6.15
O2 MAN Y . 58.63 43.11 7.85
O3 MAN Y . 60.29 43.06 5.80
O4 MAN Y . 59.54 40.43 5.02
O5 MAN Y . 56.59 41.67 6.79
O6 MAN Y . 55.61 39.16 5.69
C1 NAG Z . 28.84 -41.27 -28.26
C2 NAG Z . 29.18 -42.44 -27.38
C3 NAG Z . 29.61 -43.63 -28.24
C4 NAG Z . 28.55 -43.92 -29.31
C5 NAG Z . 28.10 -42.65 -30.02
C6 NAG Z . 26.88 -42.87 -30.90
C7 NAG Z . 29.98 -41.68 -25.18
C8 NAG Z . 31.19 -41.37 -24.34
N2 NAG Z . 30.23 -42.11 -26.43
O3 NAG Z . 29.79 -44.76 -27.40
O4 NAG Z . 29.13 -44.73 -30.33
O5 NAG Z . 27.75 -41.62 -29.09
O6 NAG Z . 26.47 -44.22 -30.87
O7 NAG Z . 28.84 -41.54 -24.76
C1 NAG Z . 29.28 -46.12 -30.02
C2 NAG Z . 29.07 -46.90 -31.30
C3 NAG Z . 29.36 -48.39 -31.07
C4 NAG Z . 30.74 -48.57 -30.46
C5 NAG Z . 30.83 -47.76 -29.18
C6 NAG Z . 32.19 -47.81 -28.53
C7 NAG Z . 27.41 -46.91 -33.11
C8 NAG Z . 25.97 -46.66 -33.47
N2 NAG Z . 27.73 -46.72 -31.83
O3 NAG Z . 29.28 -49.09 -32.31
O4 NAG Z . 31.02 -49.94 -30.21
O5 NAG Z . 30.57 -46.38 -29.48
O6 NAG Z . 32.51 -46.58 -27.89
O7 NAG Z . 28.23 -47.25 -33.94
C1 BMA Z . 31.91 -50.38 -31.26
C2 BMA Z . 32.91 -51.41 -30.69
C3 BMA Z . 33.77 -51.95 -31.84
C4 BMA Z . 32.91 -52.45 -33.02
C5 BMA Z . 31.95 -51.34 -33.47
C6 BMA Z . 31.01 -51.77 -34.58
O2 BMA Z . 32.24 -52.51 -30.13
O3 BMA Z . 34.65 -52.99 -31.41
O4 BMA Z . 33.73 -52.84 -34.11
O5 BMA Z . 31.15 -50.95 -32.34
O6 BMA Z . 30.02 -50.76 -34.75
C1 NAG AA . 60.97 -7.92 -57.99
C2 NAG AA . 62.12 -8.21 -58.95
C3 NAG AA . 61.71 -9.24 -59.99
C4 NAG AA . 61.19 -10.50 -59.31
C5 NAG AA . 60.03 -10.10 -58.40
C6 NAG AA . 59.48 -11.26 -57.61
C7 NAG AA . 63.85 -6.62 -59.68
C8 NAG AA . 64.12 -5.33 -60.39
N2 NAG AA . 62.57 -6.98 -59.59
O3 NAG AA . 62.84 -9.55 -60.80
O4 NAG AA . 60.73 -11.45 -60.26
O5 NAG AA . 60.49 -9.15 -57.43
O6 NAG AA . 59.55 -11.00 -56.21
O7 NAG AA . 64.75 -7.30 -59.21
C1 NAG AA . 61.72 -12.47 -60.46
C2 NAG AA . 61.07 -13.87 -60.47
C3 NAG AA . 62.06 -14.96 -60.89
C4 NAG AA . 62.75 -14.58 -62.19
C5 NAG AA . 63.40 -13.21 -62.02
C6 NAG AA . 64.09 -12.73 -63.27
C7 NAG AA . 60.89 -14.37 -57.99
C8 NAG AA . 62.37 -14.17 -57.80
N2 NAG AA . 60.37 -14.21 -59.23
O3 NAG AA . 61.38 -16.20 -61.02
O4 NAG AA . 63.74 -15.55 -62.53
O5 NAG AA . 62.39 -12.24 -61.71
O6 NAG AA . 64.16 -11.30 -63.30
O7 NAG AA . 60.16 -14.66 -57.04
C1 BMA AA . 63.23 -16.45 -63.55
C2 BMA AA . 63.43 -15.78 -64.94
C3 BMA AA . 63.05 -16.76 -66.04
C4 BMA AA . 63.77 -18.09 -65.86
C5 BMA AA . 63.43 -18.66 -64.49
C6 BMA AA . 64.11 -19.98 -64.23
O2 BMA AA . 64.80 -15.48 -65.14
O3 BMA AA . 63.34 -16.24 -67.33
O4 BMA AA . 63.35 -19.01 -66.86
O5 BMA AA . 63.88 -17.71 -63.49
O6 BMA AA . 64.09 -20.72 -65.44
C1 FUC AA . 58.89 -12.08 -55.50
C2 FUC AA . 59.44 -12.08 -54.07
C3 FUC AA . 59.05 -10.79 -53.34
C4 FUC AA . 57.53 -10.64 -53.38
C5 FUC AA . 57.04 -10.69 -54.82
C6 FUC AA . 55.52 -10.73 -54.90
O2 FUC AA . 60.86 -12.26 -54.05
O3 FUC AA . 59.45 -10.86 -51.98
O4 FUC AA . 56.94 -11.68 -52.63
O5 FUC AA . 57.50 -11.88 -55.50
C1 NAG BA . 32.14 -65.39 8.31
C2 NAG BA . 30.92 -65.53 9.16
C3 NAG BA . 31.30 -66.23 10.46
C4 NAG BA . 32.12 -67.49 10.19
C5 NAG BA . 33.15 -67.33 9.07
C6 NAG BA . 33.68 -68.66 8.56
C7 NAG BA . 29.17 -63.82 8.93
C8 NAG BA . 28.47 -64.80 8.04
N2 NAG BA . 30.33 -64.22 9.45
O3 NAG BA . 30.11 -66.58 11.16
O4 NAG BA . 32.87 -67.77 11.37
O5 NAG BA . 32.60 -66.64 7.94
O6 NAG BA . 32.71 -69.68 8.65
O7 NAG BA . 28.70 -62.71 9.18
C1 NAG BA . 32.47 -68.99 11.98
C2 NAG BA . 33.60 -69.42 12.90
C3 NAG BA . 33.22 -70.71 13.63
C4 NAG BA . 31.91 -70.52 14.37
C5 NAG BA . 30.83 -70.02 13.41
C6 NAG BA . 29.53 -69.68 14.11
C7 NAG BA . 36.02 -69.18 12.61
C8 NAG BA . 37.19 -69.45 11.71
N2 NAG BA . 34.84 -69.61 12.16
O3 NAG BA . 34.26 -71.05 14.55
O4 NAG BA . 31.48 -71.75 14.94
O5 NAG BA . 31.27 -68.83 12.75
O6 NAG BA . 28.61 -69.08 13.21
O7 NAG BA . 36.14 -68.61 13.69
C1 FUC BA . 32.56 -70.28 7.34
C2 FUC BA . 33.35 -71.62 7.27
C3 FUC BA . 32.68 -72.70 8.12
C4 FUC BA . 31.22 -72.88 7.69
C5 FUC BA . 30.49 -71.53 7.77
C6 FUC BA . 29.09 -71.59 7.21
O2 FUC BA . 34.72 -71.48 7.63
O3 FUC BA . 33.34 -73.96 7.91
O4 FUC BA . 31.16 -73.38 6.37
O5 FUC BA . 31.18 -70.49 7.03
C1 NAG CA . 48.33 -23.97 -30.82
C2 NAG CA . 47.52 -25.05 -31.52
C3 NAG CA . 48.43 -25.92 -32.38
C4 NAG CA . 49.24 -25.05 -33.33
C5 NAG CA . 49.96 -23.93 -32.58
C6 NAG CA . 50.63 -22.94 -33.50
C7 NAG CA . 45.45 -25.77 -30.39
C8 NAG CA . 44.75 -24.75 -31.24
N2 NAG CA . 46.78 -25.86 -30.57
O3 NAG CA . 47.66 -26.85 -33.12
O4 NAG CA . 50.21 -25.85 -34.00
O5 NAG CA . 49.03 -23.19 -31.79
O6 NAG CA . 49.74 -21.90 -33.88
O7 NAG CA . 44.87 -26.47 -29.57
C1 FUC CA . 50.40 -20.63 -33.73
C2 FUC CA . 50.01 -19.75 -34.94
C3 FUC CA . 48.53 -19.36 -34.87
C4 FUC CA . 48.22 -18.70 -33.52
C5 FUC CA . 48.66 -19.63 -32.38
C6 FUC CA . 48.54 -18.98 -31.01
O2 FUC CA . 50.31 -20.36 -36.17
O3 FUC CA . 48.23 -18.41 -35.87
O4 FUC CA . 48.90 -17.47 -33.42
O5 FUC CA . 50.04 -20.01 -32.51
C1 NAG DA . 40.86 16.56 23.32
C2 NAG DA . 42.32 16.30 22.98
C3 NAG DA . 43.26 16.99 23.98
C4 NAG DA . 42.92 18.48 24.07
C5 NAG DA . 41.47 18.61 24.50
C6 NAG DA . 40.99 20.05 24.59
C7 NAG DA . 43.67 14.36 22.28
C8 NAG DA . 43.80 12.86 22.33
N2 NAG DA . 42.61 14.88 22.93
O3 NAG DA . 44.62 16.82 23.59
O4 NAG DA . 43.81 19.13 24.97
O5 NAG DA . 40.63 17.98 23.52
O6 NAG DA . 40.05 20.35 23.58
O7 NAG DA . 44.48 15.07 21.69
C1 NAG DA . 44.40 20.32 24.37
C2 NAG DA . 45.90 20.15 24.16
C3 NAG DA . 46.48 21.41 23.51
C4 NAG DA . 45.71 21.80 22.26
C5 NAG DA . 44.21 21.83 22.53
C6 NAG DA . 43.37 22.03 21.29
C7 NAG DA . 47.83 19.41 25.49
C8 NAG DA . 48.36 19.18 26.88
N2 NAG DA . 46.58 19.86 25.42
O3 NAG DA . 47.84 21.18 23.18
O4 NAG DA . 46.10 23.12 21.90
O5 NAG DA . 43.77 20.59 23.11
O6 NAG DA . 42.98 20.79 20.71
O7 NAG DA . 48.50 19.18 24.49
C1 BMA DA . 46.62 23.33 20.55
C2 BMA DA . 48.09 22.81 20.43
C3 BMA DA . 48.65 23.30 19.10
C4 BMA DA . 47.71 22.89 17.92
C5 BMA DA . 46.22 23.23 18.20
C6 BMA DA . 45.27 22.67 17.15
O2 BMA DA . 48.12 21.40 20.38
O3 BMA DA . 49.97 22.78 18.83
O4 BMA DA . 48.12 23.54 16.73
O5 BMA DA . 45.85 22.70 19.51
O6 BMA DA . 44.27 21.90 17.80
C1 MAN DA . 51.04 23.36 19.61
C2 MAN DA . 51.59 22.19 20.52
C3 MAN DA . 52.07 22.71 21.86
C4 MAN DA . 52.69 24.09 21.67
C5 MAN DA . 51.56 25.08 21.35
C6 MAN DA . 52.07 26.42 20.87
O2 MAN DA . 52.75 21.56 19.94
O3 MAN DA . 53.02 21.84 22.46
O4 MAN DA . 53.34 24.48 22.87
O5 MAN DA . 50.63 24.52 20.35
O6 MAN DA . 53.02 26.89 21.83
C1 NAG DA . 52.36 20.76 18.81
C2 NAG DA . 53.33 19.57 18.70
C3 NAG DA . 52.92 18.65 17.54
C4 NAG DA . 51.46 18.26 17.66
C5 NAG DA . 50.58 19.51 17.79
C6 NAG DA . 49.12 19.18 18.01
C7 NAG DA . 55.76 19.31 18.89
C8 NAG DA . 57.09 19.94 18.64
N2 NAG DA . 54.70 20.03 18.53
O3 NAG DA . 53.74 17.49 17.55
O4 NAG DA . 51.06 17.55 16.49
O5 NAG DA . 51.02 20.26 18.93
O6 NAG DA . 48.60 18.42 16.93
O7 NAG DA . 55.65 18.19 19.39
C1 MAN DA . 52.84 28.32 22.03
C2 MAN DA . 54.16 28.87 22.66
C3 MAN DA . 54.26 28.47 24.12
C4 MAN DA . 52.99 28.86 24.87
C5 MAN DA . 51.80 28.16 24.23
C6 MAN DA . 50.49 28.51 24.90
O2 MAN DA . 54.16 30.29 22.66
O3 MAN DA . 55.39 29.07 24.74
O4 MAN DA . 53.10 28.46 26.22
O5 MAN DA . 51.69 28.58 22.85
O6 MAN DA . 49.47 27.64 24.41
C1 NAG EA . 42.98 -22.15 -62.27
C2 NAG EA . 43.09 -23.35 -63.25
C3 NAG EA . 43.88 -24.51 -62.64
C4 NAG EA . 43.40 -24.90 -61.24
C5 NAG EA . 42.30 -23.97 -60.77
C6 NAG EA . 41.98 -24.16 -59.31
C7 NAG EA . 41.25 -23.35 -64.88
C8 NAG EA . 42.08 -22.38 -65.67
N2 NAG EA . 41.78 -23.77 -63.73
O3 NAG EA . 45.25 -24.15 -62.59
O4 NAG EA . 42.93 -26.24 -61.22
O5 NAG EA . 42.76 -22.62 -60.92
O6 NAG EA . 41.47 -25.46 -59.06
O7 NAG EA . 40.16 -23.73 -65.27
C1 NAG EA . 44.06 -27.10 -61.44
C2 NAG EA . 44.33 -27.93 -60.19
C3 NAG EA . 45.49 -28.88 -60.44
C4 NAG EA . 45.25 -29.72 -61.70
C5 NAG EA . 44.89 -28.82 -62.87
C6 NAG EA . 44.46 -29.60 -64.11
C7 NAG EA . 43.77 -27.00 -58.00
C8 NAG EA . 44.19 -26.07 -56.90
N2 NAG EA . 44.59 -27.08 -59.04
O3 NAG EA . 45.66 -29.72 -59.31
O4 NAG EA . 46.44 -30.43 -62.04
O5 NAG EA . 43.78 -27.97 -62.54
O6 NAG EA . 43.36 -28.98 -64.74
O7 NAG EA . 42.72 -27.63 -57.95
C1 BMA EA . 46.50 -31.76 -61.48
C2 BMA EA . 45.17 -32.49 -61.72
C3 BMA EA . 45.29 -33.92 -61.24
C4 BMA EA . 46.47 -34.59 -61.93
C5 BMA EA . 47.75 -33.83 -61.59
C6 BMA EA . 48.97 -34.43 -62.26
O2 BMA EA . 44.88 -32.58 -63.10
O3 BMA EA . 44.10 -34.66 -61.47
O4 BMA EA . 46.60 -35.94 -61.48
O5 BMA EA . 47.58 -32.48 -62.07
O6 BMA EA . 48.84 -35.84 -62.25
C1 NAG FA . 69.92 6.10 -48.12
C2 NAG FA . 69.10 4.93 -47.60
C3 NAG FA . 69.86 4.22 -46.48
C4 NAG FA . 71.35 4.52 -46.51
C5 NAG FA . 71.91 4.76 -47.93
C6 NAG FA . 72.12 3.49 -48.71
C7 NAG FA . 66.71 4.55 -47.23
C8 NAG FA . 65.43 5.12 -46.71
N2 NAG FA . 67.79 5.34 -47.15
O3 NAG FA . 69.65 2.82 -46.58
O4 NAG FA . 71.67 5.63 -45.68
O5 NAG FA . 71.10 5.63 -48.74
O6 NAG FA . 70.97 3.14 -49.46
O7 NAG FA . 66.78 3.42 -47.70
C1 NAG FA . 72.33 5.17 -44.48
C2 NAG FA . 73.82 5.57 -44.54
C3 NAG FA . 74.52 5.17 -43.24
C4 NAG FA . 73.78 5.75 -42.04
C5 NAG FA . 72.31 5.32 -42.08
C6 NAG FA . 71.48 5.93 -40.99
C7 NAG FA . 75.48 5.57 -46.35
C8 NAG FA . 76.04 4.79 -47.51
N2 NAG FA . 74.48 4.97 -45.68
O3 NAG FA . 75.86 5.64 -43.26
O4 NAG FA . 74.39 5.29 -40.84
O5 NAG FA . 71.73 5.74 -43.32
O6 NAG FA . 71.14 7.28 -41.28
O7 NAG FA . 75.89 6.68 -46.04
C1 BMA FA . 74.76 6.41 -40.00
C2 BMA FA . 74.45 5.98 -38.51
C3 BMA FA . 75.70 5.59 -37.67
C4 BMA FA . 77.02 6.20 -38.16
C5 BMA FA . 76.74 7.37 -39.06
C6 BMA FA . 78.00 8.11 -39.49
O2 BMA FA . 73.57 4.87 -38.49
O3 BMA FA . 75.83 4.17 -37.56
O4 BMA FA . 77.80 6.64 -37.04
O5 BMA FA . 76.12 6.81 -40.22
O6 BMA FA . 78.93 7.15 -39.98
C1 MAN FA . 75.96 3.83 -36.15
C2 MAN FA . 76.74 2.48 -36.05
C3 MAN FA . 75.86 1.27 -36.39
C4 MAN FA . 74.50 1.38 -35.67
C5 MAN FA . 73.86 2.69 -36.06
C6 MAN FA . 72.48 2.86 -35.47
O2 MAN FA . 77.22 2.27 -34.72
O3 MAN FA . 76.50 0.05 -36.06
O4 MAN FA . 73.64 0.32 -36.09
O5 MAN FA . 74.68 3.75 -35.55
O6 MAN FA . 71.65 3.43 -36.46
C1 MAN FA . 76.37 -0.87 -37.16
C2 MAN FA . 75.66 -2.13 -36.62
C3 MAN FA . 76.60 -2.87 -35.67
C4 MAN FA . 77.93 -3.16 -36.36
C5 MAN FA . 78.55 -1.85 -36.81
C6 MAN FA . 79.86 -2.05 -37.56
O2 MAN FA . 75.36 -3.05 -37.67
O3 MAN FA . 76.01 -4.08 -35.21
O4 MAN FA . 78.80 -3.82 -35.46
O5 MAN FA . 77.64 -1.18 -37.71
O6 MAN FA . 80.60 -3.06 -36.88
C1 MAN FA . 70.46 2.63 -36.62
C2 MAN FA . 70.80 1.43 -37.54
C3 MAN FA . 69.63 1.09 -38.47
C4 MAN FA . 69.11 2.34 -39.26
C5 MAN FA . 69.54 3.64 -38.57
C6 MAN FA . 68.68 4.82 -38.92
O2 MAN FA . 71.04 0.24 -36.78
O3 MAN FA . 68.57 0.47 -37.76
O4 MAN FA . 69.59 2.31 -40.59
O5 MAN FA . 69.45 3.43 -37.16
O6 MAN FA . 67.77 5.04 -37.86
C1 NAG GA . -18.81 20.33 33.21
C2 NAG GA . -19.77 20.07 32.05
C3 NAG GA . -19.07 20.31 30.71
C4 NAG GA . -18.47 21.71 30.69
C5 NAG GA . -17.53 21.88 31.88
C6 NAG GA . -16.95 23.27 31.99
C7 NAG GA . -21.44 18.41 32.76
C8 NAG GA . -21.84 16.97 32.72
N2 NAG GA . -20.31 18.72 32.11
O3 NAG GA . -20.01 20.16 29.66
O4 NAG GA . -17.74 21.90 29.48
O5 NAG GA . -18.27 21.66 33.09
O6 NAG GA . -16.01 23.36 33.05
O7 NAG GA . -22.10 19.26 33.35
C1 NAG GA . -18.37 22.91 28.65
C2 NAG GA . -19.10 22.19 27.54
C3 NAG GA . -19.77 23.19 26.61
C4 NAG GA . -20.67 24.14 27.41
C5 NAG GA . -19.89 24.76 28.57
C6 NAG GA . -20.76 25.58 29.49
C7 NAG GA . -18.26 19.98 26.86
C8 NAG GA . -17.26 19.24 26.02
N2 NAG GA . -18.21 21.31 26.79
O3 NAG GA . -20.53 22.50 25.63
O4 NAG GA . -21.12 25.20 26.56
O5 NAG GA . -19.28 23.74 29.38
O6 NAG GA . -20.19 26.85 29.76
O7 NAG GA . -19.07 19.41 27.57
C1 BMA GA . -22.43 24.96 26.01
C2 BMA GA . -22.29 24.99 24.45
C3 BMA GA . -23.57 24.53 23.77
C4 BMA GA . -24.13 23.25 24.42
C5 BMA GA . -24.29 23.47 25.92
C6 BMA GA . -24.88 22.27 26.60
O2 BMA GA . -21.27 24.12 24.00
O3 BMA GA . -23.37 24.30 22.38
O4 BMA GA . -25.37 22.91 23.85
O5 BMA GA . -22.99 23.72 26.46
O6 BMA GA . -26.28 22.29 26.36
C1 FUC GA . -14.71 23.61 32.49
C2 FUC GA . -14.05 24.74 33.30
C3 FUC GA . -12.58 24.45 33.61
C4 FUC GA . -11.90 23.85 32.37
C5 FUC GA . -12.57 22.52 31.99
C6 FUC GA . -12.66 22.30 30.50
O2 FUC GA . -14.77 25.01 34.50
O3 FUC GA . -11.90 25.66 33.93
O4 FUC GA . -11.97 24.76 31.29
O5 FUC GA . -13.92 22.43 32.51
C1 NAG HA . 10.59 -23.17 -67.84
C2 NAG HA . 10.34 -24.28 -68.85
C3 NAG HA . 11.63 -25.05 -69.14
C4 NAG HA . 12.73 -24.08 -69.55
C5 NAG HA . 12.89 -22.97 -68.52
C6 NAG HA . 13.89 -21.93 -68.92
C7 NAG HA . 8.00 -24.93 -68.51
C8 NAG HA . 7.07 -25.98 -67.98
N2 NAG HA . 9.30 -25.19 -68.39
O3 NAG HA . 11.40 -26.00 -70.17
O4 NAG HA . 13.97 -24.78 -69.69
O5 NAG HA . 11.63 -22.31 -68.32
O6 NAG HA . 15.01 -22.51 -69.57
O7 NAG HA . 7.58 -23.89 -69.00
C1 NAG IA . 41.18 -15.74 -77.01
C2 NAG IA . 42.19 -15.78 -78.14
C3 NAG IA . 41.65 -16.64 -79.27
C4 NAG IA . 41.33 -18.03 -78.76
C5 NAG IA . 40.41 -17.96 -77.52
C6 NAG IA . 40.25 -19.29 -76.85
C7 NAG IA . 43.52 -13.72 -78.12
C8 NAG IA . 43.70 -12.35 -78.71
N2 NAG IA . 42.49 -14.43 -78.60
O3 NAG IA . 42.62 -16.71 -80.31
O4 NAG IA . 40.68 -18.78 -79.77
O5 NAG IA . 40.96 -17.07 -76.54
O6 NAG IA . 41.26 -19.53 -75.88
O7 NAG IA . 44.26 -14.16 -77.25
C1 NAG JA . 31.61 -2.90 -87.82
C2 NAG JA . 30.59 -2.03 -87.06
C3 NAG JA . 30.16 -0.84 -87.91
C4 NAG JA . 31.37 -0.07 -88.43
C5 NAG JA . 32.31 -1.01 -89.15
C6 NAG JA . 33.58 -0.33 -89.62
C7 NAG JA . 28.59 -2.44 -85.69
C8 NAG JA . 27.45 -3.38 -85.43
N2 NAG JA . 29.44 -2.82 -86.66
O3 NAG JA . 29.33 0.02 -87.15
O4 NAG JA . 30.95 0.97 -89.31
O5 NAG JA . 32.71 -2.07 -88.27
O6 NAG JA . 33.71 -0.37 -91.03
O7 NAG JA . 28.74 -1.40 -85.06
C1 NAG KA . -24.91 -16.06 -47.32
C2 NAG KA . -24.85 -17.23 -46.37
C3 NAG KA . -24.52 -18.49 -47.14
C4 NAG KA . -25.57 -18.68 -48.20
C5 NAG KA . -25.60 -17.47 -49.09
C6 NAG KA . -26.67 -17.69 -50.14
C7 NAG KA . -24.06 -16.70 -44.07
C8 NAG KA . -23.42 -17.62 -43.07
N2 NAG KA . -23.84 -17.00 -45.35
O3 NAG KA . -24.54 -19.65 -46.30
O4 NAG KA . -25.25 -19.83 -48.98
O5 NAG KA . -25.88 -16.31 -48.31
O6 NAG KA . -26.70 -19.05 -50.56
O7 NAG KA . -24.72 -15.74 -43.72
C1 NAG LA . 6.48 -29.20 -43.10
C2 NAG LA . 7.16 -29.62 -44.39
C3 NAG LA . 6.85 -31.07 -44.69
C4 NAG LA . 7.29 -31.92 -43.50
C5 NAG LA . 6.61 -31.43 -42.24
C6 NAG LA . 7.06 -32.23 -41.03
C7 NAG LA . 7.28 -27.60 -45.74
C8 NAG LA . 7.79 -27.42 -47.14
N2 NAG LA . 6.71 -28.78 -45.49
O3 NAG LA . 7.54 -31.50 -45.88
O4 NAG LA . 6.95 -33.29 -43.73
O5 NAG LA . 6.92 -30.05 -42.03
O6 NAG LA . 6.87 -33.63 -41.29
O7 NAG LA . 7.37 -26.73 -44.90
C1 NAG MA . 13.06 54.81 -7.80
C2 NAG MA . 11.73 54.12 -7.48
C3 NAG MA . 10.91 53.91 -8.74
C4 NAG MA . 10.73 55.23 -9.48
C5 NAG MA . 12.08 55.89 -9.74
C6 NAG MA . 11.96 57.28 -10.34
C7 NAG MA . 11.25 52.46 -5.72
C8 NAG MA . 10.19 53.40 -5.23
N2 NAG MA . 11.95 52.86 -6.79
O3 NAG MA . 9.65 53.35 -8.41
O4 NAG MA . 10.08 55.01 -10.72
O5 NAG MA . 12.81 56.04 -8.51
O6 NAG MA . 10.94 58.02 -9.69
O7 NAG MA . 11.47 51.38 -5.17
C1 NAG NA . 6.23 31.98 8.62
C2 NAG NA . 7.18 30.81 8.92
C3 NAG NA . 6.50 29.48 8.58
C4 NAG NA . 5.16 29.37 9.29
C5 NAG NA . 4.30 30.54 8.87
C6 NAG NA . 2.93 30.55 9.53
C7 NAG NA . 9.60 31.15 8.77
C8 NAG NA . 10.78 31.27 7.86
N2 NAG NA . 8.43 30.95 8.18
O3 NAG NA . 7.37 28.41 8.97
O4 NAG NA . 4.53 28.13 9.01
O5 NAG NA . 4.95 31.76 9.26
O6 NAG NA . 2.13 29.49 9.05
O7 NAG NA . 9.71 31.25 9.99
C1 NAG OA . 0.23 37.95 -34.77
C2 NAG OA . -0.26 36.67 -35.46
C3 NAG OA . -0.36 36.90 -36.97
C4 NAG OA . -1.23 38.12 -37.26
C5 NAG OA . -0.70 39.33 -36.48
C6 NAG OA . -1.58 40.55 -36.64
C7 NAG OA . 0.25 34.28 -35.23
C8 NAG OA . 1.30 33.27 -34.90
N2 NAG OA . 0.63 35.56 -35.17
O3 NAG OA . -0.93 35.75 -37.59
O4 NAG OA . -1.19 38.42 -38.65
O5 NAG OA . -0.67 39.03 -35.09
O6 NAG OA . -1.55 41.36 -35.48
O7 NAG OA . -0.89 33.95 -35.53
C1 NAG PA . 17.77 76.04 10.56
C2 NAG PA . 17.42 77.29 9.77
C3 NAG PA . 16.09 77.08 9.02
C4 NAG PA . 16.11 75.80 8.21
C5 NAG PA . 16.53 74.63 9.10
C6 NAG PA . 16.66 73.33 8.33
C7 NAG PA . 17.60 79.69 10.24
C8 NAG PA . 17.47 80.76 11.28
N2 NAG PA . 17.34 78.44 10.64
O3 NAG PA . 15.86 78.20 8.16
O4 NAG PA . 14.82 75.54 7.68
O5 NAG PA . 17.80 74.90 9.69
O6 NAG PA . 15.50 72.53 8.48
O7 NAG PA . 17.94 79.94 9.08
C1 NAG QA . 35.79 42.83 -27.46
C2 NAG QA . 36.28 44.19 -27.99
C3 NAG QA . 36.23 44.21 -29.51
C4 NAG QA . 36.99 43.02 -30.09
C5 NAG QA . 36.45 41.73 -29.50
C6 NAG QA . 37.22 40.51 -29.95
C7 NAG QA . 35.70 45.77 -26.21
C8 NAG QA . 34.82 46.91 -25.81
N2 NAG QA . 35.51 45.29 -27.43
O3 NAG QA . 36.81 45.43 -29.99
O4 NAG QA . 36.85 42.99 -31.50
O5 NAG QA . 36.54 41.77 -28.07
O6 NAG QA . 37.97 40.77 -31.13
O7 NAG QA . 36.57 45.32 -25.45
C1 NAG RA . 13.86 52.01 -45.12
C2 NAG RA . 13.42 50.79 -44.31
C3 NAG RA . 12.22 51.17 -43.43
C4 NAG RA . 12.56 52.37 -42.58
C5 NAG RA . 13.06 53.53 -43.45
C6 NAG RA . 13.52 54.72 -42.65
C7 NAG RA . 13.69 48.49 -45.12
C8 NAG RA . 13.21 47.46 -46.11
N2 NAG RA . 13.08 49.68 -45.19
O3 NAG RA . 11.87 50.06 -42.61
O4 NAG RA . 11.41 52.80 -41.85
O5 NAG RA . 14.18 53.10 -44.23
O6 NAG RA . 13.80 54.37 -41.30
O7 NAG RA . 14.57 48.26 -44.31
C1 NAG SA . 35.68 43.64 -66.57
C2 NAG SA . 35.80 44.11 -68.03
C3 NAG SA . 35.39 45.57 -68.15
C4 NAG SA . 34.00 45.79 -67.57
C5 NAG SA . 33.94 45.28 -66.14
C6 NAG SA . 32.56 45.35 -65.53
C7 NAG SA . 37.44 43.59 -69.78
C8 NAG SA . 38.89 43.44 -70.10
N2 NAG SA . 37.16 43.92 -68.50
O3 NAG SA . 35.40 45.95 -69.52
O4 NAG SA . 33.66 47.17 -67.61
O5 NAG SA . 34.34 43.91 -66.10
O6 NAG SA . 32.62 45.58 -64.13
O7 NAG SA . 36.56 43.43 -70.61
C1 NAG TA . 48.05 42.96 -71.62
C2 NAG TA . 48.72 42.56 -70.28
C3 NAG TA . 49.51 43.72 -69.71
C4 NAG TA . 50.53 44.20 -70.73
C5 NAG TA . 49.82 44.65 -71.99
C6 NAG TA . 50.79 45.06 -73.09
C7 NAG TA . 47.32 40.85 -69.20
C8 NAG TA . 46.30 40.61 -68.14
N2 NAG TA . 47.72 42.12 -69.33
O3 NAG TA . 50.17 43.28 -68.53
O4 NAG TA . 51.26 45.29 -70.18
O5 NAG TA . 49.06 43.56 -72.51
O6 NAG TA . 51.61 43.99 -73.49
O7 NAG TA . 47.75 39.96 -69.92
C1 NAG UA . 73.30 1.58 -60.59
C2 NAG UA . 72.27 0.49 -60.25
C3 NAG UA . 72.96 -0.73 -59.65
C4 NAG UA . 74.12 -1.20 -60.51
C5 NAG UA . 75.06 -0.05 -60.79
C6 NAG UA . 76.19 -0.41 -61.72
C7 NAG UA . 70.08 0.42 -59.15
C8 NAG UA . 69.16 1.09 -58.18
N2 NAG UA . 71.26 1.01 -59.35
O3 NAG UA . 72.02 -1.78 -59.48
O4 NAG UA . 74.83 -2.24 -59.85
O5 NAG UA . 74.34 1.02 -61.42
O6 NAG UA . 76.91 -1.53 -61.23
O7 NAG UA . 69.76 -0.61 -59.73
C1 NAG VA . 48.17 -26.32 1.73
C2 NAG VA . 48.08 -26.16 3.26
C3 NAG VA . 49.45 -25.82 3.83
C4 NAG VA . 50.48 -26.84 3.38
C5 NAG VA . 50.47 -26.97 1.86
C6 NAG VA . 51.39 -28.04 1.35
C7 NAG VA . 45.79 -25.34 3.60
C8 NAG VA . 44.94 -24.17 3.99
N2 NAG VA . 47.10 -25.13 3.60
O3 NAG VA . 49.38 -25.79 5.25
O4 NAG VA . 51.77 -26.44 3.81
O5 NAG VA . 49.15 -27.32 1.42
O6 NAG VA . 50.75 -28.84 0.36
O7 NAG VA . 45.30 -26.43 3.30
C1 NAG WA . 12.65 -36.03 13.58
C2 NAG WA . 13.07 -36.45 15.00
C3 NAG WA . 12.49 -35.48 16.05
C4 NAG WA . 12.81 -34.04 15.68
C5 NAG WA . 12.31 -33.74 14.27
C6 NAG WA . 12.64 -32.35 13.81
C7 NAG WA . 13.00 -38.50 16.38
C8 NAG WA . 12.40 -39.87 16.51
N2 NAG WA . 12.62 -37.81 15.29
O3 NAG WA . 13.03 -35.78 17.32
O4 NAG WA . 12.19 -33.15 16.60
O5 NAG WA . 12.95 -34.65 13.37
O6 NAG WA . 13.47 -31.67 14.76
O7 NAG WA . 13.78 -38.04 17.20
C1 NAG XA . 24.94 -49.89 -7.99
C2 NAG XA . 24.00 -50.39 -6.90
C3 NAG XA . 22.68 -50.84 -7.52
C4 NAG XA . 22.09 -49.71 -8.34
C5 NAG XA . 23.11 -49.21 -9.37
C6 NAG XA . 22.62 -48.00 -10.14
C7 NAG XA . 24.95 -52.66 -6.56
C8 NAG XA . 25.55 -53.60 -5.56
N2 NAG XA . 24.60 -51.45 -6.10
O3 NAG XA . 21.78 -51.25 -6.49
O4 NAG XA . 20.91 -50.17 -9.01
O5 NAG XA . 24.32 -48.81 -8.71
O6 NAG XA . 21.57 -48.34 -11.03
O7 NAG XA . 24.78 -52.99 -7.74
C1 NAG YA . 21.98 -22.96 7.13
C2 NAG YA . 22.78 -21.71 7.49
C3 NAG YA . 21.92 -20.47 7.29
C4 NAG YA . 21.34 -20.44 5.88
C5 NAG YA . 20.60 -21.74 5.59
C6 NAG YA . 20.11 -21.83 4.17
C7 NAG YA . 24.52 -22.13 9.16
C8 NAG YA . 24.86 -22.14 10.62
N2 NAG YA . 23.28 -21.78 8.86
O3 NAG YA . 22.70 -19.30 7.52
O4 NAG YA . 20.43 -19.35 5.76
O5 NAG YA . 21.50 -22.86 5.79
O6 NAG YA . 20.59 -23.02 3.53
O7 NAG YA . 25.35 -22.43 8.30
C1 NAG ZA . -1.16 -24.30 40.09
C2 NAG ZA . -1.09 -22.80 39.81
C3 NAG ZA . -1.13 -22.56 38.30
C4 NAG ZA . -0.04 -23.36 37.61
C5 NAG ZA . -0.07 -24.83 38.03
C6 NAG ZA . 1.08 -25.63 37.50
C7 NAG ZA . -1.98 -21.03 41.26
C8 NAG ZA . -3.20 -20.42 41.86
N2 NAG ZA . -2.17 -22.10 40.48
O3 NAG ZA . -0.95 -21.16 38.08
O4 NAG ZA . -0.22 -23.31 36.20
O5 NAG ZA . -0.06 -24.95 39.46
O6 NAG ZA . 0.66 -26.53 36.48
O7 NAG ZA . -0.85 -20.58 41.46
#